data_2M70
#
_entry.id   2M70
#
_entity_poly.entity_id   1
_entity_poly.type   'polypeptide(L)'
_entity_poly.pdbx_seq_one_letter_code
;MGSSHHHHHHSSGLVPRGSHMGSDLEDMKKRLKEIEEEAGALREMQAKVEKEMGAVQDSSSTSATQAEKEEVDSRSIYVG
NVDYACTPEEVQQHFQSCGTVNRVTILTDKFGQPKGFAYVEFVEIDAVQNALLLNETELHGRQLKVSAKRTNIPG
;
_entity_poly.pdbx_strand_id   A
#
# COMPACT_ATOMS: atom_id res chain seq x y z
N MET A 1 39.33 2.35 -13.64
CA MET A 1 39.88 2.50 -15.01
C MET A 1 38.81 2.18 -16.04
N GLY A 2 39.19 2.25 -17.32
CA GLY A 2 38.24 1.97 -18.38
C GLY A 2 37.53 3.23 -18.83
N SER A 3 36.81 3.85 -17.92
CA SER A 3 36.09 5.08 -18.23
C SER A 3 37.06 6.21 -18.49
N SER A 4 36.68 7.14 -19.37
CA SER A 4 37.54 8.26 -19.70
C SER A 4 37.40 9.36 -18.65
N HIS A 5 36.19 9.87 -18.49
CA HIS A 5 35.94 10.93 -17.52
C HIS A 5 34.46 10.99 -17.18
N HIS A 6 34.13 10.76 -15.92
CA HIS A 6 32.75 10.80 -15.45
C HIS A 6 32.13 12.18 -15.69
N HIS A 7 30.88 12.19 -16.12
CA HIS A 7 30.17 13.44 -16.38
C HIS A 7 29.00 13.61 -15.41
N HIS A 8 27.99 14.37 -15.81
CA HIS A 8 26.82 14.59 -14.97
C HIS A 8 25.53 14.44 -15.77
N HIS A 9 24.59 13.71 -15.20
CA HIS A 9 23.31 13.49 -15.86
C HIS A 9 22.19 13.98 -14.95
N HIS A 10 21.64 15.15 -15.27
CA HIS A 10 20.56 15.72 -14.47
C HIS A 10 19.32 14.86 -14.56
N SER A 11 18.83 14.42 -13.41
CA SER A 11 17.65 13.57 -13.35
C SER A 11 16.37 14.39 -13.51
N SER A 12 15.34 13.75 -14.03
CA SER A 12 14.05 14.41 -14.21
C SER A 12 13.16 14.15 -12.99
N GLY A 13 12.54 15.20 -12.47
CA GLY A 13 11.69 15.05 -11.31
C GLY A 13 10.32 14.51 -11.67
N LEU A 14 10.06 13.27 -11.28
CA LEU A 14 8.79 12.63 -11.55
C LEU A 14 7.77 12.98 -10.47
N VAL A 15 6.51 12.68 -10.73
CA VAL A 15 5.44 12.96 -9.78
C VAL A 15 5.16 11.72 -8.93
N PRO A 16 4.82 11.93 -7.64
CA PRO A 16 4.53 10.83 -6.72
C PRO A 16 3.21 10.13 -7.06
N ARG A 17 3.18 8.82 -6.83
CA ARG A 17 1.99 8.04 -7.12
C ARG A 17 1.09 7.95 -5.88
N GLY A 18 0.22 8.94 -5.74
CA GLY A 18 -0.68 8.97 -4.60
C GLY A 18 -1.83 7.98 -4.78
N SER A 19 -1.59 6.75 -4.38
CA SER A 19 -2.61 5.70 -4.49
C SER A 19 -2.47 4.71 -3.35
N HIS A 20 -3.60 4.19 -2.88
CA HIS A 20 -3.61 3.21 -1.80
C HIS A 20 -4.49 2.02 -2.20
N MET A 21 -3.85 0.88 -2.44
CA MET A 21 -4.57 -0.33 -2.84
C MET A 21 -3.84 -1.56 -2.32
N GLY A 22 -4.45 -2.72 -2.52
CA GLY A 22 -3.85 -3.96 -2.08
C GLY A 22 -4.89 -4.97 -1.65
N SER A 23 -4.80 -6.17 -2.17
CA SER A 23 -5.73 -7.24 -1.82
C SER A 23 -5.16 -8.06 -0.66
N ASP A 24 -6.04 -8.42 0.28
CA ASP A 24 -5.63 -9.21 1.43
C ASP A 24 -6.04 -10.67 1.24
N LEU A 25 -5.14 -11.58 1.58
CA LEU A 25 -5.40 -13.00 1.42
C LEU A 25 -5.68 -13.66 2.77
N GLU A 26 -6.86 -14.24 2.88
CA GLU A 26 -7.26 -14.93 4.11
C GLU A 26 -6.93 -16.41 4.02
N ASP A 27 -6.24 -16.94 5.03
CA ASP A 27 -5.88 -18.35 5.04
C ASP A 27 -7.04 -19.19 5.55
N MET A 28 -7.51 -20.11 4.72
CA MET A 28 -8.62 -20.98 5.09
C MET A 28 -8.68 -22.17 4.15
N LYS A 29 -9.68 -23.03 4.35
CA LYS A 29 -9.85 -24.21 3.52
C LYS A 29 -10.23 -23.80 2.11
N LYS A 30 -9.62 -24.45 1.12
CA LYS A 30 -9.92 -24.15 -0.28
C LYS A 30 -11.30 -24.67 -0.63
N ARG A 31 -12.00 -23.95 -1.47
CA ARG A 31 -13.34 -24.35 -1.88
C ARG A 31 -13.36 -24.69 -3.37
N LEU A 32 -14.48 -25.24 -3.81
CA LEU A 32 -14.65 -25.61 -5.21
C LEU A 32 -14.89 -24.35 -6.04
N LYS A 33 -13.83 -23.84 -6.65
CA LYS A 33 -13.91 -22.64 -7.46
C LYS A 33 -14.77 -22.87 -8.71
N GLU A 34 -15.85 -22.11 -8.80
CA GLU A 34 -16.75 -22.21 -9.94
C GLU A 34 -16.42 -21.13 -10.98
N ILE A 35 -15.78 -20.08 -10.53
CA ILE A 35 -15.42 -18.97 -11.40
C ILE A 35 -13.97 -19.13 -11.89
N GLU A 36 -13.65 -18.43 -12.97
CA GLU A 36 -12.31 -18.46 -13.56
C GLU A 36 -11.32 -17.71 -12.67
N GLU A 37 -10.06 -18.10 -12.74
CA GLU A 37 -9.02 -17.47 -11.94
C GLU A 37 -7.91 -16.95 -12.85
N GLU A 38 -7.08 -16.07 -12.32
CA GLU A 38 -5.98 -15.49 -13.10
C GLU A 38 -4.80 -16.45 -13.19
N ALA A 39 -4.91 -17.42 -14.08
CA ALA A 39 -3.86 -18.40 -14.29
C ALA A 39 -3.42 -18.38 -15.75
N GLY A 40 -2.22 -17.90 -16.00
CA GLY A 40 -1.71 -17.83 -17.36
C GLY A 40 -1.22 -19.16 -17.88
N ALA A 41 -1.98 -19.76 -18.78
CA ALA A 41 -1.62 -21.04 -19.38
C ALA A 41 -1.31 -20.84 -20.85
N LEU A 42 -1.16 -21.94 -21.58
CA LEU A 42 -0.88 -21.88 -23.00
C LEU A 42 -2.12 -21.43 -23.77
N ARG A 43 -2.16 -20.13 -24.07
CA ARG A 43 -3.28 -19.55 -24.79
C ARG A 43 -2.79 -18.36 -25.61
N GLU A 44 -3.41 -18.13 -26.75
CA GLU A 44 -3.05 -17.03 -27.64
C GLU A 44 -3.52 -15.69 -27.08
N MET A 45 -3.77 -15.63 -25.78
CA MET A 45 -4.21 -14.41 -25.13
C MET A 45 -3.02 -13.52 -24.80
N GLN A 46 -1.84 -13.90 -25.27
CA GLN A 46 -0.63 -13.13 -25.02
C GLN A 46 -0.70 -11.78 -25.72
N ALA A 47 -1.54 -11.69 -26.75
CA ALA A 47 -1.72 -10.46 -27.50
C ALA A 47 -2.66 -9.50 -26.76
N LYS A 48 -3.26 -10.00 -25.69
CA LYS A 48 -4.19 -9.22 -24.89
C LYS A 48 -3.43 -8.25 -23.97
N VAL A 49 -2.11 -8.38 -23.96
CA VAL A 49 -1.26 -7.52 -23.14
C VAL A 49 -1.49 -6.04 -23.42
N GLU A 50 -1.89 -5.73 -24.65
CA GLU A 50 -2.14 -4.35 -25.06
C GLU A 50 -3.26 -3.72 -24.23
N LYS A 51 -4.21 -4.54 -23.81
CA LYS A 51 -5.34 -4.06 -23.02
C LYS A 51 -5.08 -4.28 -21.54
N GLU A 52 -4.52 -5.44 -21.21
CA GLU A 52 -4.23 -5.80 -19.83
C GLU A 52 -3.23 -4.82 -19.19
N MET A 53 -2.36 -4.25 -20.01
CA MET A 53 -1.37 -3.29 -19.51
C MET A 53 -2.05 -2.06 -18.92
N GLY A 54 -3.26 -1.79 -19.37
CA GLY A 54 -4.00 -0.65 -18.87
C GLY A 54 -4.92 -1.05 -17.74
N ALA A 55 -5.05 -2.35 -17.53
CA ALA A 55 -5.91 -2.88 -16.48
C ALA A 55 -5.08 -3.53 -15.38
N VAL A 56 -3.78 -3.19 -15.35
CA VAL A 56 -2.87 -3.71 -14.35
C VAL A 56 -3.25 -3.25 -12.94
N GLN A 57 -4.13 -2.25 -12.87
CA GLN A 57 -4.58 -1.73 -11.59
C GLN A 57 -5.64 -2.65 -10.99
N ASP A 58 -6.11 -3.60 -11.78
CA ASP A 58 -7.12 -4.54 -11.32
C ASP A 58 -6.68 -5.98 -11.59
N SER A 59 -6.29 -6.25 -12.83
CA SER A 59 -5.84 -7.58 -13.22
C SER A 59 -4.46 -7.89 -12.65
N SER A 60 -3.43 -7.28 -13.22
CA SER A 60 -2.06 -7.49 -12.78
C SER A 60 -1.74 -6.65 -11.54
N SER A 61 -2.71 -6.57 -10.63
CA SER A 61 -2.55 -5.80 -9.42
C SER A 61 -1.77 -6.59 -8.38
N THR A 62 -1.95 -7.90 -8.39
CA THR A 62 -1.26 -8.78 -7.45
C THR A 62 0.24 -8.81 -7.73
N SER A 63 0.59 -8.52 -8.98
CA SER A 63 1.99 -8.51 -9.39
C SER A 63 2.76 -7.43 -8.62
N ALA A 64 2.05 -6.39 -8.20
CA ALA A 64 2.67 -5.31 -7.45
C ALA A 64 3.07 -5.79 -6.06
N THR A 65 2.28 -6.70 -5.50
CA THR A 65 2.54 -7.25 -4.18
C THR A 65 3.71 -8.23 -4.21
N GLN A 66 4.28 -8.43 -5.40
CA GLN A 66 5.39 -9.34 -5.56
C GLN A 66 6.62 -8.60 -6.09
N ALA A 67 6.43 -7.82 -7.14
CA ALA A 67 7.52 -7.07 -7.75
C ALA A 67 7.71 -5.69 -7.11
N GLU A 68 6.63 -4.92 -7.05
CA GLU A 68 6.67 -3.58 -6.49
C GLU A 68 6.90 -3.65 -4.97
N LYS A 69 6.50 -4.77 -4.38
CA LYS A 69 6.66 -4.99 -2.94
C LYS A 69 8.13 -4.91 -2.54
N GLU A 70 9.01 -5.24 -3.48
CA GLU A 70 10.46 -5.22 -3.25
C GLU A 70 10.94 -3.79 -2.95
N GLU A 71 10.16 -2.83 -3.39
CA GLU A 71 10.46 -1.44 -3.16
C GLU A 71 9.72 -0.96 -1.91
N VAL A 72 8.46 -1.35 -1.82
CA VAL A 72 7.59 -0.97 -0.70
C VAL A 72 8.09 -1.51 0.65
N ASP A 73 8.56 -2.75 0.67
CA ASP A 73 9.05 -3.38 1.91
C ASP A 73 10.35 -2.74 2.38
N SER A 74 11.05 -2.11 1.46
CA SER A 74 12.31 -1.47 1.78
C SER A 74 12.11 0.03 1.94
N ARG A 75 10.89 0.48 1.67
CA ARG A 75 10.53 1.89 1.78
C ARG A 75 9.51 2.07 2.90
N SER A 76 9.73 1.34 3.99
CA SER A 76 8.86 1.41 5.14
C SER A 76 9.61 1.88 6.38
N ILE A 77 8.89 2.10 7.46
CA ILE A 77 9.48 2.52 8.72
C ILE A 77 8.92 1.68 9.86
N TYR A 78 9.78 1.33 10.81
CA TYR A 78 9.37 0.53 11.95
C TYR A 78 9.09 1.45 13.13
N VAL A 79 7.91 1.33 13.71
CA VAL A 79 7.52 2.15 14.85
C VAL A 79 7.49 1.34 16.14
N GLY A 80 8.39 1.68 17.06
CA GLY A 80 8.45 0.98 18.33
C GLY A 80 8.22 1.93 19.49
N ASN A 81 8.03 1.39 20.69
CA ASN A 81 7.80 2.21 21.89
C ASN A 81 6.53 3.05 21.73
N VAL A 82 5.52 2.46 21.12
CA VAL A 82 4.26 3.14 20.88
C VAL A 82 3.38 3.10 22.12
N ASP A 83 2.35 3.95 22.13
CA ASP A 83 1.43 4.01 23.26
C ASP A 83 0.62 2.71 23.32
N TYR A 84 0.45 2.20 24.52
CA TYR A 84 -0.28 0.95 24.73
C TYR A 84 -1.76 1.07 24.34
N ALA A 85 -2.24 2.30 24.24
CA ALA A 85 -3.62 2.55 23.88
C ALA A 85 -3.70 3.23 22.51
N CYS A 86 -2.67 3.03 21.69
CA CYS A 86 -2.64 3.64 20.37
C CYS A 86 -3.37 2.78 19.35
N THR A 87 -3.80 3.42 18.27
CA THR A 87 -4.52 2.74 17.20
C THR A 87 -3.75 2.89 15.89
N PRO A 88 -3.81 1.87 15.01
CA PRO A 88 -3.10 1.87 13.72
C PRO A 88 -3.46 3.08 12.86
N GLU A 89 -4.74 3.44 12.85
CA GLU A 89 -5.22 4.56 12.05
C GLU A 89 -4.55 5.86 12.46
N GLU A 90 -4.55 6.16 13.75
CA GLU A 90 -3.96 7.40 14.25
C GLU A 90 -2.46 7.44 13.99
N VAL A 91 -1.85 6.26 13.87
CA VAL A 91 -0.43 6.17 13.63
C VAL A 91 -0.10 6.40 12.16
N GLN A 92 -0.81 5.72 11.28
CA GLN A 92 -0.55 5.83 9.84
C GLN A 92 -0.97 7.19 9.29
N GLN A 93 -2.05 7.76 9.83
CA GLN A 93 -2.52 9.05 9.35
C GLN A 93 -1.68 10.19 9.93
N HIS A 94 -1.04 9.94 11.06
CA HIS A 94 -0.20 10.95 11.70
C HIS A 94 1.11 11.09 10.94
N PHE A 95 1.69 9.97 10.56
CA PHE A 95 2.94 9.96 9.83
C PHE A 95 2.71 10.29 8.36
N GLN A 96 1.44 10.26 7.96
CA GLN A 96 1.05 10.56 6.58
C GLN A 96 1.36 12.02 6.24
N SER A 97 1.52 12.84 7.28
CA SER A 97 1.83 14.24 7.10
C SER A 97 3.23 14.39 6.51
N CYS A 98 4.08 13.41 6.77
CA CYS A 98 5.44 13.41 6.25
C CYS A 98 5.52 12.59 4.98
N GLY A 99 4.88 11.43 4.99
CA GLY A 99 4.88 10.56 3.83
C GLY A 99 3.61 9.74 3.75
N THR A 100 3.13 9.54 2.53
CA THR A 100 1.91 8.77 2.30
C THR A 100 2.08 7.31 2.76
N VAL A 101 0.98 6.70 3.18
CA VAL A 101 1.00 5.32 3.63
C VAL A 101 0.08 4.45 2.78
N ASN A 102 0.61 3.32 2.29
CA ASN A 102 -0.17 2.40 1.46
C ASN A 102 -0.70 1.26 2.31
N ARG A 103 0.13 0.78 3.22
CA ARG A 103 -0.25 -0.32 4.09
C ARG A 103 0.39 -0.15 5.46
N VAL A 104 -0.25 -0.70 6.48
CA VAL A 104 0.24 -0.63 7.85
C VAL A 104 -0.21 -1.85 8.65
N THR A 105 0.71 -2.45 9.37
CA THR A 105 0.41 -3.62 10.18
C THR A 105 0.73 -3.35 11.64
N ILE A 106 -0.26 -3.50 12.51
CA ILE A 106 -0.07 -3.25 13.94
C ILE A 106 -0.22 -4.55 14.73
N LEU A 107 0.57 -4.70 15.78
CA LEU A 107 0.52 -5.87 16.61
C LEU A 107 0.48 -5.48 18.08
N THR A 108 -0.49 -6.03 18.81
CA THR A 108 -0.64 -5.74 20.22
C THR A 108 0.23 -6.68 21.06
N ASP A 109 1.22 -6.13 21.74
CA ASP A 109 2.11 -6.94 22.57
C ASP A 109 1.42 -7.35 23.86
N LYS A 110 1.67 -8.58 24.28
CA LYS A 110 1.09 -9.10 25.50
C LYS A 110 2.18 -9.77 26.33
N PHE A 111 3.40 -9.28 26.17
CA PHE A 111 4.54 -9.81 26.89
C PHE A 111 5.02 -8.79 27.91
N GLY A 112 4.35 -7.64 27.93
CA GLY A 112 4.71 -6.59 28.86
C GLY A 112 5.42 -5.43 28.19
N GLN A 113 5.50 -5.47 26.87
CA GLN A 113 6.14 -4.42 26.10
C GLN A 113 5.08 -3.41 25.64
N PRO A 114 5.49 -2.17 25.31
CA PRO A 114 4.55 -1.15 24.83
C PRO A 114 3.83 -1.63 23.58
N LYS A 115 2.50 -1.72 23.65
CA LYS A 115 1.71 -2.17 22.52
C LYS A 115 1.62 -1.08 21.47
N GLY A 116 1.05 -1.40 20.33
CA GLY A 116 0.92 -0.41 19.29
C GLY A 116 2.01 -0.55 18.24
N PHE A 117 2.86 -1.57 18.40
CA PHE A 117 3.95 -1.82 17.45
C PHE A 117 3.40 -1.95 16.04
N ALA A 118 3.81 -1.06 15.16
CA ALA A 118 3.34 -1.07 13.79
C ALA A 118 4.41 -0.59 12.82
N TYR A 119 4.16 -0.78 11.54
CA TYR A 119 5.06 -0.34 10.50
C TYR A 119 4.28 0.03 9.25
N VAL A 120 4.56 1.21 8.71
CA VAL A 120 3.87 1.67 7.51
C VAL A 120 4.80 1.57 6.31
N GLU A 121 4.24 1.27 5.15
CA GLU A 121 5.03 1.14 3.94
C GLU A 121 4.39 1.88 2.77
N PHE A 122 5.21 2.32 1.82
CA PHE A 122 4.72 3.03 0.65
C PHE A 122 5.63 2.75 -0.56
N VAL A 123 5.16 3.11 -1.74
CA VAL A 123 5.92 2.88 -2.97
C VAL A 123 6.95 3.99 -3.21
N GLU A 124 6.54 5.23 -2.97
CA GLU A 124 7.42 6.37 -3.18
C GLU A 124 8.49 6.47 -2.10
N ILE A 125 9.73 6.65 -2.52
CA ILE A 125 10.85 6.75 -1.61
C ILE A 125 10.86 8.10 -0.91
N ASP A 126 10.44 9.14 -1.65
CA ASP A 126 10.40 10.49 -1.10
C ASP A 126 9.49 10.56 0.12
N ALA A 127 8.44 9.75 0.10
CA ALA A 127 7.48 9.71 1.19
C ALA A 127 8.12 9.17 2.47
N VAL A 128 8.73 7.99 2.36
CA VAL A 128 9.37 7.37 3.52
C VAL A 128 10.59 8.17 3.95
N GLN A 129 11.23 8.85 3.00
CA GLN A 129 12.40 9.67 3.30
C GLN A 129 12.06 10.77 4.30
N ASN A 130 10.91 11.40 4.09
CA ASN A 130 10.45 12.45 4.98
C ASN A 130 9.97 11.86 6.30
N ALA A 131 9.45 10.65 6.23
CA ALA A 131 8.95 9.95 7.40
C ALA A 131 10.09 9.58 8.35
N LEU A 132 11.11 8.91 7.83
CA LEU A 132 12.25 8.50 8.66
C LEU A 132 12.99 9.72 9.20
N LEU A 133 12.83 10.85 8.53
CA LEU A 133 13.47 12.08 8.94
C LEU A 133 12.73 12.70 10.12
N LEU A 134 11.45 12.93 9.94
CA LEU A 134 10.62 13.52 10.98
C LEU A 134 9.43 12.61 11.28
N ASN A 135 9.51 11.89 12.39
CA ASN A 135 8.44 10.98 12.77
C ASN A 135 8.28 10.92 14.28
N GLU A 136 9.23 10.29 14.95
CA GLU A 136 9.20 10.15 16.39
C GLU A 136 9.32 11.50 17.09
N THR A 137 8.23 11.95 17.70
CA THR A 137 8.20 13.20 18.42
C THR A 137 7.13 13.15 19.51
N GLU A 138 5.89 12.89 19.11
CA GLU A 138 4.79 12.79 20.04
C GLU A 138 3.59 12.11 19.37
N LEU A 139 3.15 11.01 19.96
CA LEU A 139 2.01 10.26 19.43
C LEU A 139 1.14 9.81 20.61
N HIS A 140 -0.09 10.32 20.65
CA HIS A 140 -1.04 9.97 21.71
C HIS A 140 -0.55 10.46 23.07
N GLY A 141 0.42 11.38 23.06
CA GLY A 141 0.98 11.90 24.28
C GLY A 141 2.18 11.11 24.74
N ARG A 142 2.61 10.16 23.90
CA ARG A 142 3.76 9.33 24.20
C ARG A 142 4.84 9.52 23.14
N GLN A 143 6.06 9.14 23.47
CA GLN A 143 7.16 9.24 22.52
C GLN A 143 7.56 7.85 22.06
N LEU A 144 7.60 7.66 20.75
CA LEU A 144 7.95 6.37 20.18
C LEU A 144 9.28 6.46 19.46
N LYS A 145 9.76 5.32 18.97
CA LYS A 145 11.00 5.27 18.23
C LYS A 145 10.72 4.79 16.80
N VAL A 146 11.13 5.57 15.83
CA VAL A 146 10.91 5.22 14.44
C VAL A 146 12.25 5.00 13.73
N SER A 147 12.41 3.84 13.12
CA SER A 147 13.62 3.51 12.41
C SER A 147 13.28 3.06 11.00
N ALA A 148 14.18 3.30 10.06
CA ALA A 148 13.98 2.92 8.67
C ALA A 148 13.93 1.40 8.53
N LYS A 149 12.87 0.90 7.90
CA LYS A 149 12.72 -0.53 7.71
C LYS A 149 13.33 -0.93 6.36
N ARG A 150 14.65 -0.80 6.27
CA ARG A 150 15.35 -1.15 5.05
C ARG A 150 15.74 -2.61 5.09
N THR A 151 14.76 -3.48 4.87
CA THR A 151 14.97 -4.91 4.89
C THR A 151 15.95 -5.33 3.78
N ASN A 152 16.91 -6.18 4.15
CA ASN A 152 17.92 -6.67 3.22
C ASN A 152 18.80 -7.71 3.90
N ILE A 153 19.71 -8.31 3.14
CA ILE A 153 20.61 -9.31 3.67
C ILE A 153 21.79 -8.66 4.39
N PRO A 154 22.39 -9.37 5.37
CA PRO A 154 23.54 -8.86 6.12
C PRO A 154 24.83 -8.88 5.30
N GLY A 155 24.92 -7.96 4.34
CA GLY A 155 26.07 -7.88 3.48
C GLY A 155 26.15 -6.52 2.83
N MET A 1 33.63 70.42 -91.83
CA MET A 1 34.15 69.80 -90.59
C MET A 1 33.18 70.03 -89.44
N GLY A 2 33.29 69.20 -88.42
CA GLY A 2 32.42 69.33 -87.26
C GLY A 2 31.85 68.00 -86.84
N SER A 3 31.42 67.91 -85.59
CA SER A 3 30.84 66.68 -85.07
C SER A 3 29.91 67.00 -83.90
N SER A 4 28.73 66.40 -83.92
CA SER A 4 27.75 66.60 -82.86
C SER A 4 27.76 65.41 -81.91
N HIS A 5 27.28 65.62 -80.69
CA HIS A 5 27.24 64.56 -79.69
C HIS A 5 25.88 64.51 -79.00
N HIS A 6 25.53 63.34 -78.48
CA HIS A 6 24.26 63.16 -77.80
C HIS A 6 24.30 61.90 -76.93
N HIS A 7 23.87 62.03 -75.68
CA HIS A 7 23.86 60.92 -74.74
C HIS A 7 22.52 60.21 -74.73
N HIS A 8 22.40 59.18 -73.91
CA HIS A 8 21.18 58.40 -73.77
C HIS A 8 21.01 57.97 -72.32
N HIS A 9 19.83 57.47 -71.97
CA HIS A 9 19.58 57.04 -70.59
C HIS A 9 18.56 55.91 -70.56
N HIS A 10 18.78 54.95 -69.68
CA HIS A 10 17.88 53.82 -69.53
C HIS A 10 17.79 53.41 -68.06
N SER A 11 16.57 53.26 -67.56
CA SER A 11 16.34 52.88 -66.17
C SER A 11 15.42 51.67 -66.10
N SER A 12 15.68 50.78 -65.17
CA SER A 12 14.88 49.59 -64.98
C SER A 12 14.41 49.48 -63.53
N GLY A 13 13.11 49.33 -63.34
CA GLY A 13 12.56 49.25 -62.00
C GLY A 13 12.65 47.86 -61.40
N LEU A 14 12.31 47.75 -60.12
CA LEU A 14 12.37 46.49 -59.41
C LEU A 14 10.98 45.90 -59.24
N VAL A 15 10.89 44.75 -58.57
CA VAL A 15 9.61 44.08 -58.36
C VAL A 15 9.35 43.85 -56.86
N PRO A 16 8.08 43.78 -56.47
CA PRO A 16 7.68 43.55 -55.08
C PRO A 16 7.87 42.09 -54.64
N ARG A 17 7.38 41.77 -53.46
CA ARG A 17 7.51 40.42 -52.92
C ARG A 17 6.17 39.88 -52.42
N GLY A 18 5.98 38.58 -52.56
CA GLY A 18 4.76 37.95 -52.12
C GLY A 18 4.94 37.21 -50.81
N SER A 19 3.84 36.78 -50.20
CA SER A 19 3.89 36.07 -48.94
C SER A 19 3.07 34.78 -49.01
N HIS A 20 3.37 33.85 -48.09
CA HIS A 20 2.66 32.57 -48.04
C HIS A 20 2.22 32.28 -46.60
N MET A 21 1.25 31.37 -46.47
CA MET A 21 0.74 30.99 -45.16
C MET A 21 0.68 29.47 -45.01
N GLY A 22 0.19 29.02 -43.87
CA GLY A 22 0.09 27.60 -43.61
C GLY A 22 -0.94 27.30 -42.55
N SER A 23 -1.21 26.02 -42.30
CA SER A 23 -2.18 25.62 -41.29
C SER A 23 -1.63 24.52 -40.40
N ASP A 24 -2.21 24.40 -39.21
CA ASP A 24 -1.80 23.40 -38.23
C ASP A 24 -2.84 22.28 -38.14
N LEU A 25 -2.95 21.64 -36.98
CA LEU A 25 -3.91 20.55 -36.79
C LEU A 25 -4.39 20.51 -35.35
N GLU A 26 -5.45 19.74 -35.11
CA GLU A 26 -6.02 19.62 -33.77
C GLU A 26 -5.58 18.32 -33.10
N ASP A 27 -6.16 18.05 -31.94
CA ASP A 27 -5.86 16.85 -31.19
C ASP A 27 -6.69 15.67 -31.67
N MET A 28 -6.27 14.46 -31.33
CA MET A 28 -6.96 13.24 -31.73
C MET A 28 -7.93 12.78 -30.65
N LYS A 29 -8.79 11.84 -30.99
CA LYS A 29 -9.78 11.31 -30.05
C LYS A 29 -9.18 10.17 -29.22
N LYS A 30 -9.99 9.59 -28.35
CA LYS A 30 -9.55 8.50 -27.49
C LYS A 30 -9.95 7.15 -28.07
N ARG A 31 -9.45 6.09 -27.45
CA ARG A 31 -9.73 4.73 -27.89
C ARG A 31 -10.55 3.99 -26.84
N LEU A 32 -11.33 3.01 -27.27
CA LEU A 32 -12.15 2.21 -26.37
C LEU A 32 -11.29 1.47 -25.37
N LYS A 33 -11.68 1.53 -24.10
CA LYS A 33 -10.95 0.87 -23.04
C LYS A 33 -11.91 0.06 -22.18
N GLU A 34 -11.69 -1.24 -22.13
CA GLU A 34 -12.54 -2.12 -21.34
C GLU A 34 -11.72 -2.84 -20.29
N ILE A 35 -12.36 -3.16 -19.18
CA ILE A 35 -11.69 -3.85 -18.08
C ILE A 35 -12.06 -5.34 -18.12
N GLU A 36 -11.12 -6.18 -17.70
CA GLU A 36 -11.35 -7.61 -17.69
C GLU A 36 -11.09 -8.19 -16.30
N GLU A 37 -11.05 -9.51 -16.23
CA GLU A 37 -10.80 -10.22 -14.99
C GLU A 37 -9.81 -11.35 -15.24
N GLU A 38 -8.98 -11.65 -14.25
CA GLU A 38 -7.97 -12.69 -14.41
C GLU A 38 -7.79 -13.50 -13.12
N ALA A 39 -7.44 -14.77 -13.29
CA ALA A 39 -7.22 -15.66 -12.17
C ALA A 39 -5.81 -16.24 -12.23
N GLY A 40 -5.27 -16.35 -13.44
CA GLY A 40 -3.94 -16.88 -13.63
C GLY A 40 -3.88 -18.39 -13.52
N ALA A 41 -3.88 -19.07 -14.66
CA ALA A 41 -3.80 -20.52 -14.68
C ALA A 41 -3.33 -21.02 -16.05
N LEU A 42 -3.38 -22.33 -16.26
CA LEU A 42 -2.95 -22.92 -17.52
C LEU A 42 -4.01 -22.69 -18.59
N ARG A 43 -3.85 -21.61 -19.33
CA ARG A 43 -4.79 -21.26 -20.39
C ARG A 43 -4.09 -20.38 -21.42
N GLU A 44 -4.65 -20.32 -22.63
CA GLU A 44 -4.09 -19.52 -23.70
C GLU A 44 -4.59 -18.08 -23.63
N MET A 45 -5.00 -17.66 -22.44
CA MET A 45 -5.50 -16.31 -22.20
C MET A 45 -4.33 -15.37 -21.96
N GLN A 46 -3.13 -15.83 -22.29
CA GLN A 46 -1.93 -15.04 -22.14
C GLN A 46 -1.89 -13.95 -23.20
N ALA A 47 -2.52 -14.23 -24.33
CA ALA A 47 -2.59 -13.29 -25.45
C ALA A 47 -3.59 -12.17 -25.13
N LYS A 48 -4.38 -12.40 -24.08
CA LYS A 48 -5.39 -11.45 -23.63
C LYS A 48 -4.72 -10.27 -22.93
N VAL A 49 -3.40 -10.35 -22.79
CA VAL A 49 -2.62 -9.30 -22.16
C VAL A 49 -2.77 -7.97 -22.89
N GLU A 50 -3.12 -8.06 -24.17
CA GLU A 50 -3.31 -6.87 -25.01
C GLU A 50 -4.41 -6.00 -24.42
N LYS A 51 -5.33 -6.62 -23.70
CA LYS A 51 -6.42 -5.91 -23.05
C LYS A 51 -6.09 -5.64 -21.58
N GLU A 52 -5.43 -6.63 -20.95
CA GLU A 52 -5.05 -6.52 -19.54
C GLU A 52 -4.15 -5.32 -19.29
N MET A 53 -3.48 -4.85 -20.34
CA MET A 53 -2.59 -3.70 -20.22
C MET A 53 -3.33 -2.47 -19.69
N GLY A 54 -4.65 -2.46 -19.89
CA GLY A 54 -5.46 -1.35 -19.43
C GLY A 54 -6.27 -1.73 -18.21
N ALA A 55 -6.05 -2.94 -17.71
CA ALA A 55 -6.76 -3.45 -16.53
C ALA A 55 -5.77 -3.99 -15.51
N VAL A 56 -4.52 -3.54 -15.61
CA VAL A 56 -3.46 -3.99 -14.69
C VAL A 56 -3.75 -3.57 -13.25
N GLN A 57 -4.75 -2.74 -13.07
CA GLN A 57 -5.15 -2.28 -11.75
C GLN A 57 -6.03 -3.32 -11.05
N ASP A 58 -6.44 -4.33 -11.81
CA ASP A 58 -7.27 -5.40 -11.27
C ASP A 58 -6.72 -6.77 -11.68
N SER A 59 -6.49 -6.94 -12.98
CA SER A 59 -5.97 -8.20 -13.52
C SER A 59 -4.53 -8.46 -13.07
N SER A 60 -3.65 -7.52 -13.35
CA SER A 60 -2.24 -7.66 -12.99
C SER A 60 -1.89 -6.84 -11.75
N SER A 61 -2.88 -6.60 -10.92
CA SER A 61 -2.66 -5.82 -9.69
C SER A 61 -1.88 -6.64 -8.69
N THR A 62 -2.05 -7.96 -8.73
CA THR A 62 -1.35 -8.85 -7.82
C THR A 62 0.16 -8.83 -8.08
N SER A 63 0.54 -8.52 -9.32
CA SER A 63 1.93 -8.48 -9.70
C SER A 63 2.66 -7.37 -8.93
N ALA A 64 1.92 -6.35 -8.53
CA ALA A 64 2.48 -5.26 -7.77
C ALA A 64 2.81 -5.70 -6.35
N THR A 65 2.03 -6.64 -5.83
CA THR A 65 2.24 -7.17 -4.48
C THR A 65 3.44 -8.12 -4.45
N GLN A 66 4.08 -8.31 -5.59
CA GLN A 66 5.22 -9.19 -5.69
C GLN A 66 6.46 -8.43 -6.18
N ALA A 67 6.30 -7.70 -7.27
CA ALA A 67 7.42 -6.93 -7.84
C ALA A 67 7.56 -5.56 -7.18
N GLU A 68 6.50 -4.77 -7.21
CA GLU A 68 6.52 -3.43 -6.61
C GLU A 68 6.75 -3.53 -5.11
N LYS A 69 6.30 -4.63 -4.53
CA LYS A 69 6.44 -4.89 -3.11
C LYS A 69 7.91 -4.90 -2.69
N GLU A 70 8.79 -5.26 -3.63
CA GLU A 70 10.23 -5.32 -3.36
C GLU A 70 10.78 -3.93 -3.01
N GLU A 71 10.09 -2.90 -3.46
CA GLU A 71 10.50 -1.54 -3.15
C GLU A 71 9.71 -1.02 -1.96
N VAL A 72 8.46 -1.42 -1.87
CA VAL A 72 7.59 -0.98 -0.78
C VAL A 72 8.06 -1.52 0.58
N ASP A 73 8.46 -2.78 0.62
CA ASP A 73 8.93 -3.39 1.87
C ASP A 73 10.29 -2.84 2.27
N SER A 74 10.94 -2.17 1.33
CA SER A 74 12.23 -1.56 1.57
C SER A 74 12.06 -0.07 1.87
N ARG A 75 10.87 0.44 1.57
CA ARG A 75 10.55 1.85 1.78
C ARG A 75 9.51 2.00 2.90
N SER A 76 9.76 1.31 4.00
CA SER A 76 8.86 1.37 5.14
C SER A 76 9.62 1.83 6.38
N ILE A 77 8.88 2.07 7.46
CA ILE A 77 9.48 2.51 8.71
C ILE A 77 8.96 1.67 9.88
N TYR A 78 9.86 1.36 10.80
CA TYR A 78 9.51 0.55 11.96
C TYR A 78 9.20 1.48 13.14
N VAL A 79 8.00 1.33 13.70
CA VAL A 79 7.58 2.15 14.82
C VAL A 79 7.59 1.34 16.12
N GLY A 80 8.48 1.70 17.03
CA GLY A 80 8.56 1.00 18.30
C GLY A 80 8.32 1.92 19.48
N ASN A 81 8.09 1.35 20.65
CA ASN A 81 7.83 2.12 21.88
C ASN A 81 6.58 2.97 21.74
N VAL A 82 5.57 2.40 21.11
CA VAL A 82 4.31 3.09 20.88
C VAL A 82 3.44 3.02 22.14
N ASP A 83 2.43 3.88 22.23
CA ASP A 83 1.52 3.90 23.35
C ASP A 83 0.75 2.58 23.43
N TYR A 84 0.59 2.06 24.63
CA TYR A 84 -0.12 0.80 24.85
C TYR A 84 -1.59 0.89 24.43
N ALA A 85 -2.07 2.11 24.18
CA ALA A 85 -3.45 2.31 23.78
C ALA A 85 -3.53 3.06 22.45
N CYS A 86 -2.51 2.90 21.63
CA CYS A 86 -2.46 3.56 20.33
C CYS A 86 -3.18 2.73 19.28
N THR A 87 -3.80 3.41 18.32
CA THR A 87 -4.52 2.74 17.24
C THR A 87 -3.77 2.87 15.91
N PRO A 88 -3.86 1.85 15.05
CA PRO A 88 -3.18 1.84 13.75
C PRO A 88 -3.55 3.03 12.87
N GLU A 89 -4.81 3.42 12.91
CA GLU A 89 -5.31 4.52 12.10
C GLU A 89 -4.67 5.85 12.47
N GLU A 90 -4.61 6.14 13.78
CA GLU A 90 -4.04 7.41 14.24
C GLU A 90 -2.53 7.46 13.97
N VAL A 91 -1.92 6.29 13.85
CA VAL A 91 -0.49 6.20 13.60
C VAL A 91 -0.19 6.42 12.13
N GLN A 92 -0.91 5.74 11.26
CA GLN A 92 -0.67 5.84 9.83
C GLN A 92 -1.07 7.22 9.30
N GLN A 93 -2.11 7.82 9.87
CA GLN A 93 -2.57 9.12 9.40
C GLN A 93 -1.65 10.23 9.90
N HIS A 94 -1.05 10.03 11.07
CA HIS A 94 -0.16 11.03 11.63
C HIS A 94 1.16 11.06 10.85
N PHE A 95 1.63 9.88 10.49
CA PHE A 95 2.87 9.75 9.74
C PHE A 95 2.63 10.07 8.27
N GLN A 96 1.36 10.10 7.89
CA GLN A 96 0.95 10.39 6.52
C GLN A 96 1.26 11.84 6.18
N SER A 97 1.41 12.66 7.21
CA SER A 97 1.73 14.07 7.05
C SER A 97 3.15 14.23 6.52
N CYS A 98 3.97 13.22 6.76
CA CYS A 98 5.35 13.23 6.29
C CYS A 98 5.49 12.41 5.02
N GLY A 99 4.83 11.27 5.00
CA GLY A 99 4.88 10.40 3.84
C GLY A 99 3.61 9.59 3.68
N THR A 100 3.21 9.35 2.45
CA THR A 100 2.01 8.59 2.16
C THR A 100 2.14 7.15 2.65
N VAL A 101 1.03 6.58 3.08
CA VAL A 101 1.02 5.22 3.59
C VAL A 101 0.18 4.31 2.69
N ASN A 102 0.76 3.21 2.24
CA ASN A 102 0.07 2.25 1.38
C ASN A 102 -0.52 1.13 2.23
N ARG A 103 0.23 0.71 3.24
CA ARG A 103 -0.21 -0.34 4.13
C ARG A 103 0.39 -0.14 5.52
N VAL A 104 -0.31 -0.63 6.53
CA VAL A 104 0.15 -0.52 7.90
C VAL A 104 -0.33 -1.72 8.72
N THR A 105 0.59 -2.35 9.42
CA THR A 105 0.26 -3.50 10.23
C THR A 105 0.64 -3.26 11.69
N ILE A 106 -0.33 -3.36 12.59
CA ILE A 106 -0.09 -3.15 14.01
C ILE A 106 -0.18 -4.47 14.77
N LEU A 107 0.61 -4.59 15.83
CA LEU A 107 0.62 -5.80 16.64
C LEU A 107 0.63 -5.44 18.13
N THR A 108 -0.33 -5.97 18.87
CA THR A 108 -0.43 -5.70 20.30
C THR A 108 0.38 -6.74 21.08
N ASP A 109 1.40 -6.27 21.79
CA ASP A 109 2.24 -7.15 22.60
C ASP A 109 1.55 -7.53 23.89
N LYS A 110 1.68 -8.79 24.29
CA LYS A 110 1.07 -9.25 25.52
C LYS A 110 2.12 -9.85 26.45
N PHE A 111 3.34 -9.30 26.38
CA PHE A 111 4.44 -9.76 27.20
C PHE A 111 4.86 -8.69 28.19
N GLY A 112 4.21 -7.53 28.11
CA GLY A 112 4.52 -6.43 29.00
C GLY A 112 5.28 -5.32 28.31
N GLN A 113 5.43 -5.43 27.00
CA GLN A 113 6.14 -4.43 26.22
C GLN A 113 5.15 -3.39 25.70
N PRO A 114 5.62 -2.18 25.35
CA PRO A 114 4.76 -1.12 24.82
C PRO A 114 4.04 -1.55 23.55
N LYS A 115 2.75 -1.82 23.66
CA LYS A 115 1.96 -2.26 22.53
C LYS A 115 1.81 -1.13 21.52
N GLY A 116 1.18 -1.43 20.40
CA GLY A 116 1.00 -0.44 19.38
C GLY A 116 2.04 -0.55 18.29
N PHE A 117 2.88 -1.58 18.40
CA PHE A 117 3.94 -1.84 17.43
C PHE A 117 3.37 -1.88 16.02
N ALA A 118 3.77 -0.95 15.18
CA ALA A 118 3.29 -0.89 13.81
C ALA A 118 4.37 -0.45 12.86
N TYR A 119 4.03 -0.44 11.58
CA TYR A 119 4.95 -0.02 10.54
C TYR A 119 4.15 0.35 9.31
N VAL A 120 4.53 1.45 8.66
CA VAL A 120 3.85 1.88 7.45
C VAL A 120 4.79 1.71 6.26
N GLU A 121 4.25 1.33 5.12
CA GLU A 121 5.06 1.11 3.93
C GLU A 121 4.47 1.87 2.74
N PHE A 122 5.33 2.16 1.76
CA PHE A 122 4.91 2.86 0.56
C PHE A 122 5.94 2.64 -0.55
N VAL A 123 5.60 3.04 -1.77
CA VAL A 123 6.49 2.85 -2.91
C VAL A 123 7.47 4.01 -3.04
N GLU A 124 6.95 5.23 -2.96
CA GLU A 124 7.77 6.43 -3.08
C GLU A 124 8.81 6.53 -1.97
N ILE A 125 10.05 6.76 -2.36
CA ILE A 125 11.14 6.87 -1.41
C ILE A 125 11.10 8.21 -0.69
N ASP A 126 10.63 9.24 -1.40
CA ASP A 126 10.52 10.58 -0.82
C ASP A 126 9.60 10.56 0.40
N ALA A 127 8.51 9.79 0.27
CA ALA A 127 7.53 9.67 1.34
C ALA A 127 8.15 9.07 2.61
N VAL A 128 8.80 7.93 2.46
CA VAL A 128 9.42 7.27 3.60
C VAL A 128 10.63 8.06 4.11
N GLN A 129 11.26 8.81 3.21
CA GLN A 129 12.42 9.63 3.56
C GLN A 129 12.06 10.63 4.64
N ASN A 130 10.95 11.32 4.43
CA ASN A 130 10.47 12.30 5.39
C ASN A 130 9.96 11.62 6.65
N ALA A 131 9.41 10.43 6.46
CA ALA A 131 8.86 9.64 7.56
C ALA A 131 9.95 9.17 8.52
N LEU A 132 11.10 8.75 8.00
CA LEU A 132 12.19 8.28 8.85
C LEU A 132 12.96 9.46 9.44
N LEU A 133 12.76 10.64 8.86
CA LEU A 133 13.45 11.83 9.32
C LEU A 133 12.67 12.51 10.45
N LEU A 134 11.38 12.72 10.24
CA LEU A 134 10.55 13.38 11.23
C LEU A 134 9.25 12.61 11.44
N ASN A 135 9.11 12.03 12.63
CA ASN A 135 7.93 11.26 12.99
C ASN A 135 7.92 10.96 14.48
N GLU A 136 9.05 10.45 14.96
CA GLU A 136 9.21 10.11 16.37
C GLU A 136 9.38 11.37 17.22
N THR A 137 8.28 12.03 17.51
CA THR A 137 8.30 13.24 18.31
C THR A 137 7.18 13.21 19.35
N GLU A 138 5.94 13.13 18.86
CA GLU A 138 4.78 13.08 19.74
C GLU A 138 3.67 12.27 19.08
N LEU A 139 3.16 11.30 19.81
CA LEU A 139 2.07 10.45 19.32
C LEU A 139 1.21 9.99 20.48
N HIS A 140 -0.08 10.33 20.44
CA HIS A 140 -1.02 9.93 21.49
C HIS A 140 -0.63 10.50 22.86
N GLY A 141 0.29 11.46 22.85
CA GLY A 141 0.74 12.06 24.09
C GLY A 141 2.05 11.47 24.57
N ARG A 142 2.52 10.43 23.90
CA ARG A 142 3.76 9.78 24.26
C ARG A 142 4.79 9.97 23.16
N GLN A 143 5.89 9.24 23.27
CA GLN A 143 6.95 9.31 22.29
C GLN A 143 7.35 7.89 21.89
N LEU A 144 7.57 7.70 20.60
CA LEU A 144 7.95 6.39 20.08
C LEU A 144 9.27 6.51 19.34
N LYS A 145 9.75 5.38 18.85
CA LYS A 145 11.00 5.35 18.10
C LYS A 145 10.72 4.87 16.67
N VAL A 146 11.07 5.70 15.70
CA VAL A 146 10.84 5.34 14.30
C VAL A 146 12.16 5.17 13.56
N SER A 147 12.37 3.98 13.02
CA SER A 147 13.58 3.68 12.28
C SER A 147 13.24 3.21 10.87
N ALA A 148 14.14 3.41 9.93
CA ALA A 148 13.90 3.01 8.56
C ALA A 148 13.94 1.50 8.41
N LYS A 149 12.89 0.93 7.85
CA LYS A 149 12.80 -0.51 7.65
C LYS A 149 13.37 -0.87 6.29
N ARG A 150 14.67 -0.70 6.15
CA ARG A 150 15.34 -1.01 4.90
C ARG A 150 15.67 -2.49 4.84
N THR A 151 14.74 -3.26 4.30
CA THR A 151 14.94 -4.69 4.17
C THR A 151 15.93 -4.97 3.04
N ASN A 152 16.94 -5.78 3.33
CA ASN A 152 17.96 -6.14 2.35
C ASN A 152 18.91 -7.18 2.93
N ILE A 153 19.44 -8.04 2.07
CA ILE A 153 20.36 -9.09 2.50
C ILE A 153 21.69 -8.50 2.97
N PRO A 154 22.31 -9.12 3.98
CA PRO A 154 23.61 -8.66 4.51
C PRO A 154 24.71 -8.76 3.46
N GLY A 155 25.36 -7.63 3.18
CA GLY A 155 26.42 -7.61 2.20
C GLY A 155 26.06 -6.77 1.00
N MET A 1 -61.68 60.40 -42.29
CA MET A 1 -61.88 60.93 -43.65
C MET A 1 -60.63 60.70 -44.49
N GLY A 2 -60.81 60.45 -45.77
CA GLY A 2 -59.68 60.21 -46.65
C GLY A 2 -59.47 58.73 -46.91
N SER A 3 -58.57 58.40 -47.82
CA SER A 3 -58.30 57.01 -48.15
C SER A 3 -56.81 56.79 -48.40
N SER A 4 -56.35 55.57 -48.15
CA SER A 4 -54.95 55.20 -48.35
C SER A 4 -54.87 53.86 -49.09
N HIS A 5 -53.92 53.74 -50.01
CA HIS A 5 -53.76 52.50 -50.77
C HIS A 5 -52.32 51.98 -50.69
N HIS A 6 -51.50 52.66 -49.90
CA HIS A 6 -50.10 52.26 -49.76
C HIS A 6 -49.98 51.04 -48.83
N HIS A 7 -49.05 50.16 -49.15
CA HIS A 7 -48.82 48.97 -48.34
C HIS A 7 -47.77 49.25 -47.27
N HIS A 8 -47.41 48.24 -46.49
CA HIS A 8 -46.42 48.42 -45.44
C HIS A 8 -45.29 47.41 -45.58
N HIS A 9 -44.27 47.56 -44.74
CA HIS A 9 -43.11 46.67 -44.75
C HIS A 9 -42.46 46.66 -43.37
N HIS A 10 -41.70 45.61 -43.07
CA HIS A 10 -41.04 45.50 -41.77
C HIS A 10 -39.70 44.80 -41.90
N SER A 11 -38.67 45.38 -41.31
CA SER A 11 -37.33 44.82 -41.34
C SER A 11 -36.51 45.32 -40.15
N SER A 12 -35.75 44.44 -39.53
CA SER A 12 -34.92 44.82 -38.40
C SER A 12 -33.50 44.29 -38.56
N GLY A 13 -32.52 45.11 -38.20
CA GLY A 13 -31.14 44.71 -38.32
C GLY A 13 -30.44 44.64 -36.98
N LEU A 14 -29.98 43.46 -36.63
CA LEU A 14 -29.27 43.23 -35.37
C LEU A 14 -28.12 42.26 -35.60
N VAL A 15 -27.39 41.98 -34.54
CA VAL A 15 -26.26 41.05 -34.63
C VAL A 15 -26.63 39.71 -34.00
N PRO A 16 -26.45 38.61 -34.73
CA PRO A 16 -26.73 37.27 -34.24
C PRO A 16 -25.73 36.84 -33.17
N ARG A 17 -26.05 37.14 -31.93
CA ARG A 17 -25.18 36.81 -30.80
C ARG A 17 -25.26 35.32 -30.50
N GLY A 18 -24.14 34.73 -30.11
CA GLY A 18 -24.11 33.32 -29.80
C GLY A 18 -22.75 32.72 -30.00
N SER A 19 -22.67 31.40 -29.90
CA SER A 19 -21.42 30.68 -30.08
C SER A 19 -21.67 29.40 -30.89
N HIS A 20 -20.61 28.70 -31.24
CA HIS A 20 -20.74 27.47 -32.00
C HIS A 20 -20.69 26.26 -31.07
N MET A 21 -21.55 25.29 -31.32
CA MET A 21 -21.61 24.08 -30.51
C MET A 21 -21.89 22.85 -31.38
N GLY A 22 -21.11 21.81 -31.17
CA GLY A 22 -21.29 20.59 -31.93
C GLY A 22 -20.80 19.37 -31.17
N SER A 23 -20.37 18.35 -31.90
CA SER A 23 -19.88 17.12 -31.29
C SER A 23 -18.50 17.33 -30.67
N ASP A 24 -18.48 17.78 -29.43
CA ASP A 24 -17.22 18.02 -28.72
C ASP A 24 -16.68 16.73 -28.12
N LEU A 25 -17.56 15.94 -27.54
CA LEU A 25 -17.18 14.66 -26.94
C LEU A 25 -17.89 13.52 -27.64
N GLU A 26 -17.19 12.39 -27.78
CA GLU A 26 -17.75 11.22 -28.44
C GLU A 26 -18.77 10.53 -27.53
N ASP A 27 -19.23 9.35 -27.95
CA ASP A 27 -20.23 8.59 -27.21
C ASP A 27 -19.72 8.22 -25.82
N MET A 28 -18.56 7.56 -25.77
CA MET A 28 -17.95 7.13 -24.51
C MET A 28 -18.93 6.30 -23.69
N LYS A 29 -19.55 5.33 -24.34
CA LYS A 29 -20.52 4.47 -23.68
C LYS A 29 -19.85 3.55 -22.66
N LYS A 30 -20.34 3.57 -21.43
CA LYS A 30 -19.78 2.72 -20.39
C LYS A 30 -20.56 1.41 -20.31
N ARG A 31 -19.85 0.31 -20.37
CA ARG A 31 -20.45 -1.01 -20.30
C ARG A 31 -19.89 -1.79 -19.13
N LEU A 32 -20.42 -2.98 -18.91
CA LEU A 32 -19.96 -3.83 -17.81
C LEU A 32 -18.95 -4.86 -18.28
N LYS A 33 -17.83 -4.95 -17.59
CA LYS A 33 -16.78 -5.91 -17.91
C LYS A 33 -16.30 -6.58 -16.63
N GLU A 34 -17.21 -7.25 -15.94
CA GLU A 34 -16.88 -7.94 -14.71
C GLU A 34 -16.25 -9.29 -15.02
N ILE A 35 -14.97 -9.27 -15.38
CA ILE A 35 -14.25 -10.48 -15.71
C ILE A 35 -13.14 -10.73 -14.69
N GLU A 36 -13.40 -11.64 -13.77
CA GLU A 36 -12.44 -11.98 -12.73
C GLU A 36 -12.10 -13.46 -12.81
N GLU A 37 -11.10 -13.80 -13.61
CA GLU A 37 -10.69 -15.19 -13.76
C GLU A 37 -9.26 -15.29 -14.27
N GLU A 38 -8.44 -16.01 -13.52
CA GLU A 38 -7.05 -16.22 -13.88
C GLU A 38 -6.70 -17.70 -13.76
N ALA A 39 -5.68 -18.14 -14.50
CA ALA A 39 -5.26 -19.52 -14.48
C ALA A 39 -3.77 -19.61 -14.77
N GLY A 40 -3.19 -20.79 -14.58
CA GLY A 40 -1.77 -20.97 -14.82
C GLY A 40 -1.44 -22.34 -15.37
N ALA A 41 -1.86 -22.59 -16.60
CA ALA A 41 -1.60 -23.86 -17.25
C ALA A 41 -1.55 -23.69 -18.77
N LEU A 42 -1.38 -24.80 -19.48
CA LEU A 42 -1.31 -24.77 -20.94
C LEU A 42 -2.69 -24.53 -21.53
N ARG A 43 -3.08 -23.27 -21.61
CA ARG A 43 -4.38 -22.89 -22.15
C ARG A 43 -4.22 -21.79 -23.20
N GLU A 44 -5.14 -21.74 -24.14
CA GLU A 44 -5.12 -20.75 -25.21
C GLU A 44 -5.73 -19.42 -24.75
N MET A 45 -5.80 -19.24 -23.44
CA MET A 45 -6.37 -18.03 -22.87
C MET A 45 -5.32 -16.91 -22.81
N GLN A 46 -4.15 -17.19 -23.36
CA GLN A 46 -3.05 -16.22 -23.39
C GLN A 46 -3.43 -15.02 -24.26
N ALA A 47 -4.36 -15.25 -25.17
CA ALA A 47 -4.83 -14.22 -26.09
C ALA A 47 -5.80 -13.25 -25.41
N LYS A 48 -6.21 -13.59 -24.19
CA LYS A 48 -7.14 -12.76 -23.44
C LYS A 48 -6.42 -11.57 -22.82
N VAL A 49 -5.10 -11.56 -22.96
CA VAL A 49 -4.25 -10.49 -22.41
C VAL A 49 -4.64 -9.13 -22.99
N GLU A 50 -5.22 -9.13 -24.20
CA GLU A 50 -5.62 -7.89 -24.86
C GLU A 50 -6.67 -7.15 -24.04
N LYS A 51 -7.47 -7.91 -23.30
CA LYS A 51 -8.53 -7.33 -22.48
C LYS A 51 -8.06 -7.14 -21.04
N GLU A 52 -7.25 -8.08 -20.56
CA GLU A 52 -6.76 -8.05 -19.19
C GLU A 52 -5.66 -7.02 -19.01
N MET A 53 -5.06 -6.58 -20.10
CA MET A 53 -4.00 -5.56 -20.03
C MET A 53 -4.57 -4.25 -19.49
N GLY A 54 -5.88 -4.08 -19.65
CA GLY A 54 -6.54 -2.89 -19.16
C GLY A 54 -7.20 -3.16 -17.83
N ALA A 55 -7.04 -4.39 -17.34
CA ALA A 55 -7.61 -4.81 -16.07
C ALA A 55 -6.51 -5.28 -15.14
N VAL A 56 -5.29 -4.84 -15.41
CA VAL A 56 -4.13 -5.21 -14.60
C VAL A 56 -4.22 -4.65 -13.19
N GLN A 57 -5.20 -3.78 -12.95
CA GLN A 57 -5.39 -3.19 -11.64
C GLN A 57 -6.18 -4.13 -10.75
N ASP A 58 -6.68 -5.20 -11.35
CA ASP A 58 -7.48 -6.19 -10.64
C ASP A 58 -6.94 -7.60 -10.92
N SER A 59 -6.82 -7.94 -12.20
CA SER A 59 -6.34 -9.24 -12.61
C SER A 59 -4.84 -9.41 -12.28
N SER A 60 -4.01 -8.59 -12.88
CA SER A 60 -2.56 -8.64 -12.66
C SER A 60 -2.15 -7.72 -11.52
N SER A 61 -3.06 -7.53 -10.57
CA SER A 61 -2.81 -6.66 -9.44
C SER A 61 -1.90 -7.33 -8.42
N THR A 62 -2.00 -8.66 -8.32
CA THR A 62 -1.19 -9.42 -7.40
C THR A 62 0.31 -9.30 -7.72
N SER A 63 0.60 -9.01 -8.98
CA SER A 63 1.96 -8.87 -9.45
C SER A 63 2.67 -7.71 -8.73
N ALA A 64 1.89 -6.75 -8.26
CA ALA A 64 2.42 -5.60 -7.55
C ALA A 64 2.95 -6.02 -6.18
N THR A 65 2.32 -7.03 -5.60
CA THR A 65 2.72 -7.52 -4.29
C THR A 65 3.93 -8.45 -4.40
N GLN A 66 4.48 -8.57 -5.60
CA GLN A 66 5.64 -9.43 -5.83
C GLN A 66 6.78 -8.64 -6.47
N ALA A 67 6.45 -7.77 -7.41
CA ALA A 67 7.46 -6.97 -8.10
C ALA A 67 7.62 -5.60 -7.43
N GLU A 68 6.51 -4.89 -7.27
CA GLU A 68 6.54 -3.57 -6.65
C GLU A 68 6.84 -3.66 -5.16
N LYS A 69 6.43 -4.76 -4.55
CA LYS A 69 6.65 -4.98 -3.13
C LYS A 69 8.14 -4.95 -2.78
N GLU A 70 8.99 -5.27 -3.75
CA GLU A 70 10.44 -5.27 -3.55
C GLU A 70 10.94 -3.88 -3.20
N GLU A 71 10.19 -2.87 -3.61
CA GLU A 71 10.54 -1.50 -3.30
C GLU A 71 9.78 -1.04 -2.07
N VAL A 72 8.50 -1.37 -2.02
CA VAL A 72 7.62 -0.99 -0.92
C VAL A 72 8.09 -1.55 0.42
N ASP A 73 8.49 -2.82 0.45
CA ASP A 73 8.94 -3.46 1.70
C ASP A 73 10.20 -2.80 2.26
N SER A 74 11.00 -2.23 1.37
CA SER A 74 12.23 -1.56 1.77
C SER A 74 12.00 -0.06 1.94
N ARG A 75 10.79 0.38 1.66
CA ARG A 75 10.42 1.78 1.77
C ARG A 75 9.39 1.96 2.87
N SER A 76 9.65 1.34 4.01
CA SER A 76 8.76 1.41 5.15
C SER A 76 9.53 1.89 6.39
N ILE A 77 8.80 2.11 7.47
CA ILE A 77 9.42 2.55 8.72
C ILE A 77 8.95 1.71 9.89
N TYR A 78 9.87 1.40 10.79
CA TYR A 78 9.59 0.60 11.97
C TYR A 78 9.24 1.52 13.13
N VAL A 79 8.03 1.39 13.64
CA VAL A 79 7.58 2.19 14.76
C VAL A 79 7.60 1.37 16.04
N GLY A 80 8.53 1.69 16.93
CA GLY A 80 8.65 0.96 18.18
C GLY A 80 8.42 1.85 19.38
N ASN A 81 8.22 1.24 20.54
CA ASN A 81 7.97 1.97 21.78
C ASN A 81 6.73 2.85 21.65
N VAL A 82 5.70 2.30 21.03
CA VAL A 82 4.45 3.00 20.81
C VAL A 82 3.59 2.98 22.07
N ASP A 83 2.56 3.80 22.10
CA ASP A 83 1.66 3.85 23.25
C ASP A 83 0.75 2.64 23.28
N TYR A 84 0.52 2.13 24.49
CA TYR A 84 -0.31 0.94 24.69
C TYR A 84 -1.76 1.16 24.25
N ALA A 85 -2.17 2.41 24.09
CA ALA A 85 -3.54 2.72 23.68
C ALA A 85 -3.59 3.27 22.26
N CYS A 86 -2.45 3.23 21.58
CA CYS A 86 -2.38 3.73 20.21
C CYS A 86 -3.07 2.79 19.23
N THR A 87 -3.73 3.38 18.24
CA THR A 87 -4.43 2.62 17.22
C THR A 87 -3.69 2.76 15.88
N PRO A 88 -3.83 1.77 14.99
CA PRO A 88 -3.17 1.80 13.68
C PRO A 88 -3.53 3.05 12.87
N GLU A 89 -4.78 3.48 12.99
CA GLU A 89 -5.27 4.65 12.28
C GLU A 89 -4.54 5.92 12.70
N GLU A 90 -4.48 6.17 14.00
CA GLU A 90 -3.82 7.37 14.51
C GLU A 90 -2.33 7.37 14.20
N VAL A 91 -1.77 6.19 13.96
CA VAL A 91 -0.37 6.05 13.66
C VAL A 91 -0.08 6.31 12.17
N GLN A 92 -0.87 5.69 11.30
CA GLN A 92 -0.66 5.83 9.86
C GLN A 92 -1.08 7.22 9.37
N GLN A 93 -2.10 7.80 9.98
CA GLN A 93 -2.55 9.13 9.55
C GLN A 93 -1.62 10.22 10.07
N HIS A 94 -0.97 9.95 11.21
CA HIS A 94 -0.04 10.90 11.80
C HIS A 94 1.22 10.99 10.97
N PHE A 95 1.72 9.84 10.56
CA PHE A 95 2.94 9.78 9.77
C PHE A 95 2.66 10.12 8.31
N GLN A 96 1.38 10.09 7.95
CA GLN A 96 0.94 10.41 6.58
C GLN A 96 1.25 11.86 6.23
N SER A 97 1.37 12.69 7.26
CA SER A 97 1.67 14.09 7.10
C SER A 97 3.08 14.27 6.51
N CYS A 98 3.98 13.37 6.89
CA CYS A 98 5.36 13.41 6.41
C CYS A 98 5.52 12.52 5.19
N GLY A 99 4.90 11.34 5.24
CA GLY A 99 4.99 10.41 4.15
C GLY A 99 3.71 9.62 3.97
N THR A 100 3.21 9.57 2.76
CA THR A 100 1.99 8.83 2.46
C THR A 100 2.11 7.36 2.83
N VAL A 101 1.01 6.77 3.27
CA VAL A 101 0.98 5.36 3.67
C VAL A 101 0.17 4.53 2.69
N ASN A 102 0.72 3.40 2.26
CA ASN A 102 0.03 2.50 1.35
C ASN A 102 -0.57 1.35 2.14
N ARG A 103 0.23 0.80 3.06
CA ARG A 103 -0.19 -0.30 3.91
C ARG A 103 0.38 -0.12 5.31
N VAL A 104 -0.34 -0.63 6.30
CA VAL A 104 0.09 -0.54 7.69
C VAL A 104 -0.35 -1.78 8.46
N THR A 105 0.54 -2.32 9.28
CA THR A 105 0.24 -3.49 10.08
C THR A 105 0.59 -3.22 11.53
N ILE A 106 -0.35 -3.49 12.43
CA ILE A 106 -0.13 -3.25 13.86
C ILE A 106 -0.26 -4.54 14.66
N LEU A 107 0.52 -4.64 15.74
CA LEU A 107 0.49 -5.81 16.61
C LEU A 107 0.42 -5.37 18.07
N THR A 108 -0.30 -6.11 18.90
CA THR A 108 -0.42 -5.79 20.31
C THR A 108 0.42 -6.74 21.14
N ASP A 109 1.39 -6.19 21.88
CA ASP A 109 2.26 -7.01 22.71
C ASP A 109 1.59 -7.37 24.03
N LYS A 110 1.62 -8.65 24.36
CA LYS A 110 1.01 -9.14 25.58
C LYS A 110 2.07 -9.67 26.54
N PHE A 111 3.31 -9.25 26.34
CA PHE A 111 4.42 -9.69 27.17
C PHE A 111 4.73 -8.63 28.23
N GLY A 112 4.13 -7.47 28.06
CA GLY A 112 4.35 -6.39 28.99
C GLY A 112 5.13 -5.25 28.37
N GLN A 113 5.34 -5.32 27.07
CA GLN A 113 6.06 -4.30 26.34
C GLN A 113 5.07 -3.30 25.75
N PRO A 114 5.53 -2.09 25.39
CA PRO A 114 4.68 -1.06 24.80
C PRO A 114 3.99 -1.56 23.54
N LYS A 115 2.67 -1.68 23.60
CA LYS A 115 1.89 -2.14 22.46
C LYS A 115 1.73 -1.03 21.43
N GLY A 116 1.06 -1.33 20.33
CA GLY A 116 0.87 -0.32 19.31
C GLY A 116 1.92 -0.43 18.24
N PHE A 117 2.80 -1.42 18.38
CA PHE A 117 3.87 -1.68 17.43
C PHE A 117 3.30 -1.81 16.02
N ALA A 118 3.69 -0.91 15.15
CA ALA A 118 3.21 -0.91 13.79
C ALA A 118 4.29 -0.45 12.83
N TYR A 119 3.98 -0.51 11.55
CA TYR A 119 4.89 -0.10 10.51
C TYR A 119 4.11 0.24 9.25
N VAL A 120 4.43 1.37 8.63
CA VAL A 120 3.75 1.79 7.41
C VAL A 120 4.72 1.69 6.23
N GLU A 121 4.21 1.25 5.09
CA GLU A 121 5.03 1.11 3.90
C GLU A 121 4.42 1.89 2.73
N PHE A 122 5.26 2.30 1.78
CA PHE A 122 4.80 3.04 0.62
C PHE A 122 5.70 2.74 -0.59
N VAL A 123 5.22 3.09 -1.77
CA VAL A 123 5.95 2.86 -3.01
C VAL A 123 7.01 3.94 -3.24
N GLU A 124 6.64 5.18 -2.99
CA GLU A 124 7.57 6.29 -3.18
C GLU A 124 8.58 6.37 -2.05
N ILE A 125 9.83 6.65 -2.42
CA ILE A 125 10.90 6.76 -1.43
C ILE A 125 10.80 8.09 -0.70
N ASP A 126 10.29 9.10 -1.39
CA ASP A 126 10.11 10.43 -0.81
C ASP A 126 9.32 10.37 0.49
N ALA A 127 8.21 9.64 0.44
CA ALA A 127 7.33 9.50 1.59
C ALA A 127 8.08 8.95 2.80
N VAL A 128 8.69 7.78 2.65
CA VAL A 128 9.42 7.16 3.73
C VAL A 128 10.66 7.96 4.13
N GLN A 129 11.28 8.63 3.15
CA GLN A 129 12.48 9.43 3.39
C GLN A 129 12.18 10.55 4.38
N ASN A 130 11.03 11.19 4.23
CA ASN A 130 10.64 12.27 5.13
C ASN A 130 10.11 11.70 6.44
N ALA A 131 9.54 10.51 6.36
CA ALA A 131 8.98 9.84 7.52
C ALA A 131 10.07 9.37 8.50
N LEU A 132 11.18 8.87 7.96
CA LEU A 132 12.26 8.39 8.81
C LEU A 132 13.05 9.57 9.40
N LEU A 133 12.79 10.75 8.88
CA LEU A 133 13.46 11.95 9.35
C LEU A 133 12.70 12.59 10.51
N LEU A 134 11.44 12.94 10.27
CA LEU A 134 10.63 13.59 11.29
C LEU A 134 9.34 12.82 11.50
N ASN A 135 9.24 12.14 12.64
CA ASN A 135 8.05 11.36 12.98
C ASN A 135 8.02 11.05 14.46
N GLU A 136 9.13 10.52 14.96
CA GLU A 136 9.24 10.17 16.36
C GLU A 136 9.38 11.41 17.25
N THR A 137 8.24 11.97 17.59
CA THR A 137 8.20 13.16 18.45
C THR A 137 7.09 13.02 19.48
N GLU A 138 5.85 12.87 19.00
CA GLU A 138 4.71 12.74 19.89
C GLU A 138 3.57 11.97 19.21
N LEU A 139 3.09 10.94 19.90
CA LEU A 139 1.99 10.11 19.42
C LEU A 139 1.15 9.67 20.60
N HIS A 140 -0.10 10.11 20.65
CA HIS A 140 -1.03 9.77 21.74
C HIS A 140 -0.54 10.38 23.06
N GLY A 141 0.29 11.42 22.95
CA GLY A 141 0.82 12.09 24.13
C GLY A 141 2.09 11.43 24.62
N ARG A 142 2.57 10.43 23.89
CA ARG A 142 3.79 9.72 24.26
C ARG A 142 4.78 9.76 23.10
N GLN A 143 6.03 9.43 23.37
CA GLN A 143 7.04 9.42 22.32
C GLN A 143 7.44 7.99 21.96
N LEU A 144 7.61 7.75 20.66
CA LEU A 144 7.99 6.44 20.16
C LEU A 144 9.30 6.53 19.39
N LYS A 145 9.78 5.40 18.90
CA LYS A 145 11.01 5.36 18.13
C LYS A 145 10.72 4.90 16.71
N VAL A 146 11.08 5.71 15.74
CA VAL A 146 10.85 5.37 14.34
C VAL A 146 12.19 5.19 13.62
N SER A 147 12.36 4.01 13.02
CA SER A 147 13.58 3.69 12.30
C SER A 147 13.23 3.25 10.89
N ALA A 148 14.12 3.52 9.93
CA ALA A 148 13.88 3.13 8.55
C ALA A 148 13.91 1.62 8.39
N LYS A 149 12.88 1.04 7.80
CA LYS A 149 12.81 -0.39 7.61
C LYS A 149 13.41 -0.78 6.26
N ARG A 150 14.72 -0.91 6.23
CA ARG A 150 15.43 -1.29 5.02
C ARG A 150 15.68 -2.79 5.04
N THR A 151 14.83 -3.53 4.36
CA THR A 151 14.97 -4.97 4.29
C THR A 151 15.56 -5.38 2.94
N ASN A 152 16.62 -6.17 2.98
CA ASN A 152 17.27 -6.63 1.77
C ASN A 152 18.29 -7.70 2.10
N ILE A 153 18.56 -8.57 1.13
CA ILE A 153 19.52 -9.65 1.30
C ILE A 153 20.92 -9.11 1.58
N PRO A 154 21.58 -9.58 2.66
CA PRO A 154 22.92 -9.13 3.02
C PRO A 154 24.00 -9.73 2.12
N GLY A 155 24.08 -9.25 0.89
CA GLY A 155 25.06 -9.73 -0.04
C GLY A 155 25.58 -8.63 -0.93
N MET A 1 -58.80 79.17 -35.54
CA MET A 1 -57.88 79.61 -36.62
C MET A 1 -56.42 79.45 -36.19
N GLY A 2 -56.09 79.99 -35.04
CA GLY A 2 -54.73 79.88 -34.54
C GLY A 2 -54.69 79.41 -33.09
N SER A 3 -53.50 79.46 -32.49
CA SER A 3 -53.31 79.03 -31.10
C SER A 3 -53.68 77.57 -30.91
N SER A 4 -53.22 76.74 -31.84
CA SER A 4 -53.49 75.31 -31.79
C SER A 4 -52.42 74.58 -30.98
N HIS A 5 -52.65 73.31 -30.71
CA HIS A 5 -51.70 72.50 -29.94
C HIS A 5 -50.48 72.16 -30.79
N HIS A 6 -49.31 72.14 -30.17
CA HIS A 6 -48.08 71.84 -30.88
C HIS A 6 -47.65 70.40 -30.65
N HIS A 7 -47.37 70.06 -29.39
CA HIS A 7 -46.92 68.71 -29.05
C HIS A 7 -47.10 68.43 -27.56
N HIS A 8 -47.17 67.15 -27.23
CA HIS A 8 -47.31 66.71 -25.85
C HIS A 8 -47.06 65.21 -25.76
N HIS A 9 -46.41 64.77 -24.69
CA HIS A 9 -46.12 63.36 -24.52
C HIS A 9 -45.71 63.06 -23.08
N HIS A 10 -46.00 61.84 -22.63
CA HIS A 10 -45.66 61.41 -21.29
C HIS A 10 -45.13 59.98 -21.33
N SER A 11 -44.18 59.66 -20.47
CA SER A 11 -43.61 58.33 -20.43
C SER A 11 -43.66 57.75 -19.01
N SER A 12 -43.79 56.43 -18.93
CA SER A 12 -43.85 55.74 -17.65
C SER A 12 -42.51 55.07 -17.33
N GLY A 13 -42.39 54.54 -16.12
CA GLY A 13 -41.16 53.89 -15.72
C GLY A 13 -41.14 52.42 -16.07
N LEU A 14 -40.18 51.68 -15.53
CA LEU A 14 -40.07 50.25 -15.79
C LEU A 14 -39.72 49.50 -14.52
N VAL A 15 -39.96 48.19 -14.52
CA VAL A 15 -39.69 47.36 -13.37
C VAL A 15 -38.94 46.08 -13.79
N PRO A 16 -37.62 46.04 -13.57
CA PRO A 16 -36.80 44.89 -13.92
C PRO A 16 -36.70 43.88 -12.78
N ARG A 17 -35.90 42.84 -13.00
CA ARG A 17 -35.70 41.79 -12.00
C ARG A 17 -34.29 41.88 -11.42
N GLY A 18 -34.21 41.99 -10.11
CA GLY A 18 -32.92 42.10 -9.46
C GLY A 18 -32.39 40.74 -9.03
N SER A 19 -31.33 40.77 -8.22
CA SER A 19 -30.73 39.54 -7.72
C SER A 19 -30.09 39.78 -6.35
N HIS A 20 -30.11 38.77 -5.50
CA HIS A 20 -29.54 38.89 -4.16
C HIS A 20 -28.15 38.26 -4.12
N MET A 21 -27.40 38.55 -3.06
CA MET A 21 -26.05 38.02 -2.91
C MET A 21 -26.09 36.61 -2.34
N GLY A 22 -25.10 35.80 -2.66
CA GLY A 22 -25.04 34.45 -2.17
C GLY A 22 -23.79 33.73 -2.61
N SER A 23 -23.45 32.64 -1.94
CA SER A 23 -22.26 31.86 -2.28
C SER A 23 -22.52 30.38 -2.05
N ASP A 24 -21.70 29.54 -2.68
CA ASP A 24 -21.84 28.09 -2.55
C ASP A 24 -20.59 27.50 -1.89
N LEU A 25 -20.69 26.26 -1.43
CA LEU A 25 -19.58 25.60 -0.76
C LEU A 25 -18.94 24.54 -1.67
N GLU A 26 -18.27 23.57 -1.07
CA GLU A 26 -17.61 22.51 -1.83
C GLU A 26 -17.97 21.13 -1.29
N ASP A 27 -17.32 20.09 -1.81
CA ASP A 27 -17.58 18.72 -1.37
C ASP A 27 -16.33 17.85 -1.59
N MET A 28 -16.16 16.85 -0.74
CA MET A 28 -15.02 15.95 -0.84
C MET A 28 -15.51 14.52 -1.03
N LYS A 29 -14.88 13.77 -1.93
CA LYS A 29 -15.29 12.40 -2.20
C LYS A 29 -14.10 11.44 -2.14
N LYS A 30 -14.41 10.17 -1.85
CA LYS A 30 -13.38 9.13 -1.77
C LYS A 30 -13.81 7.91 -2.60
N ARG A 31 -12.88 6.98 -2.79
CA ARG A 31 -13.14 5.77 -3.56
C ARG A 31 -12.05 4.73 -3.33
N LEU A 32 -12.44 3.47 -3.20
CA LEU A 32 -11.50 2.38 -2.99
C LEU A 32 -11.97 1.11 -3.70
N LYS A 33 -11.04 0.21 -4.01
CA LYS A 33 -11.40 -1.03 -4.69
C LYS A 33 -10.44 -2.15 -4.33
N GLU A 34 -10.94 -3.16 -3.65
CA GLU A 34 -10.13 -4.30 -3.25
C GLU A 34 -10.81 -5.60 -3.69
N ILE A 35 -10.59 -6.00 -4.94
CA ILE A 35 -11.21 -7.22 -5.47
C ILE A 35 -10.17 -8.12 -6.12
N GLU A 36 -10.42 -9.43 -6.02
CA GLU A 36 -9.55 -10.47 -6.61
C GLU A 36 -8.07 -10.20 -6.37
N GLU A 37 -7.66 -10.19 -5.11
CA GLU A 37 -6.27 -9.95 -4.77
C GLU A 37 -5.47 -11.25 -4.89
N GLU A 38 -6.20 -12.37 -4.92
CA GLU A 38 -5.58 -13.69 -5.03
C GLU A 38 -6.24 -14.51 -6.14
N ALA A 39 -5.50 -14.73 -7.22
CA ALA A 39 -5.99 -15.50 -8.35
C ALA A 39 -4.84 -15.99 -9.22
N GLY A 40 -4.76 -17.31 -9.40
CA GLY A 40 -3.71 -17.88 -10.22
C GLY A 40 -3.57 -19.38 -10.01
N ALA A 41 -3.37 -20.11 -11.10
CA ALA A 41 -3.22 -21.56 -11.04
C ALA A 41 -2.61 -22.07 -12.34
N LEU A 42 -2.72 -23.38 -12.56
CA LEU A 42 -2.19 -23.98 -13.76
C LEU A 42 -3.16 -23.79 -14.92
N ARG A 43 -3.06 -22.65 -15.58
CA ARG A 43 -3.91 -22.33 -16.71
C ARG A 43 -3.14 -21.52 -17.73
N GLU A 44 -3.24 -21.91 -18.99
CA GLU A 44 -2.53 -21.21 -20.05
C GLU A 44 -3.32 -19.98 -20.51
N MET A 45 -3.92 -19.29 -19.55
CA MET A 45 -4.69 -18.08 -19.83
C MET A 45 -3.76 -16.88 -19.82
N GLN A 46 -2.46 -17.15 -19.81
CA GLN A 46 -1.45 -16.12 -19.79
C GLN A 46 -1.45 -15.32 -21.09
N ALA A 47 -1.98 -15.93 -22.15
CA ALA A 47 -2.06 -15.28 -23.46
C ALA A 47 -3.06 -14.13 -23.42
N LYS A 48 -3.87 -14.11 -22.37
CA LYS A 48 -4.88 -13.07 -22.20
C LYS A 48 -4.25 -11.83 -21.57
N VAL A 49 -2.95 -11.89 -21.32
CA VAL A 49 -2.21 -10.77 -20.71
C VAL A 49 -2.31 -9.53 -21.57
N GLU A 50 -2.52 -9.73 -22.88
CA GLU A 50 -2.65 -8.62 -23.83
C GLU A 50 -3.92 -7.84 -23.56
N LYS A 51 -4.89 -8.50 -22.94
CA LYS A 51 -6.16 -7.89 -22.60
C LYS A 51 -6.17 -7.43 -21.15
N GLU A 52 -5.41 -8.13 -20.31
CA GLU A 52 -5.32 -7.80 -18.89
C GLU A 52 -4.35 -6.64 -18.64
N MET A 53 -3.66 -6.19 -19.68
CA MET A 53 -2.71 -5.09 -19.54
C MET A 53 -3.42 -3.82 -19.08
N GLY A 54 -4.68 -3.67 -19.48
CA GLY A 54 -5.45 -2.51 -19.09
C GLY A 54 -6.21 -2.77 -17.80
N ALA A 55 -5.99 -3.95 -17.24
CA ALA A 55 -6.65 -4.36 -16.02
C ALA A 55 -5.63 -4.89 -15.02
N VAL A 56 -4.39 -4.42 -15.13
CA VAL A 56 -3.32 -4.87 -14.24
C VAL A 56 -3.50 -4.33 -12.83
N GLN A 57 -4.52 -3.49 -12.65
CA GLN A 57 -4.81 -2.89 -11.35
C GLN A 57 -5.84 -3.75 -10.67
N ASP A 58 -6.28 -4.73 -11.42
CA ASP A 58 -7.31 -5.63 -10.99
C ASP A 58 -6.81 -7.07 -11.07
N SER A 59 -6.46 -7.47 -12.29
CA SER A 59 -5.97 -8.82 -12.57
C SER A 59 -4.56 -9.03 -12.04
N SER A 60 -3.59 -8.37 -12.67
CA SER A 60 -2.19 -8.51 -12.28
C SER A 60 -1.84 -7.57 -11.14
N SER A 61 -2.79 -7.31 -10.27
CA SER A 61 -2.56 -6.41 -9.15
C SER A 61 -1.72 -7.11 -8.08
N THR A 62 -1.83 -8.44 -8.04
CA THR A 62 -1.07 -9.24 -7.09
C THR A 62 0.42 -9.16 -7.39
N SER A 63 0.74 -8.89 -8.65
CA SER A 63 2.12 -8.79 -9.08
C SER A 63 2.83 -7.66 -8.34
N ALA A 64 2.07 -6.65 -7.93
CA ALA A 64 2.63 -5.52 -7.20
C ALA A 64 3.00 -5.95 -5.78
N THR A 65 2.21 -6.87 -5.22
CA THR A 65 2.46 -7.36 -3.86
C THR A 65 3.62 -8.34 -3.85
N GLN A 66 4.17 -8.61 -5.03
CA GLN A 66 5.29 -9.53 -5.14
C GLN A 66 6.56 -8.80 -5.60
N ALA A 67 6.45 -8.10 -6.72
CA ALA A 67 7.59 -7.37 -7.29
C ALA A 67 7.73 -5.99 -6.68
N GLU A 68 6.69 -5.19 -6.76
CA GLU A 68 6.72 -3.83 -6.22
C GLU A 68 6.93 -3.85 -4.70
N LYS A 69 6.43 -4.90 -4.07
CA LYS A 69 6.54 -5.08 -2.62
C LYS A 69 7.99 -5.03 -2.18
N GLU A 70 8.90 -5.45 -3.04
CA GLU A 70 10.33 -5.44 -2.73
C GLU A 70 10.78 -4.02 -2.39
N GLU A 71 10.31 -3.06 -3.15
CA GLU A 71 10.64 -1.66 -2.94
C GLU A 71 9.86 -1.11 -1.75
N VAL A 72 8.58 -1.45 -1.70
CA VAL A 72 7.69 -1.01 -0.64
C VAL A 72 8.16 -1.48 0.74
N ASP A 73 8.64 -2.73 0.80
CA ASP A 73 9.12 -3.32 2.06
C ASP A 73 10.41 -2.64 2.50
N SER A 74 11.10 -2.04 1.56
CA SER A 74 12.34 -1.34 1.84
C SER A 74 12.07 0.15 2.04
N ARG A 75 10.84 0.55 1.73
CA ARG A 75 10.42 1.94 1.84
C ARG A 75 9.39 2.09 2.95
N SER A 76 9.66 1.47 4.09
CA SER A 76 8.77 1.53 5.24
C SER A 76 9.53 1.98 6.48
N ILE A 77 8.80 2.25 7.56
CA ILE A 77 9.42 2.66 8.82
C ILE A 77 8.84 1.83 9.96
N TYR A 78 9.72 1.39 10.85
CA TYR A 78 9.32 0.59 11.99
C TYR A 78 9.00 1.50 13.19
N VAL A 79 7.79 1.38 13.71
CA VAL A 79 7.37 2.19 14.83
C VAL A 79 7.30 1.34 16.11
N GLY A 80 8.19 1.61 17.05
CA GLY A 80 8.22 0.87 18.28
C GLY A 80 8.04 1.78 19.48
N ASN A 81 7.86 1.20 20.65
CA ASN A 81 7.67 1.98 21.89
C ASN A 81 6.47 2.88 21.76
N VAL A 82 5.39 2.34 21.22
CA VAL A 82 4.16 3.09 21.01
C VAL A 82 3.25 2.98 22.23
N ASP A 83 2.17 3.75 22.23
CA ASP A 83 1.21 3.73 23.32
C ASP A 83 0.47 2.40 23.34
N TYR A 84 0.30 1.86 24.52
CA TYR A 84 -0.37 0.59 24.71
C TYR A 84 -1.82 0.64 24.22
N ALA A 85 -2.35 1.85 24.08
CA ALA A 85 -3.72 2.03 23.62
C ALA A 85 -3.77 2.80 22.30
N CYS A 86 -2.66 2.81 21.58
CA CYS A 86 -2.59 3.50 20.30
C CYS A 86 -3.28 2.69 19.21
N THR A 87 -3.91 3.40 18.29
CA THR A 87 -4.61 2.77 17.18
C THR A 87 -3.78 2.87 15.91
N PRO A 88 -3.92 1.91 14.98
CA PRO A 88 -3.18 1.91 13.72
C PRO A 88 -3.50 3.14 12.87
N GLU A 89 -4.72 3.63 13.04
CA GLU A 89 -5.21 4.77 12.29
C GLU A 89 -4.46 6.05 12.65
N GLU A 90 -4.40 6.37 13.94
CA GLU A 90 -3.72 7.57 14.40
C GLU A 90 -2.24 7.54 14.04
N VAL A 91 -1.70 6.35 13.88
CA VAL A 91 -0.29 6.17 13.56
C VAL A 91 -0.04 6.39 12.07
N GLN A 92 -0.84 5.76 11.22
CA GLN A 92 -0.67 5.88 9.78
C GLN A 92 -1.03 7.26 9.26
N GLN A 93 -1.99 7.92 9.88
CA GLN A 93 -2.39 9.24 9.42
C GLN A 93 -1.42 10.32 9.92
N HIS A 94 -0.80 10.08 11.08
CA HIS A 94 0.14 11.04 11.64
C HIS A 94 1.40 11.11 10.79
N PHE A 95 1.92 9.95 10.41
CA PHE A 95 3.14 9.90 9.60
C PHE A 95 2.82 10.21 8.14
N GLN A 96 1.54 10.23 7.81
CA GLN A 96 1.10 10.51 6.45
C GLN A 96 1.38 11.97 6.11
N SER A 97 1.50 12.78 7.15
CA SER A 97 1.79 14.19 6.97
C SER A 97 3.19 14.36 6.39
N CYS A 98 4.07 13.44 6.76
CA CYS A 98 5.44 13.45 6.28
C CYS A 98 5.55 12.69 4.97
N GLY A 99 4.97 11.50 4.94
CA GLY A 99 5.00 10.68 3.75
C GLY A 99 3.74 9.85 3.60
N THR A 100 3.27 9.70 2.38
CA THR A 100 2.07 8.93 2.11
C THR A 100 2.21 7.48 2.57
N VAL A 101 1.12 6.91 3.07
CA VAL A 101 1.13 5.53 3.54
C VAL A 101 0.22 4.67 2.66
N ASN A 102 0.75 3.57 2.15
CA ASN A 102 -0.02 2.66 1.31
C ASN A 102 -0.61 1.54 2.15
N ARG A 103 0.19 1.03 3.09
CA ARG A 103 -0.23 -0.05 3.94
C ARG A 103 0.36 0.11 5.33
N VAL A 104 -0.30 -0.48 6.33
CA VAL A 104 0.15 -0.40 7.70
C VAL A 104 -0.36 -1.61 8.50
N THR A 105 0.51 -2.24 9.26
CA THR A 105 0.14 -3.38 10.07
C THR A 105 0.52 -3.14 11.52
N ILE A 106 -0.42 -3.30 12.43
CA ILE A 106 -0.16 -3.08 13.85
C ILE A 106 -0.20 -4.40 14.62
N LEU A 107 0.63 -4.50 15.64
CA LEU A 107 0.70 -5.68 16.48
C LEU A 107 0.62 -5.30 17.95
N THR A 108 -0.13 -6.08 18.72
CA THR A 108 -0.28 -5.81 20.14
C THR A 108 0.57 -6.80 20.94
N ASP A 109 1.59 -6.29 21.62
CA ASP A 109 2.48 -7.13 22.42
C ASP A 109 1.78 -7.63 23.67
N LYS A 110 1.92 -8.92 23.93
CA LYS A 110 1.31 -9.53 25.10
C LYS A 110 2.38 -9.96 26.11
N PHE A 111 3.58 -9.40 25.99
CA PHE A 111 4.66 -9.75 26.88
C PHE A 111 4.83 -8.68 27.95
N GLY A 112 4.13 -7.57 27.78
CA GLY A 112 4.21 -6.48 28.73
C GLY A 112 4.92 -5.27 28.15
N GLN A 113 5.36 -5.38 26.91
CA GLN A 113 6.05 -4.30 26.23
C GLN A 113 5.05 -3.30 25.68
N PRO A 114 5.50 -2.04 25.43
CA PRO A 114 4.63 -1.00 24.86
C PRO A 114 4.02 -1.43 23.54
N LYS A 115 2.73 -1.80 23.59
CA LYS A 115 2.02 -2.28 22.42
C LYS A 115 1.81 -1.16 21.42
N GLY A 116 1.23 -1.49 20.28
CA GLY A 116 1.00 -0.50 19.26
C GLY A 116 2.04 -0.58 18.18
N PHE A 117 2.93 -1.58 18.30
CA PHE A 117 4.00 -1.80 17.33
C PHE A 117 3.42 -1.86 15.92
N ALA A 118 3.84 -0.95 15.06
CA ALA A 118 3.33 -0.90 13.70
C ALA A 118 4.40 -0.43 12.73
N TYR A 119 4.06 -0.45 11.46
CA TYR A 119 4.95 -0.01 10.41
C TYR A 119 4.15 0.42 9.19
N VAL A 120 4.50 1.56 8.63
CA VAL A 120 3.82 2.06 7.43
C VAL A 120 4.75 1.93 6.24
N GLU A 121 4.20 1.57 5.08
CA GLU A 121 5.01 1.40 3.89
C GLU A 121 4.41 2.14 2.69
N PHE A 122 5.27 2.45 1.72
CA PHE A 122 4.85 3.14 0.51
C PHE A 122 5.78 2.77 -0.65
N VAL A 123 5.37 3.10 -1.87
CA VAL A 123 6.18 2.79 -3.05
C VAL A 123 7.24 3.85 -3.30
N GLU A 124 6.81 5.11 -3.36
CA GLU A 124 7.72 6.22 -3.59
C GLU A 124 8.65 6.42 -2.41
N ILE A 125 9.94 6.54 -2.70
CA ILE A 125 10.95 6.72 -1.66
C ILE A 125 10.85 8.09 -1.03
N ASP A 126 10.42 9.07 -1.82
CA ASP A 126 10.26 10.45 -1.33
C ASP A 126 9.37 10.50 -0.09
N ALA A 127 8.30 9.70 -0.11
CA ALA A 127 7.37 9.64 1.00
C ALA A 127 8.03 9.14 2.27
N VAL A 128 8.62 7.94 2.19
CA VAL A 128 9.29 7.36 3.34
C VAL A 128 10.51 8.17 3.75
N GLN A 129 11.13 8.86 2.79
CA GLN A 129 12.31 9.68 3.06
C GLN A 129 11.97 10.75 4.09
N ASN A 130 10.83 11.39 3.91
CA ASN A 130 10.39 12.43 4.83
C ASN A 130 9.84 11.79 6.09
N ALA A 131 9.28 10.58 5.94
CA ALA A 131 8.71 9.84 7.06
C ALA A 131 9.79 9.40 8.05
N LEU A 132 10.93 8.95 7.53
CA LEU A 132 12.03 8.51 8.39
C LEU A 132 12.79 9.72 8.94
N LEU A 133 12.49 10.89 8.39
CA LEU A 133 13.13 12.12 8.83
C LEU A 133 12.37 12.70 10.02
N LEU A 134 11.06 12.86 9.84
CA LEU A 134 10.20 13.40 10.88
C LEU A 134 9.17 12.36 11.28
N ASN A 135 9.39 11.72 12.43
CA ASN A 135 8.48 10.67 12.88
C ASN A 135 8.29 10.69 14.39
N GLU A 136 9.27 10.16 15.11
CA GLU A 136 9.22 10.09 16.57
C GLU A 136 9.31 11.47 17.20
N THR A 137 8.20 11.92 17.77
CA THR A 137 8.13 13.21 18.43
C THR A 137 7.07 13.17 19.52
N GLU A 138 5.81 12.94 19.12
CA GLU A 138 4.72 12.87 20.08
C GLU A 138 3.54 12.09 19.50
N LEU A 139 3.16 11.00 20.17
CA LEU A 139 2.06 10.16 19.73
C LEU A 139 1.26 9.70 20.95
N HIS A 140 -0.01 10.13 21.02
CA HIS A 140 -0.89 9.76 22.14
C HIS A 140 -0.34 10.29 23.46
N GLY A 141 0.57 11.25 23.38
CA GLY A 141 1.16 11.82 24.57
C GLY A 141 2.50 11.16 24.91
N ARG A 142 2.84 10.10 24.21
CA ARG A 142 4.08 9.39 24.46
C ARG A 142 5.07 9.55 23.30
N GLN A 143 6.33 9.28 23.57
CA GLN A 143 7.36 9.37 22.54
C GLN A 143 7.77 7.96 22.11
N LEU A 144 7.52 7.64 20.85
CA LEU A 144 7.85 6.33 20.32
C LEU A 144 9.21 6.33 19.63
N LYS A 145 9.64 5.17 19.17
CA LYS A 145 10.91 5.03 18.48
C LYS A 145 10.68 4.56 17.05
N VAL A 146 11.13 5.35 16.09
CA VAL A 146 10.94 5.00 14.68
C VAL A 146 12.28 4.84 13.97
N SER A 147 12.42 3.76 13.20
CA SER A 147 13.63 3.50 12.45
C SER A 147 13.28 3.04 11.05
N ALA A 148 14.07 3.47 10.07
CA ALA A 148 13.84 3.10 8.68
C ALA A 148 13.87 1.58 8.51
N LYS A 149 12.80 1.04 7.94
CA LYS A 149 12.70 -0.39 7.73
C LYS A 149 13.25 -0.73 6.35
N ARG A 150 14.52 -0.46 6.16
CA ARG A 150 15.18 -0.73 4.90
C ARG A 150 15.62 -2.19 4.85
N THR A 151 14.69 -3.08 4.52
CA THR A 151 14.98 -4.49 4.41
C THR A 151 16.03 -4.71 3.33
N ASN A 152 17.08 -5.45 3.67
CA ASN A 152 18.16 -5.72 2.74
C ASN A 152 18.97 -6.91 3.24
N ILE A 153 19.62 -7.60 2.33
CA ILE A 153 20.44 -8.75 2.68
C ILE A 153 21.74 -8.31 3.34
N PRO A 154 22.15 -9.00 4.42
CA PRO A 154 23.39 -8.68 5.14
C PRO A 154 24.63 -8.84 4.26
N GLY A 155 25.58 -7.92 4.41
CA GLY A 155 26.78 -7.98 3.62
C GLY A 155 27.94 -7.29 4.33
N MET A 1 -18.29 55.39 10.81
CA MET A 1 -16.99 55.40 10.11
C MET A 1 -16.02 54.45 10.78
N GLY A 2 -15.00 54.02 10.05
CA GLY A 2 -14.03 53.11 10.59
C GLY A 2 -14.21 51.70 10.04
N SER A 3 -14.05 51.57 8.73
CA SER A 3 -14.22 50.29 8.07
C SER A 3 -12.88 49.59 7.86
N SER A 4 -12.47 48.81 8.85
CA SER A 4 -11.21 48.07 8.77
C SER A 4 -11.44 46.60 9.13
N HIS A 5 -11.67 45.76 8.12
CA HIS A 5 -11.91 44.34 8.35
C HIS A 5 -11.54 43.52 7.13
N HIS A 6 -10.90 42.38 7.36
CA HIS A 6 -10.49 41.48 6.30
C HIS A 6 -10.37 40.06 6.85
N HIS A 7 -10.65 39.06 6.01
CA HIS A 7 -10.57 37.67 6.44
C HIS A 7 -10.18 36.78 5.27
N HIS A 8 -10.09 35.48 5.54
CA HIS A 8 -9.71 34.50 4.52
C HIS A 8 -10.79 33.42 4.44
N HIS A 9 -10.93 32.78 3.28
CA HIS A 9 -11.92 31.73 3.10
C HIS A 9 -11.39 30.39 3.63
N HIS A 10 -12.30 29.50 3.98
CA HIS A 10 -11.92 28.19 4.47
C HIS A 10 -12.18 27.13 3.39
N SER A 11 -11.30 26.16 3.30
CA SER A 11 -11.44 25.10 2.32
C SER A 11 -11.27 23.74 2.98
N SER A 12 -11.93 22.72 2.45
CA SER A 12 -11.86 21.38 2.99
C SER A 12 -11.64 20.35 1.88
N GLY A 13 -11.01 19.24 2.22
CA GLY A 13 -10.75 18.20 1.24
C GLY A 13 -11.78 17.10 1.28
N LEU A 14 -11.31 15.87 1.47
CA LEU A 14 -12.19 14.71 1.54
C LEU A 14 -11.46 13.54 2.18
N VAL A 15 -12.18 12.44 2.38
CA VAL A 15 -11.58 11.25 2.98
C VAL A 15 -12.27 9.99 2.47
N PRO A 16 -11.57 9.18 1.66
CA PRO A 16 -12.13 7.94 1.12
C PRO A 16 -11.96 6.77 2.09
N ARG A 17 -12.16 5.56 1.59
CA ARG A 17 -12.03 4.37 2.42
C ARG A 17 -10.83 3.54 1.96
N GLY A 18 -10.69 2.34 2.50
CA GLY A 18 -9.58 1.49 2.12
C GLY A 18 -9.94 0.02 2.20
N SER A 19 -9.07 -0.82 1.66
CA SER A 19 -9.28 -2.26 1.66
C SER A 19 -7.94 -2.99 1.82
N HIS A 20 -8.00 -4.30 2.03
CA HIS A 20 -6.80 -5.11 2.21
C HIS A 20 -7.11 -6.59 1.95
N MET A 21 -6.16 -7.31 1.38
CA MET A 21 -6.34 -8.73 1.09
C MET A 21 -5.00 -9.45 1.22
N GLY A 22 -5.00 -10.77 1.04
CA GLY A 22 -3.77 -11.53 1.16
C GLY A 22 -3.20 -11.93 -0.19
N SER A 23 -2.50 -11.01 -0.83
CA SER A 23 -1.89 -11.27 -2.13
C SER A 23 -0.83 -12.37 -2.06
N ASP A 24 -0.79 -13.21 -3.08
CA ASP A 24 0.18 -14.29 -3.14
C ASP A 24 1.16 -14.08 -4.29
N LEU A 25 1.73 -15.17 -4.81
CA LEU A 25 2.69 -15.10 -5.90
C LEU A 25 2.00 -14.94 -7.25
N GLU A 26 2.53 -14.03 -8.07
CA GLU A 26 1.99 -13.78 -9.40
C GLU A 26 3.16 -13.71 -10.39
N ASP A 27 3.03 -12.88 -11.42
CA ASP A 27 4.09 -12.73 -12.41
C ASP A 27 5.03 -11.60 -12.02
N MET A 28 6.25 -11.64 -12.53
CA MET A 28 7.23 -10.62 -12.21
C MET A 28 7.32 -9.57 -13.32
N LYS A 29 6.54 -8.51 -13.18
CA LYS A 29 6.52 -7.43 -14.16
C LYS A 29 6.44 -6.08 -13.46
N LYS A 30 6.84 -5.03 -14.17
CA LYS A 30 6.79 -3.69 -13.61
C LYS A 30 5.40 -3.10 -13.74
N ARG A 31 4.68 -3.02 -12.63
CA ARG A 31 3.34 -2.48 -12.62
C ARG A 31 2.94 -2.10 -11.19
N LEU A 32 2.47 -0.88 -11.02
CA LEU A 32 2.06 -0.40 -9.71
C LEU A 32 0.55 -0.17 -9.67
N LYS A 33 -0.13 -0.99 -8.88
CA LYS A 33 -1.58 -0.88 -8.72
C LYS A 33 -2.03 -1.67 -7.49
N GLU A 34 -2.86 -1.03 -6.68
CA GLU A 34 -3.38 -1.65 -5.46
C GLU A 34 -4.85 -2.00 -5.60
N ILE A 35 -5.19 -3.25 -5.30
CA ILE A 35 -6.57 -3.73 -5.37
C ILE A 35 -6.63 -5.21 -4.98
N GLU A 36 -7.82 -5.72 -4.73
CA GLU A 36 -8.00 -7.11 -4.37
C GLU A 36 -7.91 -7.98 -5.61
N GLU A 37 -7.33 -9.17 -5.45
CA GLU A 37 -7.16 -10.09 -6.57
C GLU A 37 -7.88 -11.42 -6.31
N GLU A 38 -7.69 -12.38 -7.21
CA GLU A 38 -8.29 -13.69 -7.09
C GLU A 38 -7.23 -14.78 -7.18
N ALA A 39 -7.11 -15.40 -8.36
CA ALA A 39 -6.13 -16.46 -8.60
C ALA A 39 -6.05 -16.77 -10.08
N GLY A 40 -5.00 -17.48 -10.49
CA GLY A 40 -4.83 -17.84 -11.89
C GLY A 40 -3.39 -17.74 -12.36
N ALA A 41 -2.55 -18.66 -11.91
CA ALA A 41 -1.15 -18.67 -12.30
C ALA A 41 -0.82 -19.88 -13.15
N LEU A 42 -0.96 -21.06 -12.56
CA LEU A 42 -0.69 -22.30 -13.28
C LEU A 42 -1.86 -22.67 -14.16
N ARG A 43 -1.91 -22.01 -15.30
CA ARG A 43 -2.97 -22.23 -16.28
C ARG A 43 -2.52 -21.69 -17.63
N GLU A 44 -3.15 -22.16 -18.71
CA GLU A 44 -2.80 -21.71 -20.06
C GLU A 44 -3.42 -20.34 -20.36
N MET A 45 -3.78 -19.62 -19.31
CA MET A 45 -4.39 -18.30 -19.46
C MET A 45 -3.31 -17.22 -19.52
N GLN A 46 -2.05 -17.65 -19.57
CA GLN A 46 -0.93 -16.72 -19.64
C GLN A 46 -0.88 -16.03 -21.00
N ALA A 47 -1.47 -16.69 -22.01
CA ALA A 47 -1.51 -16.15 -23.36
C ALA A 47 -2.54 -15.03 -23.46
N LYS A 48 -3.39 -14.93 -22.45
CA LYS A 48 -4.43 -13.91 -22.40
C LYS A 48 -3.84 -12.53 -22.10
N VAL A 49 -2.53 -12.49 -21.88
CA VAL A 49 -1.82 -11.24 -21.58
C VAL A 49 -2.03 -10.20 -22.69
N GLU A 50 -2.33 -10.69 -23.90
CA GLU A 50 -2.56 -9.82 -25.04
C GLU A 50 -3.77 -8.91 -24.78
N LYS A 51 -4.70 -9.41 -23.97
CA LYS A 51 -5.90 -8.67 -23.63
C LYS A 51 -5.83 -8.15 -22.19
N GLU A 52 -5.34 -9.00 -21.28
CA GLU A 52 -5.24 -8.65 -19.86
C GLU A 52 -4.25 -7.51 -19.62
N MET A 53 -3.54 -7.09 -20.65
CA MET A 53 -2.58 -5.99 -20.51
C MET A 53 -3.31 -4.70 -20.19
N GLY A 54 -4.59 -4.65 -20.56
CA GLY A 54 -5.40 -3.48 -20.28
C GLY A 54 -6.22 -3.69 -19.02
N ALA A 55 -5.96 -4.82 -18.36
CA ALA A 55 -6.66 -5.18 -17.14
C ALA A 55 -5.65 -5.53 -16.05
N VAL A 56 -4.42 -5.09 -16.24
CA VAL A 56 -3.35 -5.36 -15.27
C VAL A 56 -3.63 -4.64 -13.96
N GLN A 57 -4.59 -3.73 -13.98
CA GLN A 57 -4.96 -2.95 -12.81
C GLN A 57 -5.94 -3.75 -11.94
N ASP A 58 -6.33 -4.91 -12.42
CA ASP A 58 -7.26 -5.78 -11.72
C ASP A 58 -6.72 -7.20 -11.67
N SER A 59 -6.36 -7.72 -12.84
CA SER A 59 -5.83 -9.07 -12.97
C SER A 59 -4.40 -9.16 -12.45
N SER A 60 -3.47 -8.57 -13.19
CA SER A 60 -2.06 -8.60 -12.81
C SER A 60 -1.72 -7.48 -11.84
N SER A 61 -2.64 -7.22 -10.92
CA SER A 61 -2.43 -6.18 -9.92
C SER A 61 -1.67 -6.77 -8.74
N THR A 62 -1.68 -8.11 -8.66
CA THR A 62 -0.99 -8.82 -7.60
C THR A 62 0.52 -8.70 -7.81
N SER A 63 0.88 -8.47 -9.06
CA SER A 63 2.28 -8.32 -9.45
C SER A 63 2.94 -7.17 -8.68
N ALA A 64 2.14 -6.18 -8.29
CA ALA A 64 2.67 -5.04 -7.55
C ALA A 64 3.04 -5.48 -6.14
N THR A 65 2.31 -6.44 -5.61
CA THR A 65 2.57 -6.95 -4.27
C THR A 65 3.70 -7.98 -4.31
N GLN A 66 4.32 -8.11 -5.48
CA GLN A 66 5.41 -9.05 -5.67
C GLN A 66 6.67 -8.35 -6.20
N ALA A 67 6.52 -7.66 -7.32
CA ALA A 67 7.63 -6.95 -7.94
C ALA A 67 7.83 -5.57 -7.33
N GLU A 68 6.77 -4.79 -7.27
CA GLU A 68 6.85 -3.45 -6.72
C GLU A 68 7.01 -3.50 -5.21
N LYS A 69 6.57 -4.61 -4.61
CA LYS A 69 6.69 -4.79 -3.18
C LYS A 69 8.15 -4.85 -2.77
N GLU A 70 9.01 -5.25 -3.71
CA GLU A 70 10.45 -5.33 -3.45
C GLU A 70 11.01 -3.95 -3.14
N GLU A 71 10.24 -2.93 -3.51
CA GLU A 71 10.59 -1.56 -3.23
C GLU A 71 9.87 -1.09 -1.99
N VAL A 72 8.58 -1.38 -1.92
CA VAL A 72 7.73 -0.98 -0.79
C VAL A 72 8.21 -1.58 0.53
N ASP A 73 8.66 -2.83 0.50
CA ASP A 73 9.11 -3.50 1.72
C ASP A 73 10.42 -2.90 2.25
N SER A 74 11.14 -2.22 1.37
CA SER A 74 12.38 -1.57 1.75
C SER A 74 12.14 -0.08 1.92
N ARG A 75 10.90 0.33 1.71
CA ARG A 75 10.50 1.73 1.83
C ARG A 75 9.46 1.89 2.94
N SER A 76 9.70 1.23 4.06
CA SER A 76 8.80 1.29 5.21
C SER A 76 9.56 1.78 6.45
N ILE A 77 8.81 2.03 7.52
CA ILE A 77 9.41 2.47 8.77
C ILE A 77 8.82 1.67 9.92
N TYR A 78 9.67 1.26 10.84
CA TYR A 78 9.24 0.48 12.00
C TYR A 78 9.03 1.40 13.19
N VAL A 79 7.84 1.32 13.77
CA VAL A 79 7.49 2.16 14.92
C VAL A 79 7.50 1.35 16.21
N GLY A 80 8.42 1.68 17.10
CA GLY A 80 8.53 0.99 18.37
C GLY A 80 8.29 1.94 19.53
N ASN A 81 8.12 1.40 20.73
CA ASN A 81 7.86 2.21 21.93
C ASN A 81 6.61 3.06 21.76
N VAL A 82 5.58 2.47 21.17
CA VAL A 82 4.32 3.16 20.92
C VAL A 82 3.42 3.09 22.15
N ASP A 83 2.36 3.91 22.16
CA ASP A 83 1.42 3.93 23.27
C ASP A 83 0.64 2.63 23.29
N TYR A 84 0.47 2.08 24.49
CA TYR A 84 -0.23 0.82 24.67
C TYR A 84 -1.70 0.89 24.21
N ALA A 85 -2.24 2.09 24.11
CA ALA A 85 -3.63 2.26 23.70
C ALA A 85 -3.73 2.93 22.33
N CYS A 86 -2.63 2.94 21.59
CA CYS A 86 -2.60 3.56 20.26
C CYS A 86 -3.27 2.67 19.22
N THR A 87 -3.94 3.31 18.27
CA THR A 87 -4.62 2.61 17.20
C THR A 87 -3.83 2.76 15.89
N PRO A 88 -3.95 1.79 14.96
CA PRO A 88 -3.22 1.83 13.69
C PRO A 88 -3.58 3.04 12.85
N GLU A 89 -4.82 3.49 12.97
CA GLU A 89 -5.32 4.62 12.21
C GLU A 89 -4.61 5.91 12.58
N GLU A 90 -4.60 6.23 13.87
CA GLU A 90 -3.97 7.45 14.36
C GLU A 90 -2.47 7.47 14.04
N VAL A 91 -1.90 6.29 13.91
CA VAL A 91 -0.48 6.16 13.63
C VAL A 91 -0.19 6.39 12.15
N GLN A 92 -0.95 5.74 11.27
CA GLN A 92 -0.74 5.85 9.84
C GLN A 92 -1.17 7.23 9.31
N GLN A 93 -2.19 7.82 9.93
CA GLN A 93 -2.67 9.13 9.48
C GLN A 93 -1.79 10.25 10.00
N HIS A 94 -1.12 10.01 11.13
CA HIS A 94 -0.25 11.03 11.71
C HIS A 94 1.05 11.12 10.94
N PHE A 95 1.56 9.97 10.51
CA PHE A 95 2.81 9.93 9.75
C PHE A 95 2.55 10.26 8.29
N GLN A 96 1.27 10.22 7.90
CA GLN A 96 0.86 10.50 6.52
C GLN A 96 1.14 11.97 6.18
N SER A 97 1.23 12.79 7.22
CA SER A 97 1.50 14.21 7.04
C SER A 97 2.93 14.42 6.52
N CYS A 98 3.78 13.41 6.71
CA CYS A 98 5.15 13.47 6.26
C CYS A 98 5.32 12.64 4.98
N GLY A 99 4.77 11.43 5.01
CA GLY A 99 4.85 10.56 3.86
C GLY A 99 3.60 9.73 3.71
N THR A 100 3.18 9.52 2.46
CA THR A 100 1.99 8.74 2.17
C THR A 100 2.14 7.30 2.65
N VAL A 101 1.02 6.69 3.04
CA VAL A 101 1.00 5.32 3.53
C VAL A 101 0.16 4.43 2.62
N ASN A 102 0.71 3.29 2.23
CA ASN A 102 0.01 2.34 1.38
C ASN A 102 -0.59 1.23 2.23
N ARG A 103 0.21 0.71 3.15
CA ARG A 103 -0.23 -0.35 4.03
C ARG A 103 0.36 -0.14 5.42
N VAL A 104 -0.34 -0.60 6.44
CA VAL A 104 0.13 -0.46 7.81
C VAL A 104 -0.30 -1.67 8.63
N THR A 105 0.63 -2.28 9.34
CA THR A 105 0.33 -3.44 10.16
C THR A 105 0.68 -3.15 11.61
N ILE A 106 -0.30 -3.36 12.51
CA ILE A 106 -0.09 -3.12 13.93
C ILE A 106 -0.13 -4.44 14.69
N LEU A 107 0.66 -4.52 15.74
CA LEU A 107 0.73 -5.71 16.57
C LEU A 107 0.62 -5.33 18.05
N THR A 108 -0.23 -6.04 18.78
CA THR A 108 -0.41 -5.79 20.19
C THR A 108 0.44 -6.77 21.00
N ASP A 109 1.34 -6.25 21.82
CA ASP A 109 2.20 -7.10 22.65
C ASP A 109 1.53 -7.42 23.97
N LYS A 110 1.61 -8.67 24.40
CA LYS A 110 1.01 -9.10 25.65
C LYS A 110 2.08 -9.70 26.57
N PHE A 111 3.33 -9.34 26.33
CA PHE A 111 4.44 -9.85 27.13
C PHE A 111 4.88 -8.78 28.13
N GLY A 112 4.29 -7.61 28.03
CA GLY A 112 4.63 -6.51 28.92
C GLY A 112 5.34 -5.38 28.22
N GLN A 113 5.51 -5.51 26.90
CA GLN A 113 6.16 -4.48 26.13
C GLN A 113 5.12 -3.48 25.64
N PRO A 114 5.52 -2.22 25.37
CA PRO A 114 4.58 -1.21 24.88
C PRO A 114 3.87 -1.70 23.62
N LYS A 115 2.54 -1.75 23.67
CA LYS A 115 1.76 -2.21 22.53
C LYS A 115 1.70 -1.12 21.49
N GLY A 116 1.09 -1.41 20.35
CA GLY A 116 0.97 -0.41 19.31
C GLY A 116 2.08 -0.53 18.28
N PHE A 117 2.89 -1.59 18.41
CA PHE A 117 3.99 -1.83 17.49
C PHE A 117 3.46 -1.95 16.07
N ALA A 118 3.65 -0.90 15.28
CA ALA A 118 3.17 -0.90 13.92
C ALA A 118 4.25 -0.43 12.95
N TYR A 119 3.93 -0.45 11.67
CA TYR A 119 4.84 -0.02 10.64
C TYR A 119 4.04 0.35 9.39
N VAL A 120 4.45 1.42 8.73
CA VAL A 120 3.79 1.85 7.51
C VAL A 120 4.75 1.68 6.33
N GLU A 121 4.20 1.28 5.19
CA GLU A 121 5.01 1.07 4.00
C GLU A 121 4.41 1.81 2.80
N PHE A 122 5.26 2.22 1.88
CA PHE A 122 4.84 2.93 0.68
C PHE A 122 5.81 2.68 -0.47
N VAL A 123 5.41 3.07 -1.67
CA VAL A 123 6.24 2.87 -2.85
C VAL A 123 7.29 3.98 -2.99
N GLU A 124 6.82 5.23 -2.98
CA GLU A 124 7.70 6.38 -3.13
C GLU A 124 8.73 6.45 -2.00
N ILE A 125 10.00 6.54 -2.38
CA ILE A 125 11.09 6.61 -1.42
C ILE A 125 11.08 7.97 -0.75
N ASP A 126 10.68 8.99 -1.51
CA ASP A 126 10.61 10.36 -1.00
C ASP A 126 9.65 10.44 0.18
N ALA A 127 8.55 9.70 0.09
CA ALA A 127 7.54 9.68 1.14
C ALA A 127 8.09 9.11 2.44
N VAL A 128 8.64 7.90 2.38
CA VAL A 128 9.20 7.26 3.55
C VAL A 128 10.42 8.06 4.05
N GLN A 129 11.10 8.75 3.13
CA GLN A 129 12.26 9.56 3.49
C GLN A 129 11.84 10.68 4.45
N ASN A 130 10.74 11.36 4.12
CA ASN A 130 10.24 12.43 4.97
C ASN A 130 9.74 11.85 6.28
N ALA A 131 9.24 10.62 6.20
CA ALA A 131 8.72 9.94 7.37
C ALA A 131 9.86 9.60 8.35
N LEU A 132 10.91 8.97 7.86
CA LEU A 132 12.04 8.61 8.71
C LEU A 132 12.76 9.87 9.21
N LEU A 133 12.57 10.96 8.49
CA LEU A 133 13.17 12.24 8.86
C LEU A 133 12.41 12.86 10.02
N LEU A 134 11.10 12.96 9.87
CA LEU A 134 10.25 13.54 10.90
C LEU A 134 9.13 12.56 11.28
N ASN A 135 9.32 11.85 12.38
CA ASN A 135 8.32 10.88 12.82
C ASN A 135 8.26 10.79 14.34
N GLU A 136 9.31 10.24 14.94
CA GLU A 136 9.37 10.09 16.38
C GLU A 136 9.52 11.44 17.07
N THR A 137 8.42 11.93 17.62
CA THR A 137 8.41 13.20 18.33
C THR A 137 7.32 13.19 19.39
N GLU A 138 6.09 12.97 18.96
CA GLU A 138 4.95 12.94 19.88
C GLU A 138 3.78 12.20 19.23
N LEU A 139 3.32 11.15 19.90
CA LEU A 139 2.20 10.35 19.42
C LEU A 139 1.35 9.89 20.59
N HIS A 140 0.11 10.37 20.65
CA HIS A 140 -0.81 10.01 21.73
C HIS A 140 -0.31 10.56 23.07
N GLY A 141 0.66 11.45 23.01
CA GLY A 141 1.23 12.02 24.21
C GLY A 141 2.49 11.29 24.63
N ARG A 142 2.86 10.28 23.87
CA ARG A 142 4.07 9.51 24.17
C ARG A 142 5.10 9.67 23.07
N GLN A 143 6.35 9.40 23.39
CA GLN A 143 7.42 9.49 22.42
C GLN A 143 7.84 8.08 22.01
N LEU A 144 7.69 7.79 20.72
CA LEU A 144 8.04 6.46 20.20
C LEU A 144 9.37 6.50 19.47
N LYS A 145 9.82 5.33 19.01
CA LYS A 145 11.06 5.22 18.28
C LYS A 145 10.75 4.75 16.86
N VAL A 146 11.15 5.53 15.86
CA VAL A 146 10.90 5.16 14.48
C VAL A 146 12.21 4.91 13.73
N SER A 147 12.36 3.69 13.24
CA SER A 147 13.55 3.32 12.50
C SER A 147 13.18 2.86 11.11
N ALA A 148 13.97 3.25 10.12
CA ALA A 148 13.72 2.87 8.74
C ALA A 148 13.73 1.35 8.63
N LYS A 149 12.73 0.79 7.97
CA LYS A 149 12.63 -0.64 7.81
C LYS A 149 13.28 -1.07 6.50
N ARG A 150 14.60 -1.12 6.51
CA ARG A 150 15.35 -1.51 5.35
C ARG A 150 15.60 -3.01 5.40
N THR A 151 14.72 -3.76 4.76
CA THR A 151 14.82 -5.20 4.71
C THR A 151 15.97 -5.60 3.78
N ASN A 152 16.80 -6.51 4.22
CA ASN A 152 17.94 -6.96 3.44
C ASN A 152 18.60 -8.16 4.13
N ILE A 153 19.43 -8.86 3.38
CA ILE A 153 20.14 -10.01 3.92
C ILE A 153 21.23 -9.56 4.89
N PRO A 154 21.46 -10.33 5.96
CA PRO A 154 22.49 -10.01 6.96
C PRO A 154 23.90 -10.30 6.46
N GLY A 155 24.29 -9.65 5.38
CA GLY A 155 25.60 -9.84 4.82
C GLY A 155 25.82 -8.97 3.60
N MET A 1 9.83 93.62 -50.58
CA MET A 1 8.47 93.38 -50.07
C MET A 1 8.50 92.36 -48.94
N GLY A 2 7.55 92.48 -48.02
CA GLY A 2 7.50 91.55 -46.90
C GLY A 2 6.17 90.83 -46.81
N SER A 3 6.22 89.51 -46.84
CA SER A 3 5.01 88.70 -46.77
C SER A 3 4.96 87.96 -45.43
N SER A 4 3.80 87.97 -44.79
CA SER A 4 3.64 87.29 -43.51
C SER A 4 3.09 85.88 -43.69
N HIS A 5 3.17 85.09 -42.64
CA HIS A 5 2.69 83.72 -42.67
C HIS A 5 2.18 83.30 -41.29
N HIS A 6 1.22 82.40 -41.28
CA HIS A 6 0.65 81.91 -40.03
C HIS A 6 0.42 80.41 -40.14
N HIS A 7 0.67 79.69 -39.05
CA HIS A 7 0.49 78.24 -39.03
C HIS A 7 -0.16 77.80 -37.73
N HIS A 8 -0.65 76.56 -37.71
CA HIS A 8 -1.28 75.99 -36.53
C HIS A 8 -0.96 74.51 -36.43
N HIS A 9 -0.95 73.99 -35.21
CA HIS A 9 -0.66 72.58 -34.97
C HIS A 9 -1.41 72.11 -33.74
N HIS A 10 -1.68 70.82 -33.67
CA HIS A 10 -2.40 70.25 -32.54
C HIS A 10 -1.72 68.96 -32.08
N SER A 11 -2.21 68.38 -30.99
CA SER A 11 -1.63 67.15 -30.45
C SER A 11 -2.69 66.33 -29.72
N SER A 12 -2.64 65.03 -29.89
CA SER A 12 -3.59 64.14 -29.24
C SER A 12 -2.85 63.04 -28.48
N GLY A 13 -3.33 62.73 -27.28
CA GLY A 13 -2.71 61.70 -26.48
C GLY A 13 -3.74 61.04 -25.57
N LEU A 14 -3.63 59.73 -25.41
CA LEU A 14 -4.57 59.00 -24.57
C LEU A 14 -3.83 58.14 -23.56
N VAL A 15 -4.57 57.71 -22.55
CA VAL A 15 -4.01 56.87 -21.49
C VAL A 15 -4.89 55.63 -21.28
N PRO A 16 -4.45 54.48 -21.79
CA PRO A 16 -5.20 53.23 -21.63
C PRO A 16 -4.94 52.56 -20.29
N ARG A 17 -5.86 51.71 -19.88
CA ARG A 17 -5.73 50.99 -18.62
C ARG A 17 -6.16 49.54 -18.79
N GLY A 18 -5.33 48.63 -18.29
CA GLY A 18 -5.63 47.22 -18.41
C GLY A 18 -4.82 46.37 -17.46
N SER A 19 -5.46 45.87 -16.42
CA SER A 19 -4.78 45.03 -15.44
C SER A 19 -4.78 43.56 -15.90
N HIS A 20 -3.69 42.88 -15.62
CA HIS A 20 -3.56 41.47 -16.01
C HIS A 20 -3.54 40.60 -14.77
N MET A 21 -4.39 39.58 -14.74
CA MET A 21 -4.46 38.69 -13.58
C MET A 21 -4.95 37.31 -14.00
N GLY A 22 -4.57 36.30 -13.22
CA GLY A 22 -4.98 34.94 -13.49
C GLY A 22 -5.78 34.37 -12.34
N SER A 23 -6.48 33.28 -12.61
CA SER A 23 -7.30 32.63 -11.59
C SER A 23 -7.28 31.11 -11.80
N ASP A 24 -7.86 30.37 -10.86
CA ASP A 24 -7.91 28.91 -10.97
C ASP A 24 -9.34 28.45 -11.21
N LEU A 25 -9.51 27.16 -11.41
CA LEU A 25 -10.84 26.59 -11.67
C LEU A 25 -11.08 25.37 -10.78
N GLU A 26 -12.22 24.73 -10.98
CA GLU A 26 -12.60 23.56 -10.19
C GLU A 26 -11.77 22.35 -10.60
N ASP A 27 -11.59 21.42 -9.68
CA ASP A 27 -10.82 20.21 -9.95
C ASP A 27 -11.72 18.99 -9.92
N MET A 28 -11.21 17.87 -10.41
CA MET A 28 -11.98 16.63 -10.46
C MET A 28 -11.50 15.63 -9.41
N LYS A 29 -12.43 15.10 -8.64
CA LYS A 29 -12.12 14.14 -7.59
C LYS A 29 -11.65 12.82 -8.19
N LYS A 30 -10.92 12.04 -7.39
CA LYS A 30 -10.39 10.76 -7.84
C LYS A 30 -10.87 9.62 -6.94
N ARG A 31 -10.86 8.41 -7.48
CA ARG A 31 -11.28 7.24 -6.73
C ARG A 31 -10.29 6.10 -6.99
N LEU A 32 -9.99 5.32 -5.96
CA LEU A 32 -9.07 4.20 -6.09
C LEU A 32 -9.84 2.89 -6.09
N LYS A 33 -9.19 1.81 -6.53
CA LYS A 33 -9.82 0.50 -6.57
C LYS A 33 -8.97 -0.51 -5.80
N GLU A 34 -9.58 -1.63 -5.42
CA GLU A 34 -8.89 -2.65 -4.64
C GLU A 34 -8.42 -3.80 -5.53
N ILE A 35 -7.72 -4.76 -4.91
CA ILE A 35 -7.19 -5.92 -5.63
C ILE A 35 -8.29 -6.91 -5.98
N GLU A 36 -8.02 -7.71 -6.99
CA GLU A 36 -8.98 -8.71 -7.45
C GLU A 36 -8.41 -10.12 -7.30
N GLU A 37 -9.02 -11.06 -8.00
CA GLU A 37 -8.60 -12.46 -7.96
C GLU A 37 -7.30 -12.69 -8.74
N GLU A 38 -6.63 -13.79 -8.42
CA GLU A 38 -5.38 -14.16 -9.07
C GLU A 38 -5.29 -15.68 -9.20
N ALA A 39 -4.28 -16.29 -8.59
CA ALA A 39 -4.08 -17.74 -8.63
C ALA A 39 -4.03 -18.29 -10.05
N GLY A 40 -2.86 -18.18 -10.67
CA GLY A 40 -2.70 -18.68 -12.02
C GLY A 40 -2.48 -20.18 -12.06
N ALA A 41 -3.19 -20.84 -12.96
CA ALA A 41 -3.09 -22.29 -13.09
C ALA A 41 -2.16 -22.66 -14.25
N LEU A 42 -1.92 -23.95 -14.41
CA LEU A 42 -1.06 -24.43 -15.48
C LEU A 42 -1.82 -24.46 -16.80
N ARG A 43 -1.86 -23.32 -17.47
CA ARG A 43 -2.54 -23.19 -18.75
C ARG A 43 -1.81 -22.18 -19.62
N GLU A 44 -1.82 -22.41 -20.93
CA GLU A 44 -1.16 -21.51 -21.89
C GLU A 44 -2.00 -20.26 -22.13
N MET A 45 -2.58 -19.74 -21.06
CA MET A 45 -3.41 -18.55 -21.15
C MET A 45 -2.57 -17.30 -20.88
N GLN A 46 -1.27 -17.50 -20.75
CA GLN A 46 -0.34 -16.41 -20.49
C GLN A 46 -0.30 -15.43 -21.66
N ALA A 47 -0.65 -15.91 -22.85
CA ALA A 47 -0.65 -15.09 -24.05
C ALA A 47 -1.73 -14.01 -23.97
N LYS A 48 -2.67 -14.19 -23.06
CA LYS A 48 -3.77 -13.25 -22.87
C LYS A 48 -3.25 -11.97 -22.21
N VAL A 49 -2.01 -12.00 -21.75
CA VAL A 49 -1.38 -10.85 -21.10
C VAL A 49 -1.33 -9.65 -22.06
N GLU A 50 -1.36 -9.93 -23.36
CA GLU A 50 -1.32 -8.87 -24.36
C GLU A 50 -2.58 -8.01 -24.28
N LYS A 51 -3.62 -8.57 -23.69
CA LYS A 51 -4.87 -7.86 -23.52
C LYS A 51 -5.03 -7.37 -22.09
N GLU A 52 -4.63 -8.22 -21.14
CA GLU A 52 -4.71 -7.89 -19.73
C GLU A 52 -3.67 -6.86 -19.33
N MET A 53 -2.80 -6.49 -20.25
CA MET A 53 -1.78 -5.48 -19.99
C MET A 53 -2.45 -4.13 -19.75
N GLY A 54 -3.62 -3.95 -20.37
CA GLY A 54 -4.36 -2.72 -20.20
C GLY A 54 -5.31 -2.83 -19.02
N ALA A 55 -5.24 -3.96 -18.34
CA ALA A 55 -6.08 -4.22 -17.18
C ALA A 55 -5.24 -4.73 -16.02
N VAL A 56 -3.96 -4.34 -16.01
CA VAL A 56 -3.03 -4.75 -14.97
C VAL A 56 -3.46 -4.24 -13.60
N GLN A 57 -4.26 -3.18 -13.60
CA GLN A 57 -4.75 -2.60 -12.34
C GLN A 57 -5.81 -3.52 -11.73
N ASP A 58 -6.21 -4.52 -12.51
CA ASP A 58 -7.22 -5.47 -12.07
C ASP A 58 -6.67 -6.88 -12.08
N SER A 59 -6.25 -7.34 -13.25
CA SER A 59 -5.70 -8.68 -13.43
C SER A 59 -4.33 -8.82 -12.76
N SER A 60 -3.30 -8.27 -13.39
CA SER A 60 -1.94 -8.35 -12.88
C SER A 60 -1.72 -7.34 -11.75
N SER A 61 -2.70 -7.20 -10.88
CA SER A 61 -2.64 -6.27 -9.77
C SER A 61 -1.81 -6.86 -8.64
N THR A 62 -1.89 -8.18 -8.51
CA THR A 62 -1.16 -8.91 -7.48
C THR A 62 0.34 -8.89 -7.75
N SER A 63 0.70 -8.64 -9.00
CA SER A 63 2.10 -8.60 -9.40
C SER A 63 2.85 -7.50 -8.67
N ALA A 64 2.12 -6.47 -8.23
CA ALA A 64 2.73 -5.37 -7.51
C ALA A 64 3.19 -5.81 -6.12
N THR A 65 2.47 -6.77 -5.55
CA THR A 65 2.79 -7.28 -4.22
C THR A 65 3.98 -8.25 -4.26
N GLN A 66 4.50 -8.50 -5.46
CA GLN A 66 5.65 -9.40 -5.57
C GLN A 66 6.84 -8.69 -6.23
N ALA A 67 6.56 -7.73 -7.11
CA ALA A 67 7.63 -7.00 -7.78
C ALA A 67 7.86 -5.65 -7.13
N GLU A 68 6.83 -4.83 -7.06
CA GLU A 68 6.94 -3.50 -6.47
C GLU A 68 7.10 -3.59 -4.96
N LYS A 69 6.68 -4.71 -4.38
CA LYS A 69 6.80 -4.91 -2.94
C LYS A 69 8.25 -4.91 -2.52
N GLU A 70 9.14 -5.25 -3.45
CA GLU A 70 10.56 -5.27 -3.18
C GLU A 70 11.03 -3.86 -2.84
N GLU A 71 10.27 -2.88 -3.30
CA GLU A 71 10.56 -1.49 -3.06
C GLU A 71 9.77 -1.00 -1.84
N VAL A 72 8.49 -1.35 -1.80
CA VAL A 72 7.60 -0.95 -0.70
C VAL A 72 8.08 -1.50 0.64
N ASP A 73 8.51 -2.76 0.65
CA ASP A 73 8.99 -3.40 1.88
C ASP A 73 10.30 -2.77 2.35
N SER A 74 10.99 -2.13 1.41
CA SER A 74 12.27 -1.49 1.69
C SER A 74 12.05 0.01 1.89
N ARG A 75 10.80 0.44 1.69
CA ARG A 75 10.43 1.84 1.83
C ARG A 75 9.42 1.99 2.97
N SER A 76 9.65 1.27 4.05
CA SER A 76 8.78 1.33 5.21
C SER A 76 9.55 1.82 6.43
N ILE A 77 8.83 2.09 7.51
CA ILE A 77 9.45 2.54 8.75
C ILE A 77 8.99 1.68 9.92
N TYR A 78 9.92 1.34 10.78
CA TYR A 78 9.62 0.51 11.95
C TYR A 78 9.31 1.40 13.14
N VAL A 79 8.09 1.31 13.64
CA VAL A 79 7.66 2.12 14.77
C VAL A 79 7.59 1.28 16.05
N GLY A 80 8.45 1.60 17.00
CA GLY A 80 8.48 0.87 18.26
C GLY A 80 8.27 1.79 19.44
N ASN A 81 8.09 1.22 20.63
CA ASN A 81 7.87 2.01 21.85
C ASN A 81 6.65 2.90 21.71
N VAL A 82 5.61 2.37 21.10
CA VAL A 82 4.38 3.10 20.88
C VAL A 82 3.50 3.06 22.12
N ASP A 83 2.50 3.93 22.17
CA ASP A 83 1.58 3.97 23.31
C ASP A 83 0.75 2.70 23.35
N TYR A 84 0.52 2.19 24.55
CA TYR A 84 -0.25 0.97 24.73
C TYR A 84 -1.73 1.17 24.36
N ALA A 85 -2.13 2.42 24.19
CA ALA A 85 -3.51 2.72 23.84
C ALA A 85 -3.62 3.32 22.43
N CYS A 86 -2.55 3.19 21.66
CA CYS A 86 -2.52 3.71 20.30
C CYS A 86 -3.21 2.78 19.30
N THR A 87 -3.77 3.37 18.26
CA THR A 87 -4.46 2.62 17.22
C THR A 87 -3.73 2.79 15.89
N PRO A 88 -3.88 1.83 14.96
CA PRO A 88 -3.19 1.89 13.66
C PRO A 88 -3.56 3.12 12.84
N GLU A 89 -4.81 3.55 12.96
CA GLU A 89 -5.31 4.71 12.21
C GLU A 89 -4.57 5.98 12.61
N GLU A 90 -4.52 6.25 13.91
CA GLU A 90 -3.86 7.46 14.41
C GLU A 90 -2.37 7.46 14.05
N VAL A 91 -1.80 6.27 13.92
CA VAL A 91 -0.39 6.12 13.60
C VAL A 91 -0.14 6.38 12.12
N GLN A 92 -0.93 5.75 11.26
CA GLN A 92 -0.75 5.89 9.82
C GLN A 92 -1.12 7.29 9.35
N GLN A 93 -2.10 7.91 10.00
CA GLN A 93 -2.53 9.25 9.59
C GLN A 93 -1.60 10.31 10.16
N HIS A 94 -0.95 10.01 11.27
CA HIS A 94 -0.04 10.95 11.91
C HIS A 94 1.23 11.10 11.08
N PHE A 95 1.70 9.98 10.53
CA PHE A 95 2.91 9.98 9.72
C PHE A 95 2.59 10.26 8.26
N GLN A 96 1.30 10.17 7.92
CA GLN A 96 0.86 10.41 6.54
C GLN A 96 1.13 11.85 6.13
N SER A 97 1.28 12.73 7.12
CA SER A 97 1.56 14.13 6.85
C SER A 97 3.00 14.31 6.37
N CYS A 98 3.85 13.34 6.70
CA CYS A 98 5.25 13.37 6.28
C CYS A 98 5.42 12.54 5.01
N GLY A 99 4.81 11.37 5.00
CA GLY A 99 4.89 10.51 3.86
C GLY A 99 3.61 9.71 3.69
N THR A 100 3.17 9.56 2.45
CA THR A 100 1.95 8.82 2.15
C THR A 100 2.10 7.35 2.56
N VAL A 101 1.01 6.78 3.06
CA VAL A 101 1.01 5.39 3.51
C VAL A 101 0.22 4.51 2.53
N ASN A 102 0.81 3.37 2.16
CA ASN A 102 0.14 2.42 1.26
C ASN A 102 -0.58 1.37 2.08
N ARG A 103 0.07 0.93 3.14
CA ARG A 103 -0.49 -0.07 4.03
C ARG A 103 0.18 0.03 5.40
N VAL A 104 -0.48 -0.48 6.42
CA VAL A 104 0.05 -0.44 7.77
C VAL A 104 -0.40 -1.66 8.58
N THR A 105 0.52 -2.25 9.32
CA THR A 105 0.21 -3.40 10.13
C THR A 105 0.55 -3.13 11.59
N ILE A 106 -0.39 -3.42 12.48
CA ILE A 106 -0.18 -3.19 13.91
C ILE A 106 -0.27 -4.51 14.67
N LEU A 107 0.52 -4.64 15.74
CA LEU A 107 0.51 -5.84 16.56
C LEU A 107 0.51 -5.47 18.03
N THR A 108 -0.43 -6.04 18.77
CA THR A 108 -0.55 -5.78 20.19
C THR A 108 0.32 -6.75 20.99
N ASP A 109 1.22 -6.23 21.82
CA ASP A 109 2.08 -7.08 22.62
C ASP A 109 1.41 -7.46 23.92
N LYS A 110 1.55 -8.72 24.30
CA LYS A 110 0.95 -9.22 25.53
C LYS A 110 2.03 -9.79 26.46
N PHE A 111 3.28 -9.43 26.21
CA PHE A 111 4.38 -9.91 27.03
C PHE A 111 4.82 -8.85 28.03
N GLY A 112 4.17 -7.70 27.98
CA GLY A 112 4.50 -6.63 28.89
C GLY A 112 5.27 -5.51 28.21
N GLN A 113 5.43 -5.61 26.90
CA GLN A 113 6.13 -4.60 26.14
C GLN A 113 5.13 -3.56 25.65
N PRO A 114 5.60 -2.35 25.28
CA PRO A 114 4.71 -1.30 24.79
C PRO A 114 3.92 -1.75 23.56
N LYS A 115 2.61 -1.79 23.68
CA LYS A 115 1.75 -2.21 22.58
C LYS A 115 1.66 -1.07 21.56
N GLY A 116 0.93 -1.29 20.48
CA GLY A 116 0.77 -0.26 19.48
C GLY A 116 1.83 -0.36 18.40
N PHE A 117 2.71 -1.35 18.55
CA PHE A 117 3.78 -1.60 17.59
C PHE A 117 3.20 -1.74 16.18
N ALA A 118 3.65 -0.89 15.28
CA ALA A 118 3.17 -0.90 13.91
C ALA A 118 4.26 -0.42 12.95
N TYR A 119 3.97 -0.48 11.66
CA TYR A 119 4.89 -0.05 10.65
C TYR A 119 4.13 0.29 9.37
N VAL A 120 4.44 1.42 8.76
CA VAL A 120 3.79 1.84 7.54
C VAL A 120 4.74 1.66 6.35
N GLU A 121 4.19 1.37 5.19
CA GLU A 121 5.00 1.16 3.99
C GLU A 121 4.43 1.93 2.80
N PHE A 122 5.28 2.21 1.82
CA PHE A 122 4.84 2.93 0.63
C PHE A 122 5.76 2.63 -0.56
N VAL A 123 5.29 2.98 -1.75
CA VAL A 123 6.02 2.73 -2.99
C VAL A 123 7.09 3.80 -3.25
N GLU A 124 6.72 5.06 -3.07
CA GLU A 124 7.63 6.17 -3.32
C GLU A 124 8.65 6.31 -2.19
N ILE A 125 9.90 6.53 -2.56
CA ILE A 125 10.98 6.68 -1.59
C ILE A 125 10.91 8.04 -0.91
N ASP A 126 10.50 9.05 -1.66
CA ASP A 126 10.38 10.40 -1.13
C ASP A 126 9.46 10.43 0.09
N ALA A 127 8.39 9.65 0.04
CA ALA A 127 7.43 9.58 1.13
C ALA A 127 8.09 9.08 2.41
N VAL A 128 8.69 7.90 2.35
CA VAL A 128 9.35 7.32 3.51
C VAL A 128 10.57 8.14 3.92
N GLN A 129 11.20 8.80 2.94
CA GLN A 129 12.37 9.63 3.19
C GLN A 129 12.03 10.77 4.14
N ASN A 130 10.85 11.35 3.98
CA ASN A 130 10.41 12.44 4.84
C ASN A 130 9.91 11.87 6.17
N ALA A 131 9.37 10.66 6.10
CA ALA A 131 8.84 9.98 7.28
C ALA A 131 9.96 9.62 8.25
N LEU A 132 11.01 8.97 7.76
CA LEU A 132 12.13 8.58 8.60
C LEU A 132 12.87 9.80 9.13
N LEU A 133 12.61 10.95 8.50
CA LEU A 133 13.24 12.19 8.92
C LEU A 133 12.45 12.81 10.06
N LEU A 134 11.15 12.97 9.85
CA LEU A 134 10.27 13.55 10.87
C LEU A 134 9.18 12.55 11.22
N ASN A 135 9.32 11.87 12.35
CA ASN A 135 8.33 10.89 12.77
C ASN A 135 8.21 10.83 14.29
N GLU A 136 9.24 10.31 14.94
CA GLU A 136 9.23 10.17 16.39
C GLU A 136 9.36 11.54 17.07
N THR A 137 8.24 12.01 17.62
CA THR A 137 8.20 13.26 18.34
C THR A 137 7.17 13.18 19.45
N GLU A 138 5.93 12.89 19.08
CA GLU A 138 4.85 12.77 20.06
C GLU A 138 3.69 12.00 19.44
N LEU A 139 3.23 10.95 20.13
CA LEU A 139 2.13 10.14 19.66
C LEU A 139 1.27 9.71 20.84
N HIS A 140 0.03 10.23 20.91
CA HIS A 140 -0.90 9.90 21.98
C HIS A 140 -0.36 10.35 23.34
N GLY A 141 0.50 11.35 23.32
CA GLY A 141 1.08 11.86 24.55
C GLY A 141 2.33 11.10 24.94
N ARG A 142 2.73 10.16 24.09
CA ARG A 142 3.91 9.34 24.34
C ARG A 142 4.96 9.60 23.27
N GLN A 143 6.15 9.08 23.47
CA GLN A 143 7.22 9.25 22.50
C GLN A 143 7.69 7.88 22.02
N LEU A 144 7.52 7.60 20.73
CA LEU A 144 7.90 6.32 20.17
C LEU A 144 9.25 6.41 19.46
N LYS A 145 9.72 5.26 19.00
CA LYS A 145 10.99 5.17 18.29
C LYS A 145 10.74 4.70 16.86
N VAL A 146 11.18 5.49 15.89
CA VAL A 146 10.98 5.16 14.48
C VAL A 146 12.32 5.03 13.77
N SER A 147 12.44 4.01 12.93
CA SER A 147 13.66 3.78 12.16
C SER A 147 13.31 3.22 10.79
N ALA A 148 14.13 3.53 9.79
CA ALA A 148 13.89 3.06 8.43
C ALA A 148 13.93 1.54 8.36
N LYS A 149 12.86 0.94 7.86
CA LYS A 149 12.77 -0.51 7.74
C LYS A 149 13.37 -0.95 6.41
N ARG A 150 14.70 -0.90 6.34
CA ARG A 150 15.40 -1.29 5.13
C ARG A 150 15.60 -2.80 5.10
N THR A 151 14.71 -3.49 4.40
CA THR A 151 14.81 -4.93 4.27
C THR A 151 15.77 -5.26 3.13
N ASN A 152 16.80 -6.04 3.42
CA ASN A 152 17.79 -6.41 2.42
C ASN A 152 18.69 -7.51 2.96
N ILE A 153 19.24 -8.30 2.05
CA ILE A 153 20.13 -9.39 2.42
C ILE A 153 21.51 -8.82 2.76
N PRO A 154 22.27 -9.49 3.65
CA PRO A 154 23.61 -9.04 4.03
C PRO A 154 24.59 -9.07 2.87
N GLY A 155 24.95 -7.90 2.38
CA GLY A 155 25.88 -7.81 1.27
C GLY A 155 26.94 -6.77 1.53
N MET A 1 -52.40 -70.51 -33.89
CA MET A 1 -51.89 -69.31 -34.58
C MET A 1 -51.34 -68.31 -33.59
N GLY A 2 -50.29 -67.59 -33.98
CA GLY A 2 -49.68 -66.61 -33.11
C GLY A 2 -48.28 -66.28 -33.56
N SER A 3 -47.79 -65.11 -33.18
CA SER A 3 -46.45 -64.67 -33.56
C SER A 3 -45.75 -63.97 -32.39
N SER A 4 -44.47 -64.28 -32.20
CA SER A 4 -43.68 -63.68 -31.13
C SER A 4 -42.36 -63.13 -31.68
N HIS A 5 -41.88 -62.03 -31.10
CA HIS A 5 -40.64 -61.41 -31.53
C HIS A 5 -40.20 -60.35 -30.52
N HIS A 6 -38.93 -60.37 -30.15
CA HIS A 6 -38.39 -59.42 -29.19
C HIS A 6 -36.86 -59.35 -29.27
N HIS A 7 -36.36 -58.30 -29.92
CA HIS A 7 -34.92 -58.09 -30.07
C HIS A 7 -34.65 -56.68 -30.59
N HIS A 8 -33.48 -56.13 -30.26
CA HIS A 8 -33.10 -54.80 -30.70
C HIS A 8 -31.60 -54.58 -30.52
N HIS A 9 -30.98 -53.91 -31.48
CA HIS A 9 -29.54 -53.63 -31.42
C HIS A 9 -29.26 -52.16 -31.75
N HIS A 10 -28.29 -51.58 -31.07
CA HIS A 10 -27.91 -50.18 -31.29
C HIS A 10 -26.51 -49.91 -30.74
N SER A 11 -25.63 -49.40 -31.58
CA SER A 11 -24.27 -49.07 -31.17
C SER A 11 -23.86 -47.70 -31.68
N SER A 12 -22.96 -47.03 -30.97
CA SER A 12 -22.50 -45.71 -31.36
C SER A 12 -21.07 -45.46 -30.88
N GLY A 13 -20.41 -44.48 -31.47
CA GLY A 13 -19.05 -44.14 -31.09
C GLY A 13 -18.65 -42.78 -31.61
N LEU A 14 -18.21 -41.90 -30.71
CA LEU A 14 -17.81 -40.56 -31.10
C LEU A 14 -16.52 -40.14 -30.42
N VAL A 15 -15.90 -39.09 -30.93
CA VAL A 15 -14.66 -38.55 -30.37
C VAL A 15 -14.58 -37.04 -30.63
N PRO A 16 -14.41 -36.24 -29.56
CA PRO A 16 -14.34 -34.79 -29.66
C PRO A 16 -13.00 -34.29 -30.21
N ARG A 17 -12.82 -32.98 -30.22
CA ARG A 17 -11.58 -32.37 -30.70
C ARG A 17 -11.45 -30.93 -30.20
N GLY A 18 -10.23 -30.52 -29.94
CA GLY A 18 -9.98 -29.16 -29.46
C GLY A 18 -9.33 -28.31 -30.52
N SER A 19 -8.77 -27.18 -30.12
CA SER A 19 -8.10 -26.27 -31.05
C SER A 19 -7.00 -25.49 -30.34
N HIS A 20 -6.04 -24.97 -31.09
CA HIS A 20 -4.94 -24.22 -30.51
C HIS A 20 -4.48 -23.10 -31.46
N MET A 21 -4.36 -21.90 -30.92
CA MET A 21 -3.92 -20.74 -31.69
C MET A 21 -3.49 -19.65 -30.73
N GLY A 22 -2.51 -18.85 -31.13
CA GLY A 22 -2.04 -17.78 -30.28
C GLY A 22 -1.15 -16.80 -31.01
N SER A 23 -1.55 -15.54 -31.00
CA SER A 23 -0.79 -14.49 -31.65
C SER A 23 -0.82 -13.25 -30.76
N ASP A 24 0.18 -13.11 -29.92
CA ASP A 24 0.26 -12.00 -28.98
C ASP A 24 1.03 -10.82 -29.57
N LEU A 25 1.10 -9.75 -28.78
CA LEU A 25 1.81 -8.53 -29.16
C LEU A 25 2.63 -8.05 -27.97
N GLU A 26 3.64 -7.23 -28.21
CA GLU A 26 4.48 -6.75 -27.13
C GLU A 26 4.31 -5.25 -26.93
N ASP A 27 3.82 -4.88 -25.75
CA ASP A 27 3.59 -3.48 -25.40
C ASP A 27 3.70 -3.31 -23.88
N MET A 28 4.08 -2.12 -23.44
CA MET A 28 4.22 -1.84 -22.02
C MET A 28 3.27 -0.73 -21.60
N LYS A 29 2.93 -0.68 -20.32
CA LYS A 29 1.99 0.30 -19.80
C LYS A 29 2.51 0.95 -18.52
N LYS A 30 1.81 1.99 -18.06
CA LYS A 30 2.20 2.70 -16.85
C LYS A 30 1.27 2.35 -15.69
N ARG A 31 0.43 1.35 -15.91
CA ARG A 31 -0.53 0.92 -14.90
C ARG A 31 -0.02 -0.34 -14.19
N LEU A 32 0.31 -0.21 -12.92
CA LEU A 32 0.80 -1.33 -12.12
C LEU A 32 0.86 -0.94 -10.64
N LYS A 33 -0.07 -0.10 -10.22
CA LYS A 33 -0.12 0.36 -8.83
C LYS A 33 -1.48 1.00 -8.55
N GLU A 34 -2.51 0.41 -9.13
CA GLU A 34 -3.85 0.93 -8.97
C GLU A 34 -4.54 0.39 -7.73
N ILE A 35 -4.98 -0.88 -7.78
CA ILE A 35 -5.65 -1.51 -6.66
C ILE A 35 -5.22 -2.96 -6.50
N GLU A 36 -5.72 -3.62 -5.46
CA GLU A 36 -5.41 -5.03 -5.22
C GLU A 36 -6.71 -5.82 -5.10
N GLU A 37 -6.94 -6.71 -6.05
CA GLU A 37 -8.16 -7.51 -6.05
C GLU A 37 -7.86 -9.01 -6.08
N GLU A 38 -7.49 -9.49 -7.26
CA GLU A 38 -7.19 -10.91 -7.45
C GLU A 38 -5.86 -11.28 -6.79
N ALA A 39 -5.74 -12.53 -6.36
CA ALA A 39 -4.53 -13.01 -5.73
C ALA A 39 -3.71 -13.84 -6.72
N GLY A 40 -4.41 -14.57 -7.59
CA GLY A 40 -3.74 -15.39 -8.57
C GLY A 40 -3.34 -16.75 -8.04
N ALA A 41 -2.96 -17.64 -8.94
CA ALA A 41 -2.56 -18.98 -8.56
C ALA A 41 -1.75 -19.62 -9.70
N LEU A 42 -1.29 -20.84 -9.48
CA LEU A 42 -0.51 -21.55 -10.50
C LEU A 42 -1.43 -22.04 -11.62
N ARG A 43 -1.66 -21.20 -12.61
CA ARG A 43 -2.53 -21.55 -13.72
C ARG A 43 -1.90 -21.08 -15.04
N GLU A 44 -2.32 -21.67 -16.14
CA GLU A 44 -1.79 -21.30 -17.46
C GLU A 44 -2.46 -20.04 -17.99
N MET A 45 -2.96 -19.20 -17.09
CA MET A 45 -3.64 -17.97 -17.47
C MET A 45 -2.63 -16.89 -17.80
N GLN A 46 -1.36 -17.24 -17.77
CA GLN A 46 -0.30 -16.29 -18.09
C GLN A 46 -0.30 -15.99 -19.59
N ALA A 47 -0.88 -16.90 -20.36
CA ALA A 47 -0.97 -16.74 -21.81
C ALA A 47 -2.11 -15.78 -22.15
N LYS A 48 -2.97 -15.54 -21.16
CA LYS A 48 -4.12 -14.65 -21.32
C LYS A 48 -3.68 -13.19 -21.27
N VAL A 49 -2.36 -13.00 -21.15
CA VAL A 49 -1.75 -11.68 -21.09
C VAL A 49 -2.14 -10.81 -22.28
N GLU A 50 -2.50 -11.44 -23.40
CA GLU A 50 -2.89 -10.71 -24.59
C GLU A 50 -4.12 -9.85 -24.28
N LYS A 51 -4.95 -10.35 -23.39
CA LYS A 51 -6.16 -9.65 -22.98
C LYS A 51 -6.00 -8.98 -21.63
N GLU A 52 -5.34 -9.67 -20.71
CA GLU A 52 -5.13 -9.16 -19.35
C GLU A 52 -4.23 -7.92 -19.34
N MET A 53 -3.64 -7.58 -20.48
CA MET A 53 -2.77 -6.40 -20.57
C MET A 53 -3.51 -5.14 -20.16
N GLY A 54 -4.81 -5.09 -20.45
CA GLY A 54 -5.60 -3.93 -20.08
C GLY A 54 -6.21 -4.09 -18.71
N ALA A 55 -6.29 -5.34 -18.27
CA ALA A 55 -6.86 -5.68 -16.98
C ALA A 55 -5.77 -5.89 -15.95
N VAL A 56 -4.61 -5.29 -16.18
CA VAL A 56 -3.48 -5.39 -15.25
C VAL A 56 -3.80 -4.73 -13.91
N GLN A 57 -4.92 -4.02 -13.86
CA GLN A 57 -5.35 -3.34 -12.65
C GLN A 57 -6.16 -4.29 -11.77
N ASP A 58 -6.36 -5.50 -12.27
CA ASP A 58 -7.10 -6.53 -11.56
C ASP A 58 -6.34 -7.85 -11.61
N SER A 59 -5.99 -8.26 -12.81
CA SER A 59 -5.27 -9.51 -13.05
C SER A 59 -3.80 -9.43 -12.62
N SER A 60 -3.03 -8.58 -13.28
CA SER A 60 -1.61 -8.44 -12.99
C SER A 60 -1.37 -7.43 -11.88
N SER A 61 -2.41 -7.07 -11.16
CA SER A 61 -2.28 -6.12 -10.08
C SER A 61 -1.59 -6.76 -8.88
N THR A 62 -1.71 -8.08 -8.77
CA THR A 62 -1.08 -8.82 -7.69
C THR A 62 0.44 -8.83 -7.87
N SER A 63 0.86 -8.64 -9.11
CA SER A 63 2.28 -8.64 -9.43
C SER A 63 2.96 -7.47 -8.70
N ALA A 64 2.17 -6.46 -8.34
CA ALA A 64 2.69 -5.31 -7.63
C ALA A 64 3.03 -5.69 -6.20
N THR A 65 2.26 -6.62 -5.64
CA THR A 65 2.48 -7.08 -4.27
C THR A 65 3.68 -8.03 -4.20
N GLN A 66 4.37 -8.18 -5.33
CA GLN A 66 5.54 -9.04 -5.40
C GLN A 66 6.74 -8.26 -5.92
N ALA A 67 6.58 -7.65 -7.10
CA ALA A 67 7.65 -6.87 -7.71
C ALA A 67 7.79 -5.49 -7.08
N GLU A 68 6.70 -4.72 -7.07
CA GLU A 68 6.71 -3.39 -6.50
C GLU A 68 6.91 -3.48 -4.99
N LYS A 69 6.46 -4.59 -4.42
CA LYS A 69 6.59 -4.83 -2.98
C LYS A 69 8.06 -4.83 -2.55
N GLU A 70 8.95 -5.21 -3.47
CA GLU A 70 10.38 -5.25 -3.18
C GLU A 70 10.90 -3.85 -2.84
N GLU A 71 10.19 -2.84 -3.31
CA GLU A 71 10.54 -1.46 -3.05
C GLU A 71 9.76 -0.95 -1.85
N VAL A 72 8.49 -1.35 -1.77
CA VAL A 72 7.61 -0.93 -0.68
C VAL A 72 8.10 -1.43 0.68
N ASP A 73 8.51 -2.69 0.76
CA ASP A 73 8.97 -3.26 2.03
C ASP A 73 10.31 -2.64 2.44
N SER A 74 11.02 -2.12 1.45
CA SER A 74 12.30 -1.49 1.68
C SER A 74 12.10 0.00 1.93
N ARG A 75 10.88 0.44 1.70
CA ARG A 75 10.49 1.84 1.87
C ARG A 75 9.49 1.96 3.01
N SER A 76 9.67 1.14 4.04
CA SER A 76 8.80 1.16 5.20
C SER A 76 9.55 1.68 6.42
N ILE A 77 8.82 1.97 7.49
CA ILE A 77 9.45 2.44 8.72
C ILE A 77 8.96 1.62 9.89
N TYR A 78 9.88 1.25 10.76
CA TYR A 78 9.57 0.45 11.94
C TYR A 78 9.23 1.37 13.11
N VAL A 79 8.03 1.22 13.65
CA VAL A 79 7.59 2.05 14.76
C VAL A 79 7.55 1.24 16.06
N GLY A 80 8.45 1.57 16.98
CA GLY A 80 8.51 0.87 18.24
C GLY A 80 8.28 1.81 19.40
N ASN A 81 8.07 1.25 20.59
CA ASN A 81 7.83 2.03 21.81
C ASN A 81 6.56 2.88 21.68
N VAL A 82 5.58 2.34 20.97
CA VAL A 82 4.31 3.03 20.76
C VAL A 82 3.45 2.99 22.03
N ASP A 83 2.40 3.82 22.07
CA ASP A 83 1.52 3.85 23.23
C ASP A 83 0.65 2.61 23.26
N TYR A 84 0.37 2.14 24.46
CA TYR A 84 -0.44 0.94 24.66
C TYR A 84 -1.88 1.16 24.19
N ALA A 85 -2.31 2.41 24.08
CA ALA A 85 -3.66 2.71 23.66
C ALA A 85 -3.69 3.33 22.27
N CYS A 86 -2.63 3.12 21.50
CA CYS A 86 -2.55 3.66 20.15
C CYS A 86 -3.17 2.72 19.13
N THR A 87 -3.86 3.30 18.15
CA THR A 87 -4.50 2.52 17.10
C THR A 87 -3.74 2.68 15.79
N PRO A 88 -3.85 1.70 14.88
CA PRO A 88 -3.17 1.75 13.58
C PRO A 88 -3.54 2.97 12.75
N GLU A 89 -4.79 3.38 12.87
CA GLU A 89 -5.31 4.51 12.12
C GLU A 89 -4.65 5.82 12.55
N GLU A 90 -4.61 6.09 13.85
CA GLU A 90 -4.01 7.32 14.35
C GLU A 90 -2.51 7.35 14.10
N VAL A 91 -1.93 6.18 13.85
CA VAL A 91 -0.51 6.08 13.60
C VAL A 91 -0.18 6.33 12.13
N GLN A 92 -0.90 5.66 11.24
CA GLN A 92 -0.65 5.80 9.81
C GLN A 92 -1.04 7.18 9.30
N GLN A 93 -2.11 7.75 9.85
CA GLN A 93 -2.57 9.07 9.42
C GLN A 93 -1.65 10.14 9.97
N HIS A 94 -1.03 9.87 11.12
CA HIS A 94 -0.13 10.82 11.75
C HIS A 94 1.16 10.94 10.96
N PHE A 95 1.67 9.81 10.51
CA PHE A 95 2.91 9.78 9.75
C PHE A 95 2.65 10.16 8.29
N GLN A 96 1.37 10.14 7.90
CA GLN A 96 0.98 10.49 6.54
C GLN A 96 1.26 11.96 6.27
N SER A 97 1.42 12.73 7.34
CA SER A 97 1.73 14.14 7.24
C SER A 97 3.12 14.34 6.64
N CYS A 98 3.99 13.37 6.88
CA CYS A 98 5.35 13.42 6.37
C CYS A 98 5.49 12.56 5.11
N GLY A 99 4.90 11.37 5.16
CA GLY A 99 4.97 10.48 4.03
C GLY A 99 3.69 9.69 3.86
N THR A 100 3.26 9.52 2.62
CA THR A 100 2.05 8.78 2.32
C THR A 100 2.16 7.31 2.74
N VAL A 101 1.03 6.73 3.15
CA VAL A 101 1.00 5.35 3.59
C VAL A 101 0.14 4.49 2.67
N ASN A 102 0.66 3.33 2.27
CA ASN A 102 -0.09 2.42 1.40
C ASN A 102 -0.66 1.26 2.22
N ARG A 103 0.16 0.72 3.12
CA ARG A 103 -0.26 -0.39 3.95
C ARG A 103 0.30 -0.21 5.36
N VAL A 104 -0.43 -0.68 6.36
CA VAL A 104 0.01 -0.59 7.74
C VAL A 104 -0.47 -1.81 8.53
N THR A 105 0.41 -2.38 9.33
CA THR A 105 0.07 -3.54 10.14
C THR A 105 0.45 -3.29 11.59
N ILE A 106 -0.50 -3.46 12.49
CA ILE A 106 -0.25 -3.25 13.91
C ILE A 106 -0.34 -4.57 14.68
N LEU A 107 0.44 -4.68 15.73
CA LEU A 107 0.46 -5.88 16.56
C LEU A 107 0.48 -5.49 18.03
N THR A 108 -0.41 -6.09 18.81
CA THR A 108 -0.50 -5.81 20.23
C THR A 108 0.43 -6.77 21.00
N ASP A 109 1.36 -6.22 21.77
CA ASP A 109 2.32 -7.04 22.50
C ASP A 109 1.68 -7.81 23.66
N LYS A 110 1.47 -7.12 24.79
CA LYS A 110 0.85 -7.73 25.99
C LYS A 110 1.80 -8.72 26.66
N PHE A 111 3.09 -8.61 26.38
CA PHE A 111 4.07 -9.50 26.96
C PHE A 111 5.01 -8.72 27.86
N GLY A 112 4.58 -7.54 28.26
CA GLY A 112 5.39 -6.70 29.13
C GLY A 112 6.05 -5.56 28.38
N GLN A 113 5.79 -5.50 27.08
CA GLN A 113 6.34 -4.45 26.24
C GLN A 113 5.22 -3.52 25.79
N PRO A 114 5.56 -2.28 25.40
CA PRO A 114 4.56 -1.31 24.93
C PRO A 114 3.83 -1.84 23.69
N LYS A 115 2.52 -1.78 23.73
CA LYS A 115 1.72 -2.25 22.60
C LYS A 115 1.63 -1.15 21.56
N GLY A 116 0.92 -1.41 20.47
CA GLY A 116 0.77 -0.40 19.45
C GLY A 116 1.84 -0.52 18.37
N PHE A 117 2.69 -1.53 18.50
CA PHE A 117 3.75 -1.77 17.54
C PHE A 117 3.19 -1.87 16.13
N ALA A 118 3.62 -0.98 15.25
CA ALA A 118 3.15 -0.96 13.88
C ALA A 118 4.24 -0.51 12.94
N TYR A 119 3.92 -0.50 11.65
CA TYR A 119 4.84 -0.08 10.62
C TYR A 119 4.07 0.26 9.36
N VAL A 120 4.40 1.38 8.74
CA VAL A 120 3.73 1.79 7.50
C VAL A 120 4.69 1.64 6.34
N GLU A 121 4.14 1.31 5.17
CA GLU A 121 4.96 1.11 3.98
C GLU A 121 4.38 1.87 2.80
N PHE A 122 5.24 2.19 1.83
CA PHE A 122 4.84 2.91 0.63
C PHE A 122 5.82 2.64 -0.50
N VAL A 123 5.44 3.01 -1.70
CA VAL A 123 6.28 2.79 -2.86
C VAL A 123 7.30 3.91 -3.05
N GLU A 124 6.83 5.15 -3.00
CA GLU A 124 7.68 6.31 -3.19
C GLU A 124 8.69 6.45 -2.06
N ILE A 125 9.96 6.59 -2.43
CA ILE A 125 11.03 6.75 -1.48
C ILE A 125 10.97 8.14 -0.85
N ASP A 126 10.45 9.08 -1.64
CA ASP A 126 10.30 10.46 -1.20
C ASP A 126 9.44 10.54 0.06
N ALA A 127 8.36 9.76 0.06
CA ALA A 127 7.43 9.73 1.18
C ALA A 127 8.10 9.19 2.45
N VAL A 128 8.71 8.01 2.34
CA VAL A 128 9.37 7.40 3.49
C VAL A 128 10.57 8.22 3.95
N GLN A 129 11.17 8.97 3.03
CA GLN A 129 12.33 9.79 3.35
C GLN A 129 11.97 10.82 4.41
N ASN A 130 10.85 11.51 4.19
CA ASN A 130 10.39 12.53 5.14
C ASN A 130 9.92 11.87 6.43
N ALA A 131 9.37 10.67 6.28
CA ALA A 131 8.85 9.91 7.41
C ALA A 131 9.98 9.53 8.37
N LEU A 132 11.02 8.89 7.85
CA LEU A 132 12.15 8.48 8.70
C LEU A 132 12.87 9.69 9.27
N LEU A 133 12.74 10.82 8.58
CA LEU A 133 13.39 12.06 9.02
C LEU A 133 12.61 12.68 10.19
N LEU A 134 11.31 12.89 9.99
CA LEU A 134 10.47 13.48 11.02
C LEU A 134 9.32 12.53 11.33
N ASN A 135 9.42 11.83 12.46
CA ASN A 135 8.37 10.89 12.84
C ASN A 135 8.28 10.76 14.35
N GLU A 136 9.31 10.21 14.95
CA GLU A 136 9.34 10.01 16.39
C GLU A 136 9.45 11.34 17.14
N THR A 137 8.33 11.81 17.66
CA THR A 137 8.29 13.05 18.41
C THR A 137 7.16 13.00 19.43
N GLU A 138 5.94 12.82 18.95
CA GLU A 138 4.78 12.76 19.83
C GLU A 138 3.66 11.96 19.16
N LEU A 139 3.15 10.97 19.87
CA LEU A 139 2.06 10.14 19.39
C LEU A 139 1.22 9.72 20.58
N HIS A 140 -0.02 10.23 20.66
CA HIS A 140 -0.92 9.91 21.77
C HIS A 140 -0.35 10.43 23.08
N GLY A 141 0.45 11.50 22.98
CA GLY A 141 1.06 12.09 24.16
C GLY A 141 2.29 11.32 24.61
N ARG A 142 2.63 10.27 23.88
CA ARG A 142 3.79 9.44 24.20
C ARG A 142 4.86 9.58 23.14
N GLN A 143 6.03 9.03 23.41
CA GLN A 143 7.13 9.08 22.46
C GLN A 143 7.47 7.67 21.99
N LEU A 144 7.73 7.53 20.71
CA LEU A 144 8.06 6.24 20.13
C LEU A 144 9.37 6.34 19.37
N LYS A 145 9.85 5.20 18.89
CA LYS A 145 11.09 5.15 18.13
C LYS A 145 10.80 4.67 16.71
N VAL A 146 11.17 5.48 15.73
CA VAL A 146 10.94 5.12 14.33
C VAL A 146 12.28 4.95 13.59
N SER A 147 12.47 3.80 12.97
CA SER A 147 13.68 3.52 12.25
C SER A 147 13.34 3.07 10.83
N ALA A 148 14.21 3.38 9.88
CA ALA A 148 13.98 3.01 8.49
C ALA A 148 14.04 1.50 8.33
N LYS A 149 12.97 0.92 7.80
CA LYS A 149 12.90 -0.52 7.61
C LYS A 149 13.46 -0.87 6.23
N ARG A 150 14.74 -0.57 6.04
CA ARG A 150 15.41 -0.86 4.79
C ARG A 150 15.86 -2.32 4.77
N THR A 151 14.91 -3.20 4.53
CA THR A 151 15.17 -4.61 4.48
C THR A 151 15.97 -4.99 3.24
N ASN A 152 17.06 -5.72 3.44
CA ASN A 152 17.91 -6.16 2.33
C ASN A 152 18.95 -7.16 2.84
N ILE A 153 19.47 -7.98 1.94
CA ILE A 153 20.47 -8.99 2.30
C ILE A 153 21.73 -8.34 2.88
N PRO A 154 22.43 -9.07 3.76
CA PRO A 154 23.67 -8.58 4.40
C PRO A 154 24.88 -8.68 3.48
N GLY A 155 24.74 -8.20 2.25
CA GLY A 155 25.83 -8.25 1.30
C GLY A 155 26.54 -6.92 1.20
N MET A 1 -93.90 62.90 -37.78
CA MET A 1 -94.10 61.69 -38.62
C MET A 1 -92.84 60.85 -38.62
N GLY A 2 -93.00 59.55 -38.46
CA GLY A 2 -91.86 58.66 -38.43
C GLY A 2 -92.24 57.23 -38.74
N SER A 3 -91.30 56.47 -39.28
CA SER A 3 -91.53 55.07 -39.61
C SER A 3 -90.65 54.17 -38.76
N SER A 4 -91.12 52.97 -38.49
CA SER A 4 -90.38 52.01 -37.68
C SER A 4 -90.57 50.59 -38.20
N HIS A 5 -89.50 49.82 -38.24
CA HIS A 5 -89.56 48.44 -38.71
C HIS A 5 -88.52 47.59 -38.00
N HIS A 6 -88.91 46.38 -37.62
CA HIS A 6 -88.01 45.45 -36.93
C HIS A 6 -87.35 44.50 -37.92
N HIS A 7 -86.28 43.85 -37.46
CA HIS A 7 -85.53 42.91 -38.28
C HIS A 7 -84.47 42.22 -37.42
N HIS A 8 -84.09 41.02 -37.80
CA HIS A 8 -83.08 40.27 -37.06
C HIS A 8 -82.21 39.48 -38.00
N HIS A 9 -80.90 39.53 -37.80
CA HIS A 9 -79.95 38.82 -38.63
C HIS A 9 -78.79 38.33 -37.76
N HIS A 10 -78.60 37.02 -37.71
CA HIS A 10 -77.53 36.45 -36.91
C HIS A 10 -76.47 35.80 -37.78
N SER A 11 -75.29 36.41 -37.81
CA SER A 11 -74.18 35.88 -38.59
C SER A 11 -73.70 34.57 -37.98
N SER A 12 -73.13 33.71 -38.80
CA SER A 12 -72.66 32.41 -38.33
C SER A 12 -71.26 32.13 -38.87
N GLY A 13 -70.29 32.05 -37.96
CA GLY A 13 -68.93 31.79 -38.35
C GLY A 13 -68.54 30.34 -38.14
N LEU A 14 -67.26 30.07 -38.12
CA LEU A 14 -66.75 28.73 -37.92
C LEU A 14 -65.65 28.71 -36.87
N VAL A 15 -65.40 27.55 -36.28
CA VAL A 15 -64.37 27.43 -35.27
C VAL A 15 -63.45 26.24 -35.57
N PRO A 16 -62.15 26.50 -35.76
CA PRO A 16 -61.16 25.47 -36.03
C PRO A 16 -60.77 24.73 -34.75
N ARG A 17 -60.98 23.43 -34.75
CA ARG A 17 -60.67 22.61 -33.59
C ARG A 17 -59.63 21.55 -33.95
N GLY A 18 -58.76 21.23 -33.00
CA GLY A 18 -57.73 20.23 -33.24
C GLY A 18 -57.55 19.32 -32.04
N SER A 19 -57.73 18.03 -32.25
CA SER A 19 -57.58 17.06 -31.18
C SER A 19 -56.12 16.69 -30.97
N HIS A 20 -55.74 16.54 -29.71
CA HIS A 20 -54.36 16.18 -29.37
C HIS A 20 -54.21 14.66 -29.30
N MET A 21 -53.08 14.16 -29.78
CA MET A 21 -52.83 12.74 -29.78
C MET A 21 -51.39 12.44 -29.36
N GLY A 22 -51.02 11.17 -29.33
CA GLY A 22 -49.69 10.77 -28.94
C GLY A 22 -49.68 9.41 -28.27
N SER A 23 -48.96 8.47 -28.84
CA SER A 23 -48.88 7.12 -28.29
C SER A 23 -47.51 6.84 -27.69
N ASP A 24 -47.49 6.47 -26.41
CA ASP A 24 -46.23 6.17 -25.72
C ASP A 24 -45.88 4.70 -25.90
N LEU A 25 -44.59 4.39 -25.84
CA LEU A 25 -44.12 3.02 -26.01
C LEU A 25 -43.51 2.48 -24.72
N GLU A 26 -43.77 1.21 -24.41
CA GLU A 26 -43.23 0.58 -23.21
C GLU A 26 -41.72 0.42 -23.33
N ASP A 27 -40.99 0.82 -22.30
CA ASP A 27 -39.54 0.72 -22.31
C ASP A 27 -39.07 -0.36 -21.34
N MET A 28 -38.04 -1.10 -21.74
CA MET A 28 -37.47 -2.16 -20.93
C MET A 28 -35.97 -2.23 -21.11
N LYS A 29 -35.23 -2.21 -20.01
CA LYS A 29 -33.76 -2.26 -20.04
C LYS A 29 -33.24 -3.31 -19.06
N LYS A 30 -31.96 -3.66 -19.21
CA LYS A 30 -31.32 -4.65 -18.34
C LYS A 30 -29.80 -4.46 -18.34
N ARG A 31 -29.09 -5.36 -17.67
CA ARG A 31 -27.63 -5.29 -17.60
C ARG A 31 -27.07 -6.70 -17.44
N LEU A 32 -25.75 -6.83 -17.49
CA LEU A 32 -25.09 -8.12 -17.35
C LEU A 32 -23.70 -7.95 -16.73
N LYS A 33 -23.31 -8.92 -15.92
CA LYS A 33 -22.01 -8.88 -15.25
C LYS A 33 -21.01 -9.78 -15.98
N GLU A 34 -19.88 -9.20 -16.37
CA GLU A 34 -18.83 -9.94 -17.06
C GLU A 34 -17.93 -10.65 -16.06
N ILE A 35 -17.77 -11.95 -16.22
CA ILE A 35 -16.93 -12.73 -15.31
C ILE A 35 -16.04 -13.69 -16.09
N GLU A 36 -14.74 -13.69 -15.78
CA GLU A 36 -13.79 -14.57 -16.45
C GLU A 36 -12.67 -14.96 -15.48
N GLU A 37 -12.06 -16.11 -15.72
CA GLU A 37 -11.00 -16.61 -14.86
C GLU A 37 -9.67 -16.67 -15.60
N GLU A 38 -8.62 -17.02 -14.86
CA GLU A 38 -7.29 -17.13 -15.43
C GLU A 38 -6.82 -18.58 -15.37
N ALA A 39 -6.04 -19.00 -16.36
CA ALA A 39 -5.54 -20.36 -16.41
C ALA A 39 -4.14 -20.40 -17.01
N GLY A 40 -3.21 -20.99 -16.27
CA GLY A 40 -1.84 -21.11 -16.74
C GLY A 40 -1.57 -22.45 -17.38
N ALA A 41 -2.04 -22.62 -18.60
CA ALA A 41 -1.86 -23.88 -19.32
C ALA A 41 -1.57 -23.61 -20.79
N LEU A 42 -1.34 -24.68 -21.54
CA LEU A 42 -1.07 -24.57 -22.98
C LEU A 42 -2.35 -24.26 -23.72
N ARG A 43 -2.68 -22.97 -23.78
CA ARG A 43 -3.89 -22.53 -24.46
C ARG A 43 -3.60 -21.36 -25.38
N GLU A 44 -4.25 -21.34 -26.53
CA GLU A 44 -4.07 -20.26 -27.50
C GLU A 44 -4.84 -19.01 -27.05
N MET A 45 -4.70 -18.66 -25.78
CA MET A 45 -5.37 -17.50 -25.21
C MET A 45 -4.38 -16.37 -24.94
N GLN A 46 -3.11 -16.63 -25.24
CA GLN A 46 -2.05 -15.63 -25.01
C GLN A 46 -2.33 -14.35 -25.79
N ALA A 47 -3.11 -14.46 -26.85
CA ALA A 47 -3.45 -13.32 -27.69
C ALA A 47 -4.34 -12.32 -26.96
N LYS A 48 -4.96 -12.75 -25.85
CA LYS A 48 -5.84 -11.87 -25.07
C LYS A 48 -5.04 -10.83 -24.29
N VAL A 49 -3.73 -10.84 -24.48
CA VAL A 49 -2.83 -9.90 -23.80
C VAL A 49 -3.27 -8.45 -24.04
N GLU A 50 -3.97 -8.21 -25.15
CA GLU A 50 -4.46 -6.89 -25.49
C GLU A 50 -5.38 -6.37 -24.40
N LYS A 51 -6.17 -7.27 -23.83
CA LYS A 51 -7.11 -6.92 -22.78
C LYS A 51 -6.42 -6.93 -21.43
N GLU A 52 -5.58 -7.93 -21.23
CA GLU A 52 -4.85 -8.09 -19.97
C GLU A 52 -3.97 -6.89 -19.67
N MET A 53 -3.34 -6.33 -20.70
CA MET A 53 -2.45 -5.18 -20.50
C MET A 53 -3.24 -3.96 -20.01
N GLY A 54 -4.53 -3.93 -20.33
CA GLY A 54 -5.37 -2.82 -19.90
C GLY A 54 -6.11 -3.15 -18.62
N ALA A 55 -6.04 -4.42 -18.23
CA ALA A 55 -6.71 -4.89 -17.03
C ALA A 55 -5.70 -5.29 -15.97
N VAL A 56 -4.49 -4.74 -16.07
CA VAL A 56 -3.42 -5.05 -15.12
C VAL A 56 -3.78 -4.59 -13.70
N GLN A 57 -4.79 -3.75 -13.58
CA GLN A 57 -5.21 -3.26 -12.27
C GLN A 57 -6.09 -4.29 -11.58
N ASP A 58 -6.51 -5.30 -12.32
CA ASP A 58 -7.36 -6.36 -11.77
C ASP A 58 -6.69 -7.72 -11.94
N SER A 59 -6.27 -8.01 -13.16
CA SER A 59 -5.60 -9.27 -13.47
C SER A 59 -4.18 -9.31 -12.91
N SER A 60 -3.30 -8.53 -13.52
CA SER A 60 -1.89 -8.47 -13.11
C SER A 60 -1.67 -7.52 -11.95
N SER A 61 -2.67 -7.40 -11.08
CA SER A 61 -2.59 -6.50 -9.94
C SER A 61 -1.77 -7.16 -8.83
N THR A 62 -1.86 -8.49 -8.75
CA THR A 62 -1.14 -9.24 -7.75
C THR A 62 0.37 -9.16 -7.96
N SER A 63 0.76 -8.93 -9.20
CA SER A 63 2.16 -8.83 -9.56
C SER A 63 2.84 -7.68 -8.81
N ALA A 64 2.05 -6.69 -8.40
CA ALA A 64 2.59 -5.56 -7.67
C ALA A 64 2.97 -5.98 -6.25
N THR A 65 2.27 -6.95 -5.71
CA THR A 65 2.54 -7.44 -4.37
C THR A 65 3.77 -8.36 -4.37
N GLN A 66 4.40 -8.46 -5.54
CA GLN A 66 5.58 -9.28 -5.69
C GLN A 66 6.75 -8.45 -6.21
N ALA A 67 6.53 -7.77 -7.32
CA ALA A 67 7.58 -6.96 -7.94
C ALA A 67 7.72 -5.59 -7.27
N GLU A 68 6.63 -4.86 -7.17
CA GLU A 68 6.64 -3.54 -6.56
C GLU A 68 6.87 -3.63 -5.05
N LYS A 69 6.47 -4.76 -4.47
CA LYS A 69 6.65 -4.99 -3.04
C LYS A 69 8.13 -4.95 -2.64
N GLU A 70 9.01 -5.27 -3.61
CA GLU A 70 10.46 -5.26 -3.38
C GLU A 70 10.95 -3.85 -3.04
N GLU A 71 10.17 -2.87 -3.43
CA GLU A 71 10.49 -1.49 -3.14
C GLU A 71 9.71 -1.03 -1.90
N VAL A 72 8.47 -1.47 -1.82
CA VAL A 72 7.60 -1.09 -0.71
C VAL A 72 8.09 -1.66 0.64
N ASP A 73 8.62 -2.89 0.63
CA ASP A 73 9.10 -3.50 1.88
C ASP A 73 10.40 -2.86 2.35
N SER A 74 11.05 -2.14 1.45
CA SER A 74 12.28 -1.44 1.77
C SER A 74 11.98 0.03 2.05
N ARG A 75 10.81 0.47 1.60
CA ARG A 75 10.38 1.85 1.78
C ARG A 75 9.35 1.94 2.90
N SER A 76 9.69 1.35 4.03
CA SER A 76 8.81 1.36 5.18
C SER A 76 9.56 1.84 6.42
N ILE A 77 8.83 2.08 7.48
CA ILE A 77 9.43 2.52 8.73
C ILE A 77 8.84 1.74 9.89
N TYR A 78 9.70 1.33 10.81
CA TYR A 78 9.26 0.57 11.95
C TYR A 78 9.03 1.49 13.15
N VAL A 79 7.86 1.39 13.75
CA VAL A 79 7.50 2.21 14.90
C VAL A 79 7.56 1.39 16.18
N GLY A 80 8.52 1.70 17.04
CA GLY A 80 8.67 0.98 18.28
C GLY A 80 8.46 1.88 19.48
N ASN A 81 8.22 1.29 20.65
CA ASN A 81 7.99 2.05 21.87
C ASN A 81 6.77 2.95 21.72
N VAL A 82 5.72 2.40 21.13
CA VAL A 82 4.48 3.13 20.90
C VAL A 82 3.60 3.09 22.15
N ASP A 83 2.51 3.84 22.12
CA ASP A 83 1.59 3.88 23.25
C ASP A 83 0.79 2.59 23.30
N TYR A 84 0.66 2.05 24.50
CA TYR A 84 -0.06 0.80 24.73
C TYR A 84 -1.53 0.91 24.31
N ALA A 85 -2.04 2.15 24.25
CA ALA A 85 -3.42 2.38 23.88
C ALA A 85 -3.52 3.06 22.51
N CYS A 86 -2.45 2.97 21.73
CA CYS A 86 -2.42 3.58 20.40
C CYS A 86 -3.14 2.70 19.39
N THR A 87 -3.74 3.35 18.40
CA THR A 87 -4.45 2.66 17.35
C THR A 87 -3.69 2.79 16.03
N PRO A 88 -3.86 1.81 15.12
CA PRO A 88 -3.15 1.84 13.82
C PRO A 88 -3.52 3.05 12.98
N GLU A 89 -4.75 3.52 13.13
CA GLU A 89 -5.25 4.67 12.39
C GLU A 89 -4.50 5.94 12.75
N GLU A 90 -4.43 6.26 14.04
CA GLU A 90 -3.76 7.47 14.49
C GLU A 90 -2.27 7.45 14.14
N VAL A 91 -1.72 6.25 13.96
CA VAL A 91 -0.32 6.10 13.62
C VAL A 91 -0.09 6.34 12.14
N GLN A 92 -0.90 5.71 11.29
CA GLN A 92 -0.74 5.85 9.85
C GLN A 92 -1.18 7.23 9.36
N GLN A 93 -2.19 7.81 10.00
CA GLN A 93 -2.68 9.13 9.60
C GLN A 93 -1.70 10.23 10.03
N HIS A 94 -1.02 10.01 11.15
CA HIS A 94 -0.08 10.99 11.66
C HIS A 94 1.19 11.01 10.82
N PHE A 95 1.65 9.83 10.44
CA PHE A 95 2.87 9.70 9.65
C PHE A 95 2.61 10.01 8.19
N GLN A 96 1.33 10.07 7.84
CA GLN A 96 0.91 10.37 6.46
C GLN A 96 1.21 11.82 6.13
N SER A 97 1.37 12.62 7.17
CA SER A 97 1.67 14.03 7.02
C SER A 97 3.04 14.24 6.38
N CYS A 98 3.96 13.36 6.73
CA CYS A 98 5.32 13.43 6.21
C CYS A 98 5.42 12.61 4.93
N GLY A 99 4.89 11.39 4.97
CA GLY A 99 4.93 10.53 3.81
C GLY A 99 3.68 9.70 3.67
N THR A 100 3.26 9.45 2.45
CA THR A 100 2.07 8.67 2.19
C THR A 100 2.22 7.23 2.67
N VAL A 101 1.13 6.64 3.14
CA VAL A 101 1.14 5.28 3.64
C VAL A 101 0.20 4.41 2.81
N ASN A 102 0.74 3.35 2.22
CA ASN A 102 -0.07 2.45 1.41
C ASN A 102 -0.60 1.32 2.27
N ARG A 103 0.27 0.77 3.10
CA ARG A 103 -0.11 -0.32 3.99
C ARG A 103 0.47 -0.11 5.36
N VAL A 104 -0.24 -0.60 6.37
CA VAL A 104 0.20 -0.47 7.75
C VAL A 104 -0.28 -1.68 8.55
N THR A 105 0.61 -2.29 9.31
CA THR A 105 0.27 -3.44 10.12
C THR A 105 0.65 -3.18 11.57
N ILE A 106 -0.32 -3.35 12.46
CA ILE A 106 -0.07 -3.14 13.89
C ILE A 106 -0.18 -4.45 14.67
N LEU A 107 0.66 -4.59 15.68
CA LEU A 107 0.67 -5.77 16.51
C LEU A 107 0.64 -5.37 17.99
N THR A 108 -0.30 -5.94 18.73
CA THR A 108 -0.43 -5.64 20.14
C THR A 108 0.32 -6.67 20.98
N ASP A 109 1.37 -6.23 21.67
CA ASP A 109 2.16 -7.14 22.49
C ASP A 109 1.42 -7.48 23.78
N LYS A 110 1.41 -8.76 24.12
CA LYS A 110 0.73 -9.20 25.33
C LYS A 110 1.75 -9.80 26.31
N PHE A 111 2.98 -9.30 26.27
CA PHE A 111 4.02 -9.81 27.15
C PHE A 111 4.43 -8.74 28.16
N GLY A 112 3.84 -7.55 28.04
CA GLY A 112 4.16 -6.47 28.96
C GLY A 112 4.97 -5.37 28.31
N GLN A 113 5.13 -5.43 27.00
CA GLN A 113 5.88 -4.42 26.27
C GLN A 113 4.93 -3.37 25.74
N PRO A 114 5.43 -2.15 25.45
CA PRO A 114 4.60 -1.07 24.91
C PRO A 114 3.96 -1.48 23.60
N LYS A 115 2.67 -1.77 23.65
CA LYS A 115 1.93 -2.19 22.47
C LYS A 115 1.82 -1.05 21.46
N GLY A 116 1.21 -1.34 20.32
CA GLY A 116 1.05 -0.33 19.31
C GLY A 116 2.11 -0.47 18.22
N PHE A 117 2.93 -1.50 18.36
CA PHE A 117 3.98 -1.78 17.40
C PHE A 117 3.41 -1.85 16.00
N ALA A 118 3.84 -0.95 15.13
CA ALA A 118 3.35 -0.91 13.77
C ALA A 118 4.43 -0.45 12.80
N TYR A 119 4.10 -0.52 11.53
CA TYR A 119 5.01 -0.10 10.47
C TYR A 119 4.20 0.27 9.24
N VAL A 120 4.53 1.39 8.63
CA VAL A 120 3.84 1.84 7.43
C VAL A 120 4.78 1.70 6.24
N GLU A 121 4.25 1.26 5.11
CA GLU A 121 5.06 1.08 3.92
C GLU A 121 4.43 1.79 2.72
N PHE A 122 5.27 2.14 1.76
CA PHE A 122 4.82 2.83 0.55
C PHE A 122 5.80 2.56 -0.58
N VAL A 123 5.43 2.97 -1.79
CA VAL A 123 6.28 2.76 -2.96
C VAL A 123 7.32 3.87 -3.10
N GLU A 124 6.86 5.11 -3.07
CA GLU A 124 7.74 6.27 -3.22
C GLU A 124 8.75 6.34 -2.09
N ILE A 125 10.02 6.56 -2.45
CA ILE A 125 11.09 6.67 -1.47
C ILE A 125 11.02 8.04 -0.80
N ASP A 126 10.58 9.02 -1.55
CA ASP A 126 10.45 10.38 -1.06
C ASP A 126 9.50 10.44 0.13
N ALA A 127 8.43 9.64 0.05
CA ALA A 127 7.44 9.59 1.12
C ALA A 127 8.05 9.07 2.42
N VAL A 128 8.63 7.88 2.37
CA VAL A 128 9.25 7.28 3.55
C VAL A 128 10.46 8.09 4.02
N GLN A 129 11.13 8.76 3.09
CA GLN A 129 12.30 9.57 3.41
C GLN A 129 11.94 10.66 4.41
N ASN A 130 10.83 11.35 4.13
CA ASN A 130 10.37 12.42 5.00
C ASN A 130 9.83 11.84 6.30
N ALA A 131 9.28 10.63 6.21
CA ALA A 131 8.71 9.94 7.35
C ALA A 131 9.79 9.53 8.35
N LEU A 132 10.86 8.91 7.86
CA LEU A 132 11.95 8.46 8.73
C LEU A 132 12.69 9.66 9.32
N LEU A 133 12.61 10.80 8.64
CA LEU A 133 13.29 12.00 9.08
C LEU A 133 12.58 12.64 10.27
N LEU A 134 11.28 12.90 10.12
CA LEU A 134 10.53 13.53 11.20
C LEU A 134 9.22 12.80 11.49
N ASN A 135 9.24 11.95 12.52
CA ASN A 135 8.05 11.20 12.92
C ASN A 135 8.04 10.92 14.42
N GLU A 136 9.14 10.36 14.92
CA GLU A 136 9.23 10.06 16.35
C GLU A 136 9.41 11.34 17.15
N THR A 137 8.30 11.89 17.61
CA THR A 137 8.33 13.10 18.42
C THR A 137 7.28 13.04 19.52
N GLU A 138 6.02 12.90 19.12
CA GLU A 138 4.92 12.82 20.08
C GLU A 138 3.72 12.11 19.46
N LEU A 139 3.23 11.09 20.15
CA LEU A 139 2.09 10.32 19.68
C LEU A 139 1.28 9.85 20.89
N HIS A 140 -0.01 10.22 20.91
CA HIS A 140 -0.92 9.83 21.99
C HIS A 140 -0.48 10.45 23.32
N GLY A 141 0.37 11.46 23.24
CA GLY A 141 0.85 12.10 24.44
C GLY A 141 2.17 11.53 24.91
N ARG A 142 2.66 10.51 24.21
CA ARG A 142 3.92 9.86 24.55
C ARG A 142 4.90 9.95 23.38
N GLN A 143 6.03 9.29 23.50
CA GLN A 143 7.03 9.31 22.44
C GLN A 143 7.37 7.89 22.01
N LEU A 144 7.75 7.73 20.75
CA LEU A 144 8.10 6.43 20.20
C LEU A 144 9.40 6.52 19.42
N LYS A 145 9.85 5.38 18.90
CA LYS A 145 11.06 5.32 18.10
C LYS A 145 10.73 4.85 16.69
N VAL A 146 11.09 5.65 15.68
CA VAL A 146 10.82 5.29 14.30
C VAL A 146 12.12 5.14 13.53
N SER A 147 12.33 3.97 12.96
CA SER A 147 13.53 3.70 12.19
C SER A 147 13.16 3.15 10.82
N ALA A 148 13.97 3.46 9.81
CA ALA A 148 13.72 3.01 8.46
C ALA A 148 13.83 1.49 8.36
N LYS A 149 12.79 0.87 7.82
CA LYS A 149 12.75 -0.57 7.67
C LYS A 149 13.35 -0.95 6.31
N ARG A 150 14.57 -0.50 6.09
CA ARG A 150 15.26 -0.79 4.85
C ARG A 150 15.74 -2.24 4.83
N THR A 151 14.85 -3.13 4.45
CA THR A 151 15.15 -4.55 4.37
C THR A 151 16.18 -4.81 3.28
N ASN A 152 17.11 -5.72 3.56
CA ASN A 152 18.16 -6.07 2.61
C ASN A 152 19.02 -7.17 3.21
N ILE A 153 19.85 -7.79 2.38
CA ILE A 153 20.73 -8.85 2.85
C ILE A 153 21.89 -8.27 3.65
N PRO A 154 22.01 -8.65 4.92
CA PRO A 154 23.06 -8.14 5.81
C PRO A 154 24.48 -8.45 5.31
N GLY A 155 25.27 -7.40 5.15
CA GLY A 155 26.63 -7.57 4.68
C GLY A 155 27.07 -6.39 3.83
N MET A 1 -76.48 -48.55 -31.09
CA MET A 1 -77.70 -47.76 -31.34
C MET A 1 -77.85 -47.47 -32.83
N GLY A 2 -78.86 -48.06 -33.45
CA GLY A 2 -79.09 -47.85 -34.86
C GLY A 2 -79.13 -49.16 -35.62
N SER A 3 -80.25 -49.41 -36.30
CA SER A 3 -80.42 -50.63 -37.07
C SER A 3 -79.44 -50.68 -38.24
N SER A 4 -79.52 -49.69 -39.12
CA SER A 4 -78.64 -49.62 -40.28
C SER A 4 -77.26 -49.11 -39.86
N HIS A 5 -76.32 -50.02 -39.72
CA HIS A 5 -74.97 -49.67 -39.32
C HIS A 5 -73.96 -50.19 -40.34
N HIS A 6 -73.28 -49.27 -41.00
CA HIS A 6 -72.30 -49.63 -42.00
C HIS A 6 -71.06 -48.75 -41.85
N HIS A 7 -69.96 -49.35 -41.38
CA HIS A 7 -68.70 -48.63 -41.19
C HIS A 7 -68.86 -47.49 -40.19
N HIS A 8 -69.67 -47.74 -39.15
CA HIS A 8 -69.93 -46.73 -38.14
C HIS A 8 -69.23 -47.07 -36.83
N HIS A 9 -67.92 -46.88 -36.81
CA HIS A 9 -67.13 -47.16 -35.60
C HIS A 9 -67.30 -46.05 -34.57
N HIS A 10 -66.84 -46.31 -33.35
CA HIS A 10 -66.93 -45.34 -32.27
C HIS A 10 -65.61 -44.61 -32.10
N SER A 11 -65.65 -43.50 -31.36
CA SER A 11 -64.45 -42.71 -31.11
C SER A 11 -63.71 -43.23 -29.88
N SER A 12 -62.83 -44.20 -30.10
CA SER A 12 -62.04 -44.79 -29.02
C SER A 12 -60.93 -45.64 -29.61
N GLY A 13 -59.84 -45.78 -28.87
CA GLY A 13 -58.71 -46.56 -29.33
C GLY A 13 -57.64 -46.69 -28.27
N LEU A 14 -56.57 -47.39 -28.61
CA LEU A 14 -55.48 -47.59 -27.69
C LEU A 14 -54.16 -47.27 -28.38
N VAL A 15 -53.42 -46.33 -27.82
CA VAL A 15 -52.14 -45.93 -28.38
C VAL A 15 -51.00 -46.73 -27.75
N PRO A 16 -50.14 -47.36 -28.58
CA PRO A 16 -49.01 -48.14 -28.10
C PRO A 16 -47.91 -47.25 -27.52
N ARG A 17 -47.10 -47.81 -26.63
CA ARG A 17 -46.03 -47.06 -26.00
C ARG A 17 -44.90 -46.82 -27.00
N GLY A 18 -44.36 -45.60 -27.00
CA GLY A 18 -43.29 -45.26 -27.91
C GLY A 18 -42.78 -43.85 -27.68
N SER A 19 -42.04 -43.67 -26.59
CA SER A 19 -41.49 -42.37 -26.26
C SER A 19 -39.97 -42.47 -26.10
N HIS A 20 -39.27 -41.47 -26.60
CA HIS A 20 -37.82 -41.43 -26.52
C HIS A 20 -37.32 -40.01 -26.70
N MET A 21 -36.42 -39.58 -25.83
CA MET A 21 -35.87 -38.23 -25.90
C MET A 21 -34.63 -38.11 -25.01
N GLY A 22 -33.46 -38.08 -25.64
CA GLY A 22 -32.23 -37.96 -24.89
C GLY A 22 -31.17 -37.21 -25.67
N SER A 23 -31.54 -36.03 -26.16
CA SER A 23 -30.63 -35.20 -26.93
C SER A 23 -30.69 -33.76 -26.45
N ASP A 24 -29.53 -33.18 -26.19
CA ASP A 24 -29.44 -31.80 -25.73
C ASP A 24 -28.71 -30.96 -26.74
N LEU A 25 -29.15 -29.74 -26.94
CA LEU A 25 -28.54 -28.84 -27.90
C LEU A 25 -27.88 -27.65 -27.19
N GLU A 26 -27.10 -26.89 -27.92
CA GLU A 26 -26.42 -25.72 -27.37
C GLU A 26 -27.39 -24.56 -27.22
N ASP A 27 -26.90 -23.41 -26.76
CA ASP A 27 -27.75 -22.25 -26.58
C ASP A 27 -26.96 -20.96 -26.80
N MET A 28 -27.58 -19.82 -26.53
CA MET A 28 -26.94 -18.53 -26.69
C MET A 28 -26.00 -18.24 -25.51
N LYS A 29 -25.00 -17.41 -25.75
CA LYS A 29 -24.05 -17.05 -24.70
C LYS A 29 -24.47 -15.75 -24.04
N LYS A 30 -24.16 -15.63 -22.75
CA LYS A 30 -24.50 -14.45 -21.98
C LYS A 30 -23.68 -13.24 -22.41
N ARG A 31 -24.01 -12.08 -21.85
CA ARG A 31 -23.31 -10.83 -22.16
C ARG A 31 -21.84 -10.94 -21.76
N LEU A 32 -20.97 -10.35 -22.57
CA LEU A 32 -19.53 -10.38 -22.30
C LEU A 32 -19.23 -9.72 -20.96
N LYS A 33 -18.98 -10.56 -19.97
CA LYS A 33 -18.66 -10.12 -18.62
C LYS A 33 -18.22 -11.32 -17.80
N GLU A 34 -16.92 -11.57 -17.79
CA GLU A 34 -16.38 -12.71 -17.07
C GLU A 34 -15.79 -12.27 -15.72
N ILE A 35 -14.59 -11.69 -15.77
CA ILE A 35 -13.90 -11.26 -14.55
C ILE A 35 -13.69 -12.45 -13.62
N GLU A 36 -13.09 -13.50 -14.16
CA GLU A 36 -12.84 -14.70 -13.40
C GLU A 36 -11.35 -14.88 -13.20
N GLU A 37 -10.95 -15.39 -12.04
CA GLU A 37 -9.56 -15.61 -11.72
C GLU A 37 -9.04 -16.89 -12.39
N GLU A 38 -8.81 -16.79 -13.69
CA GLU A 38 -8.32 -17.92 -14.46
C GLU A 38 -6.83 -18.15 -14.19
N ALA A 39 -6.39 -19.39 -14.36
CA ALA A 39 -5.00 -19.74 -14.12
C ALA A 39 -4.27 -20.02 -15.44
N GLY A 40 -2.95 -20.11 -15.38
CA GLY A 40 -2.16 -20.38 -16.56
C GLY A 40 -2.30 -21.80 -17.05
N ALA A 41 -2.62 -21.97 -18.33
CA ALA A 41 -2.79 -23.28 -18.92
C ALA A 41 -2.58 -23.21 -20.42
N LEU A 42 -2.49 -24.37 -21.05
CA LEU A 42 -2.30 -24.46 -22.49
C LEU A 42 -3.62 -24.14 -23.20
N ARG A 43 -3.93 -22.86 -23.27
CA ARG A 43 -5.15 -22.41 -23.89
C ARG A 43 -4.87 -21.19 -24.76
N GLU A 44 -5.59 -21.08 -25.87
CA GLU A 44 -5.44 -19.97 -26.80
C GLU A 44 -6.09 -18.70 -26.25
N MET A 45 -5.98 -18.50 -24.95
CA MET A 45 -6.55 -17.34 -24.28
C MET A 45 -5.46 -16.30 -24.02
N GLN A 46 -4.28 -16.54 -24.58
CA GLN A 46 -3.16 -15.63 -24.42
C GLN A 46 -3.45 -14.30 -25.10
N ALA A 47 -4.30 -14.35 -26.12
CA ALA A 47 -4.69 -13.17 -26.88
C ALA A 47 -5.62 -12.27 -26.07
N LYS A 48 -6.06 -12.75 -24.92
CA LYS A 48 -6.96 -12.00 -24.06
C LYS A 48 -6.18 -10.91 -23.32
N VAL A 49 -4.85 -10.96 -23.45
CA VAL A 49 -3.98 -9.98 -22.82
C VAL A 49 -4.31 -8.56 -23.28
N GLU A 50 -4.90 -8.45 -24.47
CA GLU A 50 -5.27 -7.17 -25.04
C GLU A 50 -6.28 -6.45 -24.15
N LYS A 51 -7.05 -7.21 -23.40
CA LYS A 51 -8.05 -6.66 -22.51
C LYS A 51 -7.57 -6.66 -21.06
N GLU A 52 -6.81 -7.69 -20.68
CA GLU A 52 -6.29 -7.79 -19.32
C GLU A 52 -5.21 -6.75 -19.06
N MET A 53 -4.59 -6.23 -20.13
CA MET A 53 -3.56 -5.22 -19.99
C MET A 53 -4.12 -3.95 -19.35
N GLY A 54 -5.40 -3.71 -19.57
CA GLY A 54 -6.04 -2.55 -18.99
C GLY A 54 -6.64 -2.88 -17.65
N ALA A 55 -6.69 -4.17 -17.35
CA ALA A 55 -7.24 -4.64 -16.09
C ALA A 55 -6.13 -5.07 -15.15
N VAL A 56 -4.89 -4.68 -15.48
CA VAL A 56 -3.73 -5.02 -14.65
C VAL A 56 -3.85 -4.40 -13.27
N GLN A 57 -4.74 -3.43 -13.13
CA GLN A 57 -4.98 -2.76 -11.85
C GLN A 57 -5.85 -3.62 -10.97
N ASP A 58 -6.30 -4.74 -11.52
CA ASP A 58 -7.15 -5.68 -10.80
C ASP A 58 -6.62 -7.10 -10.96
N SER A 59 -6.62 -7.57 -12.20
CA SER A 59 -6.16 -8.92 -12.52
C SER A 59 -4.70 -9.14 -12.11
N SER A 60 -3.81 -8.34 -12.70
CA SER A 60 -2.38 -8.44 -12.44
C SER A 60 -1.94 -7.44 -11.36
N SER A 61 -2.88 -7.05 -10.51
CA SER A 61 -2.56 -6.10 -9.46
C SER A 61 -1.80 -6.78 -8.32
N THR A 62 -2.00 -8.08 -8.18
CA THR A 62 -1.32 -8.84 -7.14
C THR A 62 0.17 -8.92 -7.44
N SER A 63 0.52 -8.77 -8.70
CA SER A 63 1.90 -8.81 -9.13
C SER A 63 2.69 -7.66 -8.50
N ALA A 64 2.00 -6.58 -8.19
CA ALA A 64 2.64 -5.43 -7.57
C ALA A 64 3.06 -5.78 -6.15
N THR A 65 2.27 -6.64 -5.50
CA THR A 65 2.56 -7.07 -4.15
C THR A 65 3.69 -8.12 -4.15
N GLN A 66 4.25 -8.36 -5.33
CA GLN A 66 5.33 -9.32 -5.48
C GLN A 66 6.58 -8.63 -6.00
N ALA A 67 6.44 -7.91 -7.11
CA ALA A 67 7.56 -7.20 -7.71
C ALA A 67 7.78 -5.83 -7.10
N GLU A 68 6.76 -4.99 -7.15
CA GLU A 68 6.83 -3.64 -6.59
C GLU A 68 7.03 -3.68 -5.08
N LYS A 69 6.57 -4.75 -4.45
CA LYS A 69 6.71 -4.91 -3.02
C LYS A 69 8.17 -4.94 -2.61
N GLU A 70 9.05 -5.31 -3.54
CA GLU A 70 10.49 -5.35 -3.26
C GLU A 70 11.01 -3.95 -2.91
N GLU A 71 10.29 -2.94 -3.37
CA GLU A 71 10.65 -1.57 -3.05
C GLU A 71 9.86 -1.11 -1.84
N VAL A 72 8.59 -1.52 -1.79
CA VAL A 72 7.69 -1.13 -0.70
C VAL A 72 8.14 -1.71 0.66
N ASP A 73 8.57 -2.98 0.67
CA ASP A 73 9.00 -3.61 1.91
C ASP A 73 10.32 -3.01 2.41
N SER A 74 10.98 -2.30 1.53
CA SER A 74 12.24 -1.65 1.84
C SER A 74 12.04 -0.14 2.02
N ARG A 75 10.82 0.32 1.78
CA ARG A 75 10.47 1.72 1.89
C ARG A 75 9.45 1.94 2.99
N SER A 76 9.71 1.34 4.15
CA SER A 76 8.82 1.46 5.29
C SER A 76 9.57 1.96 6.51
N ILE A 77 8.82 2.25 7.58
CA ILE A 77 9.42 2.70 8.83
C ILE A 77 8.87 1.90 9.99
N TYR A 78 9.74 1.50 10.90
CA TYR A 78 9.35 0.72 12.06
C TYR A 78 9.02 1.63 13.24
N VAL A 79 7.82 1.49 13.78
CA VAL A 79 7.39 2.30 14.92
C VAL A 79 7.40 1.45 16.20
N GLY A 80 8.33 1.75 17.10
CA GLY A 80 8.43 1.01 18.33
C GLY A 80 8.21 1.91 19.53
N ASN A 81 8.02 1.31 20.71
CA ASN A 81 7.79 2.05 21.95
C ASN A 81 6.56 2.94 21.84
N VAL A 82 5.52 2.38 21.22
CA VAL A 82 4.28 3.10 21.00
C VAL A 82 3.41 2.98 22.26
N ASP A 83 2.34 3.77 22.31
CA ASP A 83 1.45 3.74 23.46
C ASP A 83 0.61 2.47 23.46
N TYR A 84 0.36 1.95 24.65
CA TYR A 84 -0.41 0.71 24.81
C TYR A 84 -1.86 0.86 24.37
N ALA A 85 -2.31 2.09 24.15
CA ALA A 85 -3.68 2.34 23.73
C ALA A 85 -3.71 3.00 22.36
N CYS A 86 -2.59 2.95 21.65
CA CYS A 86 -2.50 3.55 20.32
C CYS A 86 -3.15 2.65 19.28
N THR A 87 -3.81 3.28 18.33
CA THR A 87 -4.48 2.58 17.26
C THR A 87 -3.70 2.72 15.96
N PRO A 88 -3.86 1.77 15.01
CA PRO A 88 -3.15 1.83 13.73
C PRO A 88 -3.51 3.07 12.92
N GLU A 89 -4.72 3.57 13.10
CA GLU A 89 -5.20 4.74 12.38
C GLU A 89 -4.41 5.98 12.75
N GLU A 90 -4.36 6.29 14.04
CA GLU A 90 -3.65 7.49 14.52
C GLU A 90 -2.17 7.43 14.16
N VAL A 91 -1.66 6.23 13.99
CA VAL A 91 -0.25 6.05 13.67
C VAL A 91 0.02 6.32 12.19
N GLN A 92 -0.81 5.75 11.32
CA GLN A 92 -0.61 5.92 9.88
C GLN A 92 -1.02 7.31 9.40
N GLN A 93 -2.01 7.93 10.06
CA GLN A 93 -2.45 9.26 9.63
C GLN A 93 -1.50 10.35 10.10
N HIS A 94 -0.81 10.11 11.21
CA HIS A 94 0.12 11.09 11.75
C HIS A 94 1.38 11.20 10.88
N PHE A 95 1.92 10.06 10.47
CA PHE A 95 3.12 10.04 9.64
C PHE A 95 2.76 10.28 8.18
N GLN A 96 1.47 10.22 7.87
CA GLN A 96 0.99 10.43 6.51
C GLN A 96 1.31 11.83 6.03
N SER A 97 1.39 12.77 6.96
CA SER A 97 1.72 14.14 6.65
C SER A 97 3.13 14.24 6.08
N CYS A 98 4.04 13.46 6.65
CA CYS A 98 5.41 13.45 6.21
C CYS A 98 5.56 12.57 4.97
N GLY A 99 4.85 11.45 4.97
CA GLY A 99 4.89 10.53 3.86
C GLY A 99 3.62 9.72 3.78
N THR A 100 3.02 9.69 2.59
CA THR A 100 1.80 8.94 2.37
C THR A 100 2.00 7.45 2.68
N VAL A 101 1.00 6.84 3.31
CA VAL A 101 1.07 5.44 3.71
C VAL A 101 0.18 4.55 2.82
N ASN A 102 0.77 3.48 2.29
CA ASN A 102 0.03 2.54 1.45
C ASN A 102 -0.64 1.50 2.35
N ARG A 103 0.15 0.88 3.20
CA ARG A 103 -0.35 -0.15 4.11
C ARG A 103 0.30 0.03 5.47
N VAL A 104 -0.39 -0.41 6.52
CA VAL A 104 0.12 -0.31 7.87
C VAL A 104 -0.28 -1.57 8.66
N THR A 105 0.68 -2.22 9.27
CA THR A 105 0.42 -3.42 10.06
C THR A 105 0.74 -3.16 11.54
N ILE A 106 -0.22 -3.44 12.41
CA ILE A 106 -0.04 -3.24 13.84
C ILE A 106 -0.15 -4.56 14.59
N LEU A 107 0.65 -4.70 15.64
CA LEU A 107 0.66 -5.91 16.45
C LEU A 107 0.62 -5.57 17.93
N THR A 108 -0.39 -6.06 18.63
CA THR A 108 -0.53 -5.82 20.06
C THR A 108 0.31 -6.81 20.85
N ASP A 109 1.32 -6.31 21.54
CA ASP A 109 2.19 -7.17 22.34
C ASP A 109 1.54 -7.55 23.67
N LYS A 110 1.63 -8.84 24.00
CA LYS A 110 1.07 -9.34 25.24
C LYS A 110 2.16 -9.96 26.10
N PHE A 111 3.40 -9.54 25.86
CA PHE A 111 4.55 -10.05 26.60
C PHE A 111 4.96 -9.05 27.68
N GLY A 112 4.23 -7.95 27.76
CA GLY A 112 4.54 -6.93 28.75
C GLY A 112 5.28 -5.76 28.15
N GLN A 113 5.31 -5.70 26.83
CA GLN A 113 5.99 -4.62 26.13
C GLN A 113 4.95 -3.61 25.65
N PRO A 114 5.36 -2.35 25.41
CA PRO A 114 4.46 -1.30 24.94
C PRO A 114 3.81 -1.70 23.61
N LYS A 115 2.50 -1.91 23.65
CA LYS A 115 1.74 -2.29 22.46
C LYS A 115 1.68 -1.14 21.48
N GLY A 116 1.07 -1.38 20.33
CA GLY A 116 0.96 -0.35 19.34
C GLY A 116 2.02 -0.48 18.26
N PHE A 117 2.83 -1.53 18.37
CA PHE A 117 3.89 -1.80 17.42
C PHE A 117 3.33 -1.86 16.01
N ALA A 118 3.70 -0.90 15.17
CA ALA A 118 3.21 -0.85 13.81
C ALA A 118 4.28 -0.34 12.86
N TYR A 119 3.97 -0.38 11.58
CA TYR A 119 4.89 0.09 10.56
C TYR A 119 4.12 0.43 9.30
N VAL A 120 4.46 1.56 8.68
CA VAL A 120 3.81 1.99 7.47
C VAL A 120 4.76 1.78 6.29
N GLU A 121 4.21 1.33 5.17
CA GLU A 121 5.01 1.07 3.98
C GLU A 121 4.46 1.81 2.76
N PHE A 122 5.32 2.11 1.80
CA PHE A 122 4.90 2.80 0.58
C PHE A 122 5.84 2.47 -0.58
N VAL A 123 5.42 2.84 -1.77
CA VAL A 123 6.19 2.59 -3.00
C VAL A 123 7.27 3.65 -3.21
N GLU A 124 6.86 4.92 -3.14
CA GLU A 124 7.78 6.02 -3.35
C GLU A 124 8.75 6.17 -2.20
N ILE A 125 10.01 6.42 -2.55
CA ILE A 125 11.06 6.60 -1.56
C ILE A 125 10.93 7.96 -0.90
N ASP A 126 10.46 8.95 -1.65
CA ASP A 126 10.30 10.31 -1.13
C ASP A 126 9.38 10.32 0.08
N ALA A 127 8.28 9.59 -0.02
CA ALA A 127 7.32 9.51 1.07
C ALA A 127 7.96 9.01 2.35
N VAL A 128 8.55 7.82 2.30
CA VAL A 128 9.18 7.23 3.47
C VAL A 128 10.42 8.04 3.91
N GLN A 129 11.09 8.67 2.95
CA GLN A 129 12.27 9.47 3.26
C GLN A 129 11.92 10.63 4.17
N ASN A 130 10.85 11.32 3.83
CA ASN A 130 10.40 12.45 4.64
C ASN A 130 9.79 11.94 5.94
N ALA A 131 9.27 10.72 5.89
CA ALA A 131 8.66 10.09 7.05
C ALA A 131 9.72 9.68 8.08
N LEU A 132 10.84 9.15 7.61
CA LEU A 132 11.90 8.73 8.52
C LEU A 132 12.65 9.94 9.07
N LEU A 133 12.52 11.08 8.39
CA LEU A 133 13.19 12.30 8.81
C LEU A 133 12.46 12.91 9.99
N LEU A 134 11.14 13.01 9.88
CA LEU A 134 10.31 13.58 10.95
C LEU A 134 9.21 12.60 11.33
N ASN A 135 9.47 11.81 12.36
CA ASN A 135 8.49 10.81 12.81
C ASN A 135 8.34 10.79 14.33
N GLU A 136 9.32 10.23 15.01
CA GLU A 136 9.29 10.12 16.46
C GLU A 136 9.43 11.48 17.13
N THR A 137 8.30 12.02 17.57
CA THR A 137 8.27 13.30 18.25
C THR A 137 7.23 13.27 19.36
N GLU A 138 5.98 13.01 18.99
CA GLU A 138 4.89 12.94 19.95
C GLU A 138 3.72 12.21 19.34
N LEU A 139 3.26 11.17 20.02
CA LEU A 139 2.13 10.37 19.56
C LEU A 139 1.32 9.90 20.77
N HIS A 140 0.04 10.31 20.83
CA HIS A 140 -0.84 9.93 21.93
C HIS A 140 -0.34 10.52 23.25
N GLY A 141 0.49 11.55 23.16
CA GLY A 141 1.03 12.18 24.34
C GLY A 141 2.28 11.48 24.83
N ARG A 142 2.75 10.50 24.07
CA ARG A 142 3.93 9.74 24.41
C ARG A 142 4.98 9.89 23.32
N GLN A 143 6.17 9.37 23.56
CA GLN A 143 7.25 9.43 22.60
C GLN A 143 7.66 8.02 22.19
N LEU A 144 7.65 7.75 20.90
CA LEU A 144 8.00 6.45 20.37
C LEU A 144 9.33 6.49 19.62
N LYS A 145 9.76 5.34 19.13
CA LYS A 145 11.01 5.24 18.38
C LYS A 145 10.71 4.75 16.97
N VAL A 146 11.03 5.55 15.96
CA VAL A 146 10.76 5.17 14.59
C VAL A 146 12.04 5.16 13.75
N SER A 147 12.38 4.01 13.21
CA SER A 147 13.57 3.86 12.39
C SER A 147 13.19 3.30 11.03
N ALA A 148 13.99 3.63 10.02
CA ALA A 148 13.74 3.16 8.66
C ALA A 148 13.79 1.63 8.61
N LYS A 149 12.76 1.05 8.01
CA LYS A 149 12.68 -0.39 7.88
C LYS A 149 13.27 -0.81 6.54
N ARG A 150 14.59 -0.71 6.44
CA ARG A 150 15.28 -1.06 5.22
C ARG A 150 15.68 -2.52 5.26
N THR A 151 14.77 -3.39 4.83
CA THR A 151 15.03 -4.81 4.80
C THR A 151 16.09 -5.12 3.75
N ASN A 152 17.00 -6.02 4.11
CA ASN A 152 18.09 -6.41 3.23
C ASN A 152 18.79 -7.64 3.82
N ILE A 153 19.38 -8.46 2.96
CA ILE A 153 20.08 -9.66 3.40
C ILE A 153 21.27 -9.30 4.28
N PRO A 154 21.50 -10.05 5.36
CA PRO A 154 22.62 -9.81 6.28
C PRO A 154 23.98 -10.01 5.62
N GLY A 155 24.74 -8.93 5.53
CA GLY A 155 26.06 -8.98 4.94
C GLY A 155 26.78 -7.66 5.07
N MET A 1 -19.49 99.20 -46.45
CA MET A 1 -18.90 99.82 -45.22
C MET A 1 -19.25 98.99 -43.99
N GLY A 2 -18.34 98.12 -43.59
CA GLY A 2 -18.57 97.29 -42.43
C GLY A 2 -19.01 95.89 -42.80
N SER A 3 -18.21 94.90 -42.44
CA SER A 3 -18.53 93.52 -42.76
C SER A 3 -18.43 92.62 -41.52
N SER A 4 -19.48 91.86 -41.25
CA SER A 4 -19.50 90.96 -40.11
C SER A 4 -19.76 89.53 -40.58
N HIS A 5 -19.04 88.58 -40.01
CA HIS A 5 -19.17 87.18 -40.38
C HIS A 5 -18.73 86.28 -39.24
N HIS A 6 -19.61 85.37 -38.82
CA HIS A 6 -19.29 84.45 -37.74
C HIS A 6 -20.28 83.28 -37.70
N HIS A 7 -19.78 82.09 -38.01
CA HIS A 7 -20.61 80.89 -38.02
C HIS A 7 -19.72 79.65 -38.01
N HIS A 8 -20.09 78.63 -37.23
CA HIS A 8 -19.32 77.39 -37.16
C HIS A 8 -20.12 76.32 -36.41
N HIS A 9 -20.09 75.10 -36.94
CA HIS A 9 -20.82 73.99 -36.33
C HIS A 9 -20.08 72.68 -36.54
N HIS A 10 -20.25 71.75 -35.62
CA HIS A 10 -19.62 70.44 -35.69
C HIS A 10 -20.34 69.45 -34.79
N SER A 11 -20.94 68.43 -35.37
CA SER A 11 -21.68 67.44 -34.61
C SER A 11 -21.33 66.02 -35.06
N SER A 12 -21.04 65.15 -34.11
CA SER A 12 -20.70 63.76 -34.39
C SER A 12 -20.95 62.89 -33.16
N GLY A 13 -20.65 61.61 -33.25
CA GLY A 13 -20.84 60.72 -32.12
C GLY A 13 -21.58 59.45 -32.48
N LEU A 14 -20.86 58.50 -33.07
CA LEU A 14 -21.45 57.22 -33.44
C LEU A 14 -20.37 56.15 -33.57
N VAL A 15 -20.62 55.00 -32.96
CA VAL A 15 -19.67 53.89 -33.01
C VAL A 15 -20.41 52.57 -33.25
N PRO A 16 -19.77 51.60 -33.91
CA PRO A 16 -20.37 50.29 -34.19
C PRO A 16 -20.25 49.33 -33.01
N ARG A 17 -20.79 48.12 -33.18
CA ARG A 17 -20.76 47.10 -32.14
C ARG A 17 -21.12 45.74 -32.72
N GLY A 18 -20.71 44.66 -32.05
CA GLY A 18 -21.02 43.32 -32.53
C GLY A 18 -19.89 42.34 -32.28
N SER A 19 -20.19 41.26 -31.57
CA SER A 19 -19.20 40.22 -31.28
C SER A 19 -19.90 38.88 -31.02
N HIS A 20 -19.28 37.79 -31.47
CA HIS A 20 -19.85 36.45 -31.29
C HIS A 20 -18.77 35.40 -31.41
N MET A 21 -18.68 34.51 -30.41
CA MET A 21 -17.68 33.45 -30.40
C MET A 21 -17.96 32.44 -29.28
N GLY A 22 -17.24 31.33 -29.29
CA GLY A 22 -17.43 30.32 -28.26
C GLY A 22 -16.85 28.97 -28.65
N SER A 23 -16.63 28.10 -27.67
CA SER A 23 -16.07 26.78 -27.91
C SER A 23 -16.43 25.81 -26.77
N ASP A 24 -16.46 24.52 -27.08
CA ASP A 24 -16.79 23.51 -26.07
C ASP A 24 -15.95 22.23 -26.30
N LEU A 25 -15.99 21.30 -25.34
CA LEU A 25 -15.24 20.06 -25.44
C LEU A 25 -15.91 18.95 -24.62
N GLU A 26 -15.79 17.71 -25.10
CA GLU A 26 -16.37 16.56 -24.42
C GLU A 26 -15.28 15.71 -23.77
N ASP A 27 -15.64 14.98 -22.72
CA ASP A 27 -14.70 14.12 -22.00
C ASP A 27 -15.08 12.64 -22.15
N MET A 28 -14.45 11.78 -21.35
CA MET A 28 -14.72 10.34 -21.40
C MET A 28 -14.34 9.69 -20.07
N LYS A 29 -15.13 8.70 -19.64
CA LYS A 29 -14.87 7.99 -18.39
C LYS A 29 -14.62 6.50 -18.66
N LYS A 30 -14.14 5.79 -17.64
CA LYS A 30 -13.87 4.37 -17.76
C LYS A 30 -14.46 3.59 -16.59
N ARG A 31 -14.40 2.26 -16.67
CA ARG A 31 -14.94 1.39 -15.62
C ARG A 31 -13.93 0.31 -15.25
N LEU A 32 -14.26 -0.44 -14.20
CA LEU A 32 -13.40 -1.53 -13.73
C LEU A 32 -13.96 -2.88 -14.18
N LYS A 33 -13.54 -3.95 -13.52
CA LYS A 33 -13.99 -5.29 -13.85
C LYS A 33 -14.60 -5.98 -12.63
N GLU A 34 -15.02 -7.23 -12.81
CA GLU A 34 -15.63 -7.99 -11.72
C GLU A 34 -14.64 -8.96 -11.10
N ILE A 35 -13.50 -8.42 -10.64
CA ILE A 35 -12.40 -9.18 -10.00
C ILE A 35 -12.28 -10.61 -10.53
N GLU A 36 -11.56 -10.75 -11.62
CA GLU A 36 -11.37 -12.05 -12.25
C GLU A 36 -10.30 -12.90 -11.53
N GLU A 37 -9.04 -12.55 -11.75
CA GLU A 37 -7.91 -13.27 -11.15
C GLU A 37 -7.91 -14.74 -11.57
N GLU A 38 -7.55 -15.00 -12.81
CA GLU A 38 -7.51 -16.36 -13.33
C GLU A 38 -6.21 -17.05 -12.93
N ALA A 39 -6.11 -18.34 -13.23
CA ALA A 39 -4.92 -19.13 -12.88
C ALA A 39 -3.94 -19.18 -14.05
N GLY A 40 -4.33 -19.85 -15.12
CA GLY A 40 -3.47 -19.95 -16.28
C GLY A 40 -3.06 -21.38 -16.59
N ALA A 41 -3.77 -22.01 -17.52
CA ALA A 41 -3.48 -23.37 -17.91
C ALA A 41 -2.78 -23.38 -19.28
N LEU A 42 -2.59 -24.55 -19.85
CA LEU A 42 -1.93 -24.67 -21.15
C LEU A 42 -2.94 -24.45 -22.28
N ARG A 43 -3.26 -23.19 -22.53
CA ARG A 43 -4.19 -22.82 -23.57
C ARG A 43 -3.74 -21.53 -24.24
N GLU A 44 -3.90 -21.44 -25.57
CA GLU A 44 -3.52 -20.25 -26.30
C GLU A 44 -4.49 -19.11 -26.02
N MET A 45 -4.25 -18.41 -24.92
CA MET A 45 -5.11 -17.30 -24.50
C MET A 45 -4.27 -16.08 -24.14
N GLN A 46 -2.99 -16.12 -24.48
CA GLN A 46 -2.09 -15.01 -24.17
C GLN A 46 -2.45 -13.74 -24.91
N ALA A 47 -3.35 -13.85 -25.89
CA ALA A 47 -3.79 -12.71 -26.68
C ALA A 47 -4.66 -11.76 -25.84
N LYS A 48 -5.16 -12.27 -24.72
CA LYS A 48 -6.01 -11.46 -23.85
C LYS A 48 -5.21 -10.38 -23.13
N VAL A 49 -3.88 -10.48 -23.17
CA VAL A 49 -3.02 -9.50 -22.52
C VAL A 49 -3.16 -8.12 -23.17
N GLU A 50 -3.65 -8.11 -24.40
CA GLU A 50 -3.84 -6.86 -25.13
C GLU A 50 -5.16 -6.20 -24.73
N LYS A 51 -5.98 -6.96 -24.02
CA LYS A 51 -7.27 -6.45 -23.56
C LYS A 51 -7.21 -6.21 -22.05
N GLU A 52 -6.43 -7.05 -21.37
CA GLU A 52 -6.27 -6.94 -19.93
C GLU A 52 -5.29 -5.83 -19.56
N MET A 53 -4.89 -5.05 -20.55
CA MET A 53 -3.98 -3.93 -20.32
C MET A 53 -4.63 -2.91 -19.38
N GLY A 54 -5.95 -2.85 -19.44
CA GLY A 54 -6.69 -1.94 -18.58
C GLY A 54 -7.20 -2.66 -17.35
N ALA A 55 -6.85 -3.94 -17.23
CA ALA A 55 -7.27 -4.77 -16.13
C ALA A 55 -6.14 -4.91 -15.11
N VAL A 56 -5.23 -3.94 -15.12
CA VAL A 56 -4.09 -3.93 -14.20
C VAL A 56 -4.57 -3.75 -12.76
N GLN A 57 -5.80 -3.28 -12.61
CA GLN A 57 -6.40 -3.08 -11.30
C GLN A 57 -7.42 -4.17 -11.01
N ASP A 58 -7.37 -5.22 -11.82
CA ASP A 58 -8.29 -6.35 -11.67
C ASP A 58 -7.53 -7.67 -11.56
N SER A 59 -6.73 -7.99 -12.57
CA SER A 59 -5.98 -9.23 -12.57
C SER A 59 -4.48 -8.99 -12.40
N SER A 60 -3.94 -8.02 -13.13
CA SER A 60 -2.52 -7.71 -13.07
C SER A 60 -2.16 -6.85 -11.85
N SER A 61 -2.91 -7.02 -10.77
CA SER A 61 -2.65 -6.26 -9.55
C SER A 61 -1.73 -7.04 -8.62
N THR A 62 -1.79 -8.37 -8.71
CA THR A 62 -0.98 -9.24 -7.89
C THR A 62 0.51 -9.09 -8.20
N SER A 63 0.80 -8.60 -9.40
CA SER A 63 2.17 -8.39 -9.82
C SER A 63 2.82 -7.28 -9.00
N ALA A 64 2.01 -6.32 -8.57
CA ALA A 64 2.49 -5.20 -7.78
C ALA A 64 2.89 -5.65 -6.38
N THR A 65 2.14 -6.60 -5.84
CA THR A 65 2.42 -7.13 -4.51
C THR A 65 3.59 -8.12 -4.54
N GLN A 66 4.23 -8.24 -5.70
CA GLN A 66 5.36 -9.14 -5.87
C GLN A 66 6.60 -8.36 -6.27
N ALA A 67 6.48 -7.54 -7.31
CA ALA A 67 7.60 -6.75 -7.79
C ALA A 67 7.79 -5.48 -6.97
N GLU A 68 6.78 -4.62 -6.99
CA GLU A 68 6.81 -3.35 -6.26
C GLU A 68 7.03 -3.57 -4.77
N LYS A 69 6.48 -4.66 -4.25
CA LYS A 69 6.59 -5.01 -2.83
C LYS A 69 8.05 -5.02 -2.36
N GLU A 70 8.97 -5.43 -3.22
CA GLU A 70 10.39 -5.49 -2.88
C GLU A 70 10.91 -4.10 -2.52
N GLU A 71 10.38 -3.08 -3.18
CA GLU A 71 10.80 -1.70 -2.93
C GLU A 71 9.94 -1.08 -1.82
N VAL A 72 8.66 -1.42 -1.82
CA VAL A 72 7.72 -0.91 -0.82
C VAL A 72 8.09 -1.39 0.57
N ASP A 73 8.45 -2.67 0.67
CA ASP A 73 8.81 -3.28 1.96
C ASP A 73 10.11 -2.70 2.49
N SER A 74 11.01 -2.35 1.59
CA SER A 74 12.29 -1.79 1.99
C SER A 74 12.13 -0.29 2.26
N ARG A 75 11.05 0.27 1.76
CA ARG A 75 10.74 1.69 1.95
C ARG A 75 9.70 1.82 3.04
N SER A 76 9.95 1.13 4.14
CA SER A 76 9.04 1.12 5.27
C SER A 76 9.78 1.53 6.53
N ILE A 77 9.04 1.98 7.53
CA ILE A 77 9.62 2.38 8.80
C ILE A 77 8.92 1.66 9.94
N TYR A 78 9.71 1.16 10.87
CA TYR A 78 9.18 0.44 12.01
C TYR A 78 8.96 1.39 13.18
N VAL A 79 7.77 1.34 13.75
CA VAL A 79 7.42 2.18 14.87
C VAL A 79 7.44 1.38 16.17
N GLY A 80 8.45 1.64 16.99
CA GLY A 80 8.58 0.96 18.25
C GLY A 80 8.37 1.92 19.40
N ASN A 81 8.26 1.38 20.62
CA ASN A 81 8.05 2.20 21.81
C ASN A 81 6.79 3.03 21.68
N VAL A 82 5.75 2.44 21.10
CA VAL A 82 4.49 3.12 20.88
C VAL A 82 3.66 3.15 22.18
N ASP A 83 2.57 3.90 22.15
CA ASP A 83 1.68 4.00 23.30
C ASP A 83 0.76 2.79 23.36
N TYR A 84 0.50 2.30 24.57
CA TYR A 84 -0.33 1.12 24.77
C TYR A 84 -1.78 1.35 24.34
N ALA A 85 -2.19 2.60 24.18
CA ALA A 85 -3.56 2.90 23.77
C ALA A 85 -3.60 3.45 22.35
N CYS A 86 -2.48 3.39 21.65
CA CYS A 86 -2.39 3.87 20.28
C CYS A 86 -3.10 2.93 19.31
N THR A 87 -3.87 3.50 18.40
CA THR A 87 -4.58 2.72 17.40
C THR A 87 -3.86 2.81 16.05
N PRO A 88 -4.01 1.80 15.19
CA PRO A 88 -3.37 1.77 13.87
C PRO A 88 -3.76 2.96 13.00
N GLU A 89 -5.03 3.37 13.07
CA GLU A 89 -5.55 4.48 12.29
C GLU A 89 -4.87 5.79 12.65
N GLU A 90 -4.75 6.06 13.95
CA GLU A 90 -4.13 7.30 14.42
C GLU A 90 -2.64 7.35 14.05
N VAL A 91 -2.04 6.19 13.90
CA VAL A 91 -0.63 6.09 13.54
C VAL A 91 -0.42 6.43 12.07
N GLN A 92 -1.12 5.72 11.19
CA GLN A 92 -0.98 5.93 9.75
C GLN A 92 -1.39 7.33 9.33
N GLN A 93 -2.42 7.89 9.96
CA GLN A 93 -2.89 9.23 9.60
C GLN A 93 -1.96 10.32 10.13
N HIS A 94 -1.21 10.02 11.18
CA HIS A 94 -0.31 11.00 11.77
C HIS A 94 0.99 11.09 10.98
N PHE A 95 1.47 9.95 10.52
CA PHE A 95 2.72 9.91 9.77
C PHE A 95 2.48 10.27 8.31
N GLN A 96 1.22 10.20 7.88
CA GLN A 96 0.84 10.53 6.51
C GLN A 96 1.17 11.99 6.19
N SER A 97 1.25 12.80 7.23
CA SER A 97 1.57 14.21 7.09
C SER A 97 2.98 14.39 6.51
N CYS A 98 3.85 13.45 6.83
CA CYS A 98 5.22 13.49 6.34
C CYS A 98 5.39 12.56 5.14
N GLY A 99 4.85 11.36 5.26
CA GLY A 99 4.94 10.39 4.19
C GLY A 99 3.67 9.60 4.03
N THR A 100 3.20 9.48 2.79
CA THR A 100 1.99 8.75 2.51
C THR A 100 2.20 7.26 2.75
N VAL A 101 1.15 6.57 3.17
CA VAL A 101 1.23 5.14 3.46
C VAL A 101 0.17 4.36 2.69
N ASN A 102 0.57 3.25 2.10
CA ASN A 102 -0.35 2.40 1.35
C ASN A 102 -0.70 1.15 2.16
N ARG A 103 0.32 0.54 2.76
CA ARG A 103 0.12 -0.65 3.57
C ARG A 103 0.57 -0.40 5.01
N VAL A 104 -0.22 -0.87 5.96
CA VAL A 104 0.08 -0.69 7.37
C VAL A 104 -0.35 -1.92 8.16
N THR A 105 0.40 -2.25 9.20
CA THR A 105 0.08 -3.39 10.04
C THR A 105 0.47 -3.10 11.48
N ILE A 106 -0.37 -3.48 12.42
CA ILE A 106 -0.12 -3.26 13.84
C ILE A 106 -0.11 -4.58 14.61
N LEU A 107 0.75 -4.69 15.61
CA LEU A 107 0.85 -5.88 16.42
C LEU A 107 0.62 -5.56 17.88
N THR A 108 -0.29 -6.29 18.51
CA THR A 108 -0.59 -6.09 19.91
C THR A 108 0.31 -6.98 20.77
N ASP A 109 1.08 -6.37 21.66
CA ASP A 109 1.97 -7.13 22.54
C ASP A 109 1.30 -7.47 23.85
N LYS A 110 1.62 -8.64 24.37
CA LYS A 110 1.07 -9.10 25.64
C LYS A 110 2.19 -9.71 26.47
N PHE A 111 3.40 -9.20 26.26
CA PHE A 111 4.57 -9.67 26.96
C PHE A 111 5.08 -8.62 27.93
N GLY A 112 4.55 -7.41 27.79
CA GLY A 112 4.96 -6.31 28.65
C GLY A 112 5.72 -5.23 27.89
N GLN A 113 5.73 -5.33 26.57
CA GLN A 113 6.41 -4.35 25.73
C GLN A 113 5.43 -3.26 25.34
N PRO A 114 5.91 -2.06 24.98
CA PRO A 114 5.05 -0.95 24.56
C PRO A 114 4.18 -1.34 23.37
N LYS A 115 2.93 -1.71 23.65
CA LYS A 115 1.98 -2.12 22.63
C LYS A 115 1.78 -1.02 21.59
N GLY A 116 1.22 -1.39 20.45
CA GLY A 116 0.99 -0.43 19.39
C GLY A 116 2.02 -0.54 18.29
N PHE A 117 2.87 -1.56 18.38
CA PHE A 117 3.92 -1.79 17.39
C PHE A 117 3.32 -1.83 15.99
N ALA A 118 3.75 -0.92 15.15
CA ALA A 118 3.23 -0.85 13.79
C ALA A 118 4.31 -0.40 12.82
N TYR A 119 3.99 -0.44 11.54
CA TYR A 119 4.91 -0.02 10.50
C TYR A 119 4.12 0.43 9.28
N VAL A 120 4.66 1.38 8.54
CA VAL A 120 4.01 1.89 7.35
C VAL A 120 4.95 1.78 6.15
N GLU A 121 4.41 1.33 5.02
CA GLU A 121 5.22 1.18 3.81
C GLU A 121 4.56 1.87 2.62
N PHE A 122 5.38 2.36 1.69
CA PHE A 122 4.88 3.04 0.51
C PHE A 122 5.83 2.83 -0.67
N VAL A 123 5.38 3.19 -1.87
CA VAL A 123 6.17 3.03 -3.08
C VAL A 123 7.15 4.18 -3.27
N GLU A 124 6.69 5.40 -3.01
CA GLU A 124 7.54 6.58 -3.17
C GLU A 124 8.61 6.64 -2.08
N ILE A 125 9.84 6.77 -2.52
CA ILE A 125 10.99 6.82 -1.64
C ILE A 125 10.99 8.10 -0.80
N ASP A 126 10.70 9.23 -1.44
CA ASP A 126 10.68 10.52 -0.75
C ASP A 126 9.63 10.56 0.35
N ALA A 127 8.56 9.77 0.17
CA ALA A 127 7.50 9.71 1.15
C ALA A 127 8.02 9.17 2.47
N VAL A 128 8.58 7.96 2.43
CA VAL A 128 9.12 7.34 3.63
C VAL A 128 10.38 8.07 4.09
N GLN A 129 11.07 8.71 3.14
CA GLN A 129 12.29 9.46 3.46
C GLN A 129 11.98 10.61 4.40
N ASN A 130 10.91 11.34 4.11
CA ASN A 130 10.53 12.47 4.95
C ASN A 130 9.92 11.95 6.25
N ALA A 131 9.35 10.75 6.19
CA ALA A 131 8.76 10.12 7.34
C ALA A 131 9.82 9.72 8.36
N LEU A 132 10.85 9.03 7.91
CA LEU A 132 11.93 8.59 8.79
C LEU A 132 12.70 9.78 9.35
N LEU A 133 12.53 10.93 8.73
CA LEU A 133 13.19 12.16 9.16
C LEU A 133 12.42 12.79 10.31
N LEU A 134 11.13 13.03 10.08
CA LEU A 134 10.27 13.63 11.09
C LEU A 134 9.12 12.70 11.42
N ASN A 135 9.31 11.89 12.45
CA ASN A 135 8.28 10.93 12.88
C ASN A 135 8.29 10.75 14.39
N GLU A 136 9.45 10.36 14.92
CA GLU A 136 9.59 10.14 16.34
C GLU A 136 9.63 11.46 17.11
N THR A 137 8.46 11.95 17.47
CA THR A 137 8.34 13.19 18.21
C THR A 137 7.29 13.05 19.30
N GLU A 138 6.04 12.88 18.90
CA GLU A 138 4.93 12.74 19.84
C GLU A 138 3.76 12.03 19.17
N LEU A 139 3.16 11.10 19.90
CA LEU A 139 2.02 10.35 19.42
C LEU A 139 1.18 9.91 20.60
N HIS A 140 -0.09 10.36 20.64
CA HIS A 140 -1.01 10.00 21.72
C HIS A 140 -0.53 10.58 23.05
N GLY A 141 0.34 11.58 22.97
CA GLY A 141 0.87 12.20 24.17
C GLY A 141 2.12 11.49 24.65
N ARG A 142 2.46 10.39 24.01
CA ARG A 142 3.63 9.61 24.38
C ARG A 142 4.72 9.76 23.32
N GLN A 143 5.88 9.18 23.58
CA GLN A 143 6.99 9.25 22.65
C GLN A 143 7.28 7.85 22.11
N LEU A 144 7.76 7.77 20.87
CA LEU A 144 8.07 6.50 20.24
C LEU A 144 9.39 6.57 19.50
N LYS A 145 9.81 5.44 18.98
CA LYS A 145 11.06 5.33 18.24
C LYS A 145 10.79 4.76 16.86
N VAL A 146 11.26 5.45 15.83
CA VAL A 146 11.05 5.01 14.45
C VAL A 146 12.36 4.66 13.79
N SER A 147 12.44 3.46 13.24
CA SER A 147 13.65 2.99 12.56
C SER A 147 13.34 2.61 11.11
N ALA A 148 14.35 2.70 10.25
CA ALA A 148 14.18 2.36 8.85
C ALA A 148 14.12 0.84 8.68
N LYS A 149 12.98 0.36 8.19
CA LYS A 149 12.79 -1.07 7.99
C LYS A 149 13.17 -1.48 6.56
N ARG A 150 14.33 -1.02 6.11
CA ARG A 150 14.79 -1.36 4.78
C ARG A 150 15.27 -2.81 4.74
N THR A 151 14.39 -3.69 4.32
CA THR A 151 14.71 -5.11 4.23
C THR A 151 15.84 -5.36 3.23
N ASN A 152 16.69 -6.33 3.55
CA ASN A 152 17.83 -6.68 2.71
C ASN A 152 18.35 -8.05 3.12
N ILE A 153 19.54 -8.40 2.68
CA ILE A 153 20.14 -9.69 3.00
C ILE A 153 21.35 -9.49 3.89
N PRO A 154 21.66 -10.48 4.76
CA PRO A 154 22.80 -10.41 5.67
C PRO A 154 24.12 -10.28 4.92
N GLY A 155 24.65 -9.06 4.88
CA GLY A 155 25.89 -8.80 4.20
C GLY A 155 25.87 -7.44 3.54
N MET A 1 -36.20 -52.07 48.25
CA MET A 1 -36.21 -50.65 48.69
C MET A 1 -34.78 -50.16 48.86
N GLY A 2 -34.55 -48.89 48.55
CA GLY A 2 -33.22 -48.32 48.68
C GLY A 2 -32.72 -47.72 47.38
N SER A 3 -32.44 -46.44 47.38
CA SER A 3 -31.96 -45.75 46.20
C SER A 3 -30.53 -45.25 46.40
N SER A 4 -29.79 -45.13 45.31
CA SER A 4 -28.40 -44.67 45.36
C SER A 4 -28.19 -43.48 44.41
N HIS A 5 -27.15 -42.70 44.66
CA HIS A 5 -26.86 -41.54 43.83
C HIS A 5 -25.36 -41.31 43.75
N HIS A 6 -24.87 -40.96 42.56
CA HIS A 6 -23.45 -40.73 42.35
C HIS A 6 -23.22 -39.70 41.24
N HIS A 7 -21.98 -39.24 41.13
CA HIS A 7 -21.61 -38.26 40.12
C HIS A 7 -20.12 -38.36 39.80
N HIS A 8 -19.66 -37.62 38.80
CA HIS A 8 -18.26 -37.62 38.41
C HIS A 8 -17.83 -36.24 37.95
N HIS A 9 -16.55 -36.06 37.68
CA HIS A 9 -16.02 -34.77 37.24
C HIS A 9 -15.80 -34.73 35.73
N HIS A 10 -15.37 -33.58 35.23
CA HIS A 10 -15.10 -33.41 33.80
C HIS A 10 -13.93 -32.44 33.59
N SER A 11 -13.09 -32.74 32.60
CA SER A 11 -11.93 -31.90 32.32
C SER A 11 -11.75 -31.72 30.81
N SER A 12 -11.12 -30.62 30.41
CA SER A 12 -10.88 -30.31 29.00
C SER A 12 -9.59 -29.50 28.84
N GLY A 13 -9.28 -29.13 27.60
CA GLY A 13 -8.08 -28.36 27.33
C GLY A 13 -8.05 -27.82 25.92
N LEU A 14 -7.30 -26.74 25.70
CA LEU A 14 -7.19 -26.12 24.38
C LEU A 14 -5.86 -26.48 23.74
N VAL A 15 -5.68 -26.09 22.48
CA VAL A 15 -4.45 -26.36 21.75
C VAL A 15 -3.81 -25.09 21.22
N PRO A 16 -2.51 -25.11 20.88
CA PRO A 16 -1.78 -23.95 20.36
C PRO A 16 -2.07 -23.69 18.89
N ARG A 17 -1.41 -22.68 18.33
CA ARG A 17 -1.59 -22.31 16.92
C ARG A 17 -0.25 -22.28 16.19
N GLY A 18 -0.27 -21.81 14.95
CA GLY A 18 0.96 -21.73 14.17
C GLY A 18 0.94 -20.55 13.22
N SER A 19 2.08 -20.25 12.63
CA SER A 19 2.20 -19.12 11.70
C SER A 19 2.77 -19.58 10.36
N HIS A 20 2.89 -18.66 9.42
CA HIS A 20 3.43 -18.96 8.10
C HIS A 20 4.02 -17.70 7.47
N MET A 21 5.10 -17.85 6.73
CA MET A 21 5.76 -16.72 6.07
C MET A 21 6.19 -17.10 4.66
N GLY A 22 6.51 -16.10 3.86
CA GLY A 22 6.92 -16.36 2.49
C GLY A 22 8.36 -15.93 2.21
N SER A 23 8.67 -15.72 0.95
CA SER A 23 10.01 -15.31 0.54
C SER A 23 9.95 -14.11 -0.41
N ASP A 24 11.11 -13.65 -0.85
CA ASP A 24 11.22 -12.52 -1.75
C ASP A 24 11.59 -12.98 -3.16
N LEU A 25 11.42 -12.08 -4.13
CA LEU A 25 11.74 -12.38 -5.53
C LEU A 25 12.18 -11.10 -6.23
N GLU A 26 13.38 -11.13 -6.80
CA GLU A 26 13.93 -9.97 -7.49
C GLU A 26 13.31 -9.77 -8.86
N ASP A 27 12.71 -8.59 -9.06
CA ASP A 27 12.07 -8.23 -10.32
C ASP A 27 12.51 -6.82 -10.72
N MET A 28 11.74 -6.15 -11.59
CA MET A 28 12.09 -4.81 -12.03
C MET A 28 10.86 -4.01 -12.50
N LYS A 29 9.67 -4.60 -12.40
CA LYS A 29 8.46 -3.92 -12.83
C LYS A 29 7.77 -3.20 -11.67
N LYS A 30 7.48 -1.92 -11.85
CA LYS A 30 6.82 -1.12 -10.81
C LYS A 30 5.86 -0.12 -11.46
N ARG A 31 4.59 -0.17 -11.05
CA ARG A 31 3.57 0.72 -11.59
C ARG A 31 2.20 0.53 -10.92
N LEU A 32 2.18 -0.17 -9.78
CA LEU A 32 0.93 -0.41 -9.07
C LEU A 32 1.05 -0.04 -7.59
N LYS A 33 -0.01 -0.24 -6.83
CA LYS A 33 0.01 0.10 -5.40
C LYS A 33 -1.14 -0.58 -4.64
N GLU A 34 -1.53 -1.76 -5.10
CA GLU A 34 -2.63 -2.48 -4.46
C GLU A 34 -2.16 -3.82 -3.89
N ILE A 35 -3.11 -4.58 -3.37
CA ILE A 35 -2.83 -5.90 -2.80
C ILE A 35 -3.84 -6.91 -3.33
N GLU A 36 -3.35 -8.03 -3.81
CA GLU A 36 -4.21 -9.07 -4.37
C GLU A 36 -3.72 -10.46 -3.95
N GLU A 37 -4.14 -11.49 -4.69
CA GLU A 37 -3.73 -12.85 -4.40
C GLU A 37 -3.31 -13.59 -5.66
N GLU A 38 -2.71 -14.76 -5.48
CA GLU A 38 -2.24 -15.57 -6.59
C GLU A 38 -3.41 -16.16 -7.37
N ALA A 39 -3.40 -15.96 -8.68
CA ALA A 39 -4.45 -16.47 -9.55
C ALA A 39 -3.88 -16.87 -10.92
N GLY A 40 -2.68 -17.46 -10.90
CA GLY A 40 -2.05 -17.87 -12.14
C GLY A 40 -2.06 -19.38 -12.30
N ALA A 41 -2.07 -19.83 -13.55
CA ALA A 41 -2.08 -21.26 -13.85
C ALA A 41 -1.29 -21.55 -15.12
N LEU A 42 -0.92 -22.81 -15.30
CA LEU A 42 -0.16 -23.22 -16.47
C LEU A 42 -1.07 -23.33 -17.69
N ARG A 43 -1.26 -22.21 -18.37
CA ARG A 43 -2.10 -22.15 -19.54
C ARG A 43 -1.56 -21.11 -20.51
N GLU A 44 -1.78 -21.33 -21.80
CA GLU A 44 -1.34 -20.41 -22.84
C GLU A 44 -2.28 -19.22 -22.95
N MET A 45 -2.48 -18.55 -21.83
CA MET A 45 -3.35 -17.38 -21.77
C MET A 45 -2.52 -16.12 -21.66
N GLN A 46 -1.22 -16.26 -21.90
CA GLN A 46 -0.30 -15.13 -21.81
C GLN A 46 -0.48 -14.20 -23.00
N ALA A 47 -0.95 -14.77 -24.11
CA ALA A 47 -1.18 -13.99 -25.33
C ALA A 47 -2.37 -13.06 -25.15
N LYS A 48 -3.05 -13.19 -24.02
CA LYS A 48 -4.20 -12.35 -23.70
C LYS A 48 -3.74 -11.06 -23.03
N VAL A 49 -2.42 -10.89 -22.90
CA VAL A 49 -1.84 -9.72 -22.27
C VAL A 49 -2.30 -8.41 -22.94
N GLU A 50 -2.58 -8.47 -24.23
CA GLU A 50 -3.04 -7.30 -24.97
C GLU A 50 -4.42 -6.85 -24.50
N LYS A 51 -5.21 -7.79 -24.01
CA LYS A 51 -6.55 -7.49 -23.51
C LYS A 51 -6.45 -7.08 -22.05
N GLU A 52 -5.49 -7.67 -21.34
CA GLU A 52 -5.30 -7.38 -19.94
C GLU A 52 -4.60 -6.04 -19.73
N MET A 53 -4.22 -5.41 -20.83
CA MET A 53 -3.56 -4.11 -20.78
C MET A 53 -4.45 -3.10 -20.08
N GLY A 54 -5.75 -3.18 -20.35
CA GLY A 54 -6.69 -2.27 -19.73
C GLY A 54 -7.19 -2.78 -18.39
N ALA A 55 -6.68 -3.93 -17.98
CA ALA A 55 -7.08 -4.54 -16.72
C ALA A 55 -5.86 -4.88 -15.87
N VAL A 56 -4.80 -4.08 -16.03
CA VAL A 56 -3.56 -4.29 -15.27
C VAL A 56 -3.81 -4.07 -13.78
N GLN A 57 -4.91 -3.41 -13.45
CA GLN A 57 -5.25 -3.14 -12.06
C GLN A 57 -6.32 -4.11 -11.59
N ASP A 58 -6.58 -5.16 -12.36
CA ASP A 58 -7.58 -6.16 -11.99
C ASP A 58 -7.03 -7.57 -12.10
N SER A 59 -6.49 -7.92 -13.26
CA SER A 59 -5.95 -9.25 -13.47
C SER A 59 -4.42 -9.29 -13.31
N SER A 60 -3.74 -8.24 -13.77
CA SER A 60 -2.29 -8.20 -13.69
C SER A 60 -1.80 -7.39 -12.48
N SER A 61 -2.68 -7.23 -11.50
CA SER A 61 -2.34 -6.47 -10.30
C SER A 61 -1.36 -7.23 -9.40
N THR A 62 -1.25 -8.54 -9.63
CA THR A 62 -0.36 -9.40 -8.84
C THR A 62 1.09 -8.93 -8.84
N SER A 63 1.43 -8.10 -9.82
CA SER A 63 2.79 -7.58 -9.94
C SER A 63 3.08 -6.58 -8.81
N ALA A 64 2.03 -6.11 -8.15
CA ALA A 64 2.16 -5.15 -7.06
C ALA A 64 2.68 -5.81 -5.79
N THR A 65 2.06 -6.92 -5.41
CA THR A 65 2.45 -7.63 -4.20
C THR A 65 3.68 -8.52 -4.44
N GLN A 66 4.13 -8.61 -5.68
CA GLN A 66 5.29 -9.43 -6.01
C GLN A 66 6.49 -8.60 -6.42
N ALA A 67 6.39 -7.90 -7.55
CA ALA A 67 7.49 -7.10 -8.08
C ALA A 67 7.63 -5.77 -7.33
N GLU A 68 6.54 -5.02 -7.28
CA GLU A 68 6.53 -3.73 -6.61
C GLU A 68 6.84 -3.89 -5.11
N LYS A 69 6.53 -5.07 -4.58
CA LYS A 69 6.74 -5.38 -3.17
C LYS A 69 8.15 -5.03 -2.71
N GLU A 70 9.15 -5.35 -3.55
CA GLU A 70 10.55 -5.09 -3.24
C GLU A 70 10.80 -3.64 -2.85
N GLU A 71 10.07 -2.72 -3.48
CA GLU A 71 10.24 -1.31 -3.20
C GLU A 71 9.44 -0.88 -1.98
N VAL A 72 8.29 -1.50 -1.77
CA VAL A 72 7.44 -1.16 -0.65
C VAL A 72 8.08 -1.55 0.69
N ASP A 73 8.70 -2.73 0.75
CA ASP A 73 9.32 -3.15 2.01
C ASP A 73 10.72 -2.57 2.16
N SER A 74 11.23 -1.98 1.10
CA SER A 74 12.54 -1.33 1.18
C SER A 74 12.33 0.11 1.63
N ARG A 75 11.10 0.60 1.45
CA ARG A 75 10.73 1.95 1.82
C ARG A 75 9.66 1.92 2.92
N SER A 76 9.95 1.22 4.00
CA SER A 76 9.02 1.14 5.12
C SER A 76 9.68 1.59 6.41
N ILE A 77 8.86 1.96 7.38
CA ILE A 77 9.36 2.39 8.68
C ILE A 77 8.69 1.61 9.80
N TYR A 78 9.47 1.21 10.78
CA TYR A 78 8.97 0.45 11.91
C TYR A 78 8.85 1.34 13.12
N VAL A 79 7.67 1.35 13.72
CA VAL A 79 7.42 2.17 14.90
C VAL A 79 7.53 1.33 16.17
N GLY A 80 8.55 1.62 16.96
CA GLY A 80 8.75 0.89 18.20
C GLY A 80 8.50 1.77 19.40
N ASN A 81 8.13 1.14 20.51
CA ASN A 81 7.84 1.84 21.77
C ASN A 81 6.69 2.81 21.57
N VAL A 82 5.58 2.30 21.06
CA VAL A 82 4.40 3.11 20.82
C VAL A 82 3.51 3.13 22.06
N ASP A 83 2.51 4.01 22.06
CA ASP A 83 1.59 4.11 23.18
C ASP A 83 0.63 2.93 23.19
N TYR A 84 0.35 2.44 24.38
CA TYR A 84 -0.54 1.29 24.57
C TYR A 84 -1.97 1.60 24.11
N ALA A 85 -2.34 2.87 24.15
CA ALA A 85 -3.67 3.29 23.75
C ALA A 85 -3.70 3.77 22.30
N CYS A 86 -2.61 3.55 21.58
CA CYS A 86 -2.53 3.96 20.19
C CYS A 86 -3.14 2.91 19.27
N THR A 87 -3.70 3.37 18.16
CA THR A 87 -4.32 2.51 17.17
C THR A 87 -3.61 2.65 15.82
N PRO A 88 -3.71 1.65 14.93
CA PRO A 88 -3.05 1.69 13.63
C PRO A 88 -3.50 2.89 12.78
N GLU A 89 -4.78 3.23 12.88
CA GLU A 89 -5.34 4.33 12.13
C GLU A 89 -4.72 5.67 12.51
N GLU A 90 -4.71 5.97 13.81
CA GLU A 90 -4.17 7.23 14.30
C GLU A 90 -2.67 7.35 14.01
N VAL A 91 -2.01 6.22 13.87
CA VAL A 91 -0.59 6.20 13.59
C VAL A 91 -0.31 6.50 12.12
N GLN A 92 -1.00 5.81 11.23
CA GLN A 92 -0.81 5.99 9.79
C GLN A 92 -1.26 7.37 9.32
N GLN A 93 -2.37 7.88 9.87
CA GLN A 93 -2.87 9.18 9.45
C GLN A 93 -1.98 10.32 9.95
N HIS A 94 -1.27 10.08 11.05
CA HIS A 94 -0.39 11.10 11.61
C HIS A 94 0.92 11.15 10.84
N PHE A 95 1.40 9.98 10.43
CA PHE A 95 2.64 9.90 9.69
C PHE A 95 2.41 10.22 8.22
N GLN A 96 1.15 10.23 7.81
CA GLN A 96 0.77 10.53 6.43
C GLN A 96 1.15 11.97 6.11
N SER A 97 1.26 12.79 7.15
CA SER A 97 1.63 14.19 7.00
C SER A 97 3.08 14.31 6.56
N CYS A 98 3.87 13.29 6.89
CA CYS A 98 5.28 13.25 6.52
C CYS A 98 5.41 12.53 5.18
N GLY A 99 4.75 11.38 5.09
CA GLY A 99 4.79 10.60 3.88
C GLY A 99 3.51 9.81 3.71
N THR A 100 3.05 9.68 2.47
CA THR A 100 1.83 8.95 2.19
C THR A 100 1.97 7.48 2.60
N VAL A 101 0.92 6.93 3.19
CA VAL A 101 0.93 5.55 3.64
C VAL A 101 0.18 4.64 2.67
N ASN A 102 0.66 3.40 2.53
CA ASN A 102 0.04 2.42 1.66
C ASN A 102 -0.53 1.28 2.50
N ARG A 103 0.34 0.59 3.20
CA ARG A 103 -0.08 -0.52 4.05
C ARG A 103 0.31 -0.25 5.49
N VAL A 104 -0.51 -0.69 6.42
CA VAL A 104 -0.26 -0.51 7.85
C VAL A 104 -0.58 -1.79 8.62
N THR A 105 0.37 -2.23 9.42
CA THR A 105 0.18 -3.43 10.23
C THR A 105 0.54 -3.15 11.68
N ILE A 106 -0.31 -3.60 12.60
CA ILE A 106 -0.08 -3.39 14.02
C ILE A 106 -0.10 -4.71 14.77
N LEU A 107 0.67 -4.79 15.84
CA LEU A 107 0.75 -5.99 16.66
C LEU A 107 0.66 -5.61 18.15
N THR A 108 -0.35 -6.10 18.83
CA THR A 108 -0.54 -5.82 20.23
C THR A 108 0.19 -6.86 21.08
N ASP A 109 1.27 -6.43 21.73
CA ASP A 109 2.06 -7.32 22.57
C ASP A 109 1.34 -7.62 23.88
N LYS A 110 1.56 -8.83 24.38
CA LYS A 110 0.96 -9.26 25.64
C LYS A 110 2.02 -9.91 26.52
N PHE A 111 3.26 -9.45 26.38
CA PHE A 111 4.37 -10.01 27.14
C PHE A 111 5.04 -8.96 28.01
N GLY A 112 4.59 -7.72 27.90
CA GLY A 112 5.16 -6.66 28.71
C GLY A 112 5.89 -5.59 27.91
N GLN A 113 5.76 -5.62 26.59
CA GLN A 113 6.41 -4.63 25.74
C GLN A 113 5.40 -3.54 25.39
N PRO A 114 5.87 -2.31 25.07
CA PRO A 114 5.00 -1.20 24.68
C PRO A 114 4.08 -1.59 23.52
N LYS A 115 2.84 -1.93 23.87
CA LYS A 115 1.84 -2.34 22.90
C LYS A 115 1.58 -1.24 21.88
N GLY A 116 1.18 -1.63 20.68
CA GLY A 116 0.91 -0.66 19.64
C GLY A 116 1.94 -0.72 18.53
N PHE A 117 2.84 -1.71 18.60
CA PHE A 117 3.88 -1.88 17.57
C PHE A 117 3.26 -1.92 16.18
N ALA A 118 3.64 -0.97 15.35
CA ALA A 118 3.10 -0.90 14.00
C ALA A 118 4.17 -0.46 13.02
N TYR A 119 3.93 -0.71 11.75
CA TYR A 119 4.85 -0.32 10.71
C TYR A 119 4.09 -0.06 9.42
N VAL A 120 4.55 0.90 8.65
CA VAL A 120 3.91 1.26 7.39
C VAL A 120 4.91 1.17 6.24
N GLU A 121 4.44 0.74 5.09
CA GLU A 121 5.29 0.62 3.92
C GLU A 121 4.72 1.41 2.75
N PHE A 122 5.60 1.99 1.94
CA PHE A 122 5.19 2.77 0.78
C PHE A 122 6.14 2.50 -0.38
N VAL A 123 5.78 2.96 -1.58
CA VAL A 123 6.60 2.73 -2.76
C VAL A 123 7.44 3.96 -3.12
N GLU A 124 6.99 5.13 -2.71
CA GLU A 124 7.72 6.36 -3.01
C GLU A 124 8.79 6.61 -1.96
N ILE A 125 10.04 6.65 -2.41
CA ILE A 125 11.18 6.87 -1.53
C ILE A 125 11.13 8.24 -0.86
N ASP A 126 10.78 9.26 -1.64
CA ASP A 126 10.70 10.63 -1.13
C ASP A 126 9.74 10.73 0.05
N ALA A 127 8.60 10.07 -0.06
CA ALA A 127 7.58 10.10 0.99
C ALA A 127 8.12 9.54 2.31
N VAL A 128 8.70 8.35 2.26
CA VAL A 128 9.24 7.72 3.46
C VAL A 128 10.46 8.47 3.98
N GLN A 129 11.13 9.20 3.09
CA GLN A 129 12.32 9.96 3.47
C GLN A 129 11.96 11.06 4.46
N ASN A 130 10.83 11.73 4.21
CA ASN A 130 10.39 12.79 5.10
C ASN A 130 10.02 12.23 6.47
N ALA A 131 9.49 11.01 6.46
CA ALA A 131 9.10 10.33 7.70
C ALA A 131 10.33 9.87 8.48
N LEU A 132 11.43 9.66 7.76
CA LEU A 132 12.68 9.23 8.38
C LEU A 132 13.32 10.41 9.12
N LEU A 133 13.00 11.62 8.65
CA LEU A 133 13.53 12.83 9.24
C LEU A 133 12.74 13.21 10.48
N LEU A 134 11.44 13.40 10.32
CA LEU A 134 10.57 13.77 11.43
C LEU A 134 9.39 12.82 11.51
N ASN A 135 9.25 12.15 12.64
CA ASN A 135 8.16 11.20 12.85
C ASN A 135 8.08 10.79 14.32
N GLU A 136 9.22 10.32 14.83
CA GLU A 136 9.29 9.87 16.22
C GLU A 136 9.45 11.06 17.16
N THR A 137 8.39 11.83 17.31
CA THR A 137 8.40 12.98 18.18
C THR A 137 7.47 12.75 19.37
N GLU A 138 6.18 12.84 19.11
CA GLU A 138 5.16 12.63 20.14
C GLU A 138 3.83 12.25 19.50
N LEU A 139 3.29 11.11 19.93
CA LEU A 139 2.02 10.61 19.42
C LEU A 139 1.16 10.14 20.59
N HIS A 140 -0.07 10.64 20.66
CA HIS A 140 -1.00 10.26 21.74
C HIS A 140 -0.46 10.75 23.09
N GLY A 141 0.41 11.74 23.04
CA GLY A 141 1.00 12.27 24.25
C GLY A 141 2.19 11.47 24.73
N ARG A 142 2.52 10.41 23.99
CA ARG A 142 3.64 9.55 24.34
C ARG A 142 4.73 9.66 23.28
N GLN A 143 5.96 9.37 23.68
CA GLN A 143 7.07 9.41 22.74
C GLN A 143 7.34 8.01 22.21
N LEU A 144 7.78 7.93 20.96
CA LEU A 144 8.06 6.64 20.34
C LEU A 144 9.30 6.72 19.47
N LYS A 145 9.64 5.61 18.84
CA LYS A 145 10.81 5.54 17.96
C LYS A 145 10.42 5.01 16.60
N VAL A 146 11.01 5.55 15.55
CA VAL A 146 10.72 5.13 14.19
C VAL A 146 12.02 4.81 13.45
N SER A 147 12.23 3.54 13.17
CA SER A 147 13.44 3.10 12.49
C SER A 147 13.11 2.67 11.06
N ALA A 148 14.09 2.76 10.18
CA ALA A 148 13.90 2.38 8.78
C ALA A 148 13.88 0.87 8.64
N LYS A 149 12.74 0.34 8.22
CA LYS A 149 12.59 -1.08 8.03
C LYS A 149 13.07 -1.48 6.64
N ARG A 150 14.37 -1.39 6.43
CA ARG A 150 14.97 -1.72 5.15
C ARG A 150 15.07 -3.24 4.96
N THR A 151 14.09 -3.81 4.27
CA THR A 151 14.09 -5.25 4.00
C THR A 151 15.18 -5.58 2.99
N ASN A 152 16.27 -6.14 3.47
CA ASN A 152 17.39 -6.50 2.61
C ASN A 152 18.12 -7.73 3.13
N ILE A 153 18.72 -8.47 2.22
CA ILE A 153 19.45 -9.67 2.59
C ILE A 153 20.81 -9.30 3.17
N PRO A 154 21.36 -10.14 4.06
CA PRO A 154 22.66 -9.89 4.68
C PRO A 154 23.78 -9.98 3.66
N GLY A 155 24.23 -8.81 3.21
CA GLY A 155 25.30 -8.75 2.24
C GLY A 155 26.63 -8.50 2.89
N MET A 1 -35.19 -52.31 50.08
CA MET A 1 -35.55 -50.97 49.59
C MET A 1 -34.38 -50.02 49.79
N GLY A 2 -34.50 -48.81 49.26
CA GLY A 2 -33.44 -47.82 49.40
C GLY A 2 -32.89 -47.39 48.06
N SER A 3 -32.09 -46.34 48.07
CA SER A 3 -31.50 -45.82 46.85
C SER A 3 -30.14 -45.21 47.12
N SER A 4 -29.30 -45.15 46.09
CA SER A 4 -27.97 -44.59 46.22
C SER A 4 -27.81 -43.37 45.29
N HIS A 5 -26.72 -42.65 45.46
CA HIS A 5 -26.44 -41.48 44.63
C HIS A 5 -24.93 -41.30 44.47
N HIS A 6 -24.49 -41.00 43.25
CA HIS A 6 -23.06 -40.81 42.99
C HIS A 6 -22.82 -39.52 42.21
N HIS A 7 -21.56 -39.16 41.99
CA HIS A 7 -21.22 -37.96 41.26
C HIS A 7 -19.90 -38.12 40.51
N HIS A 8 -19.60 -37.17 39.63
CA HIS A 8 -18.37 -37.20 38.84
C HIS A 8 -18.04 -35.81 38.29
N HIS A 9 -16.88 -35.68 37.67
CA HIS A 9 -16.44 -34.40 37.09
C HIS A 9 -15.54 -34.64 35.88
N HIS A 10 -15.34 -33.60 35.08
CA HIS A 10 -14.50 -33.70 33.89
C HIS A 10 -13.77 -32.38 33.65
N SER A 11 -12.61 -32.46 33.01
CA SER A 11 -11.80 -31.27 32.72
C SER A 11 -11.80 -30.98 31.21
N SER A 12 -11.09 -29.94 30.82
CA SER A 12 -11.01 -29.53 29.42
C SER A 12 -9.62 -28.94 29.13
N GLY A 13 -9.29 -28.79 27.84
CA GLY A 13 -8.00 -28.25 27.47
C GLY A 13 -8.00 -27.69 26.06
N LEU A 14 -6.95 -26.95 25.73
CA LEU A 14 -6.83 -26.34 24.41
C LEU A 14 -5.43 -26.57 23.84
N VAL A 15 -5.23 -26.16 22.60
CA VAL A 15 -3.94 -26.32 21.93
C VAL A 15 -3.45 -24.98 21.37
N PRO A 16 -2.13 -24.83 21.17
CA PRO A 16 -1.54 -23.59 20.63
C PRO A 16 -1.77 -23.43 19.13
N ARG A 17 -1.23 -22.35 18.57
CA ARG A 17 -1.37 -22.08 17.14
C ARG A 17 -0.01 -21.90 16.47
N GLY A 18 -0.03 -21.71 15.16
CA GLY A 18 1.20 -21.55 14.41
C GLY A 18 1.10 -20.44 13.40
N SER A 19 2.23 -19.80 13.11
CA SER A 19 2.28 -18.71 12.15
C SER A 19 2.95 -19.17 10.85
N HIS A 20 2.63 -18.51 9.74
CA HIS A 20 3.22 -18.87 8.46
C HIS A 20 4.13 -17.76 7.95
N MET A 21 4.88 -18.05 6.89
CA MET A 21 5.80 -17.10 6.30
C MET A 21 5.90 -17.32 4.80
N GLY A 22 6.59 -16.43 4.10
CA GLY A 22 6.75 -16.56 2.67
C GLY A 22 8.14 -16.16 2.21
N SER A 23 8.36 -16.18 0.89
CA SER A 23 9.64 -15.81 0.34
C SER A 23 9.51 -14.64 -0.63
N ASP A 24 10.63 -13.98 -0.91
CA ASP A 24 10.66 -12.84 -1.81
C ASP A 24 11.03 -13.28 -3.23
N LEU A 25 11.05 -12.32 -4.15
CA LEU A 25 11.38 -12.59 -5.55
C LEU A 25 11.85 -11.29 -6.20
N GLU A 26 12.77 -11.40 -7.14
CA GLU A 26 13.30 -10.24 -7.83
C GLU A 26 12.67 -10.06 -9.22
N ASP A 27 12.13 -8.87 -9.46
CA ASP A 27 11.52 -8.56 -10.74
C ASP A 27 11.86 -7.12 -11.14
N MET A 28 11.18 -6.60 -12.14
CA MET A 28 11.43 -5.25 -12.62
C MET A 28 10.13 -4.45 -12.74
N LYS A 29 8.99 -5.13 -12.58
CA LYS A 29 7.68 -4.48 -12.69
C LYS A 29 7.50 -3.42 -11.60
N LYS A 30 7.01 -2.24 -11.99
CA LYS A 30 6.79 -1.16 -11.04
C LYS A 30 5.79 -0.14 -11.61
N ARG A 31 4.56 -0.18 -11.10
CA ARG A 31 3.49 0.74 -11.53
C ARG A 31 2.14 0.36 -10.93
N LEU A 32 2.15 -0.36 -9.82
CA LEU A 32 0.90 -0.78 -9.18
C LEU A 32 0.95 -0.54 -7.67
N LYS A 33 -0.21 -0.66 -7.03
CA LYS A 33 -0.31 -0.45 -5.58
C LYS A 33 -1.54 -1.17 -5.03
N GLU A 34 -1.76 -2.38 -5.52
CA GLU A 34 -2.91 -3.18 -5.09
C GLU A 34 -2.51 -4.25 -4.09
N ILE A 35 -3.51 -4.94 -3.56
CA ILE A 35 -3.30 -6.03 -2.59
C ILE A 35 -4.19 -7.19 -2.95
N GLU A 36 -3.61 -8.25 -3.50
CA GLU A 36 -4.37 -9.42 -3.91
C GLU A 36 -3.61 -10.71 -3.63
N GLU A 37 -4.14 -11.82 -4.14
CA GLU A 37 -3.53 -13.13 -3.96
C GLU A 37 -3.20 -13.77 -5.31
N GLU A 38 -2.75 -15.02 -5.26
CA GLU A 38 -2.39 -15.76 -6.46
C GLU A 38 -3.63 -16.12 -7.30
N ALA A 39 -3.47 -16.11 -8.61
CA ALA A 39 -4.57 -16.43 -9.52
C ALA A 39 -4.04 -16.92 -10.87
N GLY A 40 -2.83 -17.45 -10.86
CA GLY A 40 -2.22 -17.94 -12.08
C GLY A 40 -2.06 -19.44 -12.10
N ALA A 41 -2.03 -20.00 -13.30
CA ALA A 41 -1.89 -21.45 -13.47
C ALA A 41 -0.96 -21.75 -14.64
N LEU A 42 -0.55 -22.99 -14.76
CA LEU A 42 0.34 -23.39 -15.84
C LEU A 42 -0.46 -23.72 -17.10
N ARG A 43 -0.91 -22.68 -17.79
CA ARG A 43 -1.69 -22.85 -18.99
C ARG A 43 -1.22 -21.89 -20.08
N GLU A 44 -1.52 -22.22 -21.32
CA GLU A 44 -1.15 -21.40 -22.46
C GLU A 44 -2.15 -20.28 -22.68
N MET A 45 -2.37 -19.47 -21.64
CA MET A 45 -3.31 -18.35 -21.72
C MET A 45 -2.59 -17.03 -21.49
N GLN A 46 -1.27 -17.06 -21.63
CA GLN A 46 -0.44 -15.87 -21.42
C GLN A 46 -0.67 -14.86 -22.55
N ALA A 47 -1.13 -15.35 -23.70
CA ALA A 47 -1.39 -14.49 -24.86
C ALA A 47 -2.51 -13.50 -24.59
N LYS A 48 -3.27 -13.73 -23.53
CA LYS A 48 -4.38 -12.85 -23.19
C LYS A 48 -3.87 -11.56 -22.54
N VAL A 49 -2.58 -11.51 -22.24
CA VAL A 49 -1.98 -10.32 -21.61
C VAL A 49 -2.17 -9.07 -22.48
N GLU A 50 -2.27 -9.29 -23.78
CA GLU A 50 -2.45 -8.21 -24.74
C GLU A 50 -3.82 -7.55 -24.53
N LYS A 51 -4.75 -8.31 -23.97
CA LYS A 51 -6.08 -7.81 -23.71
C LYS A 51 -6.21 -7.41 -22.24
N GLU A 52 -5.52 -8.16 -21.38
CA GLU A 52 -5.55 -7.90 -19.95
C GLU A 52 -4.64 -6.72 -19.59
N MET A 53 -4.03 -6.10 -20.60
CA MET A 53 -3.14 -4.96 -20.38
C MET A 53 -3.92 -3.79 -19.78
N GLY A 54 -5.22 -3.73 -20.09
CA GLY A 54 -6.07 -2.69 -19.57
C GLY A 54 -6.68 -3.09 -18.25
N ALA A 55 -6.37 -4.29 -17.80
CA ALA A 55 -6.89 -4.81 -16.54
C ALA A 55 -5.74 -5.24 -15.64
N VAL A 56 -4.63 -4.53 -15.74
CA VAL A 56 -3.44 -4.83 -14.94
C VAL A 56 -3.69 -4.62 -13.45
N GLN A 57 -4.82 -4.00 -13.13
CA GLN A 57 -5.19 -3.75 -11.75
C GLN A 57 -6.00 -4.91 -11.18
N ASP A 58 -6.17 -5.96 -11.98
CA ASP A 58 -6.94 -7.12 -11.54
C ASP A 58 -6.34 -8.44 -12.06
N SER A 59 -5.97 -8.46 -13.34
CA SER A 59 -5.39 -9.66 -13.94
C SER A 59 -3.88 -9.73 -13.72
N SER A 60 -3.24 -8.58 -13.56
CA SER A 60 -1.80 -8.54 -13.37
C SER A 60 -1.45 -7.74 -12.12
N SER A 61 -2.42 -7.62 -11.22
CA SER A 61 -2.21 -6.86 -9.99
C SER A 61 -1.22 -7.56 -9.07
N THR A 62 -1.16 -8.88 -9.17
CA THR A 62 -0.28 -9.70 -8.35
C THR A 62 1.19 -9.26 -8.47
N SER A 63 1.51 -8.58 -9.58
CA SER A 63 2.86 -8.11 -9.81
C SER A 63 3.23 -7.01 -8.81
N ALA A 64 2.22 -6.44 -8.17
CA ALA A 64 2.44 -5.37 -7.19
C ALA A 64 2.90 -5.97 -5.86
N THR A 65 2.20 -6.98 -5.40
CA THR A 65 2.54 -7.63 -4.14
C THR A 65 3.77 -8.54 -4.28
N GLN A 66 4.29 -8.67 -5.50
CA GLN A 66 5.47 -9.50 -5.73
C GLN A 66 6.67 -8.68 -6.19
N ALA A 67 6.52 -8.00 -7.32
CA ALA A 67 7.61 -7.20 -7.89
C ALA A 67 7.74 -5.84 -7.22
N GLU A 68 6.64 -5.08 -7.22
CA GLU A 68 6.64 -3.76 -6.61
C GLU A 68 7.01 -3.85 -5.13
N LYS A 69 6.59 -4.95 -4.51
CA LYS A 69 6.83 -5.20 -3.09
C LYS A 69 8.30 -5.02 -2.71
N GLU A 70 9.19 -5.36 -3.65
CA GLU A 70 10.64 -5.23 -3.44
C GLU A 70 11.00 -3.85 -2.89
N GLU A 71 10.34 -2.83 -3.40
CA GLU A 71 10.61 -1.46 -2.97
C GLU A 71 9.66 -1.04 -1.87
N VAL A 72 8.43 -1.56 -1.90
CA VAL A 72 7.41 -1.21 -0.93
C VAL A 72 7.85 -1.49 0.51
N ASP A 73 8.25 -2.73 0.81
CA ASP A 73 8.65 -3.04 2.18
C ASP A 73 10.11 -2.68 2.43
N SER A 74 10.77 -2.14 1.41
CA SER A 74 12.14 -1.68 1.55
C SER A 74 12.10 -0.20 1.94
N ARG A 75 11.01 0.46 1.54
CA ARG A 75 10.79 1.87 1.82
C ARG A 75 9.71 2.01 2.89
N SER A 76 9.98 1.42 4.05
CA SER A 76 9.03 1.48 5.15
C SER A 76 9.75 1.86 6.44
N ILE A 77 8.97 2.31 7.42
CA ILE A 77 9.52 2.69 8.70
C ILE A 77 8.92 1.84 9.82
N TYR A 78 9.77 1.40 10.72
CA TYR A 78 9.33 0.59 11.84
C TYR A 78 9.22 1.47 13.09
N VAL A 79 8.08 1.43 13.75
CA VAL A 79 7.86 2.24 14.92
C VAL A 79 7.83 1.39 16.19
N GLY A 80 8.78 1.66 17.08
CA GLY A 80 8.86 0.94 18.33
C GLY A 80 8.57 1.84 19.50
N ASN A 81 8.30 1.25 20.66
CA ASN A 81 8.00 2.00 21.87
C ASN A 81 6.73 2.84 21.70
N VAL A 82 5.71 2.25 21.11
CA VAL A 82 4.45 2.94 20.88
C VAL A 82 3.56 2.85 22.11
N ASP A 83 2.67 3.83 22.26
CA ASP A 83 1.75 3.87 23.38
C ASP A 83 0.68 2.79 23.22
N TYR A 84 0.41 2.08 24.30
CA TYR A 84 -0.56 0.99 24.31
C TYR A 84 -1.99 1.46 24.01
N ALA A 85 -2.24 2.75 24.13
CA ALA A 85 -3.57 3.27 23.89
C ALA A 85 -3.72 3.82 22.47
N CYS A 86 -2.69 3.64 21.66
CA CYS A 86 -2.71 4.11 20.29
C CYS A 86 -3.45 3.13 19.38
N THR A 87 -3.95 3.64 18.26
CA THR A 87 -4.65 2.83 17.29
C THR A 87 -3.99 2.96 15.92
N PRO A 88 -4.09 1.95 15.05
CA PRO A 88 -3.47 1.98 13.72
C PRO A 88 -3.96 3.16 12.87
N GLU A 89 -5.15 3.66 13.20
CA GLU A 89 -5.72 4.79 12.47
C GLU A 89 -4.96 6.08 12.74
N GLU A 90 -4.87 6.46 14.02
CA GLU A 90 -4.17 7.68 14.40
C GLU A 90 -2.68 7.57 14.10
N VAL A 91 -2.19 6.35 14.03
CA VAL A 91 -0.79 6.09 13.76
C VAL A 91 -0.45 6.39 12.30
N GLN A 92 -1.21 5.81 11.37
CA GLN A 92 -0.95 5.99 9.96
C GLN A 92 -1.24 7.42 9.49
N GLN A 93 -2.27 8.05 10.04
CA GLN A 93 -2.61 9.41 9.63
C GLN A 93 -1.55 10.42 10.06
N HIS A 94 -0.89 10.15 11.18
CA HIS A 94 0.15 11.03 11.68
C HIS A 94 1.37 10.94 10.77
N PHE A 95 1.66 9.74 10.31
CA PHE A 95 2.79 9.52 9.43
C PHE A 95 2.48 10.05 8.03
N GLN A 96 1.20 10.00 7.67
CA GLN A 96 0.71 10.46 6.38
C GLN A 96 0.96 11.96 6.20
N SER A 97 1.20 12.66 7.31
CA SER A 97 1.46 14.09 7.25
C SER A 97 2.89 14.33 6.76
N CYS A 98 3.74 13.33 6.92
CA CYS A 98 5.12 13.41 6.48
C CYS A 98 5.28 12.73 5.12
N GLY A 99 4.69 11.54 4.99
CA GLY A 99 4.76 10.80 3.75
C GLY A 99 3.52 9.97 3.54
N THR A 100 3.19 9.70 2.28
CA THR A 100 2.01 8.91 1.96
C THR A 100 2.21 7.46 2.41
N VAL A 101 1.12 6.81 2.81
CA VAL A 101 1.17 5.43 3.30
C VAL A 101 0.38 4.49 2.41
N ASN A 102 0.94 3.32 2.14
CA ASN A 102 0.28 2.31 1.32
C ASN A 102 -0.37 1.27 2.21
N ARG A 103 0.45 0.54 2.96
CA ARG A 103 -0.06 -0.48 3.86
C ARG A 103 0.40 -0.20 5.28
N VAL A 104 -0.41 -0.60 6.25
CA VAL A 104 -0.10 -0.41 7.65
C VAL A 104 -0.44 -1.67 8.44
N THR A 105 0.42 -2.03 9.38
CA THR A 105 0.20 -3.20 10.21
C THR A 105 0.55 -2.88 11.65
N ILE A 106 -0.24 -3.39 12.58
CA ILE A 106 0.00 -3.16 13.99
C ILE A 106 -0.12 -4.46 14.79
N LEU A 107 0.71 -4.61 15.80
CA LEU A 107 0.70 -5.82 16.63
C LEU A 107 0.56 -5.47 18.10
N THR A 108 -0.32 -6.20 18.79
CA THR A 108 -0.53 -5.98 20.21
C THR A 108 0.18 -7.05 21.03
N ASP A 109 1.18 -6.63 21.80
CA ASP A 109 1.95 -7.56 22.63
C ASP A 109 1.24 -7.78 23.96
N LYS A 110 1.41 -8.97 24.52
CA LYS A 110 0.79 -9.31 25.80
C LYS A 110 1.82 -9.88 26.77
N PHE A 111 3.08 -9.55 26.56
CA PHE A 111 4.15 -10.05 27.43
C PHE A 111 4.73 -8.91 28.26
N GLY A 112 4.36 -7.68 27.95
CA GLY A 112 4.85 -6.54 28.70
C GLY A 112 5.55 -5.51 27.84
N GLN A 113 5.69 -5.78 26.54
CA GLN A 113 6.33 -4.85 25.64
C GLN A 113 5.36 -3.74 25.26
N PRO A 114 5.86 -2.55 24.87
CA PRO A 114 5.02 -1.43 24.47
C PRO A 114 4.07 -1.81 23.33
N LYS A 115 2.81 -2.06 23.69
CA LYS A 115 1.79 -2.43 22.73
C LYS A 115 1.58 -1.32 21.70
N GLY A 116 1.24 -1.71 20.48
CA GLY A 116 1.03 -0.74 19.44
C GLY A 116 2.12 -0.75 18.38
N PHE A 117 2.97 -1.77 18.41
CA PHE A 117 4.04 -1.90 17.42
C PHE A 117 3.46 -1.85 16.01
N ALA A 118 3.84 -0.83 15.26
CA ALA A 118 3.32 -0.67 13.92
C ALA A 118 4.41 -0.25 12.93
N TYR A 119 4.09 -0.36 11.66
CA TYR A 119 5.00 0.03 10.59
C TYR A 119 4.19 0.32 9.33
N VAL A 120 4.66 1.25 8.51
CA VAL A 120 3.98 1.61 7.28
C VAL A 120 4.92 1.50 6.09
N GLU A 121 4.42 0.93 5.00
CA GLU A 121 5.21 0.76 3.79
C GLU A 121 4.63 1.58 2.64
N PHE A 122 5.49 1.98 1.70
CA PHE A 122 5.07 2.74 0.54
C PHE A 122 6.00 2.48 -0.64
N VAL A 123 5.61 2.90 -1.83
CA VAL A 123 6.41 2.69 -3.04
C VAL A 123 7.39 3.84 -3.26
N GLU A 124 6.93 5.06 -2.98
CA GLU A 124 7.75 6.24 -3.16
C GLU A 124 8.76 6.39 -2.05
N ILE A 125 10.02 6.56 -2.43
CA ILE A 125 11.11 6.69 -1.47
C ILE A 125 11.05 8.04 -0.76
N ASP A 126 10.69 9.09 -1.50
CA ASP A 126 10.61 10.44 -0.95
C ASP A 126 9.60 10.53 0.18
N ALA A 127 8.48 9.83 0.02
CA ALA A 127 7.42 9.84 1.02
C ALA A 127 7.92 9.28 2.35
N VAL A 128 8.45 8.07 2.32
CA VAL A 128 8.95 7.43 3.53
C VAL A 128 10.18 8.16 4.07
N GLN A 129 10.92 8.80 3.18
CA GLN A 129 12.12 9.53 3.55
C GLN A 129 11.80 10.67 4.52
N ASN A 130 10.74 11.41 4.20
CA ASN A 130 10.33 12.53 5.04
C ASN A 130 9.87 12.04 6.41
N ALA A 131 9.25 10.87 6.43
CA ALA A 131 8.77 10.27 7.67
C ALA A 131 9.91 9.66 8.48
N LEU A 132 10.99 9.32 7.81
CA LEU A 132 12.15 8.73 8.46
C LEU A 132 13.00 9.83 9.11
N LEU A 133 12.75 11.06 8.71
CA LEU A 133 13.48 12.20 9.27
C LEU A 133 12.69 12.85 10.40
N LEU A 134 11.49 13.30 10.09
CA LEU A 134 10.65 13.96 11.08
C LEU A 134 9.37 13.17 11.30
N ASN A 135 9.27 12.52 12.45
CA ASN A 135 8.09 11.72 12.78
C ASN A 135 8.06 11.33 14.26
N GLU A 136 9.17 10.79 14.75
CA GLU A 136 9.24 10.38 16.15
C GLU A 136 9.34 11.60 17.07
N THR A 137 8.18 12.12 17.45
CA THR A 137 8.12 13.27 18.33
C THR A 137 7.15 13.03 19.47
N GLU A 138 5.87 12.99 19.13
CA GLU A 138 4.83 12.77 20.13
C GLU A 138 3.63 12.06 19.49
N LEU A 139 3.16 11.03 20.17
CA LEU A 139 2.02 10.26 19.70
C LEU A 139 1.18 9.82 20.89
N HIS A 140 -0.03 10.37 20.99
CA HIS A 140 -0.96 10.05 22.08
C HIS A 140 -0.38 10.45 23.44
N GLY A 141 0.48 11.47 23.45
CA GLY A 141 1.07 11.93 24.68
C GLY A 141 2.37 11.20 25.00
N ARG A 142 2.66 10.15 24.25
CA ARG A 142 3.87 9.38 24.46
C ARG A 142 4.85 9.60 23.32
N GLN A 143 6.03 9.02 23.43
CA GLN A 143 7.03 9.15 22.38
C GLN A 143 7.47 7.77 21.92
N LEU A 144 7.68 7.64 20.63
CA LEU A 144 8.10 6.37 20.05
C LEU A 144 9.37 6.55 19.25
N LYS A 145 9.92 5.44 18.78
CA LYS A 145 11.13 5.47 17.99
C LYS A 145 10.85 4.98 16.57
N VAL A 146 11.22 5.80 15.59
CA VAL A 146 11.01 5.47 14.19
C VAL A 146 12.31 5.05 13.55
N SER A 147 12.37 3.81 13.10
CA SER A 147 13.57 3.27 12.47
C SER A 147 13.28 2.91 11.02
N ALA A 148 14.32 2.88 10.20
CA ALA A 148 14.17 2.53 8.80
C ALA A 148 14.09 1.03 8.64
N LYS A 149 12.95 0.55 8.16
CA LYS A 149 12.73 -0.88 7.97
C LYS A 149 13.20 -1.29 6.59
N ARG A 150 14.44 -0.95 6.27
CA ARG A 150 15.01 -1.27 4.97
C ARG A 150 15.39 -2.74 4.91
N THR A 151 14.51 -3.55 4.36
CA THR A 151 14.76 -4.97 4.22
C THR A 151 15.92 -5.20 3.25
N ASN A 152 16.72 -6.22 3.53
CA ASN A 152 17.88 -6.56 2.71
C ASN A 152 18.39 -7.92 3.13
N ILE A 153 19.44 -8.38 2.48
CA ILE A 153 20.04 -9.67 2.81
C ILE A 153 21.22 -9.46 3.74
N PRO A 154 21.57 -10.47 4.54
CA PRO A 154 22.70 -10.38 5.48
C PRO A 154 24.05 -10.48 4.76
N GLY A 155 24.27 -9.56 3.84
CA GLY A 155 25.50 -9.54 3.08
C GLY A 155 25.47 -8.46 2.00
N MET A 1 -55.07 -27.14 45.91
CA MET A 1 -54.69 -28.12 44.86
C MET A 1 -53.71 -27.48 43.88
N GLY A 2 -53.05 -28.30 43.08
CA GLY A 2 -52.11 -27.79 42.12
C GLY A 2 -50.84 -28.60 42.07
N SER A 3 -50.05 -28.40 41.03
CA SER A 3 -48.79 -29.10 40.86
C SER A 3 -47.76 -28.18 40.19
N SER A 4 -46.94 -27.55 41.01
CA SER A 4 -45.91 -26.64 40.50
C SER A 4 -44.66 -27.40 40.09
N HIS A 5 -44.04 -26.99 38.99
CA HIS A 5 -42.83 -27.63 38.49
C HIS A 5 -41.67 -26.65 38.51
N HIS A 6 -40.48 -27.16 38.75
CA HIS A 6 -39.27 -26.35 38.80
C HIS A 6 -38.23 -26.87 37.81
N HIS A 7 -37.87 -26.04 36.84
CA HIS A 7 -36.89 -26.44 35.82
C HIS A 7 -36.40 -25.23 35.02
N HIS A 8 -35.12 -25.24 34.64
CA HIS A 8 -34.53 -24.15 33.87
C HIS A 8 -33.31 -24.67 33.10
N HIS A 9 -32.91 -23.97 32.05
CA HIS A 9 -31.77 -24.40 31.24
C HIS A 9 -31.18 -23.23 30.46
N HIS A 10 -29.86 -23.24 30.28
CA HIS A 10 -29.16 -22.18 29.55
C HIS A 10 -27.92 -22.75 28.84
N SER A 11 -27.72 -22.36 27.59
CA SER A 11 -26.59 -22.83 26.81
C SER A 11 -26.29 -21.87 25.65
N SER A 12 -25.01 -21.59 25.42
CA SER A 12 -24.59 -20.70 24.36
C SER A 12 -23.12 -20.94 24.02
N GLY A 13 -22.60 -20.23 23.02
CA GLY A 13 -21.22 -20.38 22.62
C GLY A 13 -21.04 -20.46 21.12
N LEU A 14 -19.94 -19.91 20.62
CA LEU A 14 -19.64 -19.93 19.20
C LEU A 14 -18.12 -19.90 18.99
N VAL A 15 -17.65 -20.53 17.92
CA VAL A 15 -16.23 -20.58 17.61
C VAL A 15 -15.95 -20.09 16.20
N PRO A 16 -15.36 -18.89 16.05
CA PRO A 16 -15.03 -18.32 14.75
C PRO A 16 -13.83 -19.00 14.09
N ARG A 17 -13.56 -18.68 12.85
CA ARG A 17 -12.45 -19.25 12.11
C ARG A 17 -11.66 -18.15 11.41
N GLY A 18 -10.35 -18.09 11.66
CA GLY A 18 -9.52 -17.09 11.05
C GLY A 18 -8.05 -17.44 11.07
N SER A 19 -7.55 -17.97 9.96
CA SER A 19 -6.15 -18.33 9.85
C SER A 19 -5.65 -18.05 8.43
N HIS A 20 -4.55 -17.31 8.33
CA HIS A 20 -3.98 -16.96 7.04
C HIS A 20 -2.53 -17.43 6.98
N MET A 21 -2.25 -18.29 6.02
CA MET A 21 -0.90 -18.83 5.84
C MET A 21 -0.55 -18.84 4.36
N GLY A 22 0.73 -18.99 4.06
CA GLY A 22 1.16 -19.02 2.67
C GLY A 22 2.53 -18.42 2.47
N SER A 23 3.19 -18.84 1.40
CA SER A 23 4.52 -18.34 1.05
C SER A 23 4.73 -18.45 -0.45
N ASP A 24 4.21 -17.48 -1.19
CA ASP A 24 4.34 -17.47 -2.64
C ASP A 24 5.43 -16.49 -3.06
N LEU A 25 6.49 -17.02 -3.66
CA LEU A 25 7.60 -16.19 -4.09
C LEU A 25 7.94 -16.48 -5.55
N GLU A 26 7.34 -15.70 -6.44
CA GLU A 26 7.57 -15.83 -7.88
C GLU A 26 6.82 -14.75 -8.64
N ASP A 27 7.52 -14.03 -9.49
CA ASP A 27 6.90 -12.96 -10.28
C ASP A 27 6.28 -13.53 -11.55
N MET A 28 5.26 -12.86 -12.05
CA MET A 28 4.57 -13.30 -13.26
C MET A 28 4.41 -12.17 -14.26
N LYS A 29 4.63 -10.94 -13.83
CA LYS A 29 4.48 -9.79 -14.71
C LYS A 29 5.02 -8.51 -14.05
N LYS A 30 5.79 -7.76 -14.81
CA LYS A 30 6.36 -6.51 -14.32
C LYS A 30 5.31 -5.40 -14.36
N ARG A 31 4.33 -5.51 -13.47
CA ARG A 31 3.26 -4.53 -13.39
C ARG A 31 3.03 -4.10 -11.94
N LEU A 32 2.97 -2.80 -11.72
CA LEU A 32 2.75 -2.26 -10.40
C LEU A 32 1.57 -1.30 -10.41
N LYS A 33 0.51 -1.66 -9.70
CA LYS A 33 -0.67 -0.82 -9.64
C LYS A 33 -1.39 -0.98 -8.31
N GLU A 34 -2.28 -1.96 -8.21
CA GLU A 34 -3.05 -2.21 -7.00
C GLU A 34 -2.83 -3.64 -6.55
N ILE A 35 -3.78 -4.18 -5.80
CA ILE A 35 -3.69 -5.55 -5.30
C ILE A 35 -5.06 -6.24 -5.36
N GLU A 36 -5.09 -7.48 -5.84
CA GLU A 36 -6.33 -8.23 -5.94
C GLU A 36 -6.13 -9.70 -5.54
N GLU A 37 -6.31 -10.62 -6.48
CA GLU A 37 -6.17 -12.04 -6.18
C GLU A 37 -5.12 -12.71 -7.07
N GLU A 38 -4.58 -13.82 -6.60
CA GLU A 38 -3.57 -14.57 -7.34
C GLU A 38 -4.23 -15.56 -8.28
N ALA A 39 -3.92 -15.44 -9.57
CA ALA A 39 -4.47 -16.32 -10.58
C ALA A 39 -3.37 -16.81 -11.51
N GLY A 40 -2.65 -17.84 -11.07
CA GLY A 40 -1.58 -18.39 -11.86
C GLY A 40 -1.49 -19.89 -11.75
N ALA A 41 -1.25 -20.54 -12.87
CA ALA A 41 -1.14 -21.99 -12.93
C ALA A 41 -0.51 -22.40 -14.26
N LEU A 42 -0.11 -23.65 -14.38
CA LEU A 42 0.49 -24.13 -15.61
C LEU A 42 -0.57 -24.32 -16.70
N ARG A 43 -0.91 -23.23 -17.35
CA ARG A 43 -1.90 -23.24 -18.41
C ARG A 43 -1.49 -22.28 -19.52
N GLU A 44 -1.74 -22.68 -20.75
CA GLU A 44 -1.40 -21.87 -21.92
C GLU A 44 -2.39 -20.73 -22.10
N MET A 45 -2.75 -20.09 -21.00
CA MET A 45 -3.68 -18.97 -21.01
C MET A 45 -2.91 -17.67 -20.95
N GLN A 46 -1.59 -17.78 -21.02
CA GLN A 46 -0.70 -16.62 -20.95
C GLN A 46 -0.78 -15.80 -22.23
N ALA A 47 -1.25 -16.42 -23.31
CA ALA A 47 -1.37 -15.73 -24.60
C ALA A 47 -2.48 -14.69 -24.54
N LYS A 48 -3.34 -14.82 -23.54
CA LYS A 48 -4.45 -13.90 -23.34
C LYS A 48 -3.96 -12.55 -22.83
N VAL A 49 -2.63 -12.41 -22.67
CA VAL A 49 -2.03 -11.18 -22.18
C VAL A 49 -2.42 -9.97 -23.03
N GLU A 50 -2.75 -10.22 -24.29
CA GLU A 50 -3.16 -9.16 -25.22
C GLU A 50 -4.47 -8.54 -24.74
N LYS A 51 -5.19 -9.28 -23.91
CA LYS A 51 -6.46 -8.82 -23.35
C LYS A 51 -6.30 -8.48 -21.86
N GLU A 52 -5.49 -9.28 -21.15
CA GLU A 52 -5.26 -9.06 -19.71
C GLU A 52 -4.58 -7.71 -19.46
N MET A 53 -3.92 -7.17 -20.49
CA MET A 53 -3.24 -5.88 -20.38
C MET A 53 -4.23 -4.77 -20.00
N GLY A 54 -5.51 -4.98 -20.30
CA GLY A 54 -6.53 -4.01 -19.98
C GLY A 54 -7.19 -4.31 -18.64
N ALA A 55 -6.82 -5.44 -18.06
CA ALA A 55 -7.38 -5.87 -16.79
C ALA A 55 -6.27 -6.06 -15.78
N VAL A 56 -5.15 -5.37 -16.00
CA VAL A 56 -3.99 -5.47 -15.12
C VAL A 56 -4.28 -4.88 -13.74
N GLN A 57 -5.40 -4.19 -13.61
CA GLN A 57 -5.78 -3.61 -12.33
C GLN A 57 -6.49 -4.65 -11.47
N ASP A 58 -6.80 -5.78 -12.10
CA ASP A 58 -7.50 -6.87 -11.43
C ASP A 58 -6.64 -8.12 -11.46
N SER A 59 -6.25 -8.52 -12.66
CA SER A 59 -5.46 -9.71 -12.88
C SER A 59 -3.99 -9.48 -12.54
N SER A 60 -3.29 -8.73 -13.38
CA SER A 60 -1.86 -8.47 -13.19
C SER A 60 -1.61 -7.38 -12.14
N SER A 61 -2.50 -7.24 -11.18
CA SER A 61 -2.33 -6.25 -10.13
C SER A 61 -1.53 -6.86 -8.99
N THR A 62 -1.82 -8.12 -8.69
CA THR A 62 -1.17 -8.87 -7.62
C THR A 62 0.34 -8.97 -7.84
N SER A 63 0.78 -8.76 -9.07
CA SER A 63 2.19 -8.81 -9.40
C SER A 63 2.95 -7.72 -8.66
N ALA A 64 2.25 -6.65 -8.33
CA ALA A 64 2.84 -5.52 -7.61
C ALA A 64 3.25 -5.97 -6.21
N THR A 65 2.52 -6.94 -5.67
CA THR A 65 2.78 -7.45 -4.34
C THR A 65 3.99 -8.40 -4.35
N GLN A 66 4.57 -8.58 -5.53
CA GLN A 66 5.72 -9.45 -5.68
C GLN A 66 6.93 -8.65 -6.17
N ALA A 67 6.72 -7.88 -7.24
CA ALA A 67 7.80 -7.08 -7.83
C ALA A 67 8.00 -5.76 -7.08
N GLU A 68 6.98 -4.90 -7.14
CA GLU A 68 7.07 -3.58 -6.49
C GLU A 68 7.20 -3.71 -4.98
N LYS A 69 6.69 -4.81 -4.43
CA LYS A 69 6.75 -5.04 -2.99
C LYS A 69 8.21 -5.05 -2.51
N GLU A 70 9.13 -5.41 -3.39
CA GLU A 70 10.55 -5.44 -3.06
C GLU A 70 11.06 -4.04 -2.72
N GLU A 71 10.33 -3.05 -3.19
CA GLU A 71 10.65 -1.66 -2.93
C GLU A 71 9.82 -1.15 -1.76
N VAL A 72 8.55 -1.55 -1.75
CA VAL A 72 7.61 -1.13 -0.70
C VAL A 72 8.03 -1.64 0.68
N ASP A 73 8.52 -2.87 0.76
CA ASP A 73 8.95 -3.44 2.04
C ASP A 73 10.28 -2.84 2.49
N SER A 74 10.95 -2.17 1.57
CA SER A 74 12.20 -1.50 1.85
C SER A 74 11.95 -0.01 2.06
N ARG A 75 10.75 0.43 1.70
CA ARG A 75 10.35 1.82 1.82
C ARG A 75 9.35 1.98 2.94
N SER A 76 9.61 1.28 4.03
CA SER A 76 8.74 1.34 5.19
C SER A 76 9.52 1.82 6.43
N ILE A 77 8.79 2.12 7.50
CA ILE A 77 9.42 2.55 8.74
C ILE A 77 8.83 1.76 9.90
N TYR A 78 9.69 1.32 10.80
CA TYR A 78 9.26 0.55 11.96
C TYR A 78 8.99 1.47 13.13
N VAL A 79 7.78 1.39 13.66
CA VAL A 79 7.38 2.23 14.79
C VAL A 79 7.36 1.40 16.07
N GLY A 80 8.29 1.69 16.97
CA GLY A 80 8.36 0.96 18.23
C GLY A 80 8.18 1.89 19.41
N ASN A 81 8.03 1.31 20.60
CA ASN A 81 7.84 2.09 21.84
C ASN A 81 6.59 2.94 21.75
N VAL A 82 5.57 2.40 21.11
CA VAL A 82 4.31 3.11 20.93
C VAL A 82 3.45 3.02 22.19
N ASP A 83 2.42 3.85 22.28
CA ASP A 83 1.52 3.85 23.42
C ASP A 83 0.68 2.59 23.43
N TYR A 84 0.43 2.05 24.62
CA TYR A 84 -0.34 0.83 24.76
C TYR A 84 -1.81 1.02 24.35
N ALA A 85 -2.23 2.26 24.20
CA ALA A 85 -3.60 2.57 23.82
C ALA A 85 -3.64 3.23 22.44
N CYS A 86 -2.56 3.10 21.69
CA CYS A 86 -2.48 3.68 20.35
C CYS A 86 -3.14 2.78 19.32
N THR A 87 -3.83 3.39 18.35
CA THR A 87 -4.50 2.66 17.30
C THR A 87 -3.73 2.79 15.98
N PRO A 88 -3.88 1.81 15.07
CA PRO A 88 -3.19 1.83 13.77
C PRO A 88 -3.52 3.05 12.93
N GLU A 89 -4.76 3.51 13.03
CA GLU A 89 -5.24 4.66 12.27
C GLU A 89 -4.53 5.95 12.67
N GLU A 90 -4.49 6.23 13.97
CA GLU A 90 -3.86 7.45 14.47
C GLU A 90 -2.37 7.49 14.13
N VAL A 91 -1.78 6.31 13.95
CA VAL A 91 -0.36 6.22 13.65
C VAL A 91 -0.10 6.46 12.16
N GLN A 92 -0.88 5.81 11.30
CA GLN A 92 -0.71 5.96 9.87
C GLN A 92 -1.16 7.33 9.37
N GLN A 93 -2.15 7.92 10.04
CA GLN A 93 -2.65 9.22 9.62
C GLN A 93 -1.75 10.34 10.12
N HIS A 94 -1.07 10.11 11.24
CA HIS A 94 -0.19 11.13 11.81
C HIS A 94 1.12 11.18 11.04
N PHE A 95 1.57 10.03 10.55
CA PHE A 95 2.81 9.96 9.80
C PHE A 95 2.56 10.30 8.33
N GLN A 96 1.29 10.38 7.97
CA GLN A 96 0.89 10.70 6.60
C GLN A 96 1.31 12.13 6.26
N SER A 97 1.44 12.96 7.30
CA SER A 97 1.84 14.34 7.13
C SER A 97 3.26 14.42 6.55
N CYS A 98 4.06 13.41 6.87
CA CYS A 98 5.44 13.35 6.39
C CYS A 98 5.51 12.56 5.08
N GLY A 99 4.90 11.39 5.08
CA GLY A 99 4.90 10.56 3.89
C GLY A 99 3.61 9.78 3.75
N THR A 100 3.16 9.60 2.53
CA THR A 100 1.93 8.86 2.27
C THR A 100 2.08 7.41 2.70
N VAL A 101 0.99 6.84 3.23
CA VAL A 101 1.00 5.46 3.69
C VAL A 101 0.13 4.58 2.78
N ASN A 102 0.71 3.49 2.29
CA ASN A 102 -0.03 2.57 1.44
C ASN A 102 -0.68 1.50 2.29
N ARG A 103 0.12 0.88 3.16
CA ARG A 103 -0.35 -0.16 4.05
C ARG A 103 0.26 0.02 5.43
N VAL A 104 -0.41 -0.50 6.45
CA VAL A 104 0.07 -0.39 7.83
C VAL A 104 -0.44 -1.57 8.66
N THR A 105 0.47 -2.29 9.30
CA THR A 105 0.11 -3.43 10.12
C THR A 105 0.51 -3.18 11.57
N ILE A 106 -0.44 -3.31 12.47
CA ILE A 106 -0.18 -3.11 13.89
C ILE A 106 -0.25 -4.43 14.66
N LEU A 107 0.60 -4.56 15.67
CA LEU A 107 0.63 -5.76 16.48
C LEU A 107 0.56 -5.40 17.97
N THR A 108 -0.35 -6.07 18.68
CA THR A 108 -0.50 -5.83 20.10
C THR A 108 0.37 -6.79 20.91
N ASP A 109 1.29 -6.25 21.69
CA ASP A 109 2.19 -7.07 22.50
C ASP A 109 1.52 -7.42 23.82
N LYS A 110 1.71 -8.67 24.24
CA LYS A 110 1.16 -9.15 25.50
C LYS A 110 2.27 -9.79 26.32
N PHE A 111 3.50 -9.39 26.03
CA PHE A 111 4.67 -9.93 26.71
C PHE A 111 5.20 -8.94 27.73
N GLY A 112 4.52 -7.81 27.85
CA GLY A 112 4.93 -6.79 28.80
C GLY A 112 5.61 -5.62 28.14
N GLN A 113 5.60 -5.60 26.80
CA GLN A 113 6.22 -4.52 26.05
C GLN A 113 5.14 -3.52 25.62
N PRO A 114 5.53 -2.27 25.31
CA PRO A 114 4.58 -1.25 24.87
C PRO A 114 3.86 -1.70 23.59
N LYS A 115 2.53 -1.82 23.66
CA LYS A 115 1.75 -2.25 22.51
C LYS A 115 1.68 -1.12 21.49
N GLY A 116 1.11 -1.41 20.34
CA GLY A 116 0.98 -0.40 19.32
C GLY A 116 2.04 -0.53 18.24
N PHE A 117 2.87 -1.57 18.37
CA PHE A 117 3.93 -1.83 17.41
C PHE A 117 3.36 -1.87 15.99
N ALA A 118 3.76 -0.93 15.15
CA ALA A 118 3.25 -0.87 13.81
C ALA A 118 4.32 -0.40 12.84
N TYR A 119 3.98 -0.40 11.56
CA TYR A 119 4.89 0.03 10.52
C TYR A 119 4.09 0.41 9.27
N VAL A 120 4.47 1.50 8.64
CA VAL A 120 3.80 1.94 7.43
C VAL A 120 4.73 1.77 6.24
N GLU A 121 4.18 1.33 5.12
CA GLU A 121 4.97 1.13 3.91
C GLU A 121 4.36 1.88 2.74
N PHE A 122 5.21 2.28 1.79
CA PHE A 122 4.76 3.01 0.61
C PHE A 122 5.64 2.69 -0.59
N VAL A 123 5.16 3.09 -1.76
CA VAL A 123 5.88 2.84 -3.02
C VAL A 123 6.94 3.90 -3.29
N GLU A 124 6.58 5.17 -3.10
CA GLU A 124 7.51 6.28 -3.33
C GLU A 124 8.56 6.34 -2.23
N ILE A 125 9.81 6.57 -2.63
CA ILE A 125 10.91 6.64 -1.68
C ILE A 125 10.92 8.00 -0.98
N ASP A 126 10.53 9.04 -1.70
CA ASP A 126 10.49 10.39 -1.13
C ASP A 126 9.57 10.47 0.07
N ALA A 127 8.47 9.72 0.01
CA ALA A 127 7.50 9.69 1.09
C ALA A 127 8.10 9.14 2.38
N VAL A 128 8.62 7.91 2.31
CA VAL A 128 9.22 7.29 3.48
C VAL A 128 10.46 8.04 3.95
N GLN A 129 11.15 8.70 3.01
CA GLN A 129 12.35 9.47 3.33
C GLN A 129 12.02 10.59 4.31
N ASN A 130 10.90 11.26 4.05
CA ASN A 130 10.47 12.35 4.92
C ASN A 130 9.95 11.79 6.23
N ALA A 131 9.40 10.58 6.16
CA ALA A 131 8.85 9.93 7.34
C ALA A 131 9.97 9.54 8.32
N LEU A 132 11.00 8.88 7.81
CA LEU A 132 12.12 8.47 8.66
C LEU A 132 12.91 9.68 9.15
N LEU A 133 12.71 10.81 8.49
CA LEU A 133 13.39 12.04 8.86
C LEU A 133 12.72 12.68 10.08
N LEU A 134 11.41 12.83 10.03
CA LEU A 134 10.66 13.42 11.13
C LEU A 134 9.40 12.59 11.40
N ASN A 135 9.43 11.81 12.48
CA ASN A 135 8.29 10.97 12.83
C ASN A 135 8.19 10.78 14.34
N GLU A 136 9.26 10.29 14.94
CA GLU A 136 9.30 10.05 16.37
C GLU A 136 9.45 11.36 17.15
N THR A 137 8.32 11.92 17.54
CA THR A 137 8.31 13.15 18.30
C THR A 137 7.24 13.09 19.38
N GLU A 138 5.98 12.90 18.96
CA GLU A 138 4.88 12.81 19.90
C GLU A 138 3.71 12.08 19.27
N LEU A 139 3.19 11.10 19.98
CA LEU A 139 2.06 10.31 19.52
C LEU A 139 1.23 9.88 20.71
N HIS A 140 -0.04 10.28 20.74
CA HIS A 140 -0.94 9.92 21.85
C HIS A 140 -0.40 10.48 23.17
N GLY A 141 0.34 11.58 23.09
CA GLY A 141 0.88 12.19 24.30
C GLY A 141 2.18 11.53 24.75
N ARG A 142 2.55 10.44 24.07
CA ARG A 142 3.77 9.71 24.39
C ARG A 142 4.79 9.88 23.29
N GLN A 143 5.92 9.21 23.44
CA GLN A 143 6.99 9.27 22.45
C GLN A 143 7.32 7.85 21.99
N LEU A 144 7.59 7.70 20.71
CA LEU A 144 7.91 6.40 20.16
C LEU A 144 9.25 6.46 19.44
N LYS A 145 9.70 5.31 18.95
CA LYS A 145 10.96 5.22 18.23
C LYS A 145 10.70 4.73 16.81
N VAL A 146 11.08 5.52 15.83
CA VAL A 146 10.84 5.16 14.44
C VAL A 146 12.15 5.02 13.67
N SER A 147 12.36 3.85 13.08
CA SER A 147 13.56 3.59 12.30
C SER A 147 13.19 3.10 10.91
N ALA A 148 14.00 3.41 9.93
CA ALA A 148 13.75 2.99 8.56
C ALA A 148 13.80 1.47 8.45
N LYS A 149 12.78 0.89 7.83
CA LYS A 149 12.71 -0.55 7.67
C LYS A 149 13.34 -0.98 6.37
N ARG A 150 14.66 -0.81 6.27
CA ARG A 150 15.38 -1.19 5.08
C ARG A 150 15.67 -2.69 5.12
N THR A 151 14.88 -3.45 4.40
CA THR A 151 15.05 -4.89 4.35
C THR A 151 16.05 -5.27 3.25
N ASN A 152 17.12 -5.93 3.63
CA ASN A 152 18.14 -6.34 2.68
C ASN A 152 18.98 -7.46 3.29
N ILE A 153 19.58 -8.26 2.42
CA ILE A 153 20.43 -9.36 2.87
C ILE A 153 21.82 -8.84 3.24
N PRO A 154 22.46 -9.46 4.23
CA PRO A 154 23.81 -9.06 4.67
C PRO A 154 24.84 -9.19 3.55
N GLY A 155 24.64 -10.18 2.69
CA GLY A 155 25.55 -10.40 1.59
C GLY A 155 26.43 -11.60 1.81
N MET A 1 74.43 -56.46 -36.69
CA MET A 1 74.52 -55.00 -36.96
C MET A 1 73.32 -54.55 -37.78
N GLY A 2 72.70 -53.47 -37.36
CA GLY A 2 71.54 -52.96 -38.07
C GLY A 2 70.25 -53.26 -37.36
N SER A 3 69.14 -52.83 -37.95
CA SER A 3 67.82 -53.04 -37.37
C SER A 3 66.76 -52.78 -38.43
N SER A 4 65.50 -52.96 -38.06
CA SER A 4 64.40 -52.74 -38.98
C SER A 4 63.96 -51.27 -38.95
N HIS A 5 62.87 -50.97 -39.63
CA HIS A 5 62.35 -49.62 -39.70
C HIS A 5 60.83 -49.64 -39.77
N HIS A 6 60.19 -48.76 -39.01
CA HIS A 6 58.73 -48.69 -38.99
C HIS A 6 58.28 -47.25 -38.86
N HIS A 7 57.26 -46.88 -39.63
CA HIS A 7 56.73 -45.52 -39.58
C HIS A 7 55.20 -45.58 -39.58
N HIS A 8 54.58 -44.59 -38.96
CA HIS A 8 53.12 -44.55 -38.89
C HIS A 8 52.59 -43.24 -39.47
N HIS A 9 51.42 -43.31 -40.10
CA HIS A 9 50.81 -42.13 -40.70
C HIS A 9 49.51 -41.78 -39.97
N HIS A 10 49.33 -40.50 -39.71
CA HIS A 10 48.14 -40.02 -39.02
C HIS A 10 47.96 -38.52 -39.25
N SER A 11 46.72 -38.10 -39.46
CA SER A 11 46.41 -36.70 -39.69
C SER A 11 45.26 -36.26 -38.80
N SER A 12 45.19 -34.97 -38.52
CA SER A 12 44.14 -34.43 -37.66
C SER A 12 43.79 -32.99 -38.07
N GLY A 13 42.65 -32.52 -37.60
CA GLY A 13 42.22 -31.17 -37.92
C GLY A 13 41.39 -30.56 -36.81
N LEU A 14 41.08 -29.29 -36.92
CA LEU A 14 40.28 -28.60 -35.91
C LEU A 14 39.33 -27.59 -36.55
N VAL A 15 38.04 -27.73 -36.24
CA VAL A 15 37.03 -26.83 -36.78
C VAL A 15 36.23 -26.19 -35.64
N PRO A 16 36.47 -24.90 -35.37
CA PRO A 16 35.76 -24.17 -34.33
C PRO A 16 34.48 -23.53 -34.85
N ARG A 17 33.62 -23.09 -33.93
CA ARG A 17 32.36 -22.45 -34.30
C ARG A 17 31.99 -21.40 -33.28
N GLY A 18 31.18 -20.44 -33.71
CA GLY A 18 30.76 -19.37 -32.83
C GLY A 18 29.45 -19.66 -32.13
N SER A 19 28.84 -18.64 -31.56
CA SER A 19 27.58 -18.78 -30.86
C SER A 19 26.57 -17.75 -31.36
N HIS A 20 25.42 -17.67 -30.69
CA HIS A 20 24.38 -16.73 -31.08
C HIS A 20 23.96 -15.88 -29.88
N MET A 21 23.97 -14.57 -30.06
CA MET A 21 23.59 -13.63 -29.01
C MET A 21 22.09 -13.36 -29.04
N GLY A 22 21.63 -12.52 -28.13
CA GLY A 22 20.22 -12.19 -28.06
C GLY A 22 19.99 -10.70 -28.02
N SER A 23 18.82 -10.30 -27.56
CA SER A 23 18.47 -8.88 -27.46
C SER A 23 18.16 -8.50 -26.03
N ASP A 24 18.06 -7.20 -25.78
CA ASP A 24 17.76 -6.69 -24.44
C ASP A 24 16.30 -6.22 -24.39
N LEU A 25 15.80 -5.97 -23.19
CA LEU A 25 14.42 -5.54 -23.01
C LEU A 25 14.35 -4.19 -22.28
N GLU A 26 13.29 -3.45 -22.58
CA GLU A 26 13.05 -2.14 -21.96
C GLU A 26 12.17 -2.30 -20.73
N ASP A 27 11.74 -1.19 -20.16
CA ASP A 27 10.88 -1.22 -18.97
C ASP A 27 9.59 -0.46 -19.21
N MET A 28 8.67 -0.53 -18.26
CA MET A 28 7.38 0.15 -18.37
C MET A 28 6.79 0.42 -16.98
N LYS A 29 6.11 1.54 -16.84
CA LYS A 29 5.48 1.90 -15.58
C LYS A 29 4.12 1.21 -15.44
N LYS A 30 3.74 0.85 -14.23
CA LYS A 30 2.47 0.17 -13.99
C LYS A 30 1.55 0.99 -13.10
N ARG A 31 0.35 0.46 -12.88
CA ARG A 31 -0.66 1.11 -12.06
C ARG A 31 -1.07 0.19 -10.92
N LEU A 32 -0.88 0.67 -9.69
CA LEU A 32 -1.21 -0.12 -8.51
C LEU A 32 -2.69 0.03 -8.12
N LYS A 33 -3.30 -1.07 -7.72
CA LYS A 33 -4.69 -1.08 -7.30
C LYS A 33 -4.96 -2.29 -6.39
N GLU A 34 -6.23 -2.70 -6.31
CA GLU A 34 -6.63 -3.83 -5.47
C GLU A 34 -6.01 -5.14 -5.94
N ILE A 35 -5.67 -6.00 -4.99
CA ILE A 35 -5.06 -7.29 -5.29
C ILE A 35 -6.14 -8.36 -5.51
N GLU A 36 -6.00 -9.11 -6.59
CA GLU A 36 -6.95 -10.16 -6.92
C GLU A 36 -6.21 -11.48 -7.12
N GLU A 37 -6.97 -12.55 -7.34
CA GLU A 37 -6.39 -13.87 -7.55
C GLU A 37 -6.33 -14.20 -9.03
N GLU A 38 -5.35 -15.04 -9.39
CA GLU A 38 -5.16 -15.45 -10.77
C GLU A 38 -4.44 -16.79 -10.82
N ALA A 39 -4.56 -17.50 -11.93
CA ALA A 39 -3.92 -18.80 -12.09
C ALA A 39 -3.34 -18.96 -13.49
N GLY A 40 -2.46 -19.93 -13.66
CA GLY A 40 -1.84 -20.17 -14.95
C GLY A 40 -1.69 -21.65 -15.24
N ALA A 41 -1.90 -22.03 -16.50
CA ALA A 41 -1.79 -23.43 -16.92
C ALA A 41 -1.53 -23.51 -18.42
N LEU A 42 -1.60 -24.71 -18.97
CA LEU A 42 -1.37 -24.91 -20.39
C LEU A 42 -2.61 -24.51 -21.18
N ARG A 43 -2.64 -23.26 -21.61
CA ARG A 43 -3.77 -22.75 -22.38
C ARG A 43 -3.32 -21.65 -23.32
N GLU A 44 -3.92 -21.61 -24.50
CA GLU A 44 -3.60 -20.62 -25.52
C GLU A 44 -4.32 -19.31 -25.23
N MET A 45 -4.41 -18.94 -23.96
CA MET A 45 -5.08 -17.71 -23.56
C MET A 45 -4.07 -16.59 -23.37
N GLN A 46 -2.88 -16.81 -23.88
CA GLN A 46 -1.79 -15.84 -23.78
C GLN A 46 -2.10 -14.61 -24.64
N ALA A 47 -2.85 -14.84 -25.72
CA ALA A 47 -3.22 -13.77 -26.64
C ALA A 47 -4.23 -12.80 -26.02
N LYS A 48 -4.65 -13.10 -24.79
CA LYS A 48 -5.60 -12.26 -24.09
C LYS A 48 -4.88 -11.11 -23.38
N VAL A 49 -3.57 -11.11 -23.47
CA VAL A 49 -2.76 -10.06 -22.84
C VAL A 49 -3.14 -8.67 -23.34
N GLU A 50 -3.62 -8.61 -24.59
CA GLU A 50 -4.04 -7.33 -25.19
C GLU A 50 -5.26 -6.77 -24.47
N LYS A 51 -5.97 -7.63 -23.77
CA LYS A 51 -7.14 -7.23 -23.02
C LYS A 51 -6.78 -7.03 -21.55
N GLU A 52 -5.95 -7.94 -21.04
CA GLU A 52 -5.49 -7.90 -19.65
C GLU A 52 -4.65 -6.65 -19.40
N MET A 53 -4.09 -6.08 -20.47
CA MET A 53 -3.28 -4.87 -20.35
C MET A 53 -4.09 -3.72 -19.79
N GLY A 54 -5.40 -3.76 -20.04
CA GLY A 54 -6.30 -2.73 -19.54
C GLY A 54 -7.00 -3.17 -18.27
N ALA A 55 -6.53 -4.29 -17.73
CA ALA A 55 -7.09 -4.85 -16.51
C ALA A 55 -5.98 -5.26 -15.56
N VAL A 56 -4.78 -4.70 -15.76
CA VAL A 56 -3.64 -5.02 -14.92
C VAL A 56 -3.87 -4.53 -13.49
N GLN A 57 -4.85 -3.65 -13.34
CA GLN A 57 -5.19 -3.10 -12.03
C GLN A 57 -6.05 -4.09 -11.24
N ASP A 58 -6.35 -5.21 -11.88
CA ASP A 58 -7.16 -6.25 -11.26
C ASP A 58 -6.52 -7.62 -11.51
N SER A 59 -6.38 -7.97 -12.79
CA SER A 59 -5.81 -9.25 -13.20
C SER A 59 -4.33 -9.36 -12.79
N SER A 60 -3.50 -8.55 -13.42
CA SER A 60 -2.06 -8.57 -13.15
C SER A 60 -1.68 -7.65 -11.98
N SER A 61 -2.65 -7.36 -11.12
CA SER A 61 -2.42 -6.49 -9.98
C SER A 61 -1.56 -7.19 -8.93
N THR A 62 -1.65 -8.52 -8.88
CA THR A 62 -0.89 -9.30 -7.92
C THR A 62 0.62 -9.21 -8.17
N SER A 63 0.99 -8.74 -9.35
CA SER A 63 2.40 -8.62 -9.68
C SER A 63 3.05 -7.52 -8.83
N ALA A 64 2.23 -6.57 -8.39
CA ALA A 64 2.71 -5.47 -7.56
C ALA A 64 3.11 -5.98 -6.19
N THR A 65 2.42 -7.01 -5.72
CA THR A 65 2.72 -7.59 -4.41
C THR A 65 3.97 -8.46 -4.48
N GLN A 66 4.55 -8.59 -5.67
CA GLN A 66 5.73 -9.39 -5.86
C GLN A 66 6.91 -8.53 -6.34
N ALA A 67 6.67 -7.75 -7.38
CA ALA A 67 7.72 -6.90 -7.96
C ALA A 67 7.82 -5.55 -7.25
N GLU A 68 6.72 -4.82 -7.25
CA GLU A 68 6.68 -3.50 -6.61
C GLU A 68 6.94 -3.61 -5.11
N LYS A 69 6.53 -4.74 -4.54
CA LYS A 69 6.70 -4.99 -3.11
C LYS A 69 8.19 -4.94 -2.73
N GLU A 70 9.06 -5.28 -3.68
CA GLU A 70 10.50 -5.28 -3.44
C GLU A 70 11.00 -3.88 -3.09
N GLU A 71 10.25 -2.87 -3.50
CA GLU A 71 10.61 -1.50 -3.21
C GLU A 71 9.83 -1.02 -1.98
N VAL A 72 8.57 -1.43 -1.91
CA VAL A 72 7.68 -1.04 -0.82
C VAL A 72 8.14 -1.59 0.53
N ASP A 73 8.68 -2.82 0.55
CA ASP A 73 9.14 -3.43 1.81
C ASP A 73 10.45 -2.79 2.27
N SER A 74 11.10 -2.09 1.37
CA SER A 74 12.34 -1.40 1.69
C SER A 74 12.07 0.09 1.89
N ARG A 75 10.84 0.50 1.61
CA ARG A 75 10.43 1.89 1.75
C ARG A 75 9.42 2.03 2.88
N SER A 76 9.70 1.35 3.98
CA SER A 76 8.83 1.39 5.14
C SER A 76 9.60 1.89 6.36
N ILE A 77 8.89 2.13 7.45
CA ILE A 77 9.52 2.56 8.69
C ILE A 77 9.00 1.74 9.85
N TYR A 78 9.91 1.38 10.75
CA TYR A 78 9.56 0.59 11.92
C TYR A 78 9.20 1.50 13.07
N VAL A 79 8.00 1.33 13.63
CA VAL A 79 7.54 2.13 14.74
C VAL A 79 7.52 1.30 16.03
N GLY A 80 8.44 1.60 16.93
CA GLY A 80 8.51 0.87 18.19
C GLY A 80 8.30 1.78 19.37
N ASN A 81 8.14 1.19 20.56
CA ASN A 81 7.91 1.94 21.80
C ASN A 81 6.68 2.83 21.67
N VAL A 82 5.63 2.29 21.07
CA VAL A 82 4.39 3.03 20.86
C VAL A 82 3.52 3.02 22.12
N ASP A 83 2.52 3.91 22.16
CA ASP A 83 1.62 3.99 23.31
C ASP A 83 0.76 2.75 23.38
N TYR A 84 0.58 2.24 24.58
CA TYR A 84 -0.21 1.03 24.80
C TYR A 84 -1.69 1.23 24.48
N ALA A 85 -2.08 2.48 24.27
CA ALA A 85 -3.46 2.80 23.93
C ALA A 85 -3.55 3.46 22.56
N CYS A 86 -2.51 3.28 21.76
CA CYS A 86 -2.46 3.85 20.41
C CYS A 86 -3.28 3.02 19.43
N THR A 87 -3.84 3.68 18.43
CA THR A 87 -4.62 3.01 17.42
C THR A 87 -3.93 3.06 16.07
N PRO A 88 -4.08 2.00 15.25
CA PRO A 88 -3.43 1.90 13.93
C PRO A 88 -3.74 3.09 13.04
N GLU A 89 -4.99 3.53 13.04
CA GLU A 89 -5.41 4.66 12.21
C GLU A 89 -4.69 5.95 12.60
N GLU A 90 -4.60 6.23 13.89
CA GLU A 90 -3.95 7.45 14.35
C GLU A 90 -2.45 7.42 14.07
N VAL A 91 -1.90 6.22 13.90
CA VAL A 91 -0.48 6.05 13.64
C VAL A 91 -0.17 6.26 12.17
N GLN A 92 -0.94 5.63 11.30
CA GLN A 92 -0.71 5.73 9.87
C GLN A 92 -1.09 7.11 9.34
N GLN A 93 -2.08 7.75 9.96
CA GLN A 93 -2.51 9.06 9.51
C GLN A 93 -1.57 10.14 10.07
N HIS A 94 -0.94 9.85 11.19
CA HIS A 94 -0.02 10.82 11.80
C HIS A 94 1.27 10.92 11.00
N PHE A 95 1.75 9.77 10.55
CA PHE A 95 2.97 9.72 9.76
C PHE A 95 2.68 10.07 8.31
N GLN A 96 1.40 10.02 7.95
CA GLN A 96 0.95 10.35 6.61
C GLN A 96 1.27 11.81 6.30
N SER A 97 1.30 12.62 7.35
CA SER A 97 1.62 14.03 7.23
C SER A 97 3.05 14.24 6.72
N CYS A 98 3.89 13.22 6.92
CA CYS A 98 5.27 13.27 6.47
C CYS A 98 5.42 12.49 5.16
N GLY A 99 4.80 11.31 5.12
CA GLY A 99 4.84 10.47 3.95
C GLY A 99 3.59 9.64 3.83
N THR A 100 3.07 9.50 2.62
CA THR A 100 1.87 8.72 2.38
C THR A 100 2.05 7.26 2.80
N VAL A 101 0.95 6.64 3.22
CA VAL A 101 0.98 5.25 3.67
C VAL A 101 0.19 4.34 2.73
N ASN A 102 0.81 3.25 2.30
CA ASN A 102 0.16 2.29 1.43
C ASN A 102 -0.47 1.17 2.25
N ARG A 103 0.23 0.78 3.31
CA ARG A 103 -0.23 -0.29 4.18
C ARG A 103 0.39 -0.13 5.56
N VAL A 104 -0.34 -0.56 6.58
CA VAL A 104 0.12 -0.48 7.96
C VAL A 104 -0.40 -1.67 8.76
N THR A 105 0.47 -2.28 9.54
CA THR A 105 0.10 -3.41 10.36
C THR A 105 0.47 -3.16 11.81
N ILE A 106 -0.53 -3.18 12.69
CA ILE A 106 -0.29 -2.95 14.11
C ILE A 106 -0.46 -4.25 14.89
N LEU A 107 0.36 -4.43 15.91
CA LEU A 107 0.31 -5.62 16.74
C LEU A 107 0.25 -5.26 18.22
N THR A 108 -0.62 -5.92 18.96
CA THR A 108 -0.75 -5.67 20.39
C THR A 108 0.12 -6.66 21.16
N ASP A 109 1.11 -6.16 21.88
CA ASP A 109 2.00 -7.02 22.65
C ASP A 109 1.39 -7.34 24.01
N LYS A 110 1.43 -8.60 24.38
CA LYS A 110 0.90 -9.05 25.65
C LYS A 110 2.02 -9.63 26.51
N PHE A 111 3.24 -9.22 26.24
CA PHE A 111 4.40 -9.73 26.97
C PHE A 111 4.93 -8.65 27.93
N GLY A 112 4.16 -7.59 28.09
CA GLY A 112 4.55 -6.53 28.98
C GLY A 112 5.29 -5.41 28.27
N GLN A 113 5.34 -5.49 26.95
CA GLN A 113 6.02 -4.48 26.16
C GLN A 113 5.02 -3.45 25.67
N PRO A 114 5.48 -2.23 25.33
CA PRO A 114 4.60 -1.18 24.81
C PRO A 114 3.85 -1.66 23.58
N LYS A 115 2.53 -1.70 23.68
CA LYS A 115 1.70 -2.15 22.58
C LYS A 115 1.59 -1.06 21.53
N GLY A 116 1.01 -1.37 20.39
CA GLY A 116 0.86 -0.38 19.35
C GLY A 116 1.92 -0.50 18.29
N PHE A 117 2.82 -1.48 18.45
CA PHE A 117 3.89 -1.72 17.50
C PHE A 117 3.33 -1.85 16.09
N ALA A 118 3.74 -0.96 15.20
CA ALA A 118 3.27 -0.96 13.84
C ALA A 118 4.36 -0.53 12.87
N TYR A 119 4.04 -0.55 11.59
CA TYR A 119 4.96 -0.16 10.55
C TYR A 119 4.17 0.21 9.30
N VAL A 120 4.53 1.33 8.70
CA VAL A 120 3.87 1.78 7.48
C VAL A 120 4.81 1.62 6.30
N GLU A 121 4.26 1.25 5.15
CA GLU A 121 5.05 1.07 3.95
C GLU A 121 4.47 1.86 2.78
N PHE A 122 5.32 2.23 1.83
CA PHE A 122 4.88 2.98 0.66
C PHE A 122 5.80 2.68 -0.53
N VAL A 123 5.39 3.12 -1.71
CA VAL A 123 6.18 2.91 -2.92
C VAL A 123 7.18 4.02 -3.16
N GLU A 124 6.71 5.27 -3.06
CA GLU A 124 7.56 6.43 -3.28
C GLU A 124 8.57 6.58 -2.15
N ILE A 125 9.84 6.69 -2.51
CA ILE A 125 10.92 6.83 -1.55
C ILE A 125 10.85 8.17 -0.82
N ASP A 126 10.38 9.20 -1.50
CA ASP A 126 10.28 10.53 -0.91
C ASP A 126 9.38 10.51 0.33
N ALA A 127 8.28 9.79 0.25
CA ALA A 127 7.34 9.69 1.34
C ALA A 127 8.02 9.16 2.61
N VAL A 128 8.64 7.98 2.49
CA VAL A 128 9.31 7.36 3.62
C VAL A 128 10.56 8.16 4.02
N GLN A 129 11.17 8.84 3.05
CA GLN A 129 12.37 9.63 3.30
C GLN A 129 12.07 10.76 4.29
N ASN A 130 10.90 11.37 4.14
CA ASN A 130 10.50 12.45 5.04
C ASN A 130 10.03 11.87 6.36
N ALA A 131 9.49 10.66 6.29
CA ALA A 131 8.99 9.97 7.47
C ALA A 131 10.13 9.60 8.42
N LEU A 132 11.17 8.97 7.88
CA LEU A 132 12.31 8.55 8.69
C LEU A 132 13.07 9.76 9.24
N LEU A 133 12.78 10.94 8.70
CA LEU A 133 13.41 12.16 9.16
C LEU A 133 12.61 12.77 10.30
N LEU A 134 11.30 12.90 10.09
CA LEU A 134 10.41 13.46 11.10
C LEU A 134 9.25 12.51 11.36
N ASN A 135 9.33 11.76 12.46
CA ASN A 135 8.29 10.80 12.79
C ASN A 135 8.17 10.59 14.29
N GLU A 136 9.27 10.17 14.90
CA GLU A 136 9.29 9.91 16.33
C GLU A 136 9.38 11.21 17.14
N THR A 137 8.23 11.81 17.40
CA THR A 137 8.17 13.02 18.17
C THR A 137 7.06 12.93 19.21
N GLU A 138 5.83 12.72 18.76
CA GLU A 138 4.70 12.60 19.67
C GLU A 138 3.58 11.78 19.05
N LEU A 139 3.12 10.78 19.79
CA LEU A 139 2.03 9.92 19.35
C LEU A 139 1.16 9.57 20.56
N HIS A 140 -0.06 10.09 20.58
CA HIS A 140 -0.98 9.82 21.69
C HIS A 140 -0.41 10.32 23.01
N GLY A 141 0.42 11.37 22.94
CA GLY A 141 1.01 11.93 24.12
C GLY A 141 2.28 11.22 24.55
N ARG A 142 2.69 10.20 23.79
CA ARG A 142 3.90 9.45 24.12
C ARG A 142 4.93 9.58 23.01
N GLN A 143 6.18 9.24 23.32
CA GLN A 143 7.25 9.32 22.35
C GLN A 143 7.71 7.92 21.97
N LEU A 144 7.63 7.62 20.68
CA LEU A 144 8.02 6.30 20.17
C LEU A 144 9.36 6.37 19.43
N LYS A 145 9.82 5.23 18.95
CA LYS A 145 11.06 5.14 18.19
C LYS A 145 10.77 4.71 16.76
N VAL A 146 11.16 5.53 15.80
CA VAL A 146 10.94 5.21 14.39
C VAL A 146 12.25 5.15 13.62
N SER A 147 12.46 4.05 12.93
CA SER A 147 13.67 3.88 12.13
C SER A 147 13.30 3.32 10.77
N ALA A 148 14.10 3.62 9.77
CA ALA A 148 13.84 3.17 8.41
C ALA A 148 13.92 1.65 8.30
N LYS A 149 12.92 1.06 7.69
CA LYS A 149 12.88 -0.38 7.51
C LYS A 149 13.46 -0.75 6.16
N ARG A 150 14.78 -0.78 6.11
CA ARG A 150 15.50 -1.14 4.90
C ARG A 150 15.80 -2.63 4.90
N THR A 151 15.05 -3.38 4.12
CA THR A 151 15.25 -4.81 4.02
C THR A 151 16.26 -5.11 2.93
N ASN A 152 17.17 -6.03 3.21
CA ASN A 152 18.20 -6.44 2.28
C ASN A 152 18.95 -7.63 2.85
N ILE A 153 19.53 -8.43 1.99
CA ILE A 153 20.28 -9.59 2.42
C ILE A 153 21.58 -9.17 3.10
N PRO A 154 21.95 -9.85 4.20
CA PRO A 154 23.17 -9.54 4.93
C PRO A 154 24.43 -9.74 4.08
N GLY A 155 25.17 -8.68 3.88
CA GLY A 155 26.38 -8.76 3.09
C GLY A 155 27.16 -7.48 3.13
N MET A 1 -30.28 -49.40 25.71
CA MET A 1 -29.08 -49.59 24.87
C MET A 1 -29.04 -48.52 23.78
N GLY A 2 -27.88 -47.91 23.60
CA GLY A 2 -27.72 -46.89 22.59
C GLY A 2 -26.40 -47.00 21.87
N SER A 3 -26.41 -46.81 20.57
CA SER A 3 -25.20 -46.90 19.77
C SER A 3 -25.26 -45.89 18.63
N SER A 4 -24.23 -45.06 18.52
CA SER A 4 -24.16 -44.04 17.49
C SER A 4 -22.71 -43.67 17.19
N HIS A 5 -22.30 -43.87 15.94
CA HIS A 5 -20.94 -43.56 15.52
C HIS A 5 -20.89 -43.41 14.00
N HIS A 6 -20.40 -42.26 13.54
CA HIS A 6 -20.28 -41.99 12.11
C HIS A 6 -19.15 -41.00 11.85
N HIS A 7 -18.24 -41.38 10.94
CA HIS A 7 -17.10 -40.54 10.61
C HIS A 7 -16.83 -40.63 9.10
N HIS A 8 -16.36 -39.54 8.51
CA HIS A 8 -16.06 -39.51 7.08
C HIS A 8 -15.35 -38.22 6.68
N HIS A 9 -14.09 -38.32 6.29
CA HIS A 9 -13.31 -37.16 5.87
C HIS A 9 -12.03 -37.57 5.16
N HIS A 10 -11.94 -37.25 3.88
CA HIS A 10 -10.76 -37.59 3.08
C HIS A 10 -10.65 -36.65 1.87
N SER A 11 -9.53 -35.96 1.77
CA SER A 11 -9.28 -35.05 0.66
C SER A 11 -7.92 -35.32 0.03
N SER A 12 -7.81 -35.11 -1.27
CA SER A 12 -6.56 -35.33 -1.99
C SER A 12 -6.41 -34.34 -3.15
N GLY A 13 -5.19 -34.23 -3.68
CA GLY A 13 -4.94 -33.32 -4.79
C GLY A 13 -3.53 -33.44 -5.32
N LEU A 14 -3.32 -32.95 -6.54
CA LEU A 14 -2.02 -32.99 -7.18
C LEU A 14 -1.52 -31.58 -7.48
N VAL A 15 -0.23 -31.34 -7.30
CA VAL A 15 0.35 -30.04 -7.57
C VAL A 15 1.39 -30.14 -8.68
N PRO A 16 1.07 -29.58 -9.87
CA PRO A 16 1.97 -29.61 -11.02
C PRO A 16 3.00 -28.46 -10.99
N ARG A 17 3.78 -28.37 -12.05
CA ARG A 17 4.80 -27.33 -12.15
C ARG A 17 4.91 -26.84 -13.59
N GLY A 18 4.68 -25.55 -13.78
CA GLY A 18 4.76 -24.97 -15.10
C GLY A 18 4.32 -23.52 -15.11
N SER A 19 5.25 -22.62 -14.84
CA SER A 19 4.95 -21.20 -14.83
C SER A 19 6.07 -20.42 -15.51
N HIS A 20 5.75 -19.22 -15.97
CA HIS A 20 6.74 -18.38 -16.63
C HIS A 20 6.47 -16.92 -16.30
N MET A 21 7.48 -16.08 -16.54
CA MET A 21 7.35 -14.65 -16.29
C MET A 21 7.27 -13.91 -17.61
N GLY A 22 7.19 -12.59 -17.56
CA GLY A 22 7.12 -11.83 -18.78
C GLY A 22 6.01 -10.80 -18.76
N SER A 23 6.34 -9.59 -18.35
CA SER A 23 5.37 -8.51 -18.29
C SER A 23 5.92 -7.27 -18.97
N ASP A 24 5.52 -7.04 -20.22
CA ASP A 24 5.97 -5.88 -20.97
C ASP A 24 4.87 -5.40 -21.91
N LEU A 25 4.15 -4.39 -21.46
CA LEU A 25 3.06 -3.80 -22.24
C LEU A 25 2.65 -2.47 -21.64
N GLU A 26 1.51 -1.94 -22.08
CA GLU A 26 1.02 -0.67 -21.57
C GLU A 26 0.32 -0.84 -20.23
N ASP A 27 -0.16 0.26 -19.67
CA ASP A 27 -0.82 0.23 -18.37
C ASP A 27 -2.11 1.03 -18.39
N MET A 28 -2.86 0.93 -17.30
CA MET A 28 -4.10 1.66 -17.15
C MET A 28 -3.93 2.68 -16.03
N LYS A 29 -4.66 3.79 -16.10
CA LYS A 29 -4.56 4.84 -15.08
C LYS A 29 -5.00 4.29 -13.72
N LYS A 30 -6.30 4.19 -13.50
CA LYS A 30 -6.82 3.66 -12.24
C LYS A 30 -8.32 3.39 -12.36
N ARG A 31 -8.71 2.17 -11.99
CA ARG A 31 -10.11 1.77 -12.03
C ARG A 31 -10.66 1.64 -10.62
N LEU A 32 -9.80 1.95 -9.65
CA LEU A 32 -10.15 1.88 -8.23
C LEU A 32 -10.55 0.46 -7.83
N LYS A 33 -9.57 -0.43 -7.80
CA LYS A 33 -9.80 -1.82 -7.42
C LYS A 33 -8.48 -2.46 -7.00
N GLU A 34 -8.57 -3.55 -6.25
CA GLU A 34 -7.39 -4.25 -5.76
C GLU A 34 -7.76 -5.66 -5.33
N ILE A 35 -7.74 -6.60 -6.28
CA ILE A 35 -8.08 -7.97 -5.99
C ILE A 35 -7.27 -8.93 -6.86
N GLU A 36 -7.00 -10.11 -6.35
CA GLU A 36 -6.25 -11.11 -7.08
C GLU A 36 -7.09 -12.37 -7.27
N GLU A 37 -6.55 -13.33 -8.00
CA GLU A 37 -7.25 -14.57 -8.26
C GLU A 37 -6.27 -15.73 -8.30
N GLU A 38 -6.68 -16.84 -8.91
CA GLU A 38 -5.83 -18.00 -9.02
C GLU A 38 -5.09 -18.00 -10.34
N ALA A 39 -3.92 -18.63 -10.37
CA ALA A 39 -3.10 -18.70 -11.57
C ALA A 39 -3.74 -19.58 -12.64
N GLY A 40 -3.33 -19.38 -13.88
CA GLY A 40 -3.87 -20.17 -14.98
C GLY A 40 -3.16 -21.50 -15.12
N ALA A 41 -3.25 -22.09 -16.30
CA ALA A 41 -2.62 -23.37 -16.58
C ALA A 41 -2.30 -23.50 -18.07
N LEU A 42 -2.31 -24.74 -18.55
CA LEU A 42 -2.02 -25.00 -19.96
C LEU A 42 -3.19 -24.56 -20.83
N ARG A 43 -3.15 -23.32 -21.28
CA ARG A 43 -4.19 -22.76 -22.12
C ARG A 43 -3.63 -21.62 -22.97
N GLU A 44 -4.17 -21.46 -24.17
CA GLU A 44 -3.70 -20.40 -25.07
C GLU A 44 -4.35 -19.07 -24.74
N MET A 45 -4.68 -18.88 -23.46
CA MET A 45 -5.30 -17.65 -23.01
C MET A 45 -4.25 -16.57 -22.76
N GLN A 46 -2.99 -16.93 -23.01
CA GLN A 46 -1.88 -16.03 -22.81
C GLN A 46 -1.88 -14.92 -23.86
N ALA A 47 -2.63 -15.14 -24.94
CA ALA A 47 -2.74 -14.16 -26.01
C ALA A 47 -3.70 -13.05 -25.62
N LYS A 48 -4.42 -13.27 -24.53
CA LYS A 48 -5.38 -12.30 -24.02
C LYS A 48 -4.65 -11.18 -23.27
N VAL A 49 -3.33 -11.29 -23.21
CA VAL A 49 -2.50 -10.29 -22.54
C VAL A 49 -2.68 -8.91 -23.15
N GLU A 50 -3.07 -8.88 -24.42
CA GLU A 50 -3.30 -7.63 -25.14
C GLU A 50 -4.51 -6.90 -24.57
N LYS A 51 -5.41 -7.65 -23.97
CA LYS A 51 -6.61 -7.07 -23.36
C LYS A 51 -6.41 -6.90 -21.85
N GLU A 52 -5.69 -7.83 -21.25
CA GLU A 52 -5.42 -7.80 -19.82
C GLU A 52 -4.55 -6.60 -19.44
N MET A 53 -3.91 -5.99 -20.44
CA MET A 53 -3.07 -4.83 -20.21
C MET A 53 -3.94 -3.66 -19.72
N GLY A 54 -5.21 -3.70 -20.07
CA GLY A 54 -6.15 -2.67 -19.66
C GLY A 54 -6.92 -3.12 -18.43
N ALA A 55 -6.46 -4.20 -17.84
CA ALA A 55 -7.08 -4.77 -16.65
C ALA A 55 -6.01 -5.22 -15.68
N VAL A 56 -4.84 -4.58 -15.75
CA VAL A 56 -3.72 -4.93 -14.87
C VAL A 56 -4.04 -4.65 -13.41
N GLN A 57 -5.03 -3.81 -13.15
CA GLN A 57 -5.44 -3.49 -11.79
C GLN A 57 -6.32 -4.59 -11.22
N ASP A 58 -6.64 -5.56 -12.07
CA ASP A 58 -7.49 -6.69 -11.68
C ASP A 58 -6.78 -8.02 -11.95
N SER A 59 -6.25 -8.15 -13.15
CA SER A 59 -5.56 -9.36 -13.59
C SER A 59 -4.10 -9.43 -13.09
N SER A 60 -3.31 -8.42 -13.42
CA SER A 60 -1.90 -8.40 -13.02
C SER A 60 -1.69 -7.54 -11.79
N SER A 61 -2.72 -7.42 -10.98
CA SER A 61 -2.65 -6.62 -9.76
C SER A 61 -1.73 -7.29 -8.74
N THR A 62 -1.72 -8.61 -8.76
CA THR A 62 -0.90 -9.40 -7.84
C THR A 62 0.59 -9.22 -8.14
N SER A 63 0.91 -8.83 -9.36
CA SER A 63 2.28 -8.65 -9.77
C SER A 63 2.94 -7.53 -8.96
N ALA A 64 2.14 -6.59 -8.47
CA ALA A 64 2.64 -5.48 -7.67
C ALA A 64 3.07 -5.97 -6.30
N THR A 65 2.37 -6.97 -5.79
CA THR A 65 2.67 -7.54 -4.48
C THR A 65 3.93 -8.39 -4.51
N GLN A 66 4.53 -8.54 -5.68
CA GLN A 66 5.73 -9.32 -5.83
C GLN A 66 6.90 -8.47 -6.33
N ALA A 67 6.66 -7.72 -7.40
CA ALA A 67 7.70 -6.89 -7.99
C ALA A 67 7.83 -5.54 -7.28
N GLU A 68 6.71 -4.84 -7.16
CA GLU A 68 6.71 -3.52 -6.52
C GLU A 68 6.96 -3.66 -5.02
N LYS A 69 6.52 -4.79 -4.46
CA LYS A 69 6.69 -5.06 -3.03
C LYS A 69 8.15 -4.98 -2.61
N GLU A 70 9.06 -5.36 -3.51
CA GLU A 70 10.50 -5.33 -3.23
C GLU A 70 10.96 -3.91 -2.87
N GLU A 71 10.23 -2.92 -3.37
CA GLU A 71 10.56 -1.53 -3.09
C GLU A 71 9.76 -1.06 -1.88
N VAL A 72 8.51 -1.47 -1.82
CA VAL A 72 7.59 -1.09 -0.74
C VAL A 72 8.06 -1.58 0.63
N ASP A 73 8.51 -2.83 0.70
CA ASP A 73 8.96 -3.40 1.98
C ASP A 73 10.28 -2.78 2.41
N SER A 74 10.97 -2.17 1.46
CA SER A 74 12.23 -1.50 1.75
C SER A 74 11.99 0.00 1.92
N ARG A 75 10.77 0.43 1.62
CA ARG A 75 10.38 1.84 1.72
C ARG A 75 9.37 2.02 2.84
N SER A 76 9.70 1.46 4.00
CA SER A 76 8.83 1.57 5.15
C SER A 76 9.59 2.02 6.38
N ILE A 77 8.86 2.29 7.45
CA ILE A 77 9.46 2.71 8.71
C ILE A 77 8.89 1.88 9.85
N TYR A 78 9.74 1.46 10.77
CA TYR A 78 9.32 0.65 11.90
C TYR A 78 9.08 1.53 13.13
N VAL A 79 7.88 1.42 13.68
CA VAL A 79 7.51 2.20 14.85
C VAL A 79 7.51 1.34 16.11
N GLY A 80 8.37 1.70 17.07
CA GLY A 80 8.46 0.97 18.31
C GLY A 80 8.24 1.88 19.49
N ASN A 81 8.06 1.30 20.68
CA ASN A 81 7.82 2.08 21.91
C ASN A 81 6.58 2.94 21.78
N VAL A 82 5.59 2.42 21.08
CA VAL A 82 4.34 3.13 20.86
C VAL A 82 3.47 3.10 22.10
N ASP A 83 2.47 3.98 22.16
CA ASP A 83 1.56 4.03 23.29
C ASP A 83 0.78 2.73 23.37
N TYR A 84 0.62 2.22 24.58
CA TYR A 84 -0.09 0.97 24.79
C TYR A 84 -1.57 1.12 24.45
N ALA A 85 -1.99 2.36 24.19
CA ALA A 85 -3.38 2.64 23.85
C ALA A 85 -3.48 3.30 22.47
N CYS A 86 -2.44 3.11 21.65
CA CYS A 86 -2.44 3.70 20.32
C CYS A 86 -3.11 2.77 19.31
N THR A 87 -3.76 3.36 18.32
CA THR A 87 -4.45 2.60 17.30
C THR A 87 -3.72 2.73 15.96
N PRO A 88 -3.88 1.74 15.06
CA PRO A 88 -3.21 1.74 13.75
C PRO A 88 -3.57 2.96 12.90
N GLU A 89 -4.82 3.37 12.97
CA GLU A 89 -5.33 4.50 12.20
C GLU A 89 -4.64 5.80 12.57
N GLU A 90 -4.58 6.10 13.87
CA GLU A 90 -3.97 7.35 14.34
C GLU A 90 -2.47 7.35 14.07
N VAL A 91 -1.89 6.18 13.81
CA VAL A 91 -0.47 6.08 13.54
C VAL A 91 -0.18 6.32 12.06
N GLN A 92 -0.96 5.68 11.19
CA GLN A 92 -0.76 5.81 9.76
C GLN A 92 -1.19 7.18 9.25
N GLN A 93 -2.22 7.76 9.85
CA GLN A 93 -2.70 9.06 9.40
C GLN A 93 -1.78 10.19 9.88
N HIS A 94 -1.12 9.99 11.02
CA HIS A 94 -0.24 11.02 11.55
C HIS A 94 1.08 11.05 10.78
N PHE A 95 1.58 9.87 10.45
CA PHE A 95 2.84 9.77 9.71
C PHE A 95 2.62 10.12 8.25
N GLN A 96 1.37 10.11 7.82
CA GLN A 96 1.02 10.44 6.44
C GLN A 96 1.31 11.92 6.16
N SER A 97 1.37 12.70 7.23
CA SER A 97 1.67 14.13 7.11
C SER A 97 3.10 14.33 6.61
N CYS A 98 3.93 13.33 6.84
CA CYS A 98 5.31 13.36 6.40
C CYS A 98 5.47 12.53 5.14
N GLY A 99 4.94 11.32 5.16
CA GLY A 99 5.02 10.45 4.01
C GLY A 99 3.75 9.65 3.84
N THR A 100 3.29 9.51 2.60
CA THR A 100 2.08 8.76 2.30
C THR A 100 2.18 7.31 2.76
N VAL A 101 1.06 6.72 3.15
CA VAL A 101 1.04 5.35 3.61
C VAL A 101 0.12 4.48 2.74
N ASN A 102 0.65 3.34 2.29
CA ASN A 102 -0.14 2.42 1.46
C ASN A 102 -0.65 1.27 2.30
N ARG A 103 0.22 0.74 3.16
CA ARG A 103 -0.15 -0.38 4.03
C ARG A 103 0.45 -0.18 5.42
N VAL A 104 -0.27 -0.67 6.42
CA VAL A 104 0.18 -0.58 7.79
C VAL A 104 -0.30 -1.80 8.59
N THR A 105 0.59 -2.38 9.37
CA THR A 105 0.25 -3.55 10.17
C THR A 105 0.60 -3.31 11.64
N ILE A 106 -0.39 -3.42 12.51
CA ILE A 106 -0.17 -3.20 13.93
C ILE A 106 -0.31 -4.50 14.73
N LEU A 107 0.44 -4.61 15.81
CA LEU A 107 0.39 -5.78 16.66
C LEU A 107 0.40 -5.37 18.12
N THR A 108 -0.57 -5.88 18.88
CA THR A 108 -0.66 -5.57 20.30
C THR A 108 0.15 -6.58 21.10
N ASP A 109 1.13 -6.10 21.86
CA ASP A 109 1.96 -6.98 22.67
C ASP A 109 1.25 -7.37 23.96
N LYS A 110 1.49 -8.59 24.40
CA LYS A 110 0.90 -9.10 25.62
C LYS A 110 1.97 -9.75 26.48
N PHE A 111 3.22 -9.33 26.25
CA PHE A 111 4.36 -9.88 26.97
C PHE A 111 4.87 -8.85 27.99
N GLY A 112 4.30 -7.66 27.96
CA GLY A 112 4.70 -6.62 28.87
C GLY A 112 5.47 -5.49 28.19
N GLN A 113 5.45 -5.49 26.87
CA GLN A 113 6.14 -4.47 26.10
C GLN A 113 5.15 -3.40 25.64
N PRO A 114 5.63 -2.19 25.30
CA PRO A 114 4.76 -1.11 24.82
C PRO A 114 4.01 -1.54 23.56
N LYS A 115 2.70 -1.73 23.70
CA LYS A 115 1.87 -2.16 22.59
C LYS A 115 1.75 -1.06 21.55
N GLY A 116 1.17 -1.39 20.41
CA GLY A 116 1.01 -0.41 19.36
C GLY A 116 2.05 -0.57 18.27
N PHE A 117 2.87 -1.62 18.40
CA PHE A 117 3.93 -1.91 17.43
C PHE A 117 3.35 -1.96 16.02
N ALA A 118 3.80 -1.07 15.15
CA ALA A 118 3.31 -1.02 13.79
C ALA A 118 4.39 -0.54 12.84
N TYR A 119 4.09 -0.61 11.55
CA TYR A 119 5.00 -0.16 10.52
C TYR A 119 4.22 0.19 9.27
N VAL A 120 4.50 1.35 8.70
CA VAL A 120 3.81 1.78 7.49
C VAL A 120 4.76 1.70 6.29
N GLU A 121 4.24 1.32 5.15
CA GLU A 121 5.05 1.20 3.93
C GLU A 121 4.39 1.90 2.76
N PHE A 122 5.21 2.34 1.81
CA PHE A 122 4.74 3.03 0.63
C PHE A 122 5.64 2.73 -0.56
N VAL A 123 5.24 3.18 -1.75
CA VAL A 123 6.02 2.94 -2.97
C VAL A 123 7.02 4.06 -3.20
N GLU A 124 6.58 5.30 -2.97
CA GLU A 124 7.43 6.47 -3.16
C GLU A 124 8.52 6.53 -2.08
N ILE A 125 9.76 6.68 -2.52
CA ILE A 125 10.89 6.76 -1.61
C ILE A 125 10.91 8.11 -0.91
N ASP A 126 10.50 9.14 -1.63
CA ASP A 126 10.46 10.49 -1.09
C ASP A 126 9.55 10.56 0.14
N ALA A 127 8.45 9.80 0.07
CA ALA A 127 7.49 9.76 1.17
C ALA A 127 8.10 9.18 2.43
N VAL A 128 8.65 7.97 2.33
CA VAL A 128 9.26 7.32 3.49
C VAL A 128 10.51 8.07 3.95
N GLN A 129 11.18 8.77 3.03
CA GLN A 129 12.37 9.53 3.36
C GLN A 129 12.05 10.61 4.40
N ASN A 130 10.93 11.28 4.20
CA ASN A 130 10.50 12.33 5.11
C ASN A 130 10.01 11.72 6.41
N ALA A 131 9.43 10.53 6.30
CA ALA A 131 8.90 9.80 7.44
C ALA A 131 10.00 9.35 8.39
N LEU A 132 11.11 8.84 7.84
CA LEU A 132 12.22 8.39 8.66
C LEU A 132 12.99 9.57 9.24
N LEU A 133 12.80 10.74 8.64
CA LEU A 133 13.47 11.94 9.10
C LEU A 133 12.71 12.57 10.26
N LEU A 134 11.44 12.88 10.05
CA LEU A 134 10.62 13.51 11.08
C LEU A 134 9.35 12.72 11.35
N ASN A 135 9.34 11.97 12.45
CA ASN A 135 8.17 11.19 12.84
C ASN A 135 8.13 10.95 14.34
N GLU A 136 9.23 10.43 14.89
CA GLU A 136 9.29 10.16 16.32
C GLU A 136 9.49 11.45 17.11
N THR A 137 8.40 11.98 17.64
CA THR A 137 8.43 13.20 18.44
C THR A 137 7.38 13.12 19.53
N GLU A 138 6.12 12.94 19.12
CA GLU A 138 5.02 12.84 20.06
C GLU A 138 3.82 12.24 19.37
N LEU A 139 3.22 11.22 19.97
CA LEU A 139 2.07 10.56 19.41
C LEU A 139 1.20 10.06 20.55
N HIS A 140 -0.06 10.49 20.59
CA HIS A 140 -1.02 10.08 21.62
C HIS A 140 -0.58 10.54 23.03
N GLY A 141 0.51 11.29 23.08
CA GLY A 141 1.01 11.78 24.35
C GLY A 141 2.31 11.11 24.75
N ARG A 142 2.67 10.06 24.04
CA ARG A 142 3.89 9.32 24.33
C ARG A 142 4.91 9.51 23.21
N GLN A 143 6.13 9.05 23.45
CA GLN A 143 7.19 9.16 22.47
C GLN A 143 7.55 7.77 21.97
N LEU A 144 7.61 7.60 20.67
CA LEU A 144 7.94 6.31 20.09
C LEU A 144 9.27 6.39 19.35
N LYS A 145 9.74 5.25 18.89
CA LYS A 145 10.98 5.17 18.15
C LYS A 145 10.70 4.76 16.72
N VAL A 146 11.03 5.63 15.78
CA VAL A 146 10.80 5.34 14.37
C VAL A 146 12.12 5.21 13.64
N SER A 147 12.38 4.03 13.11
CA SER A 147 13.59 3.78 12.37
C SER A 147 13.25 3.19 11.01
N ALA A 148 14.06 3.51 10.01
CA ALA A 148 13.82 3.03 8.65
C ALA A 148 13.77 1.51 8.60
N LYS A 149 12.73 0.99 7.96
CA LYS A 149 12.56 -0.45 7.83
C LYS A 149 13.18 -0.89 6.50
N ARG A 150 14.48 -0.71 6.38
CA ARG A 150 15.18 -1.09 5.17
C ARG A 150 15.54 -2.56 5.22
N THR A 151 14.65 -3.38 4.71
CA THR A 151 14.86 -4.80 4.65
C THR A 151 15.87 -5.09 3.53
N ASN A 152 16.76 -6.04 3.76
CA ASN A 152 17.77 -6.38 2.77
C ASN A 152 18.54 -7.62 3.20
N ILE A 153 19.29 -8.18 2.25
CA ILE A 153 20.10 -9.37 2.52
C ILE A 153 21.41 -8.96 3.21
N PRO A 154 21.99 -9.86 4.02
CA PRO A 154 23.24 -9.58 4.74
C PRO A 154 24.46 -9.64 3.83
N GLY A 155 24.43 -8.85 2.77
CA GLY A 155 25.53 -8.82 1.82
C GLY A 155 26.03 -7.42 1.58
N MET A 1 7.81 -44.06 9.30
CA MET A 1 9.12 -43.35 9.22
C MET A 1 9.33 -42.79 7.81
N GLY A 2 9.20 -41.49 7.67
CA GLY A 2 9.38 -40.86 6.37
C GLY A 2 8.66 -39.53 6.27
N SER A 3 9.38 -38.51 5.85
CA SER A 3 8.80 -37.17 5.70
C SER A 3 9.24 -36.56 4.38
N SER A 4 8.33 -35.86 3.72
CA SER A 4 8.63 -35.23 2.44
C SER A 4 8.74 -33.71 2.61
N HIS A 5 9.50 -33.06 1.73
CA HIS A 5 9.68 -31.61 1.79
C HIS A 5 10.27 -31.09 0.49
N HIS A 6 9.77 -29.95 0.03
CA HIS A 6 10.24 -29.33 -1.20
C HIS A 6 9.83 -27.87 -1.25
N HIS A 7 10.76 -27.02 -1.69
CA HIS A 7 10.49 -25.59 -1.81
C HIS A 7 10.88 -25.09 -3.20
N HIS A 8 10.42 -23.91 -3.55
CA HIS A 8 10.73 -23.33 -4.85
C HIS A 8 10.86 -21.81 -4.74
N HIS A 9 11.80 -21.24 -5.48
CA HIS A 9 12.01 -19.79 -5.46
C HIS A 9 12.39 -19.28 -6.85
N HIS A 10 12.24 -17.97 -7.04
CA HIS A 10 12.56 -17.34 -8.31
C HIS A 10 12.90 -15.87 -8.09
N SER A 11 13.78 -15.32 -8.92
CA SER A 11 14.17 -13.93 -8.81
C SER A 11 13.24 -13.02 -9.61
N SER A 12 13.43 -11.72 -9.49
CA SER A 12 12.60 -10.74 -10.20
C SER A 12 13.46 -9.87 -11.12
N GLY A 13 12.91 -8.74 -11.54
CA GLY A 13 13.62 -7.83 -12.41
C GLY A 13 13.25 -6.38 -12.12
N LEU A 14 13.95 -5.46 -12.79
CA LEU A 14 13.70 -4.03 -12.60
C LEU A 14 12.27 -3.66 -12.97
N VAL A 15 11.66 -2.82 -12.15
CA VAL A 15 10.29 -2.39 -12.36
C VAL A 15 10.13 -0.89 -12.06
N PRO A 16 9.23 -0.20 -12.78
CA PRO A 16 8.95 1.22 -12.55
C PRO A 16 8.11 1.42 -11.31
N ARG A 17 8.51 2.33 -10.44
CA ARG A 17 7.79 2.59 -9.19
C ARG A 17 6.66 3.59 -9.39
N GLY A 18 5.62 3.45 -8.57
CA GLY A 18 4.48 4.35 -8.63
C GLY A 18 3.95 4.71 -7.25
N SER A 19 2.65 4.97 -7.15
CA SER A 19 2.04 5.33 -5.88
C SER A 19 0.57 4.88 -5.83
N HIS A 20 0.17 4.25 -4.71
CA HIS A 20 -1.20 3.78 -4.53
C HIS A 20 -1.40 3.23 -3.10
N MET A 21 -2.64 3.02 -2.72
CA MET A 21 -2.98 2.46 -1.40
C MET A 21 -3.75 1.16 -1.61
N GLY A 22 -3.58 0.18 -0.72
CA GLY A 22 -4.28 -1.09 -0.88
C GLY A 22 -4.17 -2.00 0.32
N SER A 23 -4.01 -3.29 0.04
CA SER A 23 -3.91 -4.31 1.08
C SER A 23 -2.66 -5.19 0.88
N ASP A 24 -2.67 -6.41 1.40
CA ASP A 24 -1.53 -7.30 1.26
C ASP A 24 -1.96 -8.63 0.63
N LEU A 25 -1.10 -9.17 -0.23
CA LEU A 25 -1.39 -10.44 -0.90
C LEU A 25 -0.15 -10.94 -1.67
N GLU A 26 0.47 -12.00 -1.14
CA GLU A 26 1.65 -12.58 -1.77
C GLU A 26 1.25 -13.74 -2.68
N ASP A 27 1.76 -13.74 -3.91
CA ASP A 27 1.45 -14.79 -4.87
C ASP A 27 2.66 -15.07 -5.76
N MET A 28 2.42 -15.40 -7.03
CA MET A 28 3.49 -15.70 -7.98
C MET A 28 4.26 -14.44 -8.34
N LYS A 29 5.46 -14.63 -8.88
CA LYS A 29 6.31 -13.50 -9.25
C LYS A 29 6.22 -13.21 -10.74
N LYS A 30 5.58 -12.10 -11.08
CA LYS A 30 5.43 -11.71 -12.48
C LYS A 30 5.90 -10.28 -12.67
N ARG A 31 6.36 -9.98 -13.88
CA ARG A 31 6.82 -8.64 -14.22
C ARG A 31 5.76 -7.93 -15.04
N LEU A 32 6.11 -6.77 -15.60
CA LEU A 32 5.19 -5.97 -16.41
C LEU A 32 4.01 -5.48 -15.57
N LYS A 33 4.29 -4.58 -14.65
CA LYS A 33 3.27 -4.01 -13.78
C LYS A 33 3.55 -2.54 -13.56
N GLU A 34 2.56 -1.80 -13.07
CA GLU A 34 2.73 -0.40 -12.82
C GLU A 34 2.70 -0.14 -11.32
N ILE A 35 1.52 -0.06 -10.73
CA ILE A 35 1.38 0.19 -9.30
C ILE A 35 -0.09 0.08 -8.87
N GLU A 36 -0.73 -0.98 -9.32
CA GLU A 36 -2.13 -1.21 -8.99
C GLU A 36 -2.25 -1.97 -7.67
N GLU A 37 -3.47 -2.37 -7.32
CA GLU A 37 -3.73 -3.08 -6.07
C GLU A 37 -3.31 -4.55 -6.18
N GLU A 38 -3.97 -5.43 -5.45
CA GLU A 38 -3.64 -6.85 -5.48
C GLU A 38 -4.90 -7.70 -5.45
N ALA A 39 -5.01 -8.61 -6.42
CA ALA A 39 -6.17 -9.51 -6.52
C ALA A 39 -5.91 -10.62 -7.54
N GLY A 40 -5.56 -11.80 -7.05
CA GLY A 40 -5.29 -12.92 -7.93
C GLY A 40 -4.85 -14.13 -7.15
N ALA A 41 -4.57 -15.23 -7.85
CA ALA A 41 -4.15 -16.46 -7.20
C ALA A 41 -3.20 -17.26 -8.07
N LEU A 42 -2.63 -18.30 -7.49
CA LEU A 42 -1.69 -19.18 -8.19
C LEU A 42 -2.42 -20.05 -9.20
N ARG A 43 -2.72 -19.48 -10.35
CA ARG A 43 -3.39 -20.19 -11.41
C ARG A 43 -2.59 -20.08 -12.70
N GLU A 44 -2.66 -21.10 -13.54
CA GLU A 44 -1.94 -21.12 -14.81
C GLU A 44 -2.59 -20.22 -15.86
N MET A 45 -3.34 -19.23 -15.40
CA MET A 45 -4.02 -18.31 -16.29
C MET A 45 -3.18 -17.04 -16.46
N GLN A 46 -1.98 -17.06 -15.91
CA GLN A 46 -1.07 -15.91 -15.98
C GLN A 46 -0.61 -15.67 -17.42
N ALA A 47 -0.91 -16.61 -18.32
CA ALA A 47 -0.55 -16.47 -19.72
C ALA A 47 -1.56 -15.60 -20.46
N LYS A 48 -2.67 -15.34 -19.78
CA LYS A 48 -3.75 -14.53 -20.33
C LYS A 48 -3.40 -13.04 -20.23
N VAL A 49 -2.17 -12.76 -19.79
CA VAL A 49 -1.69 -11.39 -19.64
C VAL A 49 -1.76 -10.64 -20.97
N GLU A 50 -1.73 -11.38 -22.07
CA GLU A 50 -1.82 -10.78 -23.41
C GLU A 50 -3.17 -10.13 -23.61
N LYS A 51 -4.17 -10.64 -22.91
CA LYS A 51 -5.52 -10.09 -22.97
C LYS A 51 -5.78 -9.17 -21.78
N GLU A 52 -5.17 -9.51 -20.66
CA GLU A 52 -5.33 -8.72 -19.44
C GLU A 52 -4.36 -7.54 -19.41
N MET A 53 -3.73 -7.24 -20.53
CA MET A 53 -2.80 -6.11 -20.61
C MET A 53 -3.51 -4.80 -20.32
N GLY A 54 -4.79 -4.73 -20.67
CA GLY A 54 -5.58 -3.53 -20.40
C GLY A 54 -6.37 -3.68 -19.13
N ALA A 55 -6.16 -4.80 -18.43
CA ALA A 55 -6.85 -5.08 -17.18
C ALA A 55 -5.85 -5.48 -16.11
N VAL A 56 -4.64 -4.96 -16.21
CA VAL A 56 -3.58 -5.25 -15.26
C VAL A 56 -3.91 -4.71 -13.88
N GLN A 57 -4.82 -3.75 -13.81
CA GLN A 57 -5.22 -3.16 -12.54
C GLN A 57 -6.20 -4.06 -11.79
N ASP A 58 -6.57 -5.17 -12.42
CA ASP A 58 -7.50 -6.11 -11.83
C ASP A 58 -6.95 -7.53 -11.88
N SER A 59 -6.35 -7.88 -13.01
CA SER A 59 -5.80 -9.20 -13.21
C SER A 59 -4.34 -9.28 -12.77
N SER A 60 -3.46 -8.63 -13.52
CA SER A 60 -2.04 -8.62 -13.24
C SER A 60 -1.70 -7.59 -12.16
N SER A 61 -2.65 -7.36 -11.27
CA SER A 61 -2.50 -6.39 -10.21
C SER A 61 -1.62 -6.93 -9.09
N THR A 62 -1.85 -8.20 -8.74
CA THR A 62 -1.10 -8.85 -7.66
C THR A 62 0.40 -8.83 -7.90
N SER A 63 0.79 -8.68 -9.16
CA SER A 63 2.19 -8.65 -9.52
C SER A 63 2.92 -7.47 -8.85
N ALA A 64 2.16 -6.44 -8.46
CA ALA A 64 2.76 -5.29 -7.80
C ALA A 64 3.14 -5.65 -6.37
N THR A 65 2.34 -6.49 -5.74
CA THR A 65 2.59 -6.91 -4.38
C THR A 65 3.70 -7.95 -4.31
N GLN A 66 4.29 -8.25 -5.46
CA GLN A 66 5.37 -9.20 -5.52
C GLN A 66 6.63 -8.55 -6.11
N ALA A 67 6.46 -7.82 -7.21
CA ALA A 67 7.59 -7.16 -7.86
C ALA A 67 7.85 -5.78 -7.26
N GLU A 68 6.79 -4.99 -7.13
CA GLU A 68 6.91 -3.65 -6.55
C GLU A 68 7.16 -3.74 -5.05
N LYS A 69 6.60 -4.78 -4.43
CA LYS A 69 6.76 -5.01 -3.00
C LYS A 69 8.22 -5.05 -2.60
N GLU A 70 9.09 -5.49 -3.51
CA GLU A 70 10.53 -5.58 -3.26
C GLU A 70 11.10 -4.20 -2.95
N GLU A 71 10.39 -3.16 -3.36
CA GLU A 71 10.81 -1.80 -3.09
C GLU A 71 10.02 -1.27 -1.90
N VAL A 72 8.71 -1.55 -1.89
CA VAL A 72 7.80 -1.09 -0.84
C VAL A 72 8.20 -1.61 0.55
N ASP A 73 8.59 -2.89 0.63
CA ASP A 73 8.99 -3.48 1.91
C ASP A 73 10.29 -2.86 2.43
N SER A 74 11.02 -2.22 1.54
CA SER A 74 12.27 -1.56 1.88
C SER A 74 12.05 -0.05 2.02
N ARG A 75 10.83 0.38 1.72
CA ARG A 75 10.47 1.79 1.79
C ARG A 75 9.41 1.99 2.86
N SER A 76 9.67 1.43 4.02
CA SER A 76 8.76 1.52 5.14
C SER A 76 9.51 1.96 6.39
N ILE A 77 8.79 2.19 7.48
CA ILE A 77 9.40 2.58 8.74
C ILE A 77 8.81 1.77 9.87
N TYR A 78 9.67 1.31 10.77
CA TYR A 78 9.23 0.52 11.91
C TYR A 78 9.02 1.42 13.11
N VAL A 79 7.84 1.35 13.70
CA VAL A 79 7.50 2.17 14.86
C VAL A 79 7.50 1.35 16.14
N GLY A 80 8.42 1.68 17.04
CA GLY A 80 8.52 0.99 18.31
C GLY A 80 8.27 1.94 19.46
N ASN A 81 8.12 1.40 20.67
CA ASN A 81 7.86 2.21 21.87
C ASN A 81 6.59 3.04 21.70
N VAL A 82 5.59 2.44 21.08
CA VAL A 82 4.32 3.11 20.83
C VAL A 82 3.44 3.06 22.08
N ASP A 83 2.44 3.93 22.11
CA ASP A 83 1.50 3.99 23.23
C ASP A 83 0.68 2.72 23.28
N TYR A 84 0.53 2.17 24.48
CA TYR A 84 -0.20 0.93 24.68
C TYR A 84 -1.68 1.07 24.32
N ALA A 85 -2.15 2.30 24.16
CA ALA A 85 -3.53 2.55 23.80
C ALA A 85 -3.65 3.19 22.42
N CYS A 86 -2.57 3.13 21.64
CA CYS A 86 -2.57 3.70 20.31
C CYS A 86 -3.28 2.80 19.31
N THR A 87 -3.90 3.41 18.30
CA THR A 87 -4.60 2.68 17.26
C THR A 87 -3.84 2.78 15.94
N PRO A 88 -3.92 1.76 15.08
CA PRO A 88 -3.23 1.74 13.78
C PRO A 88 -3.56 2.96 12.92
N GLU A 89 -4.81 3.39 12.95
CA GLU A 89 -5.26 4.53 12.16
C GLU A 89 -4.54 5.82 12.57
N GLU A 90 -4.55 6.12 13.87
CA GLU A 90 -3.93 7.34 14.39
C GLU A 90 -2.42 7.36 14.11
N VAL A 91 -1.86 6.19 13.86
CA VAL A 91 -0.44 6.06 13.60
C VAL A 91 -0.13 6.33 12.13
N GLN A 92 -0.91 5.72 11.25
CA GLN A 92 -0.69 5.87 9.82
C GLN A 92 -1.09 7.25 9.33
N GLN A 93 -2.12 7.84 9.94
CA GLN A 93 -2.59 9.16 9.50
C GLN A 93 -1.68 10.27 10.03
N HIS A 94 -1.03 10.03 11.16
CA HIS A 94 -0.15 11.03 11.73
C HIS A 94 1.16 11.11 10.97
N PHE A 95 1.69 9.95 10.60
CA PHE A 95 2.94 9.89 9.85
C PHE A 95 2.71 10.25 8.39
N GLN A 96 1.45 10.16 7.97
CA GLN A 96 1.06 10.49 6.60
C GLN A 96 1.35 11.96 6.30
N SER A 97 1.44 12.76 7.36
CA SER A 97 1.72 14.18 7.23
C SER A 97 3.10 14.41 6.61
N CYS A 98 4.00 13.45 6.84
CA CYS A 98 5.35 13.53 6.31
C CYS A 98 5.46 12.71 5.02
N GLY A 99 4.83 11.54 5.01
CA GLY A 99 4.85 10.68 3.85
C GLY A 99 3.61 9.82 3.77
N THR A 100 3.11 9.62 2.55
CA THR A 100 1.91 8.83 2.34
C THR A 100 2.09 7.38 2.80
N VAL A 101 0.99 6.74 3.14
CA VAL A 101 1.01 5.35 3.60
C VAL A 101 0.20 4.46 2.65
N ASN A 102 0.80 3.34 2.25
CA ASN A 102 0.14 2.39 1.37
C ASN A 102 -0.45 1.25 2.19
N ARG A 103 0.34 0.75 3.15
CA ARG A 103 -0.09 -0.33 4.03
C ARG A 103 0.45 -0.10 5.42
N VAL A 104 -0.21 -0.70 6.40
CA VAL A 104 0.19 -0.59 7.79
C VAL A 104 -0.31 -1.79 8.58
N THR A 105 0.54 -2.32 9.45
CA THR A 105 0.18 -3.46 10.27
C THR A 105 0.55 -3.19 11.72
N ILE A 106 -0.40 -3.36 12.63
CA ILE A 106 -0.15 -3.13 14.04
C ILE A 106 -0.21 -4.43 14.84
N LEU A 107 0.73 -4.59 15.75
CA LEU A 107 0.79 -5.77 16.59
C LEU A 107 0.65 -5.37 18.06
N THR A 108 -0.32 -5.96 18.74
CA THR A 108 -0.53 -5.66 20.14
C THR A 108 0.28 -6.62 21.01
N ASP A 109 1.27 -6.10 21.72
CA ASP A 109 2.11 -6.94 22.58
C ASP A 109 1.36 -7.38 23.82
N LYS A 110 1.58 -8.63 24.20
CA LYS A 110 0.94 -9.19 25.38
C LYS A 110 2.01 -9.85 26.25
N PHE A 111 3.21 -9.28 26.25
CA PHE A 111 4.32 -9.81 27.02
C PHE A 111 4.78 -8.79 28.06
N GLY A 112 4.18 -7.61 28.03
CA GLY A 112 4.54 -6.57 28.98
C GLY A 112 5.28 -5.41 28.33
N GLN A 113 5.37 -5.42 27.01
CA GLN A 113 6.05 -4.36 26.27
C GLN A 113 5.03 -3.35 25.77
N PRO A 114 5.47 -2.12 25.42
CA PRO A 114 4.56 -1.09 24.91
C PRO A 114 3.87 -1.56 23.63
N LYS A 115 2.55 -1.71 23.70
CA LYS A 115 1.78 -2.18 22.55
C LYS A 115 1.69 -1.07 21.50
N GLY A 116 1.16 -1.41 20.34
CA GLY A 116 1.03 -0.43 19.29
C GLY A 116 2.10 -0.57 18.23
N PHE A 117 2.94 -1.61 18.38
CA PHE A 117 4.02 -1.88 17.43
C PHE A 117 3.46 -1.94 16.02
N ALA A 118 3.83 -0.97 15.19
CA ALA A 118 3.33 -0.94 13.82
C ALA A 118 4.41 -0.50 12.85
N TYR A 119 4.07 -0.55 11.58
CA TYR A 119 4.98 -0.13 10.52
C TYR A 119 4.19 0.26 9.28
N VAL A 120 4.48 1.41 8.73
CA VAL A 120 3.79 1.88 7.53
C VAL A 120 4.74 1.76 6.34
N GLU A 121 4.20 1.40 5.19
CA GLU A 121 5.02 1.25 3.99
C GLU A 121 4.43 2.01 2.81
N PHE A 122 5.31 2.45 1.92
CA PHE A 122 4.89 3.16 0.72
C PHE A 122 5.84 2.81 -0.42
N VAL A 123 5.51 3.27 -1.62
CA VAL A 123 6.33 2.97 -2.79
C VAL A 123 7.35 4.08 -3.03
N GLU A 124 6.85 5.30 -3.19
CA GLU A 124 7.72 6.44 -3.44
C GLU A 124 8.66 6.67 -2.25
N ILE A 125 9.95 6.56 -2.51
CA ILE A 125 10.98 6.74 -1.49
C ILE A 125 10.86 8.11 -0.83
N ASP A 126 10.43 9.10 -1.61
CA ASP A 126 10.26 10.46 -1.12
C ASP A 126 9.39 10.51 0.14
N ALA A 127 8.28 9.77 0.09
CA ALA A 127 7.34 9.71 1.20
C ALA A 127 7.99 9.14 2.45
N VAL A 128 8.57 7.95 2.34
CA VAL A 128 9.20 7.31 3.48
C VAL A 128 10.43 8.09 3.94
N GLN A 129 11.09 8.78 3.02
CA GLN A 129 12.27 9.58 3.34
C GLN A 129 11.89 10.67 4.32
N ASN A 130 10.82 11.38 4.01
CA ASN A 130 10.35 12.46 4.88
C ASN A 130 9.80 11.88 6.17
N ALA A 131 9.27 10.67 6.09
CA ALA A 131 8.71 9.98 7.24
C ALA A 131 9.80 9.64 8.24
N LEU A 132 10.87 8.98 7.79
CA LEU A 132 11.96 8.61 8.68
C LEU A 132 12.66 9.85 9.23
N LEU A 133 12.55 10.95 8.49
CA LEU A 133 13.16 12.21 8.89
C LEU A 133 12.41 12.81 10.08
N LEU A 134 11.11 12.98 9.89
CA LEU A 134 10.26 13.53 10.94
C LEU A 134 9.17 12.53 11.28
N ASN A 135 9.35 11.82 12.39
CA ASN A 135 8.38 10.82 12.81
C ASN A 135 8.28 10.74 14.32
N GLU A 136 9.32 10.20 14.94
CA GLU A 136 9.35 10.05 16.39
C GLU A 136 9.46 11.39 17.10
N THR A 137 8.32 11.93 17.49
CA THR A 137 8.27 13.19 18.20
C THR A 137 7.27 13.09 19.35
N GLU A 138 6.02 12.81 19.01
CA GLU A 138 4.97 12.66 20.00
C GLU A 138 3.76 11.99 19.36
N LEU A 139 3.24 10.97 20.02
CA LEU A 139 2.08 10.23 19.53
C LEU A 139 1.23 9.77 20.71
N HIS A 140 -0.02 10.25 20.76
CA HIS A 140 -0.96 9.88 21.82
C HIS A 140 -0.55 10.45 23.17
N GLY A 141 0.55 11.19 23.19
CA GLY A 141 1.05 11.77 24.41
C GLY A 141 2.39 11.16 24.82
N ARG A 142 2.78 10.10 24.12
CA ARG A 142 4.03 9.42 24.40
C ARG A 142 5.00 9.64 23.24
N GLN A 143 6.25 9.24 23.43
CA GLN A 143 7.25 9.37 22.38
C GLN A 143 7.71 7.99 21.95
N LEU A 144 7.54 7.69 20.67
CA LEU A 144 7.92 6.40 20.13
C LEU A 144 9.28 6.46 19.45
N LYS A 145 9.75 5.32 19.01
CA LYS A 145 11.03 5.21 18.31
C LYS A 145 10.78 4.71 16.90
N VAL A 146 11.21 5.47 15.90
CA VAL A 146 11.00 5.09 14.52
C VAL A 146 12.33 4.86 13.81
N SER A 147 12.38 3.81 13.01
CA SER A 147 13.57 3.47 12.25
C SER A 147 13.17 3.00 10.85
N ALA A 148 13.97 3.35 9.86
CA ALA A 148 13.70 2.96 8.48
C ALA A 148 13.73 1.45 8.35
N LYS A 149 12.69 0.89 7.76
CA LYS A 149 12.59 -0.55 7.57
C LYS A 149 13.23 -0.95 6.25
N ARG A 150 14.55 -0.96 6.23
CA ARG A 150 15.30 -1.33 5.04
C ARG A 150 15.66 -2.81 5.09
N THR A 151 14.83 -3.61 4.45
CA THR A 151 15.03 -5.04 4.39
C THR A 151 16.00 -5.39 3.26
N ASN A 152 16.92 -6.30 3.53
CA ASN A 152 17.92 -6.72 2.55
C ASN A 152 18.68 -7.92 3.08
N ILE A 153 19.27 -8.70 2.18
CA ILE A 153 20.05 -9.86 2.57
C ILE A 153 21.33 -9.42 3.27
N PRO A 154 21.85 -10.26 4.19
CA PRO A 154 23.08 -9.94 4.93
C PRO A 154 24.30 -9.90 4.02
N GLY A 155 24.51 -8.76 3.40
CA GLY A 155 25.63 -8.58 2.51
C GLY A 155 26.08 -7.14 2.49
N MET A 1 -94.90 43.58 -9.07
CA MET A 1 -93.65 44.29 -9.46
C MET A 1 -92.45 43.64 -8.79
N GLY A 2 -91.33 43.61 -9.49
CA GLY A 2 -90.12 43.02 -8.95
C GLY A 2 -90.00 41.55 -9.31
N SER A 3 -89.81 41.27 -10.59
CA SER A 3 -89.68 39.91 -11.06
C SER A 3 -88.28 39.60 -11.58
N SER A 4 -87.39 39.18 -10.69
CA SER A 4 -86.04 38.84 -11.08
C SER A 4 -85.94 37.36 -11.43
N HIS A 5 -84.96 36.99 -12.24
CA HIS A 5 -84.76 35.60 -12.66
C HIS A 5 -83.43 35.44 -13.37
N HIS A 6 -82.77 34.30 -13.14
CA HIS A 6 -81.49 33.99 -13.77
C HIS A 6 -81.15 32.53 -13.54
N HIS A 7 -80.51 31.91 -14.52
CA HIS A 7 -80.12 30.50 -14.42
C HIS A 7 -78.80 30.25 -15.15
N HIS A 8 -78.05 29.27 -14.69
CA HIS A 8 -76.76 28.92 -15.29
C HIS A 8 -76.56 27.41 -15.29
N HIS A 9 -75.39 26.96 -15.73
CA HIS A 9 -75.08 25.53 -15.79
C HIS A 9 -73.57 25.34 -15.92
N HIS A 10 -73.07 24.23 -15.42
CA HIS A 10 -71.65 23.93 -15.51
C HIS A 10 -71.38 22.43 -15.31
N SER A 11 -70.96 21.77 -16.37
CA SER A 11 -70.67 20.34 -16.33
C SER A 11 -69.28 20.11 -15.72
N SER A 12 -68.97 18.85 -15.40
CA SER A 12 -67.67 18.52 -14.82
C SER A 12 -67.32 17.06 -15.11
N GLY A 13 -66.20 16.87 -15.80
CA GLY A 13 -65.74 15.53 -16.12
C GLY A 13 -64.92 14.93 -15.01
N LEU A 14 -65.34 13.77 -14.52
CA LEU A 14 -64.64 13.10 -13.44
C LEU A 14 -63.61 12.10 -13.96
N VAL A 15 -62.40 12.19 -13.43
CA VAL A 15 -61.33 11.30 -13.80
C VAL A 15 -60.38 11.09 -12.61
N PRO A 16 -60.64 10.04 -11.81
CA PRO A 16 -59.83 9.72 -10.64
C PRO A 16 -58.41 9.28 -11.02
N ARG A 17 -57.43 9.83 -10.34
CA ARG A 17 -56.04 9.48 -10.60
C ARG A 17 -55.42 8.87 -9.35
N GLY A 18 -54.96 7.63 -9.48
CA GLY A 18 -54.35 6.95 -8.36
C GLY A 18 -53.08 6.25 -8.75
N SER A 19 -52.46 5.55 -7.81
CA SER A 19 -51.23 4.84 -8.07
C SER A 19 -51.08 3.67 -7.11
N HIS A 20 -50.81 2.49 -7.64
CA HIS A 20 -50.62 1.30 -6.83
C HIS A 20 -49.27 1.36 -6.13
N MET A 21 -49.20 0.78 -4.94
CA MET A 21 -47.97 0.78 -4.18
C MET A 21 -47.11 -0.42 -4.57
N GLY A 22 -45.81 -0.24 -4.50
CA GLY A 22 -44.89 -1.31 -4.85
C GLY A 22 -44.39 -2.04 -3.62
N SER A 23 -43.42 -2.92 -3.81
CA SER A 23 -42.86 -3.68 -2.71
C SER A 23 -41.35 -3.79 -2.85
N ASP A 24 -40.65 -3.88 -1.72
CA ASP A 24 -39.20 -4.00 -1.72
C ASP A 24 -38.80 -5.42 -2.10
N LEU A 25 -37.78 -5.54 -2.95
CA LEU A 25 -37.32 -6.84 -3.39
C LEU A 25 -35.93 -6.71 -4.01
N GLU A 26 -35.26 -7.84 -4.18
CA GLU A 26 -33.93 -7.89 -4.75
C GLU A 26 -33.97 -7.52 -6.23
N ASP A 27 -33.03 -6.72 -6.68
CA ASP A 27 -32.98 -6.30 -8.07
C ASP A 27 -31.72 -6.82 -8.73
N MET A 28 -31.89 -7.46 -9.88
CA MET A 28 -30.76 -8.02 -10.62
C MET A 28 -30.40 -7.09 -11.78
N LYS A 29 -29.12 -6.73 -11.86
CA LYS A 29 -28.66 -5.85 -12.93
C LYS A 29 -27.23 -6.19 -13.31
N LYS A 30 -26.89 -6.00 -14.58
CA LYS A 30 -25.55 -6.28 -15.06
C LYS A 30 -24.68 -5.03 -14.99
N ARG A 31 -24.06 -4.84 -13.84
CA ARG A 31 -23.19 -3.68 -13.63
C ARG A 31 -21.93 -4.10 -12.88
N LEU A 32 -21.17 -3.12 -12.39
CA LEU A 32 -19.94 -3.36 -11.65
C LEU A 32 -18.84 -3.90 -12.56
N LYS A 33 -17.74 -4.32 -11.97
CA LYS A 33 -16.62 -4.85 -12.73
C LYS A 33 -16.28 -6.26 -12.28
N GLU A 34 -15.83 -7.07 -13.22
CA GLU A 34 -15.48 -8.46 -12.94
C GLU A 34 -14.10 -8.56 -12.30
N ILE A 35 -14.00 -9.38 -11.28
CA ILE A 35 -12.76 -9.58 -10.54
C ILE A 35 -12.38 -11.06 -10.54
N GLU A 36 -11.23 -11.37 -11.14
CA GLU A 36 -10.74 -12.74 -11.22
C GLU A 36 -9.39 -12.79 -11.94
N GLU A 37 -8.40 -13.39 -11.29
CA GLU A 37 -7.07 -13.51 -11.86
C GLU A 37 -6.74 -14.97 -12.13
N GLU A 38 -6.27 -15.27 -13.33
CA GLU A 38 -5.89 -16.63 -13.69
C GLU A 38 -4.40 -16.70 -13.98
N ALA A 39 -3.82 -17.86 -13.77
CA ALA A 39 -2.40 -18.05 -14.01
C ALA A 39 -2.12 -18.57 -15.41
N GLY A 40 -0.89 -18.40 -15.86
CA GLY A 40 -0.50 -18.85 -17.18
C GLY A 40 -0.48 -20.36 -17.29
N ALA A 41 -1.28 -20.89 -18.19
CA ALA A 41 -1.36 -22.33 -18.42
C ALA A 41 -1.57 -22.61 -19.89
N LEU A 42 -1.52 -23.89 -20.27
CA LEU A 42 -1.71 -24.29 -21.65
C LEU A 42 -3.18 -24.08 -22.05
N ARG A 43 -3.46 -22.91 -22.58
CA ARG A 43 -4.81 -22.56 -22.99
C ARG A 43 -4.81 -21.52 -24.10
N GLU A 44 -3.61 -21.01 -24.43
CA GLU A 44 -3.45 -19.97 -25.46
C GLU A 44 -4.13 -18.68 -25.04
N MET A 45 -4.37 -18.55 -23.74
CA MET A 45 -5.02 -17.36 -23.19
C MET A 45 -4.00 -16.25 -22.97
N GLN A 46 -2.74 -16.53 -23.32
CA GLN A 46 -1.69 -15.55 -23.15
C GLN A 46 -1.83 -14.44 -24.19
N ALA A 47 -2.55 -14.74 -25.27
CA ALA A 47 -2.80 -13.77 -26.32
C ALA A 47 -3.87 -12.78 -25.88
N LYS A 48 -4.47 -13.08 -24.73
CA LYS A 48 -5.52 -12.23 -24.17
C LYS A 48 -4.91 -11.03 -23.46
N VAL A 49 -3.58 -10.94 -23.50
CA VAL A 49 -2.85 -9.84 -22.88
C VAL A 49 -3.29 -8.49 -23.44
N GLU A 50 -3.85 -8.51 -24.64
CA GLU A 50 -4.33 -7.31 -25.31
C GLU A 50 -5.47 -6.68 -24.51
N LYS A 51 -6.19 -7.51 -23.76
CA LYS A 51 -7.30 -7.06 -22.94
C LYS A 51 -6.88 -6.94 -21.49
N GLU A 52 -6.13 -7.93 -21.02
CA GLU A 52 -5.68 -7.96 -19.63
C GLU A 52 -4.78 -6.78 -19.31
N MET A 53 -4.27 -6.11 -20.35
CA MET A 53 -3.42 -4.93 -20.17
C MET A 53 -4.21 -3.82 -19.48
N GLY A 54 -5.54 -3.85 -19.64
CA GLY A 54 -6.39 -2.85 -19.03
C GLY A 54 -6.99 -3.38 -17.74
N ALA A 55 -6.73 -4.65 -17.48
CA ALA A 55 -7.23 -5.31 -16.29
C ALA A 55 -6.10 -5.59 -15.32
N VAL A 56 -4.96 -4.97 -15.57
CA VAL A 56 -3.77 -5.12 -14.73
C VAL A 56 -4.05 -4.64 -13.32
N GLN A 57 -5.12 -3.86 -13.15
CA GLN A 57 -5.49 -3.34 -11.85
C GLN A 57 -6.17 -4.41 -11.01
N ASP A 58 -6.48 -5.53 -11.65
CA ASP A 58 -7.13 -6.64 -10.97
C ASP A 58 -6.34 -7.93 -11.20
N SER A 59 -6.18 -8.29 -12.47
CA SER A 59 -5.47 -9.50 -12.86
C SER A 59 -3.98 -9.40 -12.51
N SER A 60 -3.33 -8.44 -13.13
CA SER A 60 -1.91 -8.23 -12.95
C SER A 60 -1.62 -7.36 -11.73
N SER A 61 -2.58 -7.26 -10.83
CA SER A 61 -2.42 -6.45 -9.64
C SER A 61 -1.58 -7.18 -8.58
N THR A 62 -1.72 -8.50 -8.54
CA THR A 62 -0.99 -9.32 -7.59
C THR A 62 0.52 -9.27 -7.85
N SER A 63 0.88 -8.95 -9.08
CA SER A 63 2.29 -8.87 -9.46
C SER A 63 2.99 -7.76 -8.68
N ALA A 64 2.22 -6.75 -8.28
CA ALA A 64 2.74 -5.62 -7.52
C ALA A 64 3.13 -6.06 -6.11
N THR A 65 2.42 -7.05 -5.59
CA THR A 65 2.68 -7.55 -4.24
C THR A 65 3.93 -8.44 -4.23
N GLN A 66 4.52 -8.63 -5.40
CA GLN A 66 5.72 -9.44 -5.52
C GLN A 66 6.89 -8.61 -6.02
N ALA A 67 6.69 -7.89 -7.12
CA ALA A 67 7.73 -7.07 -7.72
C ALA A 67 7.84 -5.70 -7.03
N GLU A 68 6.77 -4.91 -7.09
CA GLU A 68 6.76 -3.58 -6.49
C GLU A 68 6.98 -3.67 -4.98
N LYS A 69 6.55 -4.79 -4.40
CA LYS A 69 6.70 -5.03 -2.96
C LYS A 69 8.16 -4.92 -2.53
N GLU A 70 9.07 -5.29 -3.44
CA GLU A 70 10.51 -5.23 -3.16
C GLU A 70 10.97 -3.81 -2.89
N GLU A 71 10.19 -2.86 -3.36
CA GLU A 71 10.46 -1.46 -3.15
C GLU A 71 9.71 -0.98 -1.91
N VAL A 72 8.45 -1.40 -1.83
CA VAL A 72 7.57 -1.02 -0.73
C VAL A 72 8.09 -1.50 0.62
N ASP A 73 8.56 -2.74 0.70
CA ASP A 73 9.05 -3.31 1.95
C ASP A 73 10.38 -2.68 2.37
N SER A 74 11.07 -2.08 1.41
CA SER A 74 12.33 -1.42 1.67
C SER A 74 12.10 0.07 1.87
N ARG A 75 10.86 0.50 1.63
CA ARG A 75 10.48 1.89 1.76
C ARG A 75 9.46 2.04 2.89
N SER A 76 9.71 1.35 3.98
CA SER A 76 8.82 1.42 5.13
C SER A 76 9.58 1.91 6.36
N ILE A 77 8.85 2.11 7.45
CA ILE A 77 9.46 2.55 8.69
C ILE A 77 8.95 1.70 9.85
N TYR A 78 9.85 1.36 10.75
CA TYR A 78 9.52 0.55 11.91
C TYR A 78 9.19 1.46 13.09
N VAL A 79 7.97 1.34 13.61
CA VAL A 79 7.53 2.14 14.72
C VAL A 79 7.52 1.31 16.01
N GLY A 80 8.45 1.59 16.90
CA GLY A 80 8.54 0.85 18.15
C GLY A 80 8.31 1.73 19.36
N ASN A 81 8.11 1.10 20.51
CA ASN A 81 7.88 1.81 21.77
C ASN A 81 6.67 2.74 21.65
N VAL A 82 5.62 2.22 21.05
CA VAL A 82 4.39 2.98 20.84
C VAL A 82 3.52 2.95 22.10
N ASP A 83 2.50 3.79 22.13
CA ASP A 83 1.60 3.85 23.28
C ASP A 83 0.77 2.58 23.35
N TYR A 84 0.55 2.10 24.56
CA TYR A 84 -0.21 0.88 24.80
C TYR A 84 -1.69 1.01 24.40
N ALA A 85 -2.14 2.23 24.14
CA ALA A 85 -3.52 2.46 23.75
C ALA A 85 -3.61 3.07 22.36
N CYS A 86 -2.49 3.10 21.64
CA CYS A 86 -2.45 3.65 20.30
C CYS A 86 -3.14 2.72 19.30
N THR A 87 -3.80 3.31 18.31
CA THR A 87 -4.49 2.55 17.28
C THR A 87 -3.75 2.67 15.95
N PRO A 88 -3.94 1.71 15.03
CA PRO A 88 -3.26 1.71 13.73
C PRO A 88 -3.57 2.95 12.89
N GLU A 89 -4.83 3.38 12.91
CA GLU A 89 -5.27 4.53 12.13
C GLU A 89 -4.59 5.83 12.57
N GLU A 90 -4.53 6.06 13.88
CA GLU A 90 -3.92 7.28 14.41
C GLU A 90 -2.41 7.31 14.14
N VAL A 91 -1.85 6.16 13.83
CA VAL A 91 -0.42 6.04 13.57
C VAL A 91 -0.13 6.31 12.10
N GLN A 92 -0.90 5.68 11.22
CA GLN A 92 -0.68 5.83 9.77
C GLN A 92 -1.03 7.24 9.31
N GLN A 93 -2.06 7.83 9.90
CA GLN A 93 -2.47 9.17 9.49
C GLN A 93 -1.54 10.24 10.06
N HIS A 94 -0.95 9.96 11.22
CA HIS A 94 -0.03 10.92 11.84
C HIS A 94 1.26 11.04 11.03
N PHE A 95 1.76 9.90 10.57
CA PHE A 95 2.99 9.90 9.80
C PHE A 95 2.72 10.23 8.34
N GLN A 96 1.45 10.19 7.97
CA GLN A 96 1.02 10.49 6.60
C GLN A 96 1.32 11.95 6.24
N SER A 97 1.43 12.77 7.27
CA SER A 97 1.72 14.18 7.08
C SER A 97 3.14 14.38 6.54
N CYS A 98 4.02 13.43 6.87
CA CYS A 98 5.40 13.48 6.41
C CYS A 98 5.55 12.67 5.13
N GLY A 99 4.91 11.52 5.10
CA GLY A 99 4.98 10.66 3.94
C GLY A 99 3.72 9.83 3.78
N THR A 100 3.31 9.60 2.54
CA THR A 100 2.13 8.83 2.24
C THR A 100 2.27 7.38 2.72
N VAL A 101 1.15 6.79 3.12
CA VAL A 101 1.15 5.42 3.60
C VAL A 101 0.22 4.55 2.75
N ASN A 102 0.73 3.43 2.27
CA ASN A 102 -0.06 2.53 1.44
C ASN A 102 -0.66 1.41 2.27
N ARG A 103 0.18 0.80 3.09
CA ARG A 103 -0.24 -0.30 3.95
C ARG A 103 0.33 -0.16 5.34
N VAL A 104 -0.40 -0.62 6.35
CA VAL A 104 0.05 -0.56 7.73
C VAL A 104 -0.49 -1.75 8.52
N THR A 105 0.37 -2.32 9.35
CA THR A 105 -0.01 -3.45 10.19
C THR A 105 0.39 -3.18 11.63
N ILE A 106 -0.53 -3.35 12.56
CA ILE A 106 -0.25 -3.12 13.98
C ILE A 106 -0.35 -4.42 14.77
N LEU A 107 0.46 -4.52 15.81
CA LEU A 107 0.47 -5.70 16.67
C LEU A 107 0.36 -5.29 18.14
N THR A 108 -0.40 -6.05 18.90
CA THR A 108 -0.58 -5.76 20.32
C THR A 108 0.21 -6.75 21.15
N ASP A 109 1.22 -6.26 21.86
CA ASP A 109 2.06 -7.11 22.70
C ASP A 109 1.32 -7.48 23.99
N LYS A 110 1.53 -8.71 24.44
CA LYS A 110 0.91 -9.19 25.68
C LYS A 110 1.97 -9.76 26.60
N PHE A 111 3.21 -9.37 26.35
CA PHE A 111 4.35 -9.83 27.14
C PHE A 111 4.75 -8.77 28.17
N GLY A 112 4.12 -7.61 28.07
CA GLY A 112 4.42 -6.53 28.98
C GLY A 112 5.22 -5.42 28.33
N GLN A 113 5.33 -5.47 27.01
CA GLN A 113 6.08 -4.49 26.24
C GLN A 113 5.11 -3.44 25.70
N PRO A 114 5.62 -2.25 25.32
CA PRO A 114 4.78 -1.19 24.76
C PRO A 114 4.06 -1.66 23.49
N LYS A 115 2.74 -1.75 23.58
CA LYS A 115 1.93 -2.21 22.47
C LYS A 115 1.75 -1.08 21.46
N GLY A 116 1.02 -1.36 20.39
CA GLY A 116 0.81 -0.34 19.39
C GLY A 116 1.85 -0.41 18.30
N PHE A 117 2.73 -1.40 18.40
CA PHE A 117 3.78 -1.61 17.42
C PHE A 117 3.20 -1.74 16.02
N ALA A 118 3.66 -0.91 15.11
CA ALA A 118 3.18 -0.91 13.75
C ALA A 118 4.27 -0.47 12.78
N TYR A 119 4.00 -0.62 11.51
CA TYR A 119 4.94 -0.22 10.49
C TYR A 119 4.17 0.15 9.22
N VAL A 120 4.48 1.30 8.66
CA VAL A 120 3.83 1.76 7.44
C VAL A 120 4.79 1.69 6.27
N GLU A 121 4.27 1.32 5.10
CA GLU A 121 5.09 1.22 3.91
C GLU A 121 4.43 1.93 2.73
N PHE A 122 5.26 2.36 1.79
CA PHE A 122 4.78 3.05 0.60
C PHE A 122 5.67 2.73 -0.60
N VAL A 123 5.21 3.08 -1.79
CA VAL A 123 5.96 2.82 -3.01
C VAL A 123 6.99 3.91 -3.29
N GLU A 124 6.61 5.15 -3.06
CA GLU A 124 7.49 6.30 -3.29
C GLU A 124 8.52 6.42 -2.18
N ILE A 125 9.78 6.57 -2.56
CA ILE A 125 10.87 6.70 -1.61
C ILE A 125 10.85 8.07 -0.94
N ASP A 126 10.44 9.10 -1.68
CA ASP A 126 10.38 10.46 -1.15
C ASP A 126 9.47 10.54 0.06
N ALA A 127 8.39 9.76 0.02
CA ALA A 127 7.43 9.73 1.11
C ALA A 127 8.05 9.20 2.39
N VAL A 128 8.59 7.99 2.33
CA VAL A 128 9.20 7.38 3.50
C VAL A 128 10.45 8.15 3.93
N GLN A 129 11.10 8.82 2.99
CA GLN A 129 12.30 9.60 3.27
C GLN A 129 11.99 10.69 4.28
N ASN A 130 10.90 11.40 4.05
CA ASN A 130 10.49 12.48 4.95
C ASN A 130 9.90 11.91 6.23
N ALA A 131 9.40 10.68 6.14
CA ALA A 131 8.80 10.00 7.28
C ALA A 131 9.88 9.65 8.30
N LEU A 132 10.94 8.98 7.84
CA LEU A 132 12.04 8.59 8.73
C LEU A 132 12.79 9.82 9.24
N LEU A 133 12.60 10.94 8.56
CA LEU A 133 13.25 12.19 8.94
C LEU A 133 12.54 12.80 10.14
N LEU A 134 11.23 12.97 10.02
CA LEU A 134 10.41 13.53 11.08
C LEU A 134 9.25 12.59 11.40
N ASN A 135 9.37 11.85 12.49
CA ASN A 135 8.33 10.91 12.87
C ASN A 135 8.21 10.76 14.38
N GLU A 136 9.25 10.20 15.00
CA GLU A 136 9.24 9.99 16.44
C GLU A 136 9.44 11.30 17.20
N THR A 137 8.32 11.90 17.60
CA THR A 137 8.36 13.14 18.36
C THR A 137 7.27 13.12 19.43
N GLU A 138 6.02 13.00 19.00
CA GLU A 138 4.90 12.97 19.92
C GLU A 138 3.73 12.21 19.29
N LEU A 139 3.31 11.15 19.96
CA LEU A 139 2.20 10.33 19.49
C LEU A 139 1.36 9.90 20.67
N HIS A 140 0.09 10.32 20.70
CA HIS A 140 -0.84 9.97 21.78
C HIS A 140 -0.36 10.56 23.10
N GLY A 141 0.47 11.58 23.03
CA GLY A 141 0.99 12.20 24.24
C GLY A 141 2.24 11.50 24.72
N ARG A 142 2.62 10.45 24.03
CA ARG A 142 3.80 9.67 24.39
C ARG A 142 4.84 9.77 23.27
N GLN A 143 5.98 9.13 23.47
CA GLN A 143 7.03 9.15 22.48
C GLN A 143 7.38 7.73 22.05
N LEU A 144 7.64 7.55 20.77
CA LEU A 144 8.00 6.25 20.23
C LEU A 144 9.33 6.33 19.52
N LYS A 145 9.78 5.21 18.99
CA LYS A 145 11.04 5.15 18.27
C LYS A 145 10.79 4.67 16.85
N VAL A 146 11.15 5.49 15.87
CA VAL A 146 10.95 5.14 14.47
C VAL A 146 12.28 5.00 13.73
N SER A 147 12.44 3.89 13.03
CA SER A 147 13.66 3.64 12.27
C SER A 147 13.29 3.13 10.88
N ALA A 148 14.10 3.44 9.89
CA ALA A 148 13.84 3.02 8.52
C ALA A 148 13.84 1.50 8.41
N LYS A 149 12.79 0.95 7.80
CA LYS A 149 12.68 -0.48 7.62
C LYS A 149 13.32 -0.86 6.30
N ARG A 150 14.61 -0.60 6.20
CA ARG A 150 15.37 -0.89 5.00
C ARG A 150 15.79 -2.35 4.98
N THR A 151 14.86 -3.20 4.56
CA THR A 151 15.11 -4.63 4.50
C THR A 151 16.13 -4.94 3.38
N ASN A 152 17.23 -5.58 3.76
CA ASN A 152 18.27 -5.94 2.81
C ASN A 152 19.19 -7.00 3.41
N ILE A 153 19.76 -7.83 2.55
CA ILE A 153 20.66 -8.88 2.98
C ILE A 153 21.97 -8.30 3.51
N PRO A 154 22.59 -8.97 4.49
CA PRO A 154 23.86 -8.50 5.07
C PRO A 154 25.03 -8.73 4.11
N GLY A 155 25.49 -7.66 3.48
CA GLY A 155 26.58 -7.76 2.55
C GLY A 155 27.28 -6.43 2.36
N MET A 1 -30.50 66.39 -8.82
CA MET A 1 -29.15 66.54 -8.24
C MET A 1 -28.94 65.52 -7.11
N GLY A 2 -27.73 65.03 -6.96
CA GLY A 2 -27.45 64.06 -5.91
C GLY A 2 -26.44 63.02 -6.35
N SER A 3 -25.65 62.54 -5.39
CA SER A 3 -24.64 61.52 -5.65
C SER A 3 -24.66 60.46 -4.57
N SER A 4 -24.25 59.24 -4.93
CA SER A 4 -24.22 58.12 -4.00
C SER A 4 -22.88 57.40 -4.06
N HIS A 5 -22.57 56.61 -3.03
CA HIS A 5 -21.32 55.85 -2.98
C HIS A 5 -21.45 54.68 -2.01
N HIS A 6 -21.24 53.47 -2.53
CA HIS A 6 -21.33 52.27 -1.70
C HIS A 6 -20.58 51.11 -2.36
N HIS A 7 -19.65 50.52 -1.61
CA HIS A 7 -18.87 49.38 -2.09
C HIS A 7 -18.51 48.47 -0.92
N HIS A 8 -18.24 47.20 -1.21
CA HIS A 8 -17.90 46.24 -0.16
C HIS A 8 -16.98 45.15 -0.70
N HIS A 9 -16.47 44.30 0.19
CA HIS A 9 -15.55 43.22 -0.20
C HIS A 9 -15.58 42.08 0.83
N HIS A 10 -15.46 40.85 0.34
CA HIS A 10 -15.46 39.67 1.21
C HIS A 10 -14.61 38.56 0.59
N SER A 11 -13.93 37.79 1.42
CA SER A 11 -13.09 36.69 0.96
C SER A 11 -13.34 35.43 1.79
N SER A 12 -12.85 34.29 1.29
CA SER A 12 -13.02 33.01 1.97
C SER A 12 -11.96 32.01 1.50
N GLY A 13 -12.11 30.75 1.92
CA GLY A 13 -11.17 29.70 1.53
C GLY A 13 -11.39 28.44 2.36
N LEU A 14 -11.40 27.29 1.70
CA LEU A 14 -11.62 26.01 2.39
C LEU A 14 -10.66 24.94 1.85
N VAL A 15 -10.19 24.07 2.74
CA VAL A 15 -9.27 23.00 2.35
C VAL A 15 -9.62 21.67 3.04
N PRO A 16 -10.05 20.66 2.28
CA PRO A 16 -10.41 19.35 2.80
C PRO A 16 -9.27 18.32 2.69
N ARG A 17 -9.50 17.12 3.22
CA ARG A 17 -8.52 16.04 3.17
C ARG A 17 -9.21 14.69 3.32
N GLY A 18 -8.64 13.65 2.71
CA GLY A 18 -9.23 12.33 2.78
C GLY A 18 -8.30 11.31 3.43
N SER A 19 -8.80 10.10 3.62
CA SER A 19 -8.02 9.04 4.23
C SER A 19 -7.57 8.01 3.18
N HIS A 20 -7.00 6.89 3.65
CA HIS A 20 -6.53 5.84 2.76
C HIS A 20 -6.53 4.50 3.50
N MET A 21 -6.89 3.44 2.78
CA MET A 21 -6.92 2.09 3.35
C MET A 21 -5.90 1.20 2.65
N GLY A 22 -5.68 0.01 3.21
CA GLY A 22 -4.73 -0.93 2.63
C GLY A 22 -4.77 -2.27 3.33
N SER A 23 -4.83 -3.34 2.55
CA SER A 23 -4.87 -4.69 3.12
C SER A 23 -3.46 -5.25 3.32
N ASP A 24 -3.24 -5.88 4.45
CA ASP A 24 -1.94 -6.46 4.77
C ASP A 24 -1.75 -7.81 4.10
N LEU A 25 -0.77 -7.89 3.20
CA LEU A 25 -0.49 -9.13 2.48
C LEU A 25 0.86 -9.04 1.77
N GLU A 26 1.45 -10.19 1.48
CA GLU A 26 2.73 -10.25 0.80
C GLU A 26 2.94 -11.62 0.17
N ASP A 27 4.05 -11.78 -0.53
CA ASP A 27 4.40 -13.02 -1.20
C ASP A 27 5.91 -13.03 -1.42
N MET A 28 6.36 -13.62 -2.52
CA MET A 28 7.78 -13.64 -2.84
C MET A 28 8.16 -12.35 -3.55
N LYS A 29 9.42 -12.22 -3.91
CA LYS A 29 9.88 -11.02 -4.59
C LYS A 29 10.40 -11.36 -5.98
N LYS A 30 9.84 -10.70 -6.98
CA LYS A 30 10.21 -10.92 -8.37
C LYS A 30 9.66 -9.80 -9.26
N ARG A 31 10.48 -8.77 -9.45
CA ARG A 31 10.10 -7.62 -10.27
C ARG A 31 9.84 -8.01 -11.73
N LEU A 32 8.56 -8.16 -12.07
CA LEU A 32 8.16 -8.51 -13.42
C LEU A 32 6.73 -8.08 -13.70
N LYS A 33 6.47 -7.72 -14.95
CA LYS A 33 5.15 -7.28 -15.43
C LYS A 33 4.72 -5.96 -14.79
N GLU A 34 3.44 -5.62 -14.96
CA GLU A 34 2.89 -4.38 -14.42
C GLU A 34 2.35 -4.59 -13.02
N ILE A 35 2.25 -3.49 -12.26
CA ILE A 35 1.74 -3.54 -10.90
C ILE A 35 0.56 -2.58 -10.74
N GLU A 36 -0.34 -2.88 -9.80
CA GLU A 36 -1.48 -2.00 -9.59
C GLU A 36 -1.79 -1.82 -8.09
N GLU A 37 -2.54 -2.75 -7.50
CA GLU A 37 -2.91 -2.64 -6.08
C GLU A 37 -3.52 -3.93 -5.53
N GLU A 38 -4.60 -4.36 -6.16
CA GLU A 38 -5.33 -5.56 -5.73
C GLU A 38 -4.47 -6.82 -5.80
N ALA A 39 -4.87 -7.83 -5.05
CA ALA A 39 -4.14 -9.08 -5.02
C ALA A 39 -4.94 -10.18 -5.72
N GLY A 40 -4.56 -11.42 -5.46
CA GLY A 40 -5.24 -12.55 -6.07
C GLY A 40 -5.08 -13.80 -5.23
N ALA A 41 -5.16 -14.96 -5.88
CA ALA A 41 -5.02 -16.22 -5.17
C ALA A 41 -4.22 -17.21 -6.01
N LEU A 42 -3.94 -18.37 -5.45
CA LEU A 42 -3.20 -19.40 -6.17
C LEU A 42 -4.10 -20.01 -7.23
N ARG A 43 -4.05 -19.46 -8.43
CA ARG A 43 -4.86 -19.95 -9.52
C ARG A 43 -4.00 -20.42 -10.68
N GLU A 44 -2.73 -20.03 -10.67
CA GLU A 44 -1.78 -20.39 -11.71
C GLU A 44 -2.27 -19.87 -13.06
N MET A 45 -3.00 -18.76 -13.01
CA MET A 45 -3.55 -18.14 -14.20
C MET A 45 -2.70 -16.96 -14.65
N GLN A 46 -1.50 -16.84 -14.09
CA GLN A 46 -0.60 -15.74 -14.43
C GLN A 46 -0.04 -15.93 -15.83
N ALA A 47 -0.05 -17.16 -16.32
CA ALA A 47 0.43 -17.45 -17.67
C ALA A 47 -0.54 -16.90 -18.70
N LYS A 48 -1.74 -16.55 -18.23
CA LYS A 48 -2.76 -15.98 -19.10
C LYS A 48 -2.51 -14.48 -19.26
N VAL A 49 -1.37 -14.02 -18.73
CA VAL A 49 -0.98 -12.61 -18.80
C VAL A 49 -0.92 -12.11 -20.23
N GLU A 50 -0.80 -13.03 -21.18
CA GLU A 50 -0.76 -12.68 -22.59
C GLU A 50 -2.08 -12.05 -23.00
N LYS A 51 -3.16 -12.53 -22.38
CA LYS A 51 -4.49 -12.02 -22.63
C LYS A 51 -4.89 -10.98 -21.60
N GLU A 52 -4.39 -11.14 -20.37
CA GLU A 52 -4.69 -10.22 -19.29
C GLU A 52 -3.73 -9.04 -19.26
N MET A 53 -3.05 -8.79 -20.38
CA MET A 53 -2.10 -7.67 -20.45
C MET A 53 -2.83 -6.34 -20.31
N GLY A 54 -4.07 -6.29 -20.76
CA GLY A 54 -4.85 -5.08 -20.65
C GLY A 54 -5.69 -5.07 -19.39
N ALA A 55 -5.67 -6.19 -18.67
CA ALA A 55 -6.42 -6.34 -17.45
C ALA A 55 -5.49 -6.59 -16.28
N VAL A 56 -4.26 -6.10 -16.41
CA VAL A 56 -3.24 -6.27 -15.37
C VAL A 56 -3.64 -5.53 -14.08
N GLN A 57 -4.63 -4.66 -14.20
CA GLN A 57 -5.10 -3.89 -13.05
C GLN A 57 -5.98 -4.75 -12.15
N ASP A 58 -6.44 -5.86 -12.68
CA ASP A 58 -7.30 -6.77 -11.94
C ASP A 58 -6.66 -8.14 -11.83
N SER A 59 -6.28 -8.69 -12.98
CA SER A 59 -5.68 -10.01 -13.06
C SER A 59 -4.25 -10.01 -12.49
N SER A 60 -3.33 -9.40 -13.22
CA SER A 60 -1.93 -9.33 -12.81
C SER A 60 -1.68 -8.17 -11.85
N SER A 61 -2.69 -7.83 -11.07
CA SER A 61 -2.57 -6.77 -10.10
C SER A 61 -1.76 -7.29 -8.91
N THR A 62 -1.82 -8.61 -8.72
CA THR A 62 -1.09 -9.28 -7.65
C THR A 62 0.42 -9.16 -7.85
N SER A 63 0.80 -8.86 -9.07
CA SER A 63 2.20 -8.71 -9.43
C SER A 63 2.84 -7.56 -8.63
N ALA A 64 2.01 -6.67 -8.10
CA ALA A 64 2.50 -5.56 -7.30
C ALA A 64 3.06 -6.05 -5.97
N THR A 65 2.39 -7.05 -5.40
CA THR A 65 2.79 -7.62 -4.13
C THR A 65 4.03 -8.52 -4.27
N GLN A 66 4.50 -8.65 -5.51
CA GLN A 66 5.67 -9.47 -5.78
C GLN A 66 6.80 -8.62 -6.38
N ALA A 67 6.45 -7.70 -7.27
CA ALA A 67 7.43 -6.84 -7.91
C ALA A 67 7.61 -5.52 -7.17
N GLU A 68 6.53 -4.76 -7.04
CA GLU A 68 6.60 -3.47 -6.36
C GLU A 68 6.93 -3.64 -4.88
N LYS A 69 6.52 -4.77 -4.31
CA LYS A 69 6.77 -5.05 -2.90
C LYS A 69 8.26 -4.99 -2.59
N GLU A 70 9.10 -5.27 -3.58
CA GLU A 70 10.55 -5.23 -3.40
C GLU A 70 11.00 -3.83 -2.95
N GLU A 71 10.31 -2.83 -3.46
CA GLU A 71 10.62 -1.45 -3.12
C GLU A 71 9.83 -1.03 -1.87
N VAL A 72 8.57 -1.44 -1.83
CA VAL A 72 7.67 -1.09 -0.71
C VAL A 72 8.18 -1.66 0.63
N ASP A 73 8.64 -2.91 0.59
CA ASP A 73 9.15 -3.59 1.80
C ASP A 73 10.43 -2.92 2.27
N SER A 74 11.05 -2.18 1.37
CA SER A 74 12.27 -1.47 1.66
C SER A 74 12.00 0.01 1.91
N ARG A 75 10.78 0.44 1.58
CA ARG A 75 10.37 1.83 1.76
C ARG A 75 9.36 1.95 2.88
N SER A 76 9.67 1.32 4.00
CA SER A 76 8.79 1.36 5.16
C SER A 76 9.55 1.84 6.38
N ILE A 77 8.82 2.10 7.46
CA ILE A 77 9.43 2.54 8.70
C ILE A 77 8.85 1.75 9.86
N TYR A 78 9.72 1.27 10.74
CA TYR A 78 9.29 0.51 11.88
C TYR A 78 9.01 1.46 13.05
N VAL A 79 7.81 1.37 13.60
CA VAL A 79 7.42 2.21 14.72
C VAL A 79 7.39 1.40 16.01
N GLY A 80 8.33 1.70 16.91
CA GLY A 80 8.40 1.00 18.17
C GLY A 80 8.17 1.93 19.33
N ASN A 81 8.03 1.36 20.53
CA ASN A 81 7.78 2.13 21.75
C ASN A 81 6.55 3.01 21.60
N VAL A 82 5.50 2.45 21.02
CA VAL A 82 4.26 3.16 20.80
C VAL A 82 3.37 3.10 22.04
N ASP A 83 2.34 3.95 22.09
CA ASP A 83 1.43 3.98 23.21
C ASP A 83 0.58 2.70 23.25
N TYR A 84 0.35 2.21 24.45
CA TYR A 84 -0.43 0.98 24.66
C TYR A 84 -1.87 1.12 24.20
N ALA A 85 -2.36 2.35 24.14
CA ALA A 85 -3.74 2.60 23.73
C ALA A 85 -3.80 3.21 22.34
N CYS A 86 -2.70 3.11 21.61
CA CYS A 86 -2.64 3.66 20.26
C CYS A 86 -3.29 2.71 19.25
N THR A 87 -3.93 3.31 18.25
CA THR A 87 -4.60 2.55 17.22
C THR A 87 -3.86 2.70 15.89
N PRO A 88 -3.98 1.71 14.98
CA PRO A 88 -3.31 1.73 13.67
C PRO A 88 -3.65 2.98 12.86
N GLU A 89 -4.91 3.41 12.95
CA GLU A 89 -5.39 4.57 12.22
C GLU A 89 -4.68 5.84 12.64
N GLU A 90 -4.66 6.12 13.95
CA GLU A 90 -4.03 7.33 14.46
C GLU A 90 -2.52 7.33 14.21
N VAL A 91 -1.98 6.17 13.90
CA VAL A 91 -0.55 6.05 13.65
C VAL A 91 -0.23 6.30 12.17
N GLN A 92 -1.00 5.68 11.29
CA GLN A 92 -0.76 5.83 9.86
C GLN A 92 -1.17 7.21 9.36
N GLN A 93 -2.21 7.79 9.93
CA GLN A 93 -2.65 9.11 9.48
C GLN A 93 -1.80 10.22 10.09
N HIS A 94 -1.14 9.93 11.20
CA HIS A 94 -0.29 10.93 11.86
C HIS A 94 1.03 11.08 11.09
N PHE A 95 1.48 9.99 10.49
CA PHE A 95 2.73 10.00 9.75
C PHE A 95 2.50 10.35 8.29
N GLN A 96 1.23 10.42 7.89
CA GLN A 96 0.86 10.75 6.51
C GLN A 96 1.26 12.19 6.20
N SER A 97 1.41 12.99 7.24
CA SER A 97 1.81 14.37 7.12
C SER A 97 3.22 14.48 6.53
N CYS A 98 4.05 13.47 6.81
CA CYS A 98 5.41 13.45 6.31
C CYS A 98 5.50 12.60 5.05
N GLY A 99 4.89 11.42 5.10
CA GLY A 99 4.90 10.52 3.97
C GLY A 99 3.60 9.76 3.85
N THR A 100 3.18 9.52 2.62
CA THR A 100 1.95 8.80 2.36
C THR A 100 2.06 7.34 2.80
N VAL A 101 0.96 6.78 3.28
CA VAL A 101 0.93 5.40 3.75
C VAL A 101 0.10 4.51 2.82
N ASN A 102 0.70 3.39 2.41
CA ASN A 102 0.01 2.44 1.54
C ASN A 102 -0.52 1.26 2.35
N ARG A 103 0.31 0.75 3.25
CA ARG A 103 -0.08 -0.36 4.11
C ARG A 103 0.45 -0.12 5.53
N VAL A 104 -0.25 -0.67 6.51
CA VAL A 104 0.16 -0.52 7.90
C VAL A 104 -0.32 -1.72 8.72
N THR A 105 0.63 -2.45 9.30
CA THR A 105 0.32 -3.61 10.11
C THR A 105 0.66 -3.33 11.57
N ILE A 106 -0.35 -3.42 12.44
CA ILE A 106 -0.14 -3.18 13.86
C ILE A 106 -0.23 -4.48 14.67
N LEU A 107 0.57 -4.56 15.72
CA LEU A 107 0.60 -5.73 16.59
C LEU A 107 0.50 -5.30 18.06
N THR A 108 -0.32 -6.00 18.83
CA THR A 108 -0.49 -5.70 20.23
C THR A 108 0.30 -6.68 21.09
N ASP A 109 1.28 -6.16 21.83
CA ASP A 109 2.11 -7.01 22.69
C ASP A 109 1.42 -7.25 24.03
N LYS A 110 1.47 -8.50 24.49
CA LYS A 110 0.87 -8.87 25.77
C LYS A 110 1.91 -9.57 26.63
N PHE A 111 3.17 -9.26 26.40
CA PHE A 111 4.25 -9.88 27.15
C PHE A 111 4.87 -8.88 28.12
N GLY A 112 4.37 -7.66 28.09
CA GLY A 112 4.88 -6.63 28.98
C GLY A 112 5.57 -5.50 28.25
N GLN A 113 5.56 -5.56 26.92
CA GLN A 113 6.19 -4.53 26.12
C GLN A 113 5.13 -3.54 25.64
N PRO A 114 5.54 -2.30 25.31
CA PRO A 114 4.62 -1.28 24.81
C PRO A 114 3.89 -1.77 23.56
N LYS A 115 2.57 -1.71 23.58
CA LYS A 115 1.78 -2.16 22.45
C LYS A 115 1.71 -1.07 21.40
N GLY A 116 1.06 -1.36 20.29
CA GLY A 116 0.92 -0.37 19.24
C GLY A 116 2.00 -0.49 18.19
N PHE A 117 2.85 -1.51 18.33
CA PHE A 117 3.94 -1.75 17.38
C PHE A 117 3.38 -1.89 15.98
N ALA A 118 3.79 -0.99 15.10
CA ALA A 118 3.31 -1.02 13.73
C ALA A 118 4.38 -0.53 12.76
N TYR A 119 4.07 -0.61 11.48
CA TYR A 119 4.98 -0.15 10.45
C TYR A 119 4.18 0.24 9.22
N VAL A 120 4.50 1.39 8.65
CA VAL A 120 3.81 1.85 7.46
C VAL A 120 4.75 1.73 6.25
N GLU A 121 4.23 1.25 5.14
CA GLU A 121 5.03 1.09 3.94
C GLU A 121 4.42 1.85 2.78
N PHE A 122 5.27 2.27 1.84
CA PHE A 122 4.84 3.01 0.67
C PHE A 122 5.74 2.69 -0.52
N VAL A 123 5.33 3.13 -1.70
CA VAL A 123 6.11 2.87 -2.91
C VAL A 123 7.16 3.95 -3.14
N GLU A 124 6.74 5.20 -3.07
CA GLU A 124 7.65 6.33 -3.28
C GLU A 124 8.64 6.47 -2.14
N ILE A 125 9.90 6.66 -2.49
CA ILE A 125 10.97 6.81 -1.51
C ILE A 125 10.89 8.17 -0.83
N ASP A 126 10.40 9.16 -1.57
CA ASP A 126 10.27 10.52 -1.05
C ASP A 126 9.40 10.54 0.21
N ALA A 127 8.34 9.74 0.19
CA ALA A 127 7.42 9.67 1.31
C ALA A 127 8.10 9.10 2.55
N VAL A 128 8.69 7.92 2.42
CA VAL A 128 9.36 7.28 3.54
C VAL A 128 10.58 8.09 3.99
N GLN A 129 11.21 8.79 3.04
CA GLN A 129 12.38 9.61 3.34
C GLN A 129 12.02 10.68 4.36
N ASN A 130 10.90 11.34 4.14
CA ASN A 130 10.45 12.39 5.06
C ASN A 130 9.98 11.78 6.36
N ALA A 131 9.42 10.58 6.28
CA ALA A 131 8.93 9.87 7.45
C ALA A 131 10.06 9.48 8.39
N LEU A 132 11.13 8.90 7.85
CA LEU A 132 12.26 8.48 8.67
C LEU A 132 13.04 9.70 9.17
N LEU A 133 12.82 10.84 8.53
CA LEU A 133 13.52 12.06 8.90
C LEU A 133 12.84 12.72 10.10
N LEU A 134 11.52 12.89 10.02
CA LEU A 134 10.77 13.51 11.09
C LEU A 134 9.48 12.73 11.35
N ASN A 135 9.46 11.96 12.44
CA ASN A 135 8.29 11.17 12.80
C ASN A 135 8.20 10.94 14.29
N GLU A 136 9.27 10.42 14.88
CA GLU A 136 9.29 10.15 16.31
C GLU A 136 9.40 11.45 17.12
N THR A 137 8.24 12.03 17.43
CA THR A 137 8.18 13.26 18.20
C THR A 137 7.19 13.13 19.35
N GLU A 138 5.93 12.90 19.03
CA GLU A 138 4.88 12.75 20.02
C GLU A 138 3.67 12.07 19.40
N LEU A 139 3.21 11.01 20.04
CA LEU A 139 2.06 10.25 19.57
C LEU A 139 1.24 9.79 20.77
N HIS A 140 -0.02 10.23 20.84
CA HIS A 140 -0.93 9.86 21.93
C HIS A 140 -0.43 10.39 23.28
N GLY A 141 0.54 11.29 23.25
CA GLY A 141 1.08 11.83 24.48
C GLY A 141 2.43 11.24 24.84
N ARG A 142 2.84 10.22 24.12
CA ARG A 142 4.12 9.56 24.39
C ARG A 142 5.08 9.72 23.22
N GLN A 143 6.33 9.36 23.42
CA GLN A 143 7.33 9.44 22.36
C GLN A 143 7.73 8.04 21.93
N LEU A 144 7.63 7.76 20.63
CA LEU A 144 7.97 6.46 20.09
C LEU A 144 9.31 6.49 19.37
N LYS A 145 9.74 5.33 18.89
CA LYS A 145 11.00 5.23 18.17
C LYS A 145 10.72 4.75 16.74
N VAL A 146 11.15 5.52 15.76
CA VAL A 146 10.92 5.14 14.37
C VAL A 146 12.24 4.85 13.66
N SER A 147 12.36 3.64 13.13
CA SER A 147 13.58 3.23 12.42
C SER A 147 13.23 2.88 10.98
N ALA A 148 14.12 3.25 10.05
CA ALA A 148 13.90 2.97 8.64
C ALA A 148 13.95 1.46 8.37
N LYS A 149 12.89 0.92 7.80
CA LYS A 149 12.81 -0.50 7.51
C LYS A 149 13.46 -0.81 6.16
N ARG A 150 14.78 -0.77 6.13
CA ARG A 150 15.51 -1.05 4.91
C ARG A 150 15.85 -2.54 4.87
N THR A 151 15.07 -3.29 4.13
CA THR A 151 15.27 -4.72 4.00
C THR A 151 16.11 -5.03 2.77
N ASN A 152 16.90 -6.10 2.85
CA ASN A 152 17.76 -6.53 1.75
C ASN A 152 18.57 -7.72 2.17
N ILE A 153 19.37 -8.24 1.26
CA ILE A 153 20.22 -9.39 1.54
C ILE A 153 21.50 -8.94 2.23
N PRO A 154 21.92 -9.66 3.29
CA PRO A 154 23.13 -9.34 4.03
C PRO A 154 24.39 -9.82 3.31
N GLY A 155 24.69 -9.19 2.19
CA GLY A 155 25.85 -9.54 1.41
C GLY A 155 25.95 -8.72 0.15
N MET A 1 34.26 -29.51 -19.16
CA MET A 1 34.43 -29.85 -20.59
C MET A 1 33.58 -28.94 -21.47
N GLY A 2 34.07 -27.72 -21.68
CA GLY A 2 33.33 -26.78 -22.50
C GLY A 2 33.15 -25.44 -21.80
N SER A 3 33.05 -24.38 -22.58
CA SER A 3 32.86 -23.04 -22.04
C SER A 3 31.90 -22.26 -22.94
N SER A 4 30.93 -21.58 -22.34
CA SER A 4 29.95 -20.83 -23.11
C SER A 4 29.46 -19.60 -22.34
N HIS A 5 28.92 -18.64 -23.09
CA HIS A 5 28.37 -17.40 -22.53
C HIS A 5 27.61 -16.64 -23.60
N HIS A 6 26.47 -16.08 -23.23
CA HIS A 6 25.63 -15.32 -24.15
C HIS A 6 24.64 -14.47 -23.36
N HIS A 7 24.24 -13.33 -23.90
CA HIS A 7 23.31 -12.45 -23.20
C HIS A 7 22.63 -11.47 -24.14
N HIS A 8 21.31 -11.45 -24.11
CA HIS A 8 20.51 -10.54 -24.93
C HIS A 8 19.09 -10.49 -24.38
N HIS A 9 18.69 -9.33 -23.85
CA HIS A 9 17.35 -9.18 -23.28
C HIS A 9 17.08 -7.73 -22.93
N HIS A 10 15.83 -7.32 -23.06
CA HIS A 10 15.41 -5.96 -22.70
C HIS A 10 13.93 -5.96 -22.33
N SER A 11 13.63 -5.44 -21.16
CA SER A 11 12.25 -5.37 -20.67
C SER A 11 12.20 -4.58 -19.37
N SER A 12 11.37 -3.54 -19.33
CA SER A 12 11.22 -2.71 -18.15
C SER A 12 9.84 -2.07 -18.12
N GLY A 13 9.32 -1.83 -16.92
CA GLY A 13 8.02 -1.22 -16.80
C GLY A 13 7.66 -0.94 -15.35
N LEU A 14 6.36 -0.96 -15.07
CA LEU A 14 5.85 -0.70 -13.73
C LEU A 14 4.46 -1.31 -13.61
N VAL A 15 3.94 -1.39 -12.40
CA VAL A 15 2.62 -1.99 -12.19
C VAL A 15 1.82 -1.21 -11.14
N PRO A 16 0.60 -0.77 -11.50
CA PRO A 16 -0.27 -0.03 -10.59
C PRO A 16 -0.97 -0.94 -9.57
N ARG A 17 -1.32 -0.37 -8.42
CA ARG A 17 -1.97 -1.13 -7.36
C ARG A 17 -3.48 -1.14 -7.56
N GLY A 18 -4.11 -2.15 -6.99
CA GLY A 18 -5.55 -2.29 -7.09
C GLY A 18 -6.05 -3.51 -6.31
N SER A 19 -6.54 -4.50 -7.02
CA SER A 19 -7.05 -5.71 -6.39
C SER A 19 -5.94 -6.76 -6.23
N HIS A 20 -6.26 -7.84 -5.53
CA HIS A 20 -5.30 -8.92 -5.30
C HIS A 20 -5.91 -10.26 -5.72
N MET A 21 -5.83 -10.58 -7.00
CA MET A 21 -6.38 -11.82 -7.52
C MET A 21 -5.76 -12.16 -8.88
N GLY A 22 -4.64 -12.88 -8.85
CA GLY A 22 -3.98 -13.26 -10.09
C GLY A 22 -2.47 -13.27 -9.95
N SER A 23 -1.78 -13.38 -11.08
CA SER A 23 -0.32 -13.40 -11.09
C SER A 23 0.18 -13.13 -12.51
N ASP A 24 1.07 -12.15 -12.64
CA ASP A 24 1.62 -11.79 -13.95
C ASP A 24 3.10 -11.40 -13.80
N LEU A 25 3.77 -11.22 -14.92
CA LEU A 25 5.19 -10.85 -14.93
C LEU A 25 5.43 -9.67 -15.86
N GLU A 26 4.47 -8.74 -15.86
CA GLU A 26 4.54 -7.52 -16.67
C GLU A 26 4.44 -7.84 -18.17
N ASP A 27 3.24 -8.18 -18.63
CA ASP A 27 3.03 -8.46 -20.05
C ASP A 27 2.09 -7.42 -20.65
N MET A 28 1.94 -6.31 -19.95
CA MET A 28 1.08 -5.22 -20.41
C MET A 28 1.73 -4.52 -21.61
N LYS A 29 1.25 -4.82 -22.81
CA LYS A 29 1.80 -4.22 -24.01
C LYS A 29 0.70 -3.74 -24.95
N LYS A 30 -0.01 -4.67 -25.57
CA LYS A 30 -1.07 -4.32 -26.52
C LYS A 30 -2.31 -3.83 -25.78
N ARG A 31 -2.86 -2.72 -26.26
CA ARG A 31 -4.05 -2.13 -25.66
C ARG A 31 -5.23 -2.22 -26.62
N LEU A 32 -6.41 -2.50 -26.07
CA LEU A 32 -7.62 -2.62 -26.88
C LEU A 32 -8.86 -2.34 -26.03
N LYS A 33 -9.18 -3.27 -25.15
CA LYS A 33 -10.33 -3.14 -24.27
C LYS A 33 -10.06 -3.88 -22.97
N GLU A 34 -10.92 -3.68 -21.98
CA GLU A 34 -10.75 -4.34 -20.69
C GLU A 34 -12.10 -4.82 -20.14
N ILE A 35 -12.63 -5.89 -20.73
CA ILE A 35 -13.92 -6.44 -20.31
C ILE A 35 -13.86 -7.95 -20.07
N GLU A 36 -12.69 -8.57 -20.23
CA GLU A 36 -12.58 -10.02 -20.07
C GLU A 36 -11.37 -10.42 -19.24
N GLU A 37 -11.60 -10.76 -17.98
CA GLU A 37 -10.54 -11.19 -17.08
C GLU A 37 -10.77 -12.64 -16.66
N GLU A 38 -9.70 -13.37 -16.37
CA GLU A 38 -9.79 -14.77 -15.96
C GLU A 38 -8.66 -15.15 -15.01
N ALA A 39 -8.47 -16.45 -14.81
CA ALA A 39 -7.42 -16.96 -13.95
C ALA A 39 -6.31 -17.60 -14.77
N GLY A 40 -5.16 -17.84 -14.15
CA GLY A 40 -4.04 -18.44 -14.85
C GLY A 40 -4.09 -19.95 -14.87
N ALA A 41 -4.30 -20.52 -16.05
CA ALA A 41 -4.36 -21.96 -16.23
C ALA A 41 -3.80 -22.34 -17.60
N LEU A 42 -3.71 -23.63 -17.86
CA LEU A 42 -3.20 -24.10 -19.14
C LEU A 42 -4.23 -23.88 -20.24
N ARG A 43 -4.14 -22.72 -20.89
CA ARG A 43 -5.06 -22.37 -21.94
C ARG A 43 -4.41 -21.35 -22.87
N GLU A 44 -4.88 -21.28 -24.11
CA GLU A 44 -4.36 -20.32 -25.08
C GLU A 44 -4.96 -18.94 -24.83
N MET A 45 -5.09 -18.62 -23.55
CA MET A 45 -5.66 -17.35 -23.11
C MET A 45 -4.56 -16.33 -22.84
N GLN A 46 -3.33 -16.65 -23.22
CA GLN A 46 -2.20 -15.76 -23.00
C GLN A 46 -2.31 -14.53 -23.90
N ALA A 47 -3.11 -14.67 -24.97
CA ALA A 47 -3.33 -13.58 -25.92
C ALA A 47 -4.40 -12.63 -25.40
N LYS A 48 -4.98 -12.98 -24.26
CA LYS A 48 -6.03 -12.17 -23.65
C LYS A 48 -5.42 -11.02 -22.85
N VAL A 49 -4.09 -11.00 -22.78
CA VAL A 49 -3.39 -9.93 -22.06
C VAL A 49 -3.68 -8.58 -22.70
N GLU A 50 -4.08 -8.61 -23.97
CA GLU A 50 -4.43 -7.40 -24.72
C GLU A 50 -5.70 -6.78 -24.14
N LYS A 51 -6.44 -7.59 -23.40
CA LYS A 51 -7.66 -7.16 -22.77
C LYS A 51 -7.46 -6.90 -21.28
N GLU A 52 -6.70 -7.77 -20.62
CA GLU A 52 -6.43 -7.63 -19.20
C GLU A 52 -5.34 -6.58 -18.95
N MET A 53 -4.93 -5.90 -20.02
CA MET A 53 -3.93 -4.84 -19.91
C MET A 53 -4.54 -3.62 -19.26
N GLY A 54 -5.84 -3.41 -19.50
CA GLY A 54 -6.53 -2.30 -18.90
C GLY A 54 -7.10 -2.67 -17.56
N ALA A 55 -7.05 -3.97 -17.29
CA ALA A 55 -7.54 -4.52 -16.05
C ALA A 55 -6.38 -4.92 -15.17
N VAL A 56 -5.21 -4.34 -15.43
CA VAL A 56 -4.02 -4.65 -14.64
C VAL A 56 -4.17 -4.15 -13.21
N GLN A 57 -5.20 -3.34 -12.96
CA GLN A 57 -5.47 -2.81 -11.64
C GLN A 57 -6.37 -3.76 -10.86
N ASP A 58 -6.70 -4.87 -11.49
CA ASP A 58 -7.53 -5.90 -10.89
C ASP A 58 -6.86 -7.26 -11.05
N SER A 59 -6.49 -7.57 -12.29
CA SER A 59 -5.87 -8.84 -12.63
C SER A 59 -4.37 -8.86 -12.27
N SER A 60 -3.59 -8.02 -12.95
CA SER A 60 -2.14 -7.98 -12.73
C SER A 60 -1.76 -7.07 -11.57
N SER A 61 -2.74 -6.65 -10.78
CA SER A 61 -2.45 -5.78 -9.65
C SER A 61 -1.78 -6.57 -8.53
N THR A 62 -1.95 -7.88 -8.56
CA THR A 62 -1.34 -8.73 -7.56
C THR A 62 0.16 -8.77 -7.77
N SER A 63 0.58 -8.51 -9.01
CA SER A 63 1.99 -8.50 -9.36
C SER A 63 2.73 -7.41 -8.60
N ALA A 64 2.01 -6.35 -8.24
CA ALA A 64 2.60 -5.25 -7.49
C ALA A 64 2.95 -5.71 -6.08
N THR A 65 2.24 -6.72 -5.61
CA THR A 65 2.46 -7.27 -4.28
C THR A 65 3.65 -8.24 -4.29
N GLN A 66 4.27 -8.38 -5.45
CA GLN A 66 5.42 -9.26 -5.60
C GLN A 66 6.62 -8.49 -6.14
N ALA A 67 6.40 -7.75 -7.23
CA ALA A 67 7.47 -6.97 -7.84
C ALA A 67 7.65 -5.62 -7.16
N GLU A 68 6.59 -4.83 -7.11
CA GLU A 68 6.64 -3.52 -6.48
C GLU A 68 6.92 -3.65 -4.98
N LYS A 69 6.47 -4.76 -4.41
CA LYS A 69 6.66 -5.03 -2.99
C LYS A 69 8.14 -5.00 -2.62
N GLU A 70 9.00 -5.36 -3.57
CA GLU A 70 10.44 -5.39 -3.34
C GLU A 70 10.97 -4.00 -3.00
N GLU A 71 10.23 -2.98 -3.40
CA GLU A 71 10.60 -1.61 -3.12
C GLU A 71 9.83 -1.12 -1.89
N VAL A 72 8.55 -1.46 -1.85
CA VAL A 72 7.68 -1.04 -0.76
C VAL A 72 8.11 -1.60 0.60
N ASP A 73 8.55 -2.86 0.63
CA ASP A 73 8.97 -3.50 1.88
C ASP A 73 10.31 -2.95 2.38
N SER A 74 11.01 -2.24 1.49
CA SER A 74 12.29 -1.63 1.84
C SER A 74 12.12 -0.13 1.98
N ARG A 75 10.90 0.35 1.74
CA ARG A 75 10.58 1.77 1.83
C ARG A 75 9.55 1.98 2.93
N SER A 76 9.76 1.28 4.03
CA SER A 76 8.87 1.37 5.18
C SER A 76 9.64 1.82 6.41
N ILE A 77 8.92 2.12 7.48
CA ILE A 77 9.53 2.55 8.73
C ILE A 77 8.94 1.74 9.88
N TYR A 78 9.80 1.29 10.78
CA TYR A 78 9.37 0.50 11.92
C TYR A 78 9.13 1.41 13.12
N VAL A 79 7.92 1.34 13.67
CA VAL A 79 7.54 2.14 14.81
C VAL A 79 7.53 1.29 16.10
N GLY A 80 8.44 1.58 17.00
CA GLY A 80 8.52 0.86 18.25
C GLY A 80 8.32 1.78 19.43
N ASN A 81 8.12 1.22 20.62
CA ASN A 81 7.90 2.02 21.84
C ASN A 81 6.64 2.87 21.70
N VAL A 82 5.63 2.31 21.05
CA VAL A 82 4.38 3.01 20.81
C VAL A 82 3.50 3.00 22.08
N ASP A 83 2.50 3.86 22.09
CA ASP A 83 1.58 3.96 23.22
C ASP A 83 0.72 2.70 23.28
N TYR A 84 0.54 2.18 24.48
CA TYR A 84 -0.24 0.97 24.68
C TYR A 84 -1.72 1.17 24.32
N ALA A 85 -2.13 2.42 24.16
CA ALA A 85 -3.51 2.73 23.80
C ALA A 85 -3.59 3.34 22.40
N CYS A 86 -2.52 3.22 21.64
CA CYS A 86 -2.49 3.78 20.29
C CYS A 86 -3.23 2.89 19.30
N THR A 87 -3.79 3.51 18.28
CA THR A 87 -4.52 2.79 17.24
C THR A 87 -3.75 2.84 15.93
N PRO A 88 -3.90 1.82 15.07
CA PRO A 88 -3.21 1.77 13.78
C PRO A 88 -3.54 2.98 12.91
N GLU A 89 -4.78 3.43 13.03
CA GLU A 89 -5.26 4.57 12.26
C GLU A 89 -4.53 5.85 12.63
N GLU A 90 -4.50 6.18 13.92
CA GLU A 90 -3.85 7.41 14.38
C GLU A 90 -2.36 7.40 14.10
N VAL A 91 -1.81 6.20 13.88
CA VAL A 91 -0.40 6.04 13.61
C VAL A 91 -0.11 6.30 12.13
N GLN A 92 -0.88 5.67 11.25
CA GLN A 92 -0.67 5.80 9.82
C GLN A 92 -1.13 7.16 9.31
N GLN A 93 -2.16 7.72 9.93
CA GLN A 93 -2.67 9.03 9.50
C GLN A 93 -1.78 10.16 10.00
N HIS A 94 -1.10 9.94 11.12
CA HIS A 94 -0.21 10.96 11.67
C HIS A 94 1.07 11.02 10.86
N PHE A 95 1.61 9.86 10.54
CA PHE A 95 2.86 9.78 9.78
C PHE A 95 2.61 10.14 8.32
N GLN A 96 1.34 10.09 7.93
CA GLN A 96 0.94 10.41 6.57
C GLN A 96 1.23 11.88 6.26
N SER A 97 1.26 12.70 7.30
CA SER A 97 1.53 14.13 7.14
C SER A 97 2.91 14.35 6.53
N CYS A 98 3.85 13.45 6.84
CA CYS A 98 5.20 13.54 6.31
C CYS A 98 5.31 12.73 5.02
N GLY A 99 4.86 11.49 5.07
CA GLY A 99 4.91 10.64 3.91
C GLY A 99 3.64 9.83 3.74
N THR A 100 3.11 9.80 2.51
CA THR A 100 1.89 9.06 2.22
C THR A 100 2.07 7.58 2.56
N VAL A 101 1.03 6.98 3.12
CA VAL A 101 1.06 5.58 3.52
C VAL A 101 0.26 4.69 2.58
N ASN A 102 0.80 3.51 2.30
CA ASN A 102 0.12 2.53 1.45
C ASN A 102 -0.51 1.45 2.32
N ARG A 103 0.27 0.89 3.21
CA ARG A 103 -0.19 -0.15 4.11
C ARG A 103 0.41 0.03 5.50
N VAL A 104 -0.24 -0.54 6.51
CA VAL A 104 0.24 -0.46 7.88
C VAL A 104 -0.22 -1.68 8.67
N THR A 105 0.72 -2.35 9.31
CA THR A 105 0.40 -3.53 10.10
C THR A 105 0.73 -3.31 11.57
N ILE A 106 -0.28 -3.39 12.43
CA ILE A 106 -0.09 -3.18 13.86
C ILE A 106 -0.18 -4.51 14.61
N LEU A 107 0.59 -4.62 15.69
CA LEU A 107 0.60 -5.81 16.52
C LEU A 107 0.59 -5.40 18.00
N THR A 108 -0.37 -5.93 18.75
CA THR A 108 -0.47 -5.62 20.16
C THR A 108 0.35 -6.60 20.98
N ASP A 109 1.32 -6.08 21.73
CA ASP A 109 2.17 -6.93 22.56
C ASP A 109 1.48 -7.28 23.87
N LYS A 110 1.59 -8.54 24.25
CA LYS A 110 0.99 -9.02 25.48
C LYS A 110 2.05 -9.68 26.35
N PHE A 111 3.29 -9.26 26.16
CA PHE A 111 4.42 -9.80 26.91
C PHE A 111 4.89 -8.79 27.95
N GLY A 112 4.28 -7.62 27.93
CA GLY A 112 4.65 -6.57 28.87
C GLY A 112 5.43 -5.45 28.22
N GLN A 113 5.46 -5.45 26.89
CA GLN A 113 6.16 -4.42 26.14
C GLN A 113 5.16 -3.39 25.64
N PRO A 114 5.61 -2.17 25.30
CA PRO A 114 4.74 -1.11 24.78
C PRO A 114 3.99 -1.61 23.55
N LYS A 115 2.67 -1.69 23.66
CA LYS A 115 1.85 -2.17 22.56
C LYS A 115 1.71 -1.10 21.49
N GLY A 116 1.13 -1.46 20.37
CA GLY A 116 0.96 -0.50 19.29
C GLY A 116 2.03 -0.63 18.23
N PHE A 117 2.84 -1.68 18.35
CA PHE A 117 3.91 -1.96 17.39
C PHE A 117 3.35 -1.98 15.98
N ALA A 118 3.79 -1.04 15.15
CA ALA A 118 3.31 -0.96 13.79
C ALA A 118 4.39 -0.47 12.86
N TYR A 119 4.08 -0.45 11.57
CA TYR A 119 5.01 0.03 10.56
C TYR A 119 4.22 0.39 9.31
N VAL A 120 4.55 1.52 8.72
CA VAL A 120 3.89 1.97 7.51
C VAL A 120 4.83 1.78 6.31
N GLU A 121 4.26 1.37 5.19
CA GLU A 121 5.03 1.14 3.97
C GLU A 121 4.46 1.91 2.80
N PHE A 122 5.32 2.23 1.83
CA PHE A 122 4.89 2.96 0.64
C PHE A 122 5.87 2.70 -0.50
N VAL A 123 5.47 3.08 -1.71
CA VAL A 123 6.29 2.88 -2.90
C VAL A 123 7.30 4.01 -3.08
N GLU A 124 6.82 5.25 -2.96
CA GLU A 124 7.67 6.42 -3.13
C GLU A 124 8.70 6.51 -2.02
N ILE A 125 9.97 6.62 -2.41
CA ILE A 125 11.06 6.72 -1.46
C ILE A 125 11.02 8.06 -0.75
N ASP A 126 10.57 9.08 -1.46
CA ASP A 126 10.47 10.42 -0.90
C ASP A 126 9.50 10.45 0.26
N ALA A 127 8.43 9.67 0.14
CA ALA A 127 7.41 9.59 1.19
C ALA A 127 8.02 9.06 2.48
N VAL A 128 8.64 7.90 2.41
CA VAL A 128 9.27 7.29 3.57
C VAL A 128 10.47 8.13 4.04
N GLN A 129 11.11 8.82 3.10
CA GLN A 129 12.26 9.66 3.41
C GLN A 129 11.87 10.73 4.43
N ASN A 130 10.74 11.38 4.19
CA ASN A 130 10.26 12.42 5.09
C ASN A 130 9.78 11.80 6.40
N ALA A 131 9.27 10.58 6.30
CA ALA A 131 8.77 9.85 7.46
C ALA A 131 9.88 9.48 8.43
N LEU A 132 10.97 8.91 7.92
CA LEU A 132 12.09 8.51 8.77
C LEU A 132 12.82 9.73 9.31
N LEU A 133 12.61 10.86 8.66
CA LEU A 133 13.24 12.11 9.06
C LEU A 133 12.50 12.73 10.23
N LEU A 134 11.19 12.85 10.09
CA LEU A 134 10.37 13.45 11.15
C LEU A 134 9.12 12.62 11.41
N ASN A 135 9.10 11.93 12.54
CA ASN A 135 7.96 11.09 12.91
C ASN A 135 7.94 10.82 14.41
N GLU A 136 9.07 10.33 14.92
CA GLU A 136 9.20 10.02 16.34
C GLU A 136 9.33 11.29 17.17
N THR A 137 8.21 11.94 17.43
CA THR A 137 8.18 13.15 18.22
C THR A 137 7.08 13.10 19.28
N GLU A 138 5.83 12.98 18.83
CA GLU A 138 4.70 12.94 19.75
C GLU A 138 3.56 12.11 19.16
N LEU A 139 3.16 11.06 19.87
CA LEU A 139 2.07 10.21 19.43
C LEU A 139 1.23 9.77 20.62
N HIS A 140 0.00 10.27 20.69
CA HIS A 140 -0.93 9.93 21.78
C HIS A 140 -0.42 10.51 23.10
N GLY A 141 0.47 11.49 23.01
CA GLY A 141 1.03 12.09 24.19
C GLY A 141 2.27 11.36 24.67
N ARG A 142 2.68 10.37 23.91
CA ARG A 142 3.86 9.59 24.24
C ARG A 142 4.88 9.67 23.10
N GLN A 143 6.10 9.25 23.37
CA GLN A 143 7.14 9.26 22.36
C GLN A 143 7.50 7.84 21.96
N LEU A 144 7.72 7.64 20.67
CA LEU A 144 8.07 6.32 20.17
C LEU A 144 9.36 6.37 19.37
N LYS A 145 9.83 5.21 18.94
CA LYS A 145 11.06 5.12 18.16
C LYS A 145 10.75 4.70 16.74
N VAL A 146 11.09 5.56 15.78
CA VAL A 146 10.85 5.23 14.38
C VAL A 146 12.17 5.06 13.65
N SER A 147 12.39 3.88 13.12
CA SER A 147 13.61 3.57 12.40
C SER A 147 13.27 3.00 11.03
N ALA A 148 14.08 3.34 10.04
CA ALA A 148 13.85 2.88 8.66
C ALA A 148 13.87 1.36 8.57
N LYS A 149 12.88 0.82 7.87
CA LYS A 149 12.77 -0.61 7.69
C LYS A 149 13.39 -1.02 6.35
N ARG A 150 14.71 -1.09 6.32
CA ARG A 150 15.44 -1.49 5.13
C ARG A 150 15.65 -3.00 5.14
N THR A 151 14.83 -3.70 4.36
CA THR A 151 14.90 -5.13 4.29
C THR A 151 15.77 -5.57 3.11
N ASN A 152 16.57 -6.61 3.33
CA ASN A 152 17.46 -7.18 2.33
C ASN A 152 18.34 -8.22 2.96
N ILE A 153 19.16 -8.86 2.16
CA ILE A 153 20.07 -9.89 2.64
C ILE A 153 21.24 -9.28 3.41
N PRO A 154 21.66 -9.91 4.51
CA PRO A 154 22.77 -9.44 5.34
C PRO A 154 24.12 -9.72 4.70
N GLY A 155 24.34 -9.16 3.52
CA GLY A 155 25.58 -9.36 2.82
C GLY A 155 25.65 -8.53 1.56
N MET A 1 7.55 -42.00 8.24
CA MET A 1 7.71 -41.85 6.77
C MET A 1 7.15 -40.51 6.33
N GLY A 2 7.77 -39.91 5.32
CA GLY A 2 7.32 -38.62 4.82
C GLY A 2 8.37 -37.54 4.94
N SER A 3 8.81 -37.00 3.81
CA SER A 3 9.80 -35.94 3.79
C SER A 3 9.51 -34.96 2.66
N SER A 4 9.16 -33.72 3.01
CA SER A 4 8.84 -32.70 2.01
C SER A 4 9.78 -31.49 2.14
N HIS A 5 9.95 -30.76 1.04
CA HIS A 5 10.81 -29.59 1.01
C HIS A 5 10.44 -28.67 -0.17
N HIS A 6 10.48 -27.37 0.05
CA HIS A 6 10.17 -26.41 -1.00
C HIS A 6 10.84 -25.06 -0.71
N HIS A 7 11.35 -24.43 -1.76
CA HIS A 7 12.00 -23.13 -1.62
C HIS A 7 11.43 -22.15 -2.64
N HIS A 8 10.82 -21.08 -2.15
CA HIS A 8 10.23 -20.08 -3.03
C HIS A 8 11.24 -18.99 -3.38
N HIS A 9 11.39 -18.71 -4.67
CA HIS A 9 12.32 -17.70 -5.15
C HIS A 9 11.60 -16.38 -5.47
N HIS A 10 12.32 -15.39 -5.96
CA HIS A 10 11.73 -14.11 -6.30
C HIS A 10 12.28 -13.60 -7.63
N SER A 11 11.75 -12.50 -8.13
CA SER A 11 12.18 -11.93 -9.40
C SER A 11 12.90 -10.60 -9.16
N SER A 12 13.00 -9.80 -10.21
CA SER A 12 13.65 -8.49 -10.14
C SER A 12 13.10 -7.58 -11.25
N GLY A 13 12.49 -6.48 -10.85
CA GLY A 13 11.95 -5.55 -11.81
C GLY A 13 11.53 -4.25 -11.16
N LEU A 14 11.48 -3.19 -11.93
CA LEU A 14 11.09 -1.88 -11.40
C LEU A 14 10.12 -1.18 -12.33
N VAL A 15 8.83 -1.27 -12.01
CA VAL A 15 7.79 -0.65 -12.81
C VAL A 15 6.78 0.07 -11.92
N PRO A 16 7.14 1.29 -11.47
CA PRO A 16 6.29 2.10 -10.57
C PRO A 16 4.83 2.16 -11.00
N ARG A 17 3.96 1.61 -10.17
CA ARG A 17 2.54 1.57 -10.43
C ARG A 17 1.74 1.43 -9.13
N GLY A 18 0.43 1.44 -9.25
CA GLY A 18 -0.42 1.29 -8.09
C GLY A 18 -0.61 -0.16 -7.72
N SER A 19 -0.70 -0.43 -6.42
CA SER A 19 -0.87 -1.79 -5.94
C SER A 19 -2.34 -2.06 -5.63
N HIS A 20 -2.80 -3.25 -5.99
CA HIS A 20 -4.19 -3.64 -5.76
C HIS A 20 -4.29 -5.15 -5.73
N MET A 21 -5.35 -5.67 -5.12
CA MET A 21 -5.58 -7.11 -5.04
C MET A 21 -5.82 -7.70 -6.43
N GLY A 22 -5.56 -8.99 -6.55
CA GLY A 22 -5.76 -9.69 -7.80
C GLY A 22 -5.33 -11.14 -7.69
N SER A 23 -5.30 -11.84 -8.82
CA SER A 23 -4.90 -13.25 -8.83
C SER A 23 -3.38 -13.40 -8.75
N ASP A 24 -2.72 -13.60 -9.87
CA ASP A 24 -1.27 -13.77 -9.88
C ASP A 24 -0.67 -13.54 -11.27
N LEU A 25 -1.28 -12.63 -12.03
CA LEU A 25 -0.79 -12.32 -13.37
C LEU A 25 0.16 -11.12 -13.33
N GLU A 26 1.04 -11.05 -14.32
CA GLU A 26 2.01 -9.97 -14.41
C GLU A 26 1.91 -9.24 -15.74
N ASP A 27 2.07 -7.92 -15.71
CA ASP A 27 2.01 -7.11 -16.92
C ASP A 27 2.83 -5.83 -16.74
N MET A 28 3.04 -5.11 -17.83
CA MET A 28 3.82 -3.88 -17.81
C MET A 28 3.19 -2.79 -18.66
N LYS A 29 2.05 -3.08 -19.25
CA LYS A 29 1.36 -2.10 -20.10
C LYS A 29 -0.10 -1.97 -19.67
N LYS A 30 -0.76 -0.93 -20.15
CA LYS A 30 -2.16 -0.69 -19.83
C LYS A 30 -2.80 0.18 -20.91
N ARG A 31 -4.07 -0.07 -21.20
CA ARG A 31 -4.79 0.69 -22.21
C ARG A 31 -6.23 0.92 -21.79
N LEU A 32 -7.00 -0.17 -21.75
CA LEU A 32 -8.41 -0.09 -21.36
C LEU A 32 -8.54 -0.23 -19.86
N LYS A 33 -9.77 -0.44 -19.40
CA LYS A 33 -10.04 -0.60 -17.97
C LYS A 33 -11.13 -1.64 -17.75
N GLU A 34 -10.74 -2.90 -17.80
CA GLU A 34 -11.68 -4.00 -17.63
C GLU A 34 -11.41 -4.72 -16.31
N ILE A 35 -12.08 -5.85 -16.11
CA ILE A 35 -11.92 -6.66 -14.89
C ILE A 35 -12.15 -8.13 -15.21
N GLU A 36 -11.68 -9.01 -14.31
CA GLU A 36 -11.85 -10.46 -14.47
C GLU A 36 -11.16 -10.97 -15.73
N GLU A 37 -11.57 -12.16 -16.18
CA GLU A 37 -11.04 -12.79 -17.38
C GLU A 37 -9.58 -13.20 -17.20
N GLU A 38 -9.21 -13.53 -15.97
CA GLU A 38 -7.84 -13.91 -15.67
C GLU A 38 -7.74 -15.36 -15.20
N ALA A 39 -6.73 -16.05 -15.69
CA ALA A 39 -6.49 -17.45 -15.35
C ALA A 39 -5.00 -17.76 -15.45
N GLY A 40 -4.60 -18.90 -14.89
CA GLY A 40 -3.21 -19.28 -14.93
C GLY A 40 -3.02 -20.76 -15.18
N ALA A 41 -3.39 -21.21 -16.38
CA ALA A 41 -3.27 -22.60 -16.76
C ALA A 41 -2.80 -22.70 -18.20
N LEU A 42 -2.49 -23.92 -18.63
CA LEU A 42 -2.03 -24.15 -20.00
C LEU A 42 -3.20 -23.99 -20.96
N ARG A 43 -3.34 -22.80 -21.51
CA ARG A 43 -4.41 -22.49 -22.44
C ARG A 43 -3.94 -21.43 -23.43
N GLU A 44 -4.47 -21.49 -24.63
CA GLU A 44 -4.10 -20.54 -25.68
C GLU A 44 -4.83 -19.22 -25.50
N MET A 45 -4.79 -18.69 -24.28
CA MET A 45 -5.45 -17.43 -23.97
C MET A 45 -4.41 -16.33 -23.77
N GLN A 46 -3.17 -16.62 -24.15
CA GLN A 46 -2.09 -15.66 -24.00
C GLN A 46 -2.24 -14.49 -24.95
N ALA A 47 -3.03 -14.70 -26.01
CA ALA A 47 -3.28 -13.66 -26.99
C ALA A 47 -4.35 -12.71 -26.48
N LYS A 48 -4.92 -13.03 -25.32
CA LYS A 48 -5.95 -12.23 -24.70
C LYS A 48 -5.30 -11.12 -23.85
N VAL A 49 -3.97 -11.10 -23.88
CA VAL A 49 -3.19 -10.11 -23.15
C VAL A 49 -3.56 -8.68 -23.58
N GLU A 50 -4.18 -8.57 -24.75
CA GLU A 50 -4.61 -7.28 -25.29
C GLU A 50 -5.79 -6.74 -24.48
N LYS A 51 -6.47 -7.63 -23.77
CA LYS A 51 -7.59 -7.25 -22.95
C LYS A 51 -7.16 -7.19 -21.48
N GLU A 52 -6.37 -8.18 -21.06
CA GLU A 52 -5.87 -8.26 -19.70
C GLU A 52 -5.01 -7.04 -19.37
N MET A 53 -4.40 -6.44 -20.41
CA MET A 53 -3.57 -5.26 -20.21
C MET A 53 -4.43 -4.08 -19.77
N GLY A 54 -5.74 -4.21 -19.96
CA GLY A 54 -6.66 -3.18 -19.54
C GLY A 54 -7.28 -3.52 -18.21
N ALA A 55 -7.02 -4.72 -17.75
CA ALA A 55 -7.55 -5.20 -16.49
C ALA A 55 -6.42 -5.42 -15.50
N VAL A 56 -5.27 -4.83 -15.79
CA VAL A 56 -4.08 -4.96 -14.95
C VAL A 56 -4.29 -4.37 -13.55
N GLN A 57 -5.42 -3.72 -13.35
CA GLN A 57 -5.74 -3.15 -12.05
C GLN A 57 -6.45 -4.17 -11.18
N ASP A 58 -6.80 -5.29 -11.79
CA ASP A 58 -7.47 -6.38 -11.10
C ASP A 58 -6.74 -7.69 -11.37
N SER A 59 -6.64 -8.04 -12.64
CA SER A 59 -5.98 -9.26 -13.09
C SER A 59 -4.48 -9.25 -12.76
N SER A 60 -3.75 -8.40 -13.46
CA SER A 60 -2.31 -8.30 -13.28
C SER A 60 -1.94 -7.24 -12.23
N SER A 61 -2.75 -7.12 -11.20
CA SER A 61 -2.50 -6.15 -10.15
C SER A 61 -1.61 -6.73 -9.06
N THR A 62 -1.59 -8.04 -8.96
CA THR A 62 -0.80 -8.74 -7.95
C THR A 62 0.70 -8.61 -8.25
N SER A 63 1.03 -8.15 -9.45
CA SER A 63 2.41 -7.97 -9.85
C SER A 63 3.11 -6.97 -8.95
N ALA A 64 2.36 -5.99 -8.48
CA ALA A 64 2.90 -4.97 -7.60
C ALA A 64 3.19 -5.54 -6.23
N THR A 65 2.45 -6.57 -5.85
CA THR A 65 2.64 -7.22 -4.56
C THR A 65 3.80 -8.22 -4.61
N GLN A 66 4.41 -8.36 -5.78
CA GLN A 66 5.53 -9.28 -5.96
C GLN A 66 6.79 -8.55 -6.40
N ALA A 67 6.65 -7.65 -7.37
CA ALA A 67 7.79 -6.90 -7.87
C ALA A 67 7.98 -5.59 -7.11
N GLU A 68 6.96 -4.74 -7.18
CA GLU A 68 7.01 -3.43 -6.51
C GLU A 68 7.13 -3.60 -5.00
N LYS A 69 6.63 -4.72 -4.48
CA LYS A 69 6.69 -5.00 -3.05
C LYS A 69 8.12 -5.00 -2.53
N GLU A 70 9.07 -5.36 -3.40
CA GLU A 70 10.49 -5.41 -3.03
C GLU A 70 11.01 -4.00 -2.75
N GLU A 71 10.30 -3.01 -3.25
CA GLU A 71 10.65 -1.62 -3.01
C GLU A 71 9.83 -1.11 -1.82
N VAL A 72 8.56 -1.51 -1.78
CA VAL A 72 7.64 -1.10 -0.73
C VAL A 72 8.06 -1.60 0.65
N ASP A 73 8.50 -2.87 0.74
CA ASP A 73 8.91 -3.45 2.02
C ASP A 73 10.21 -2.83 2.50
N SER A 74 10.94 -2.21 1.59
CA SER A 74 12.18 -1.56 1.92
C SER A 74 11.95 -0.06 2.12
N ARG A 75 10.79 0.40 1.71
CA ARG A 75 10.43 1.80 1.83
C ARG A 75 9.41 1.98 2.94
N SER A 76 9.68 1.35 4.06
CA SER A 76 8.81 1.41 5.22
C SER A 76 9.57 1.89 6.44
N ILE A 77 8.84 2.16 7.51
CA ILE A 77 9.44 2.59 8.75
C ILE A 77 8.83 1.79 9.90
N TYR A 78 9.67 1.32 10.79
CA TYR A 78 9.22 0.55 11.93
C TYR A 78 8.96 1.46 13.12
N VAL A 79 7.73 1.42 13.63
CA VAL A 79 7.34 2.24 14.76
C VAL A 79 7.31 1.41 16.03
N GLY A 80 8.23 1.69 16.93
CA GLY A 80 8.31 0.96 18.19
C GLY A 80 8.16 1.89 19.37
N ASN A 81 8.00 1.32 20.57
CA ASN A 81 7.85 2.11 21.79
C ASN A 81 6.63 3.01 21.71
N VAL A 82 5.57 2.48 21.11
CA VAL A 82 4.32 3.19 20.92
C VAL A 82 3.45 3.11 22.17
N ASP A 83 2.45 3.97 22.26
CA ASP A 83 1.54 3.98 23.39
C ASP A 83 0.72 2.70 23.40
N TYR A 84 0.55 2.12 24.58
CA TYR A 84 -0.20 0.89 24.73
C TYR A 84 -1.68 1.09 24.38
N ALA A 85 -2.07 2.35 24.19
CA ALA A 85 -3.45 2.70 23.87
C ALA A 85 -3.54 3.38 22.50
N CYS A 86 -2.51 3.19 21.68
CA CYS A 86 -2.49 3.79 20.34
C CYS A 86 -3.18 2.88 19.33
N THR A 87 -3.87 3.49 18.37
CA THR A 87 -4.57 2.73 17.34
C THR A 87 -3.85 2.87 16.00
N PRO A 88 -3.91 1.83 15.15
CA PRO A 88 -3.25 1.83 13.84
C PRO A 88 -3.63 3.02 12.97
N GLU A 89 -4.91 3.40 13.01
CA GLU A 89 -5.41 4.51 12.20
C GLU A 89 -4.79 5.84 12.60
N GLU A 90 -4.66 6.09 13.90
CA GLU A 90 -4.10 7.36 14.36
C GLU A 90 -2.59 7.42 14.14
N VAL A 91 -2.00 6.26 13.86
CA VAL A 91 -0.57 6.17 13.64
C VAL A 91 -0.23 6.40 12.17
N GLN A 92 -0.95 5.70 11.30
CA GLN A 92 -0.71 5.80 9.87
C GLN A 92 -1.10 7.17 9.33
N GLN A 93 -2.15 7.76 9.89
CA GLN A 93 -2.61 9.06 9.41
C GLN A 93 -1.72 10.20 9.94
N HIS A 94 -1.13 9.99 11.11
CA HIS A 94 -0.28 11.01 11.69
C HIS A 94 1.05 11.10 10.95
N PHE A 95 1.51 9.97 10.44
CA PHE A 95 2.76 9.92 9.70
C PHE A 95 2.51 10.22 8.23
N GLN A 96 1.23 10.22 7.85
CA GLN A 96 0.81 10.48 6.48
C GLN A 96 1.21 11.90 6.06
N SER A 97 1.30 12.78 7.05
CA SER A 97 1.69 14.16 6.82
C SER A 97 3.11 14.23 6.29
N CYS A 98 3.95 13.32 6.78
CA CYS A 98 5.34 13.27 6.34
C CYS A 98 5.44 12.43 5.08
N GLY A 99 4.90 11.23 5.15
CA GLY A 99 4.92 10.34 4.01
C GLY A 99 3.62 9.58 3.87
N THR A 100 3.05 9.62 2.68
CA THR A 100 1.80 8.93 2.39
C THR A 100 1.95 7.44 2.69
N VAL A 101 0.94 6.86 3.34
CA VAL A 101 0.98 5.46 3.72
C VAL A 101 0.13 4.59 2.79
N ASN A 102 0.72 3.50 2.31
CA ASN A 102 0.02 2.57 1.43
C ASN A 102 -0.46 1.38 2.25
N ARG A 103 0.41 0.86 3.11
CA ARG A 103 0.08 -0.28 3.95
C ARG A 103 0.56 -0.04 5.38
N VAL A 104 -0.13 -0.63 6.34
CA VAL A 104 0.22 -0.49 7.75
C VAL A 104 -0.29 -1.69 8.55
N THR A 105 0.58 -2.30 9.34
CA THR A 105 0.20 -3.45 10.15
C THR A 105 0.61 -3.21 11.60
N ILE A 106 -0.36 -3.32 12.51
CA ILE A 106 -0.10 -3.12 13.93
C ILE A 106 -0.18 -4.44 14.70
N LEU A 107 0.60 -4.54 15.76
CA LEU A 107 0.63 -5.73 16.60
C LEU A 107 0.47 -5.34 18.07
N THR A 108 -0.36 -6.08 18.79
CA THR A 108 -0.58 -5.81 20.20
C THR A 108 0.22 -6.77 21.07
N ASP A 109 1.23 -6.26 21.75
CA ASP A 109 2.07 -7.09 22.61
C ASP A 109 1.36 -7.44 23.90
N LYS A 110 1.64 -8.63 24.41
CA LYS A 110 1.03 -9.09 25.66
C LYS A 110 2.10 -9.73 26.55
N PHE A 111 3.36 -9.36 26.33
CA PHE A 111 4.47 -9.92 27.10
C PHE A 111 5.01 -8.86 28.06
N GLY A 112 4.46 -7.66 27.96
CA GLY A 112 4.89 -6.58 28.83
C GLY A 112 5.55 -5.45 28.07
N GLN A 113 5.64 -5.58 26.74
CA GLN A 113 6.25 -4.56 25.90
C GLN A 113 5.19 -3.54 25.50
N PRO A 114 5.59 -2.30 25.19
CA PRO A 114 4.66 -1.27 24.78
C PRO A 114 3.88 -1.68 23.52
N LYS A 115 2.57 -1.83 23.65
CA LYS A 115 1.74 -2.23 22.53
C LYS A 115 1.65 -1.10 21.52
N GLY A 116 1.15 -1.39 20.34
CA GLY A 116 1.04 -0.36 19.33
C GLY A 116 2.09 -0.50 18.25
N PHE A 117 2.92 -1.53 18.35
CA PHE A 117 3.97 -1.80 17.37
C PHE A 117 3.38 -1.86 15.97
N ALA A 118 3.78 -0.93 15.12
CA ALA A 118 3.28 -0.89 13.77
C ALA A 118 4.35 -0.45 12.79
N TYR A 119 4.04 -0.52 11.51
CA TYR A 119 4.95 -0.11 10.48
C TYR A 119 4.18 0.28 9.22
N VAL A 120 4.50 1.45 8.67
CA VAL A 120 3.83 1.92 7.48
C VAL A 120 4.79 1.83 6.30
N GLU A 121 4.27 1.44 5.13
CA GLU A 121 5.10 1.33 3.93
C GLU A 121 4.44 2.01 2.75
N PHE A 122 5.27 2.39 1.77
CA PHE A 122 4.79 3.06 0.57
C PHE A 122 5.74 2.74 -0.59
N VAL A 123 5.35 3.13 -1.80
CA VAL A 123 6.18 2.89 -2.98
C VAL A 123 7.21 3.99 -3.14
N GLU A 124 6.75 5.24 -3.11
CA GLU A 124 7.62 6.40 -3.24
C GLU A 124 8.65 6.44 -2.12
N ILE A 125 9.92 6.60 -2.51
CA ILE A 125 11.00 6.66 -1.55
C ILE A 125 10.97 8.01 -0.85
N ASP A 126 10.50 9.02 -1.56
CA ASP A 126 10.39 10.37 -1.01
C ASP A 126 9.46 10.37 0.20
N ALA A 127 8.39 9.58 0.10
CA ALA A 127 7.42 9.48 1.17
C ALA A 127 8.05 8.96 2.46
N VAL A 128 8.68 7.80 2.38
CA VAL A 128 9.33 7.20 3.53
C VAL A 128 10.53 8.02 4.00
N GLN A 129 11.18 8.70 3.05
CA GLN A 129 12.35 9.53 3.37
C GLN A 129 11.96 10.64 4.33
N ASN A 130 10.83 11.28 4.05
CA ASN A 130 10.35 12.37 4.89
C ASN A 130 9.82 11.81 6.20
N ALA A 131 9.32 10.57 6.14
CA ALA A 131 8.78 9.90 7.30
C ALA A 131 9.88 9.55 8.31
N LEU A 132 10.94 8.88 7.84
CA LEU A 132 12.04 8.50 8.72
C LEU A 132 12.76 9.73 9.25
N LEU A 133 12.65 10.85 8.53
CA LEU A 133 13.28 12.09 8.93
C LEU A 133 12.53 12.71 10.11
N LEU A 134 11.24 12.93 9.93
CA LEU A 134 10.41 13.51 10.97
C LEU A 134 9.25 12.58 11.28
N ASN A 135 9.34 11.88 12.39
CA ASN A 135 8.29 10.93 12.79
C ASN A 135 8.17 10.85 14.30
N GLU A 136 9.22 10.31 14.92
CA GLU A 136 9.23 10.16 16.37
C GLU A 136 9.43 11.50 17.07
N THR A 137 8.37 12.01 17.66
CA THR A 137 8.40 13.26 18.39
C THR A 137 7.37 13.23 19.52
N GLU A 138 6.11 13.04 19.14
CA GLU A 138 5.01 12.97 20.11
C GLU A 138 3.81 12.31 19.44
N LEU A 139 3.35 11.20 20.01
CA LEU A 139 2.20 10.49 19.48
C LEU A 139 1.33 10.01 20.62
N HIS A 140 0.06 10.40 20.60
CA HIS A 140 -0.90 10.01 21.64
C HIS A 140 -0.44 10.46 23.04
N GLY A 141 0.56 11.33 23.09
CA GLY A 141 1.06 11.82 24.35
C GLY A 141 2.36 11.13 24.77
N ARG A 142 2.77 10.12 24.02
CA ARG A 142 4.00 9.40 24.33
C ARG A 142 5.04 9.63 23.24
N GLN A 143 6.25 9.14 23.48
CA GLN A 143 7.33 9.28 22.51
C GLN A 143 7.76 7.90 22.02
N LEU A 144 7.54 7.64 20.75
CA LEU A 144 7.89 6.36 20.16
C LEU A 144 9.23 6.44 19.43
N LYS A 145 9.70 5.29 18.95
CA LYS A 145 10.94 5.21 18.22
C LYS A 145 10.68 4.74 16.80
N VAL A 146 11.05 5.54 15.82
CA VAL A 146 10.83 5.18 14.44
C VAL A 146 12.16 4.95 13.73
N SER A 147 12.33 3.74 13.21
CA SER A 147 13.55 3.39 12.50
C SER A 147 13.22 2.91 11.10
N ALA A 148 14.05 3.28 10.13
CA ALA A 148 13.83 2.89 8.74
C ALA A 148 13.82 1.37 8.58
N LYS A 149 12.78 0.85 7.93
CA LYS A 149 12.66 -0.59 7.73
C LYS A 149 13.28 -0.97 6.40
N ARG A 150 14.60 -0.86 6.31
CA ARG A 150 15.32 -1.23 5.11
C ARG A 150 15.68 -2.71 5.16
N THR A 151 14.83 -3.52 4.56
CA THR A 151 15.06 -4.95 4.51
C THR A 151 15.98 -5.29 3.34
N ASN A 152 17.03 -6.05 3.63
CA ASN A 152 17.99 -6.43 2.61
C ASN A 152 18.84 -7.60 3.10
N ILE A 153 19.43 -8.33 2.18
CA ILE A 153 20.27 -9.47 2.53
C ILE A 153 21.64 -9.00 3.00
N PRO A 154 22.27 -9.74 3.92
CA PRO A 154 23.59 -9.39 4.45
C PRO A 154 24.66 -9.43 3.36
N GLY A 155 25.06 -8.25 2.92
CA GLY A 155 26.06 -8.14 1.88
C GLY A 155 25.96 -6.82 1.16
#